data_2BVC
#
_entry.id   2BVC
#
_cell.length_a   133.261
_cell.length_b   229.457
_cell.length_c   203.167
_cell.angle_alpha   90.00
_cell.angle_beta   90.00
_cell.angle_gamma   90.00
#
_symmetry.space_group_name_H-M   'C 2 2 21'
#
loop_
_entity.id
_entity.type
_entity.pdbx_description
1 polymer 'GLUTAMINE SYNTHETASE 1'
2 non-polymer 'L-METHIONINE-S-SULFOXIMINE PHOSPHATE'
3 non-polymer "ADENOSINE-5'-DIPHOSPHATE"
4 non-polymer 'MAGNESIUM ION'
5 non-polymer 'CHLORIDE ION'
6 water water
#
_entity_poly.entity_id   1
_entity_poly.type   'polypeptide(L)'
_entity_poly.pdbx_seq_one_letter_code
;MAHHHHHHGTEKTPDDVFKLAKDEKVEYVDVRFCDLPGIMQHFTIPASAFDKSVFDDGLAFDGSSIRGFQSIHESDMLLL
PDPETARIDPFRAAKTLNINFFVHDPFTLEPYSRDPRNIARKAENYLISTGIADTAYFGAEAEFYIFDSVSFDSRANGSF
YEVDAISGWWNTGAATEADGSPNRGYKVRHKGGYFPVAPNDQYVDLRDKMLTNLINSGFILEKGHHEVGSGGQAEINYQF
NSLLHAADDMQLYKYIIKNTAWQNGKTVTFMPKPLFGDNGSGMHCHQSLWKDGAPLMYDETGYAGLSDTARHYIGGLLHH
APSLLAFTNPTVNSYKRLVPGYEAPINLVYSQRNRSACVRIPITGSNPKAKRLEFRSPDSSGNPYLAFSAMLMAGLDGIK
NKIEPQAPVDKDLYELPPEEAASIPQTPTQLSDVIDRLEADHEYLTEGGVFTNDLIETWISFKRENEIEPVNIRPHPYEF
ALYYDV
;
_entity_poly.pdbx_strand_id   A,B,C,D,E,F
#
loop_
_chem_comp.id
_chem_comp.type
_chem_comp.name
_chem_comp.formula
ADP non-polymer ADENOSINE-5'-DIPHOSPHATE 'C10 H15 N5 O10 P2'
CL non-polymer 'CHLORIDE ION' 'Cl -1'
MG non-polymer 'MAGNESIUM ION' 'Mg 2'
P3S non-polymer 'L-METHIONINE-S-SULFOXIMINE PHOSPHATE' 'C5 H13 N2 O6 P S'
#
# COMPACT_ATOMS: atom_id res chain seq x y z
N LYS A 12 40.24 16.14 -27.94
CA LYS A 12 38.87 16.16 -28.54
C LYS A 12 38.61 17.44 -29.34
N THR A 13 37.91 17.29 -30.45
CA THR A 13 37.56 18.41 -31.33
C THR A 13 36.04 18.62 -31.31
N PRO A 14 35.55 19.76 -31.86
CA PRO A 14 34.13 19.95 -32.12
C PRO A 14 33.46 18.75 -32.79
N ASP A 15 34.06 18.24 -33.87
CA ASP A 15 33.50 17.10 -34.62
C ASP A 15 33.37 15.80 -33.79
N ASP A 16 34.32 15.59 -32.87
CA ASP A 16 34.27 14.44 -31.96
C ASP A 16 33.08 14.48 -31.02
N VAL A 17 32.68 15.69 -30.61
CA VAL A 17 31.52 15.88 -29.73
C VAL A 17 30.21 15.72 -30.49
N PHE A 18 30.13 16.29 -31.70
CA PHE A 18 28.97 16.11 -32.58
C PHE A 18 28.70 14.63 -32.88
N LYS A 19 29.79 13.87 -33.08
CA LYS A 19 29.71 12.43 -33.32
C LYS A 19 29.23 11.69 -32.07
N LEU A 20 29.73 12.09 -30.90
CA LEU A 20 29.29 11.52 -29.63
C LEU A 20 27.79 11.73 -29.41
N ALA A 21 27.34 12.98 -29.54
CA ALA A 21 25.92 13.32 -29.40
C ALA A 21 25.03 12.51 -30.36
N LYS A 22 25.52 12.29 -31.58
CA LYS A 22 24.79 11.54 -32.60
C LYS A 22 24.71 10.05 -32.24
N ASP A 23 25.86 9.43 -32.02
CA ASP A 23 25.93 7.99 -31.72
C ASP A 23 25.12 7.60 -30.49
N GLU A 24 25.19 8.43 -29.46
CA GLU A 24 24.48 8.19 -28.19
C GLU A 24 22.98 8.49 -28.27
N LYS A 25 22.54 9.07 -29.38
CA LYS A 25 21.14 9.47 -29.60
C LYS A 25 20.66 10.41 -28.47
N VAL A 26 21.48 11.42 -28.21
CA VAL A 26 21.24 12.39 -27.15
C VAL A 26 20.04 13.28 -27.49
N GLU A 27 19.18 13.52 -26.51
CA GLU A 27 18.02 14.42 -26.67
C GLU A 27 18.35 15.87 -26.31
N TYR A 28 19.21 16.06 -25.29
CA TYR A 28 19.52 17.40 -24.78
C TYR A 28 21.00 17.60 -24.50
N VAL A 29 21.44 18.86 -24.60
CA VAL A 29 22.80 19.23 -24.23
C VAL A 29 22.74 20.25 -23.09
N ASP A 30 23.43 19.95 -22.00
CA ASP A 30 23.44 20.79 -20.81
C ASP A 30 24.70 21.66 -20.81
N VAL A 31 24.51 22.96 -20.98
CA VAL A 31 25.59 23.96 -21.01
C VAL A 31 26.00 24.35 -19.58
N ARG A 32 27.26 24.08 -19.22
CA ARG A 32 27.73 24.32 -17.85
C ARG A 32 28.95 25.24 -17.78
N PHE A 33 29.03 26.00 -16.67
CA PHE A 33 30.18 26.87 -16.36
C PHE A 33 30.23 27.12 -14.85
N CYS A 34 31.36 27.63 -14.36
CA CYS A 34 31.55 27.82 -12.93
C CYS A 34 31.30 29.28 -12.51
N ASP A 35 30.59 29.47 -11.40
CA ASP A 35 30.53 30.80 -10.77
C ASP A 35 31.79 31.05 -9.95
N LEU A 36 31.96 32.28 -9.46
CA LEU A 36 33.20 32.61 -8.74
C LEU A 36 33.38 31.85 -7.42
N PRO A 37 32.33 31.80 -6.56
CA PRO A 37 32.50 31.06 -5.32
C PRO A 37 32.80 29.56 -5.47
N GLY A 38 32.27 28.90 -6.50
CA GLY A 38 32.61 27.50 -6.78
C GLY A 38 31.47 26.55 -7.14
N ILE A 39 30.30 27.09 -7.42
CA ILE A 39 29.14 26.26 -7.77
C ILE A 39 28.98 26.25 -9.29
N MET A 40 28.72 25.07 -9.85
CA MET A 40 28.49 24.95 -11.29
C MET A 40 27.09 25.41 -11.66
N GLN A 41 26.99 26.12 -12.78
CA GLN A 41 25.73 26.68 -13.26
C GLN A 41 25.36 25.96 -14.56
N HIS A 42 24.08 25.96 -14.94
CA HIS A 42 23.65 25.23 -16.13
C HIS A 42 22.34 25.72 -16.77
N PHE A 43 22.26 25.54 -18.08
CA PHE A 43 20.99 25.57 -18.80
C PHE A 43 21.01 24.50 -19.89
N THR A 44 19.83 24.13 -20.37
CA THR A 44 19.69 23.00 -21.29
C THR A 44 19.21 23.47 -22.67
N ILE A 45 19.84 22.92 -23.71
CA ILE A 45 19.43 23.17 -25.09
C ILE A 45 19.05 21.83 -25.76
N PRO A 46 18.10 21.84 -26.71
CA PRO A 46 17.80 20.61 -27.47
C PRO A 46 18.98 20.18 -28.34
N ALA A 47 19.06 18.87 -28.62
CA ALA A 47 20.11 18.35 -29.51
C ALA A 47 20.14 19.07 -30.85
N SER A 48 18.97 19.45 -31.36
CA SER A 48 18.84 20.18 -32.62
C SER A 48 19.49 21.57 -32.61
N ALA A 49 19.58 22.20 -31.44
CA ALA A 49 20.20 23.52 -31.31
C ALA A 49 21.70 23.46 -30.97
N PHE A 50 22.21 22.25 -30.75
CA PHE A 50 23.65 22.07 -30.54
C PHE A 50 24.34 21.91 -31.90
N ASP A 51 24.75 23.05 -32.46
CA ASP A 51 25.25 23.10 -33.83
C ASP A 51 26.55 23.91 -33.87
N LYS A 52 27.08 24.12 -35.08
CA LYS A 52 28.35 24.82 -35.25
C LYS A 52 28.33 26.29 -34.80
N SER A 53 27.15 26.91 -34.81
CA SER A 53 26.98 28.26 -34.26
C SER A 53 27.35 28.36 -32.78
N VAL A 54 27.14 27.28 -32.03
CA VAL A 54 27.52 27.22 -30.61
C VAL A 54 29.05 27.38 -30.45
N PHE A 55 29.81 26.72 -31.33
CA PHE A 55 31.26 26.85 -31.35
C PHE A 55 31.71 28.19 -31.97
N ASP A 56 30.99 28.66 -32.99
CA ASP A 56 31.35 29.88 -33.71
C ASP A 56 30.94 31.16 -32.98
N ASP A 57 29.67 31.25 -32.59
CA ASP A 57 29.09 32.45 -32.00
C ASP A 57 28.96 32.41 -30.47
N GLY A 58 28.87 31.20 -29.92
CA GLY A 58 28.69 31.04 -28.47
C GLY A 58 27.24 31.19 -28.05
N LEU A 59 27.02 31.16 -26.73
CA LEU A 59 25.68 31.31 -26.18
C LEU A 59 25.66 32.36 -25.08
N ALA A 60 24.58 33.13 -25.02
CA ALA A 60 24.43 34.23 -24.08
C ALA A 60 23.75 33.84 -22.75
N PHE A 61 24.10 34.55 -21.68
CA PHE A 61 23.44 34.43 -20.39
C PHE A 61 23.49 35.75 -19.63
N ASP A 62 22.79 35.79 -18.50
CA ASP A 62 22.75 36.94 -17.62
C ASP A 62 23.90 36.91 -16.61
N GLY A 63 24.95 37.68 -16.89
CA GLY A 63 26.11 37.77 -16.00
C GLY A 63 25.85 38.43 -14.66
N SER A 64 24.74 39.13 -14.54
CA SER A 64 24.38 39.80 -13.29
C SER A 64 23.68 38.91 -12.26
N SER A 65 23.25 37.72 -12.68
CA SER A 65 22.61 36.75 -11.79
C SER A 65 23.61 35.71 -11.27
N ILE A 66 24.84 35.78 -11.79
CA ILE A 66 25.91 34.88 -11.36
C ILE A 66 26.84 35.61 -10.38
N ARG A 67 27.15 34.95 -9.27
CA ARG A 67 27.92 35.56 -8.19
C ARG A 67 29.38 35.81 -8.56
N GLY A 68 29.84 37.03 -8.30
CA GLY A 68 31.20 37.46 -8.62
C GLY A 68 31.42 37.89 -10.05
N PHE A 69 30.34 37.98 -10.82
CA PHE A 69 30.43 38.30 -12.25
C PHE A 69 30.10 39.77 -12.54
N GLN A 70 29.01 40.04 -13.26
CA GLN A 70 28.71 41.39 -13.75
C GLN A 70 27.64 42.15 -12.96
N SER A 71 27.64 43.48 -13.15
CA SER A 71 26.58 44.35 -12.67
C SER A 71 25.40 44.28 -13.64
N ILE A 72 24.25 44.77 -13.18
CA ILE A 72 23.01 44.69 -13.96
C ILE A 72 23.04 45.45 -15.30
N HIS A 73 23.73 46.59 -15.34
CA HIS A 73 23.79 47.41 -16.56
C HIS A 73 24.80 46.90 -17.60
N GLU A 74 25.67 45.98 -17.18
CA GLU A 74 26.60 45.29 -18.07
C GLU A 74 26.38 43.77 -17.99
N SER A 75 25.13 43.36 -18.03
CA SER A 75 24.75 41.97 -17.73
C SER A 75 25.19 40.94 -18.76
N ASP A 76 24.88 41.16 -20.04
CA ASP A 76 25.13 40.15 -21.09
C ASP A 76 26.58 39.64 -21.05
N MET A 77 26.72 38.30 -21.04
CA MET A 77 28.00 37.63 -21.15
C MET A 77 27.89 36.46 -22.15
N LEU A 78 29.03 35.91 -22.54
CA LEU A 78 29.09 34.90 -23.59
C LEU A 78 29.77 33.61 -23.12
N LEU A 79 29.34 32.48 -23.68
CA LEU A 79 29.91 31.16 -23.35
C LEU A 79 30.40 30.45 -24.59
N LEU A 80 31.64 29.94 -24.54
CA LEU A 80 32.21 29.14 -25.61
C LEU A 80 32.64 27.77 -25.09
N PRO A 81 32.26 26.69 -25.80
CA PRO A 81 32.42 25.30 -25.34
C PRO A 81 33.85 24.80 -25.20
N ASP A 82 34.02 23.77 -24.36
CA ASP A 82 35.28 23.06 -24.20
C ASP A 82 35.02 21.57 -24.47
N PRO A 83 35.36 21.10 -25.70
CA PRO A 83 35.08 19.74 -26.17
C PRO A 83 35.71 18.61 -25.33
N GLU A 84 36.75 18.94 -24.57
CA GLU A 84 37.43 17.96 -23.69
C GLU A 84 36.56 17.53 -22.50
N THR A 85 35.56 18.34 -22.17
CA THR A 85 34.77 18.13 -20.96
C THR A 85 33.43 17.44 -21.18
N ALA A 86 33.20 16.92 -22.38
CA ALA A 86 31.91 16.32 -22.75
C ALA A 86 31.73 14.92 -22.17
N ARG A 87 30.68 14.73 -21.37
CA ARG A 87 30.31 13.43 -20.78
C ARG A 87 28.79 13.22 -20.83
N ILE A 88 28.37 11.97 -20.91
CA ILE A 88 26.95 11.62 -20.86
C ILE A 88 26.48 11.69 -19.40
N ASP A 89 25.32 12.30 -19.18
CA ASP A 89 24.74 12.44 -17.84
C ASP A 89 24.13 11.12 -17.36
N PRO A 90 24.52 10.67 -16.16
CA PRO A 90 24.06 9.37 -15.66
C PRO A 90 22.64 9.37 -15.05
N PHE A 91 22.05 10.55 -14.83
CA PHE A 91 20.83 10.65 -14.00
C PHE A 91 19.54 10.97 -14.73
N ARG A 92 19.63 11.79 -15.77
CA ARG A 92 18.44 12.28 -16.46
C ARG A 92 17.83 11.22 -17.37
N ALA A 93 16.51 11.06 -17.28
CA ALA A 93 15.75 10.11 -18.11
C ALA A 93 15.82 10.47 -19.59
N ALA A 94 15.74 11.77 -19.89
CA ALA A 94 15.98 12.25 -21.25
C ALA A 94 17.48 12.33 -21.47
N LYS A 95 18.00 11.46 -22.35
CA LYS A 95 19.44 11.34 -22.62
C LYS A 95 20.10 12.69 -22.85
N THR A 96 21.12 12.97 -22.04
CA THR A 96 21.71 14.30 -21.97
C THR A 96 23.23 14.22 -22.03
N LEU A 97 23.81 15.13 -22.80
CA LEU A 97 25.26 15.31 -22.84
C LEU A 97 25.63 16.61 -22.12
N ASN A 98 26.49 16.50 -21.11
CA ASN A 98 26.99 17.67 -20.37
C ASN A 98 28.31 18.15 -20.96
N ILE A 99 28.44 19.47 -21.16
CA ILE A 99 29.70 20.07 -21.63
C ILE A 99 29.98 21.35 -20.86
N ASN A 100 31.23 21.50 -20.39
CA ASN A 100 31.69 22.74 -19.75
C ASN A 100 32.09 23.82 -20.76
N PHE A 101 31.87 25.07 -20.38
CA PHE A 101 32.13 26.23 -21.23
C PHE A 101 33.10 27.20 -20.56
N PHE A 102 33.76 28.01 -21.39
CA PHE A 102 34.56 29.14 -20.93
C PHE A 102 33.72 30.41 -21.07
N VAL A 103 33.88 31.35 -20.14
CA VAL A 103 33.15 32.61 -20.19
C VAL A 103 33.96 33.67 -20.95
N HIS A 104 33.28 34.42 -21.84
CA HIS A 104 33.96 35.42 -22.68
C HIS A 104 33.22 36.76 -22.71
N ASP A 105 33.95 37.82 -22.96
CA ASP A 105 33.37 39.14 -23.16
C ASP A 105 32.55 39.12 -24.45
N PRO A 106 31.34 39.70 -24.44
CA PRO A 106 30.49 39.61 -25.63
C PRO A 106 30.85 40.61 -26.75
N PHE A 107 31.73 41.57 -26.47
CA PHE A 107 32.18 42.54 -27.49
C PHE A 107 33.49 42.11 -28.14
N THR A 108 34.51 41.89 -27.30
CA THR A 108 35.85 41.57 -27.76
C THR A 108 36.07 40.09 -28.05
N LEU A 109 35.20 39.25 -27.49
CA LEU A 109 35.35 37.79 -27.51
C LEU A 109 36.57 37.28 -26.72
N GLU A 110 37.16 38.14 -25.90
CA GLU A 110 38.29 37.76 -25.04
C GLU A 110 37.80 36.97 -23.82
N PRO A 111 38.67 36.10 -23.26
CA PRO A 111 38.35 35.37 -22.02
C PRO A 111 38.06 36.30 -20.84
N TYR A 112 37.10 35.91 -20.00
CA TYR A 112 36.68 36.70 -18.83
C TYR A 112 37.69 36.58 -17.69
N SER A 113 38.05 37.71 -17.09
CA SER A 113 39.05 37.74 -16.01
C SER A 113 38.58 37.07 -14.71
N ARG A 114 37.27 36.94 -14.53
CA ARG A 114 36.71 36.28 -13.35
C ARG A 114 35.97 34.98 -13.69
N ASP A 115 36.42 34.33 -14.75
CA ASP A 115 36.04 32.95 -15.07
C ASP A 115 37.06 32.04 -14.42
N PRO A 116 36.63 31.23 -13.42
CA PRO A 116 37.57 30.34 -12.72
C PRO A 116 38.30 29.37 -13.66
N ARG A 117 37.60 28.92 -14.69
CA ARG A 117 38.18 27.99 -15.68
C ARG A 117 39.28 28.65 -16.51
N ASN A 118 39.10 29.94 -16.81
CA ASN A 118 40.14 30.76 -17.43
C ASN A 118 41.39 30.89 -16.55
N ILE A 119 41.18 31.02 -15.23
CA ILE A 119 42.27 31.14 -14.27
C ILE A 119 43.17 29.89 -14.31
N ALA A 120 42.54 28.72 -14.30
CA ALA A 120 43.27 27.45 -14.38
C ALA A 120 44.07 27.35 -15.68
N ARG A 121 43.46 27.79 -16.78
CA ARG A 121 44.09 27.84 -18.11
C ARG A 121 45.32 28.76 -18.09
N LYS A 122 45.19 29.93 -17.47
CA LYS A 122 46.31 30.87 -17.36
C LYS A 122 47.44 30.28 -16.51
N ALA A 123 47.09 29.60 -15.42
CA ALA A 123 48.08 28.95 -14.55
C ALA A 123 48.96 27.94 -15.31
N GLU A 124 48.33 27.10 -16.12
CA GLU A 124 49.04 26.07 -16.88
C GLU A 124 49.99 26.70 -17.91
N ASN A 125 49.54 27.78 -18.54
CA ASN A 125 50.37 28.50 -19.51
C ASN A 125 51.53 29.25 -18.87
N TYR A 126 51.31 29.80 -17.67
CA TYR A 126 52.37 30.43 -16.90
C TYR A 126 53.46 29.45 -16.48
N LEU A 127 53.05 28.27 -16.04
CA LEU A 127 54.00 27.21 -15.69
C LEU A 127 54.98 26.94 -16.84
N ILE A 128 54.45 26.75 -18.05
CA ILE A 128 55.27 26.49 -19.24
C ILE A 128 56.25 27.64 -19.48
N SER A 129 55.77 28.87 -19.41
CA SER A 129 56.57 30.08 -19.64
C SER A 129 57.76 30.27 -18.69
N THR A 130 57.73 29.60 -17.54
CA THR A 130 58.81 29.73 -16.54
C THR A 130 60.01 28.85 -16.86
N GLY A 131 59.77 27.77 -17.61
CA GLY A 131 60.79 26.78 -17.89
C GLY A 131 60.94 25.72 -16.81
N ILE A 132 60.38 25.98 -15.62
CA ILE A 132 60.46 25.06 -14.49
C ILE A 132 59.90 23.66 -14.81
N ALA A 133 58.72 23.63 -15.42
CA ALA A 133 58.06 22.37 -15.78
C ALA A 133 57.06 22.64 -16.89
N ASP A 134 56.47 21.59 -17.44
CA ASP A 134 55.36 21.79 -18.39
C ASP A 134 54.02 21.24 -17.90
N THR A 135 54.03 20.49 -16.78
CA THR A 135 52.80 19.91 -16.23
C THR A 135 52.77 19.88 -14.69
N ALA A 136 51.69 20.41 -14.11
CA ALA A 136 51.38 20.24 -12.69
C ALA A 136 50.22 19.24 -12.51
N TYR A 137 50.51 18.11 -11.88
CA TYR A 137 49.51 17.07 -11.60
C TYR A 137 48.89 17.21 -10.20
N PHE A 138 47.56 17.16 -10.13
CA PHE A 138 46.83 17.27 -8.88
C PHE A 138 45.99 16.01 -8.64
N GLY A 139 46.21 15.36 -7.50
CA GLY A 139 45.35 14.28 -7.03
C GLY A 139 44.61 14.74 -5.77
N ALA A 140 43.31 14.94 -5.89
CA ALA A 140 42.52 15.48 -4.77
C ALA A 140 41.61 14.44 -4.11
N GLU A 141 41.57 14.48 -2.78
CA GLU A 141 40.75 13.56 -1.98
C GLU A 141 39.60 14.30 -1.32
N ALA A 142 38.46 14.37 -2.00
CA ALA A 142 37.33 15.14 -1.50
C ALA A 142 36.41 14.25 -0.66
N GLU A 143 36.58 14.32 0.66
CA GLU A 143 35.73 13.59 1.59
C GLU A 143 34.36 14.26 1.70
N PHE A 144 33.37 13.51 2.14
CA PHE A 144 32.00 14.02 2.24
C PHE A 144 31.19 13.16 3.22
N TYR A 145 30.04 13.68 3.64
CA TYR A 145 29.10 12.95 4.50
C TYR A 145 27.81 12.60 3.75
N ILE A 146 27.39 11.34 3.86
CA ILE A 146 26.12 10.87 3.34
C ILE A 146 25.07 10.90 4.45
N PHE A 147 24.32 12.01 4.55
CA PHE A 147 23.29 12.19 5.58
C PHE A 147 21.92 11.73 5.08
N ASP A 148 20.97 11.60 6.01
CA ASP A 148 19.56 11.32 5.69
C ASP A 148 18.74 12.60 5.61
N SER A 149 19.18 13.64 6.33
CA SER A 149 18.40 14.88 6.43
C SER A 149 19.19 16.06 6.99
N VAL A 150 18.68 17.24 6.72
CA VAL A 150 19.19 18.51 7.25
C VAL A 150 18.07 19.57 7.25
N SER A 151 18.03 20.36 8.32
CA SER A 151 17.16 21.52 8.42
C SER A 151 17.87 22.59 9.27
N PHE A 152 17.50 23.85 9.07
CA PHE A 152 18.11 24.98 9.76
C PHE A 152 17.28 26.23 9.50
N ASP A 153 17.45 27.25 10.35
CA ASP A 153 16.88 28.58 10.10
C ASP A 153 17.56 29.67 10.93
N SER A 154 17.16 30.92 10.70
CA SER A 154 17.72 32.08 11.40
C SER A 154 16.61 33.12 11.50
N ARG A 155 16.14 33.37 12.73
CA ARG A 155 15.05 34.33 12.99
C ARG A 155 15.50 35.37 13.99
N ALA A 156 14.63 36.36 14.27
CA ALA A 156 14.92 37.41 15.27
C ALA A 156 15.14 36.84 16.68
N ASN A 157 14.32 35.86 17.06
CA ASN A 157 14.30 35.31 18.42
C ASN A 157 14.89 33.91 18.59
N GLY A 158 15.47 33.36 17.52
CA GLY A 158 15.96 32.00 17.55
C GLY A 158 16.65 31.54 16.27
N SER A 159 17.41 30.46 16.38
CA SER A 159 18.19 29.91 15.26
C SER A 159 18.56 28.47 15.58
N PHE A 160 18.57 27.61 14.55
CA PHE A 160 18.94 26.21 14.75
C PHE A 160 19.54 25.60 13.49
N TYR A 161 20.19 24.45 13.67
CA TYR A 161 20.46 23.52 12.58
C TYR A 161 20.43 22.10 13.15
N GLU A 162 20.21 21.13 12.27
CA GLU A 162 20.34 19.73 12.62
C GLU A 162 20.61 18.90 11.37
N VAL A 163 21.65 18.08 11.43
CA VAL A 163 21.85 17.02 10.45
C VAL A 163 21.53 15.69 11.13
N ASP A 164 21.18 14.68 10.33
CA ASP A 164 20.86 13.36 10.88
C ASP A 164 21.20 12.27 9.86
N ALA A 165 21.53 11.11 10.39
CA ALA A 165 21.92 9.94 9.60
C ALA A 165 21.63 8.71 10.45
N ILE A 166 21.19 7.63 9.81
CA ILE A 166 20.83 6.41 10.56
C ILE A 166 22.01 5.84 11.38
N SER A 167 23.21 5.92 10.82
CA SER A 167 24.43 5.39 11.43
C SER A 167 25.10 6.32 12.45
N GLY A 168 24.51 7.48 12.69
CA GLY A 168 25.07 8.44 13.63
C GLY A 168 24.96 7.95 15.05
N TRP A 169 26.06 8.04 15.79
CA TRP A 169 26.12 7.55 17.19
C TRP A 169 25.09 8.21 18.12
N TRP A 170 24.75 9.48 17.84
CA TRP A 170 23.71 10.17 18.61
C TRP A 170 22.35 9.45 18.61
N ASN A 171 22.22 8.42 17.76
CA ASN A 171 20.96 7.68 17.61
C ASN A 171 20.93 6.30 18.26
N THR A 172 21.99 5.91 18.98
CA THR A 172 22.00 4.56 19.59
C THR A 172 20.79 4.34 20.50
N GLY A 173 20.29 5.41 21.09
CA GLY A 173 19.21 5.35 22.07
C GLY A 173 17.81 5.52 21.49
N ALA A 174 17.72 5.68 20.17
CA ALA A 174 16.42 5.87 19.51
C ALA A 174 15.53 4.63 19.62
N ALA A 175 14.25 4.85 19.93
CA ALA A 175 13.29 3.74 20.06
C ALA A 175 12.95 3.11 18.71
N THR A 176 12.77 3.97 17.69
CA THR A 176 12.58 3.52 16.30
C THR A 176 13.44 4.35 15.35
N GLU A 177 13.52 3.95 14.08
CA GLU A 177 14.14 4.79 13.06
C GLU A 177 13.15 5.85 12.56
N ALA A 178 13.66 6.79 11.75
CA ALA A 178 12.85 7.85 11.13
C ALA A 178 11.53 7.34 10.54
N ASP A 179 11.57 6.18 9.87
CA ASP A 179 10.38 5.61 9.23
C ASP A 179 9.53 4.72 10.16
N GLY A 180 9.93 4.64 11.44
CA GLY A 180 9.14 3.91 12.44
C GLY A 180 9.53 2.45 12.63
N SER A 181 10.47 1.98 11.80
CA SER A 181 10.99 0.61 11.91
C SER A 181 11.98 0.49 13.09
N PRO A 182 12.33 -0.75 13.49
CA PRO A 182 13.15 -0.93 14.69
C PRO A 182 14.60 -0.45 14.56
N ASN A 183 15.15 0.05 15.66
CA ASN A 183 16.57 0.32 15.81
C ASN A 183 17.30 -1.03 15.86
N ARG A 184 18.26 -1.22 14.96
CA ARG A 184 18.94 -2.51 14.83
C ARG A 184 20.41 -2.44 15.21
N GLY A 185 20.82 -1.30 15.76
CA GLY A 185 22.21 -1.12 16.20
C GLY A 185 23.17 -1.03 15.04
N TYR A 186 24.43 -1.41 15.30
CA TYR A 186 25.53 -1.31 14.33
C TYR A 186 25.77 0.12 13.82
N LYS A 187 25.52 1.09 14.69
CA LYS A 187 25.78 2.48 14.35
C LYS A 187 27.27 2.77 14.54
N VAL A 188 27.75 3.83 13.91
CA VAL A 188 29.18 4.13 13.89
C VAL A 188 29.58 5.05 15.07
N ARG A 189 30.58 4.60 15.84
CA ARG A 189 31.11 5.39 16.94
C ARG A 189 31.79 6.65 16.41
N HIS A 190 31.74 7.74 17.17
CA HIS A 190 32.48 8.95 16.80
C HIS A 190 33.96 8.58 16.61
N LYS A 191 34.51 8.99 15.47
CA LYS A 191 35.91 8.68 15.10
C LYS A 191 36.16 7.20 14.78
N GLY A 192 35.09 6.41 14.68
CA GLY A 192 35.22 4.96 14.49
C GLY A 192 34.74 4.40 13.17
N GLY A 193 34.60 5.27 12.16
CA GLY A 193 34.07 4.88 10.85
C GLY A 193 35.09 4.37 9.83
N TYR A 194 36.37 4.40 10.19
CA TYR A 194 37.46 3.99 9.27
C TYR A 194 38.14 2.71 9.79
N PHE A 195 37.83 1.55 9.23
CA PHE A 195 36.69 1.31 8.30
C PHE A 195 36.12 -0.11 8.45
N PRO A 196 35.27 -0.34 9.47
CA PRO A 196 34.72 -1.68 9.76
C PRO A 196 33.86 -2.26 8.64
N VAL A 197 33.84 -3.59 8.55
CA VAL A 197 32.98 -4.25 7.56
C VAL A 197 31.51 -4.00 7.89
N ALA A 198 30.65 -4.20 6.89
CA ALA A 198 29.20 -4.24 7.09
C ALA A 198 28.88 -5.31 8.13
N PRO A 199 27.76 -5.15 8.88
CA PRO A 199 26.74 -4.08 8.82
C PRO A 199 27.09 -2.73 9.50
N ASN A 200 28.22 -2.66 10.20
CA ASN A 200 28.65 -1.38 10.80
C ASN A 200 28.79 -0.30 9.73
N ASP A 201 29.40 -0.68 8.61
CA ASP A 201 29.39 0.11 7.38
C ASP A 201 28.03 -0.09 6.71
N GLN A 202 27.17 0.92 6.79
CA GLN A 202 25.81 0.85 6.26
C GLN A 202 25.68 1.42 4.83
N TYR A 203 26.79 1.77 4.20
CA TYR A 203 26.76 2.49 2.92
C TYR A 203 27.52 1.79 1.77
N VAL A 204 27.74 0.49 1.94
CA VAL A 204 28.50 -0.29 0.96
C VAL A 204 27.86 -0.28 -0.44
N ASP A 205 26.56 -0.60 -0.51
CA ASP A 205 25.84 -0.64 -1.78
C ASP A 205 25.71 0.72 -2.45
N LEU A 206 25.52 1.76 -1.64
CA LEU A 206 25.39 3.12 -2.17
C LEU A 206 26.72 3.60 -2.75
N ARG A 207 27.80 3.36 -2.02
CA ARG A 207 29.13 3.72 -2.51
C ARG A 207 29.48 2.98 -3.79
N ASP A 208 29.00 1.74 -3.94
CA ASP A 208 29.19 0.95 -5.18
C ASP A 208 28.54 1.61 -6.38
N LYS A 209 27.36 2.19 -6.16
CA LYS A 209 26.61 2.92 -7.19
C LYS A 209 27.35 4.20 -7.58
N MET A 210 27.97 4.84 -6.59
CA MET A 210 28.80 6.02 -6.81
C MET A 210 30.03 5.66 -7.63
N LEU A 211 30.73 4.59 -7.23
CA LEU A 211 31.90 4.09 -7.97
C LEU A 211 31.59 3.76 -9.43
N THR A 212 30.45 3.10 -9.66
CA THR A 212 30.00 2.69 -10.99
C THR A 212 29.70 3.91 -11.87
N ASN A 213 28.92 4.85 -11.35
CA ASN A 213 28.61 6.10 -12.05
C ASN A 213 29.86 6.87 -12.46
N LEU A 214 30.83 6.94 -11.55
CA LEU A 214 32.12 7.59 -11.82
C LEU A 214 32.89 6.88 -12.94
N ILE A 215 32.96 5.56 -12.85
CA ILE A 215 33.60 4.72 -13.87
C ILE A 215 32.99 4.95 -15.25
N ASN A 216 31.66 5.02 -15.33
CA ASN A 216 30.98 5.25 -16.60
C ASN A 216 31.12 6.68 -17.14
N SER A 217 31.60 7.61 -16.31
CA SER A 217 31.86 9.00 -16.74
C SER A 217 33.32 9.27 -17.08
N GLY A 218 34.11 8.21 -17.24
CA GLY A 218 35.51 8.37 -17.67
C GLY A 218 36.56 8.54 -16.57
N PHE A 219 36.15 8.42 -15.31
CA PHE A 219 37.08 8.48 -14.18
C PHE A 219 37.89 7.19 -14.10
N ILE A 220 39.18 7.31 -13.83
CA ILE A 220 40.02 6.15 -13.53
C ILE A 220 40.08 6.00 -12.01
N LEU A 221 39.43 4.95 -11.51
CA LEU A 221 39.21 4.79 -10.08
C LEU A 221 40.34 4.05 -9.38
N GLU A 222 40.60 4.43 -8.13
CA GLU A 222 41.60 3.77 -7.32
C GLU A 222 40.99 3.00 -6.13
N LYS A 223 40.24 3.70 -5.28
CA LYS A 223 39.50 3.05 -4.17
C LYS A 223 38.30 3.85 -3.66
N GLY A 224 37.48 3.20 -2.83
CA GLY A 224 36.35 3.84 -2.18
C GLY A 224 36.14 3.24 -0.80
N HIS A 225 35.89 4.09 0.19
CA HIS A 225 35.78 3.64 1.58
C HIS A 225 34.98 4.57 2.50
N HIS A 226 34.52 4.01 3.61
CA HIS A 226 33.96 4.77 4.73
C HIS A 226 35.11 5.53 5.39
N GLU A 227 34.90 6.81 5.66
CA GLU A 227 35.91 7.60 6.37
C GLU A 227 35.68 7.58 7.88
N VAL A 228 36.53 8.31 8.62
CA VAL A 228 36.57 8.28 10.08
C VAL A 228 35.26 8.66 10.79
N GLY A 229 34.56 9.67 10.26
CA GLY A 229 33.39 10.23 10.93
C GLY A 229 32.18 9.31 11.04
N SER A 230 31.46 9.41 12.16
CA SER A 230 30.16 8.78 12.36
C SER A 230 29.12 9.49 11.52
N GLY A 231 28.03 8.79 11.19
CA GLY A 231 26.95 9.40 10.42
C GLY A 231 27.19 9.43 8.92
N GLY A 232 28.08 8.57 8.44
CA GLY A 232 28.22 8.30 7.01
C GLY A 232 29.29 9.02 6.20
N GLN A 233 30.44 9.32 6.82
CA GLN A 233 31.55 9.91 6.09
C GLN A 233 32.12 8.92 5.07
N ALA A 234 32.58 9.47 3.94
CA ALA A 234 33.03 8.65 2.82
C ALA A 234 34.13 9.33 2.02
N GLU A 235 34.86 8.51 1.24
CA GLU A 235 35.90 9.00 0.34
C GLU A 235 36.01 8.07 -0.86
N ILE A 236 36.09 8.66 -2.05
CA ILE A 236 36.33 7.92 -3.29
C ILE A 236 37.46 8.56 -4.06
N ASN A 237 38.49 7.77 -4.35
CA ASN A 237 39.72 8.27 -4.94
C ASN A 237 39.86 7.89 -6.41
N TYR A 238 40.24 8.88 -7.22
CA TYR A 238 40.45 8.70 -8.65
C TYR A 238 41.82 9.23 -9.08
N GLN A 239 42.26 8.79 -10.25
CA GLN A 239 43.59 9.11 -10.76
C GLN A 239 43.81 10.60 -10.96
N PHE A 240 44.94 11.09 -10.48
CA PHE A 240 45.37 12.47 -10.70
C PHE A 240 45.36 12.88 -12.18
N ASN A 241 45.35 14.18 -12.42
CA ASN A 241 45.39 14.73 -13.76
C ASN A 241 45.99 16.14 -13.73
N SER A 242 46.28 16.70 -14.90
CA SER A 242 46.85 18.04 -15.01
C SER A 242 45.86 19.09 -14.50
N LEU A 243 46.40 20.21 -14.00
CA LEU A 243 45.65 21.21 -13.23
C LEU A 243 44.20 21.44 -13.65
N LEU A 244 44.00 21.90 -14.89
CA LEU A 244 42.65 22.22 -15.37
C LEU A 244 41.74 20.99 -15.45
N HIS A 245 42.27 19.89 -15.99
CA HIS A 245 41.54 18.63 -16.09
C HIS A 245 41.12 18.13 -14.71
N ALA A 246 42.04 18.23 -13.75
CA ALA A 246 41.82 17.84 -12.36
C ALA A 246 40.69 18.66 -11.72
N ALA A 247 40.63 19.96 -12.03
CA ALA A 247 39.60 20.83 -11.49
C ALA A 247 38.21 20.57 -12.09
N ASP A 248 38.15 20.30 -13.39
CA ASP A 248 36.89 19.88 -14.05
C ASP A 248 36.44 18.54 -13.49
N ASP A 249 37.40 17.66 -13.21
CA ASP A 249 37.13 16.35 -12.64
C ASP A 249 36.47 16.48 -11.27
N MET A 250 37.00 17.40 -10.46
CA MET A 250 36.50 17.64 -9.10
C MET A 250 35.05 18.10 -9.12
N GLN A 251 34.74 19.02 -10.03
CA GLN A 251 33.39 19.54 -10.20
C GLN A 251 32.38 18.46 -10.63
N LEU A 252 32.80 17.60 -11.57
CA LEU A 252 31.97 16.49 -12.04
C LEU A 252 31.78 15.43 -10.94
N TYR A 253 32.86 15.14 -10.22
CA TYR A 253 32.84 14.23 -9.07
C TYR A 253 31.83 14.67 -8.01
N LYS A 254 31.84 15.96 -7.64
CA LYS A 254 30.86 16.49 -6.67
C LYS A 254 29.42 16.31 -7.17
N TYR A 255 29.19 16.60 -8.45
CA TYR A 255 27.88 16.44 -9.07
C TYR A 255 27.39 14.99 -9.06
N ILE A 256 28.30 14.06 -9.37
CA ILE A 256 27.96 12.63 -9.43
C ILE A 256 27.67 12.08 -8.03
N ILE A 257 28.55 12.36 -7.08
CA ILE A 257 28.33 11.98 -5.68
C ILE A 257 26.98 12.47 -5.13
N LYS A 258 26.69 13.76 -5.29
CA LYS A 258 25.49 14.38 -4.72
C LYS A 258 24.20 13.85 -5.33
N ASN A 259 24.23 13.63 -6.64
CA ASN A 259 23.04 13.20 -7.35
C ASN A 259 22.81 11.69 -7.29
N THR A 260 23.86 10.91 -7.10
CA THR A 260 23.73 9.47 -6.82
C THR A 260 23.07 9.26 -5.46
N ALA A 261 23.48 10.06 -4.48
CA ALA A 261 22.88 10.03 -3.14
C ALA A 261 21.41 10.46 -3.21
N TRP A 262 21.15 11.56 -3.92
CA TRP A 262 19.79 12.11 -4.03
C TRP A 262 18.80 11.12 -4.64
N GLN A 263 19.16 10.51 -5.76
CA GLN A 263 18.32 9.49 -6.41
C GLN A 263 18.09 8.23 -5.55
N ASN A 264 18.94 8.06 -4.53
CA ASN A 264 18.84 6.93 -3.61
C ASN A 264 18.38 7.31 -2.19
N GLY A 265 17.67 8.43 -2.08
CA GLY A 265 16.99 8.81 -0.84
C GLY A 265 17.83 9.52 0.20
N LYS A 266 19.04 9.93 -0.19
CA LYS A 266 20.01 10.51 0.74
C LYS A 266 20.34 11.96 0.39
N THR A 267 21.17 12.58 1.22
CA THR A 267 21.62 13.97 0.98
C THR A 267 23.07 14.11 1.43
N VAL A 268 23.92 14.58 0.52
CA VAL A 268 25.36 14.67 0.73
C VAL A 268 25.82 16.10 0.98
N THR A 269 26.79 16.26 1.89
CA THR A 269 27.45 17.55 2.09
C THR A 269 28.99 17.44 2.02
N PHE A 270 29.59 18.42 1.35
CA PHE A 270 31.04 18.56 1.27
C PHE A 270 31.55 19.65 2.22
N MET A 271 30.66 20.18 3.07
CA MET A 271 31.09 21.23 4.02
C MET A 271 32.18 20.71 4.97
N PRO A 272 33.17 21.58 5.30
CA PRO A 272 34.35 21.18 6.07
C PRO A 272 34.08 20.58 7.45
N LYS A 273 33.08 21.07 8.17
CA LYS A 273 32.85 20.62 9.55
C LYS A 273 31.35 20.62 9.92
N PRO A 274 30.59 19.64 9.40
CA PRO A 274 29.18 19.53 9.77
C PRO A 274 28.95 18.96 11.18
N LEU A 275 29.90 18.18 11.67
CA LEU A 275 29.80 17.56 12.99
C LEU A 275 30.78 18.15 14.00
N PHE A 276 30.27 18.43 15.19
CA PHE A 276 31.10 18.94 16.28
C PHE A 276 31.65 17.77 17.08
N GLY A 277 32.97 17.70 17.21
CA GLY A 277 33.60 16.60 17.94
C GLY A 277 33.74 15.29 17.15
N ASP A 278 33.65 15.38 15.82
CA ASP A 278 34.04 14.27 14.95
C ASP A 278 34.83 14.87 13.78
N ASN A 279 35.46 14.02 12.96
CA ASN A 279 36.31 14.48 11.86
C ASN A 279 35.59 15.39 10.88
N GLY A 280 36.30 16.42 10.42
CA GLY A 280 35.80 17.27 9.37
C GLY A 280 36.11 16.65 8.01
N SER A 281 35.66 17.31 6.96
CA SER A 281 35.89 16.88 5.58
C SER A 281 36.95 17.76 4.90
N GLY A 282 38.08 17.15 4.56
CA GLY A 282 39.16 17.84 3.88
C GLY A 282 39.19 17.60 2.37
N MET A 283 40.09 18.31 1.69
CA MET A 283 40.38 18.07 0.27
C MET A 283 41.89 18.10 0.08
N HIS A 284 42.58 17.09 0.59
CA HIS A 284 44.03 16.99 0.45
C HIS A 284 44.39 16.95 -1.02
N CYS A 285 45.45 17.67 -1.37
CA CYS A 285 45.92 17.71 -2.75
C CYS A 285 47.35 17.20 -2.86
N HIS A 286 47.49 15.98 -3.37
CA HIS A 286 48.79 15.43 -3.76
C HIS A 286 49.23 16.17 -5.04
N GLN A 287 50.47 16.67 -5.04
CA GLN A 287 50.95 17.52 -6.13
C GLN A 287 52.33 17.10 -6.60
N SER A 288 52.55 17.20 -7.92
CA SER A 288 53.86 16.92 -8.51
C SER A 288 54.05 17.68 -9.83
N LEU A 289 55.29 18.09 -10.08
CA LEU A 289 55.63 18.78 -11.32
C LEU A 289 56.43 17.82 -12.22
N TRP A 290 56.13 17.85 -13.52
CA TRP A 290 56.76 16.97 -14.51
C TRP A 290 57.23 17.80 -15.70
N LYS A 291 58.32 17.37 -16.32
CA LYS A 291 58.83 18.02 -17.54
C LYS A 291 59.28 16.99 -18.58
N ASP A 292 58.79 17.16 -19.81
CA ASP A 292 59.10 16.28 -20.94
C ASP A 292 58.76 14.81 -20.65
N GLY A 293 57.67 14.59 -19.92
CA GLY A 293 57.22 13.25 -19.54
C GLY A 293 57.97 12.60 -18.39
N ALA A 294 58.78 13.39 -17.69
CA ALA A 294 59.58 12.88 -16.58
C ALA A 294 59.32 13.63 -15.27
N PRO A 295 59.30 12.90 -14.14
CA PRO A 295 59.06 13.49 -12.81
C PRO A 295 60.21 14.36 -12.29
N LEU A 296 59.88 15.42 -11.55
CA LEU A 296 60.88 16.34 -11.02
C LEU A 296 61.00 16.32 -9.48
N MET A 297 60.14 15.55 -8.82
CA MET A 297 60.03 15.61 -7.35
C MET A 297 61.02 14.73 -6.56
N TYR A 298 61.79 13.89 -7.24
CA TYR A 298 62.57 12.84 -6.57
C TYR A 298 64.10 13.02 -6.53
N ASP A 299 64.67 12.62 -5.40
CA ASP A 299 66.11 12.64 -5.15
C ASP A 299 66.40 11.73 -3.94
N GLU A 300 67.05 10.60 -4.19
CA GLU A 300 67.32 9.59 -3.13
C GLU A 300 68.03 10.15 -1.90
N THR A 301 68.76 11.26 -2.08
CA THR A 301 69.58 11.83 -1.00
C THR A 301 68.87 12.90 -0.14
N GLY A 302 67.71 13.36 -0.60
CA GLY A 302 66.93 14.34 0.16
C GLY A 302 66.10 13.69 1.25
N TYR A 303 65.74 14.46 2.28
CA TYR A 303 64.84 13.99 3.33
C TYR A 303 63.51 13.58 2.70
N ALA A 304 63.06 12.37 3.03
CA ALA A 304 61.85 11.79 2.43
C ALA A 304 61.92 11.66 0.91
N GLY A 305 63.14 11.57 0.38
CA GLY A 305 63.38 11.38 -1.06
C GLY A 305 62.96 12.54 -1.94
N LEU A 306 63.05 13.76 -1.41
CA LEU A 306 62.60 14.96 -2.12
C LEU A 306 63.75 15.72 -2.76
N SER A 307 63.49 16.22 -3.97
CA SER A 307 64.43 17.06 -4.69
C SER A 307 64.33 18.52 -4.22
N ASP A 308 65.30 19.34 -4.67
CA ASP A 308 65.31 20.77 -4.34
C ASP A 308 64.06 21.48 -4.85
N THR A 309 63.61 21.09 -6.06
CA THR A 309 62.38 21.63 -6.65
C THR A 309 61.16 21.35 -5.76
N ALA A 310 61.03 20.11 -5.32
CA ALA A 310 59.96 19.67 -4.41
C ALA A 310 60.02 20.38 -3.04
N ARG A 311 61.22 20.49 -2.47
CA ARG A 311 61.42 21.14 -1.18
C ARG A 311 61.10 22.64 -1.24
N HIS A 312 61.54 23.30 -2.31
CA HIS A 312 61.22 24.72 -2.51
C HIS A 312 59.73 24.96 -2.81
N TYR A 313 59.07 23.98 -3.42
CA TYR A 313 57.62 24.05 -3.66
C TYR A 313 56.89 24.04 -2.31
N ILE A 314 57.29 23.13 -1.42
CA ILE A 314 56.74 23.04 -0.06
C ILE A 314 57.02 24.33 0.71
N GLY A 315 58.25 24.83 0.59
CA GLY A 315 58.65 26.12 1.18
C GLY A 315 57.75 27.27 0.74
N GLY A 316 57.36 27.28 -0.53
CA GLY A 316 56.40 28.26 -1.04
C GLY A 316 55.01 28.13 -0.44
N LEU A 317 54.53 26.90 -0.31
CA LEU A 317 53.19 26.65 0.26
C LEU A 317 53.08 27.09 1.72
N LEU A 318 54.08 26.73 2.52
CA LEU A 318 54.08 27.06 3.95
C LEU A 318 54.36 28.53 4.25
N HIS A 319 55.17 29.18 3.41
CA HIS A 319 55.43 30.61 3.52
C HIS A 319 54.20 31.45 3.13
N HIS A 320 53.51 31.05 2.06
CA HIS A 320 52.35 31.81 1.55
C HIS A 320 50.99 31.46 2.18
N ALA A 321 50.94 30.34 2.91
CA ALA A 321 49.72 29.87 3.61
C ALA A 321 48.85 30.97 4.27
N PRO A 322 49.47 31.90 5.04
CA PRO A 322 48.66 32.96 5.64
C PRO A 322 47.73 33.72 4.67
N SER A 323 48.06 33.77 3.38
CA SER A 323 47.17 34.36 2.37
C SER A 323 46.60 33.31 1.42
N LEU A 324 47.37 32.26 1.16
CA LEU A 324 46.92 31.18 0.27
C LEU A 324 45.60 30.54 0.72
N LEU A 325 45.40 30.43 2.04
CA LEU A 325 44.21 29.77 2.59
C LEU A 325 42.90 30.51 2.28
N ALA A 326 43.01 31.77 1.87
CA ALA A 326 41.86 32.53 1.35
C ALA A 326 41.23 31.86 0.13
N PHE A 327 42.01 31.04 -0.58
CA PHE A 327 41.48 30.30 -1.74
C PHE A 327 41.30 28.79 -1.48
N THR A 328 42.15 28.22 -0.61
CA THR A 328 42.11 26.78 -0.32
C THR A 328 41.18 26.43 0.84
N ASN A 329 41.01 27.38 1.75
CA ASN A 329 40.11 27.24 2.92
C ASN A 329 39.20 28.47 3.00
N PRO A 330 38.26 28.62 2.04
CA PRO A 330 37.66 29.92 1.78
C PRO A 330 36.38 30.26 2.53
N THR A 331 35.97 29.43 3.51
CA THR A 331 34.72 29.70 4.23
C THR A 331 34.88 29.86 5.74
N VAL A 332 33.86 30.41 6.39
CA VAL A 332 33.84 30.53 7.83
C VAL A 332 33.93 29.12 8.46
N ASN A 333 33.21 28.17 7.85
CA ASN A 333 33.16 26.79 8.36
C ASN A 333 34.50 26.06 8.24
N SER A 334 35.32 26.44 7.25
CA SER A 334 36.70 25.92 7.10
C SER A 334 37.47 25.90 8.40
N TYR A 335 37.37 26.99 9.16
CA TYR A 335 38.21 27.20 10.34
C TYR A 335 37.71 26.46 11.58
N LYS A 336 36.53 25.87 11.49
CA LYS A 336 36.06 24.90 12.49
C LYS A 336 36.72 23.54 12.34
N ARG A 337 37.19 23.24 11.13
CA ARG A 337 37.91 22.00 10.83
C ARG A 337 39.38 22.08 11.29
N LEU A 338 39.98 23.26 11.17
CA LEU A 338 41.38 23.46 11.55
C LEU A 338 41.56 23.59 13.08
N VAL A 339 41.15 22.53 13.77
CA VAL A 339 41.33 22.38 15.22
C VAL A 339 42.00 21.03 15.50
N PRO A 340 42.74 20.90 16.62
CA PRO A 340 43.51 19.68 16.87
C PRO A 340 42.69 18.43 17.17
N GLY A 341 43.20 17.28 16.74
CA GLY A 341 42.66 15.98 17.12
C GLY A 341 41.83 15.25 16.07
N TYR A 342 41.85 15.72 14.83
CA TYR A 342 40.96 15.17 13.78
C TYR A 342 41.64 14.95 12.43
N GLU A 343 42.98 14.84 12.45
CA GLU A 343 43.80 14.61 11.23
C GLU A 343 43.83 15.76 10.23
N ALA A 344 43.49 16.96 10.71
CA ALA A 344 43.64 18.19 9.95
C ALA A 344 44.77 19.03 10.56
N PRO A 345 45.42 19.90 9.76
CA PRO A 345 46.57 20.69 10.25
C PRO A 345 46.20 21.80 11.23
N ILE A 346 47.06 22.02 12.22
CA ILE A 346 46.92 23.16 13.14
C ILE A 346 48.13 24.09 13.10
N ASN A 347 49.20 23.64 12.46
CA ASN A 347 50.41 24.47 12.26
C ASN A 347 51.07 24.19 10.90
N LEU A 348 52.09 24.98 10.58
CA LEU A 348 52.68 24.99 9.24
C LEU A 348 54.02 24.27 9.14
N VAL A 349 54.00 22.95 9.26
CA VAL A 349 55.20 22.14 9.01
C VAL A 349 54.93 21.03 8.00
N TYR A 350 56.01 20.48 7.45
CA TYR A 350 55.93 19.28 6.64
C TYR A 350 56.64 18.12 7.33
N SER A 351 56.24 16.90 7.00
CA SER A 351 56.73 15.70 7.68
C SER A 351 56.28 14.45 6.94
N GLN A 352 57.21 13.53 6.68
CA GLN A 352 56.84 12.27 6.05
C GLN A 352 55.96 11.43 6.98
N ARG A 353 54.98 10.71 6.40
CA ARG A 353 54.15 9.73 7.13
C ARG A 353 53.16 10.36 8.15
N ASN A 354 53.16 11.69 8.25
CA ASN A 354 52.57 12.40 9.39
C ASN A 354 51.20 13.03 9.09
N ARG A 355 50.14 12.38 9.57
CA ARG A 355 48.77 12.84 9.32
C ARG A 355 48.30 13.99 10.23
N SER A 356 49.18 14.49 11.10
CA SER A 356 48.89 15.71 11.88
C SER A 356 49.59 16.96 11.29
N ALA A 357 50.31 16.77 10.20
CA ALA A 357 51.08 17.85 9.59
C ALA A 357 50.30 18.61 8.52
N CYS A 358 50.82 19.77 8.13
CA CYS A 358 50.22 20.58 7.08
C CYS A 358 50.54 20.01 5.70
N VAL A 359 51.77 19.51 5.54
CA VAL A 359 52.17 18.79 4.33
C VAL A 359 52.75 17.45 4.76
N ARG A 360 52.13 16.37 4.28
CA ARG A 360 52.65 15.02 4.51
C ARG A 360 53.32 14.51 3.24
N ILE A 361 54.45 13.83 3.41
CA ILE A 361 55.03 13.07 2.30
C ILE A 361 54.66 11.61 2.52
N PRO A 362 53.76 11.08 1.66
CA PRO A 362 53.34 9.67 1.75
C PRO A 362 54.50 8.72 1.46
N ILE A 363 54.54 7.58 2.13
CA ILE A 363 55.63 6.63 1.96
C ILE A 363 55.45 5.83 0.67
N THR A 364 56.30 6.09 -0.31
CA THR A 364 56.15 5.50 -1.66
C THR A 364 57.34 4.68 -2.17
N GLY A 365 58.49 4.81 -1.52
CA GLY A 365 59.66 4.02 -1.93
C GLY A 365 60.53 4.68 -3.00
N SER A 366 61.13 3.84 -3.84
CA SER A 366 62.19 4.26 -4.76
C SER A 366 61.70 4.82 -6.11
N ASN A 367 60.45 4.51 -6.49
CA ASN A 367 59.86 4.96 -7.76
C ASN A 367 59.69 6.49 -7.84
N PRO A 368 60.43 7.15 -8.76
CA PRO A 368 60.36 8.62 -8.89
C PRO A 368 59.02 9.14 -9.37
N LYS A 369 58.26 8.30 -10.09
CA LYS A 369 56.95 8.69 -10.60
C LYS A 369 55.92 8.77 -9.47
N ALA A 370 56.15 8.01 -8.40
CA ALA A 370 55.26 7.97 -7.23
C ALA A 370 55.54 9.07 -6.21
N LYS A 371 56.65 9.77 -6.39
CA LYS A 371 57.09 10.79 -5.41
C LYS A 371 56.31 12.09 -5.53
N ARG A 372 55.64 12.48 -4.44
CA ARG A 372 54.89 13.75 -4.40
C ARG A 372 54.65 14.26 -2.97
N LEU A 373 54.13 15.48 -2.87
CA LEU A 373 53.73 16.06 -1.59
C LEU A 373 52.22 16.02 -1.43
N GLU A 374 51.75 15.85 -0.20
CA GLU A 374 50.33 16.01 0.10
C GLU A 374 50.09 17.26 0.94
N PHE A 375 49.38 18.22 0.36
CA PHE A 375 48.98 19.44 1.06
C PHE A 375 47.63 19.17 1.74
N ARG A 376 47.64 19.05 3.06
CA ARG A 376 46.47 18.58 3.83
C ARG A 376 45.49 19.68 4.27
N SER A 377 45.93 20.93 4.17
CA SER A 377 45.16 22.08 4.62
C SER A 377 43.81 22.31 3.90
N PRO A 378 43.78 22.21 2.54
CA PRO A 378 42.56 22.58 1.81
C PRO A 378 41.33 21.73 2.12
N ASP A 379 40.16 22.31 1.89
CA ASP A 379 38.88 21.60 1.94
C ASP A 379 38.13 21.89 0.63
N SER A 380 36.94 21.31 0.47
CA SER A 380 36.19 21.52 -0.78
C SER A 380 34.99 22.47 -0.65
N SER A 381 35.12 23.45 0.23
CA SER A 381 34.05 24.42 0.45
C SER A 381 34.07 25.59 -0.56
N GLY A 382 34.96 25.53 -1.53
CA GLY A 382 35.09 26.64 -2.47
C GLY A 382 35.21 26.25 -3.92
N ASN A 383 36.24 26.78 -4.57
CA ASN A 383 36.42 26.71 -6.01
C ASN A 383 37.73 25.98 -6.36
N PRO A 384 37.65 24.80 -6.99
CA PRO A 384 38.86 24.01 -7.24
C PRO A 384 39.76 24.63 -8.30
N TYR A 385 39.17 25.34 -9.27
CA TYR A 385 39.97 26.03 -10.31
C TYR A 385 40.87 27.07 -9.65
N LEU A 386 40.28 27.89 -8.79
CA LEU A 386 41.02 28.92 -8.05
C LEU A 386 42.03 28.32 -7.06
N ALA A 387 41.60 27.29 -6.34
CA ALA A 387 42.41 26.68 -5.28
C ALA A 387 43.68 25.98 -5.80
N PHE A 388 43.54 25.17 -6.85
CA PHE A 388 44.69 24.50 -7.48
C PHE A 388 45.62 25.54 -8.13
N SER A 389 45.04 26.56 -8.76
CA SER A 389 45.83 27.64 -9.37
C SER A 389 46.65 28.40 -8.33
N ALA A 390 46.02 28.70 -7.19
CA ALA A 390 46.66 29.41 -6.09
C ALA A 390 47.75 28.60 -5.43
N MET A 391 47.55 27.29 -5.32
CA MET A 391 48.58 26.38 -4.82
C MET A 391 49.81 26.37 -5.73
N LEU A 392 49.57 26.24 -7.03
CA LEU A 392 50.64 26.25 -8.02
C LEU A 392 51.48 27.54 -7.94
N MET A 393 50.82 28.69 -7.91
CA MET A 393 51.51 29.98 -7.87
C MET A 393 52.35 30.19 -6.61
N ALA A 394 51.91 29.61 -5.49
CA ALA A 394 52.68 29.65 -4.25
C ALA A 394 53.92 28.77 -4.37
N GLY A 395 53.72 27.57 -4.92
CA GLY A 395 54.80 26.63 -5.15
C GLY A 395 55.86 27.16 -6.09
N LEU A 396 55.42 27.78 -7.18
CA LEU A 396 56.31 28.36 -8.19
C LEU A 396 57.10 29.56 -7.66
N ASP A 397 56.47 30.37 -6.80
CA ASP A 397 57.17 31.46 -6.11
C ASP A 397 58.25 30.90 -5.20
N GLY A 398 57.95 29.74 -4.61
CA GLY A 398 58.89 29.02 -3.75
C GLY A 398 60.10 28.51 -4.50
N ILE A 399 59.87 27.92 -5.67
CA ILE A 399 60.95 27.40 -6.51
C ILE A 399 61.84 28.53 -7.06
N LYS A 400 61.19 29.58 -7.55
CA LYS A 400 61.87 30.75 -8.14
C LYS A 400 62.76 31.49 -7.14
N ASN A 401 62.32 31.58 -5.89
CA ASN A 401 63.07 32.26 -4.83
C ASN A 401 63.81 31.31 -3.88
N LYS A 402 63.79 30.02 -4.21
CA LYS A 402 64.45 28.97 -3.39
C LYS A 402 64.12 29.11 -1.89
N ILE A 403 62.83 29.25 -1.59
CA ILE A 403 62.37 29.35 -0.21
C ILE A 403 62.56 28.00 0.49
N GLU A 404 63.35 28.02 1.55
CA GLU A 404 63.59 26.82 2.34
C GLU A 404 62.52 26.69 3.43
N PRO A 405 61.79 25.56 3.43
CA PRO A 405 60.85 25.32 4.52
C PRO A 405 61.60 25.07 5.83
N GLN A 406 60.95 25.32 6.96
CA GLN A 406 61.57 24.99 8.24
C GLN A 406 61.67 23.47 8.41
N ALA A 407 62.71 23.03 9.10
CA ALA A 407 63.00 21.61 9.31
C ALA A 407 61.74 20.80 9.64
N PRO A 408 61.57 19.63 8.99
CA PRO A 408 60.44 18.75 9.26
C PRO A 408 60.36 18.35 10.73
N VAL A 409 59.15 18.26 11.27
CA VAL A 409 58.93 17.84 12.65
C VAL A 409 58.16 16.51 12.66
N ASP A 410 58.88 15.43 12.91
CA ASP A 410 58.32 14.08 12.78
C ASP A 410 57.70 13.58 14.08
N LYS A 411 56.67 14.31 14.55
CA LYS A 411 55.99 13.99 15.81
C LYS A 411 54.49 14.19 15.68
N ASP A 412 53.73 13.66 16.64
CA ASP A 412 52.32 14.02 16.79
C ASP A 412 52.28 15.50 17.17
N LEU A 413 51.87 16.33 16.21
CA LEU A 413 51.93 17.79 16.35
C LEU A 413 50.85 18.39 17.27
N TYR A 414 49.82 17.60 17.60
CA TYR A 414 48.80 18.05 18.56
C TYR A 414 49.29 17.94 20.00
N GLU A 415 50.29 17.10 20.22
CA GLU A 415 50.78 16.77 21.57
C GLU A 415 52.14 17.40 21.90
N LEU A 416 52.52 18.45 21.18
CA LEU A 416 53.80 19.11 21.41
C LEU A 416 53.81 19.90 22.72
N PRO A 417 54.93 19.83 23.47
CA PRO A 417 55.13 20.65 24.68
C PRO A 417 54.99 22.15 24.38
N PRO A 418 54.46 22.93 25.34
CA PRO A 418 54.10 24.36 25.15
C PRO A 418 55.19 25.21 24.51
N GLU A 419 56.45 25.01 24.93
CA GLU A 419 57.56 25.77 24.36
C GLU A 419 57.83 25.41 22.89
N GLU A 420 57.81 24.11 22.57
CA GLU A 420 58.05 23.64 21.21
C GLU A 420 56.91 24.03 20.26
N ALA A 421 55.66 23.89 20.72
CA ALA A 421 54.48 24.27 19.94
C ALA A 421 54.49 25.75 19.56
N ALA A 422 54.86 26.60 20.51
CA ALA A 422 54.86 28.05 20.32
C ALA A 422 55.96 28.55 19.38
N SER A 423 56.96 27.69 19.11
CA SER A 423 58.06 28.03 18.20
C SER A 423 57.74 27.78 16.73
N ILE A 424 56.57 27.21 16.46
CA ILE A 424 56.12 26.91 15.10
C ILE A 424 54.90 27.77 14.74
N PRO A 425 54.91 28.38 13.54
CA PRO A 425 53.75 29.16 13.06
C PRO A 425 52.48 28.32 12.99
N GLN A 426 51.40 28.84 13.59
CA GLN A 426 50.11 28.15 13.59
C GLN A 426 49.34 28.49 12.31
N THR A 427 48.34 27.67 11.99
CA THR A 427 47.41 28.02 10.91
C THR A 427 46.52 29.19 11.35
N PRO A 428 46.00 29.98 10.40
CA PRO A 428 45.06 31.05 10.73
C PRO A 428 43.82 30.57 11.49
N THR A 429 43.31 31.46 12.33
CA THR A 429 42.21 31.18 13.25
C THR A 429 40.86 31.31 12.58
N GLN A 430 40.75 32.24 11.62
CA GLN A 430 39.47 32.64 11.02
C GLN A 430 39.62 33.24 9.61
N LEU A 431 38.52 33.20 8.85
CA LEU A 431 38.50 33.66 7.46
C LEU A 431 38.85 35.14 7.30
N SER A 432 38.40 35.98 8.23
CA SER A 432 38.68 37.41 8.14
C SER A 432 40.20 37.68 8.17
N ASP A 433 40.93 36.85 8.91
CA ASP A 433 42.39 36.97 8.99
C ASP A 433 43.12 36.65 7.67
N VAL A 434 42.72 35.57 6.99
CA VAL A 434 43.32 35.21 5.70
C VAL A 434 42.92 36.18 4.57
N ILE A 435 41.69 36.70 4.65
CA ILE A 435 41.19 37.66 3.68
C ILE A 435 41.93 39.01 3.83
N ASP A 436 42.15 39.43 5.07
CA ASP A 436 42.95 40.63 5.36
C ASP A 436 44.37 40.50 4.84
N ARG A 437 44.96 39.31 5.02
CA ARG A 437 46.33 39.01 4.61
C ARG A 437 46.49 38.88 3.09
N LEU A 438 45.49 38.29 2.43
CA LEU A 438 45.44 38.26 0.96
C LEU A 438 45.43 39.67 0.36
N GLU A 439 44.59 40.54 0.95
CA GLU A 439 44.50 41.95 0.56
C GLU A 439 45.84 42.67 0.66
N ALA A 440 46.57 42.44 1.75
CA ALA A 440 47.86 43.08 2.01
C ALA A 440 48.99 42.52 1.16
N ASP A 441 48.95 41.22 0.88
CA ASP A 441 50.03 40.59 0.12
C ASP A 441 49.55 39.48 -0.81
N HIS A 442 49.53 39.80 -2.10
CA HIS A 442 49.07 38.87 -3.13
C HIS A 442 49.85 38.99 -4.45
N GLU A 443 51.07 39.52 -4.39
CA GLU A 443 51.88 39.69 -5.60
C GLU A 443 52.23 38.35 -6.27
N TYR A 444 52.47 37.32 -5.45
CA TYR A 444 52.81 35.98 -5.97
C TYR A 444 51.70 35.39 -6.84
N LEU A 445 50.47 35.84 -6.62
CA LEU A 445 49.30 35.39 -7.38
C LEU A 445 49.09 36.14 -8.71
N THR A 446 49.49 37.40 -8.74
CA THR A 446 49.30 38.25 -9.94
C THR A 446 50.47 38.14 -10.93
N GLU A 447 51.45 37.28 -10.63
CA GLU A 447 52.56 37.01 -11.53
C GLU A 447 52.03 36.46 -12.85
N GLY A 448 52.47 37.06 -13.95
CA GLY A 448 52.07 36.62 -15.30
C GLY A 448 50.62 36.91 -15.63
N GLY A 449 49.94 37.65 -14.76
CA GLY A 449 48.51 37.94 -14.92
C GLY A 449 47.58 36.76 -14.68
N VAL A 450 48.07 35.70 -14.04
CA VAL A 450 47.24 34.53 -13.73
C VAL A 450 46.01 34.90 -12.89
N PHE A 451 46.23 35.52 -11.73
CA PHE A 451 45.17 36.21 -11.00
C PHE A 451 45.34 37.69 -11.34
N THR A 452 44.24 38.40 -11.49
CA THR A 452 44.27 39.85 -11.68
C THR A 452 43.76 40.55 -10.41
N ASN A 453 44.03 41.84 -10.29
CA ASN A 453 43.56 42.64 -9.16
C ASN A 453 42.04 42.63 -9.04
N ASP A 454 41.35 42.75 -10.18
CA ASP A 454 39.88 42.73 -10.20
C ASP A 454 39.28 41.44 -9.63
N LEU A 455 39.95 40.32 -9.88
CA LEU A 455 39.51 39.03 -9.35
C LEU A 455 39.71 39.00 -7.83
N ILE A 456 40.92 39.33 -7.40
CA ILE A 456 41.27 39.34 -5.99
C ILE A 456 40.37 40.29 -5.18
N GLU A 457 40.17 41.50 -5.70
CA GLU A 457 39.33 42.51 -5.05
C GLU A 457 37.88 42.06 -4.88
N THR A 458 37.33 41.45 -5.93
CA THR A 458 35.97 40.91 -5.94
C THR A 458 35.79 39.76 -4.95
N TRP A 459 36.78 38.88 -4.87
CA TRP A 459 36.80 37.75 -3.93
C TRP A 459 36.76 38.24 -2.47
N ILE A 460 37.63 39.20 -2.16
CA ILE A 460 37.76 39.80 -0.84
C ILE A 460 36.43 40.45 -0.46
N SER A 461 35.89 41.24 -1.39
CA SER A 461 34.60 41.92 -1.26
C SER A 461 33.42 40.96 -1.05
N PHE A 462 33.36 39.89 -1.84
CA PHE A 462 32.32 38.87 -1.69
C PHE A 462 32.36 38.24 -0.29
N LYS A 463 33.54 37.80 0.13
CA LYS A 463 33.69 37.06 1.38
C LYS A 463 33.34 37.92 2.61
N ARG A 464 33.74 39.18 2.59
CA ARG A 464 33.41 40.13 3.67
C ARG A 464 31.90 40.41 3.77
N GLU A 465 31.28 40.79 2.66
CA GLU A 465 29.89 41.20 2.63
C GLU A 465 28.88 40.05 2.70
N ASN A 466 29.25 38.88 2.20
CA ASN A 466 28.29 37.78 2.08
C ASN A 466 28.53 36.58 3.01
N GLU A 467 29.67 36.55 3.68
CA GLU A 467 30.01 35.44 4.58
C GLU A 467 30.44 35.90 5.97
N ILE A 468 31.53 36.67 6.06
CA ILE A 468 32.08 37.08 7.36
C ILE A 468 31.08 37.91 8.17
N GLU A 469 30.56 38.98 7.56
CA GLU A 469 29.65 39.89 8.26
C GLU A 469 28.33 39.24 8.69
N PRO A 470 27.63 38.53 7.75
CA PRO A 470 26.39 37.82 8.09
C PRO A 470 26.47 36.82 9.26
N VAL A 471 27.61 36.14 9.41
CA VAL A 471 27.82 35.24 10.56
C VAL A 471 28.10 36.06 11.81
N ASN A 472 28.96 37.08 11.67
CA ASN A 472 29.38 37.95 12.78
C ASN A 472 28.27 38.64 13.52
N ILE A 473 27.22 39.02 12.79
CA ILE A 473 26.11 39.76 13.39
C ILE A 473 25.07 38.85 14.08
N ARG A 474 25.11 37.56 13.76
CA ARG A 474 24.12 36.62 14.31
C ARG A 474 24.57 35.93 15.60
N PRO A 475 23.79 36.07 16.69
CA PRO A 475 24.11 35.38 17.93
C PRO A 475 24.21 33.86 17.74
N HIS A 476 25.23 33.28 18.37
CA HIS A 476 25.49 31.85 18.35
C HIS A 476 24.67 31.21 19.47
N PRO A 477 24.10 30.01 19.23
CA PRO A 477 23.34 29.34 20.30
C PRO A 477 24.13 29.09 21.58
N TYR A 478 25.43 28.81 21.46
CA TYR A 478 26.26 28.57 22.64
C TYR A 478 26.46 29.83 23.51
N GLU A 479 26.28 31.01 22.91
CA GLU A 479 26.27 32.25 23.68
C GLU A 479 25.12 32.27 24.68
N PHE A 480 24.04 31.57 24.35
CA PHE A 480 22.90 31.47 25.27
C PHE A 480 23.22 30.52 26.42
N ALA A 481 23.87 29.40 26.10
CA ALA A 481 24.44 28.51 27.12
C ALA A 481 25.39 29.24 28.08
N LEU A 482 26.23 30.12 27.53
CA LEU A 482 27.22 30.85 28.32
C LEU A 482 26.66 32.07 29.06
N TYR A 483 25.71 32.77 28.45
CA TYR A 483 25.43 34.14 28.86
C TYR A 483 24.00 34.52 29.28
N TYR A 484 23.03 33.64 29.09
CA TYR A 484 21.64 34.02 29.37
C TYR A 484 21.47 34.58 30.80
N ASP A 485 22.22 34.02 31.74
CA ASP A 485 22.06 34.31 33.16
C ASP A 485 23.09 35.29 33.74
N VAL A 486 23.81 36.01 32.88
CA VAL A 486 24.79 37.02 33.33
C VAL A 486 24.17 38.12 34.23
N LYS B 12 -1.76 25.70 -44.93
CA LYS B 12 -2.62 24.54 -44.56
C LYS B 12 -4.04 24.70 -45.13
N THR B 13 -4.59 23.58 -45.60
CA THR B 13 -5.93 23.56 -46.21
C THR B 13 -6.85 22.62 -45.42
N PRO B 14 -8.19 22.81 -45.54
CA PRO B 14 -9.17 21.85 -45.02
C PRO B 14 -8.80 20.37 -45.25
N ASP B 15 -8.41 20.02 -46.48
CA ASP B 15 -7.99 18.66 -46.83
C ASP B 15 -6.74 18.20 -46.08
N ASP B 16 -5.83 19.12 -45.81
CA ASP B 16 -4.63 18.81 -45.03
C ASP B 16 -4.97 18.42 -43.58
N VAL B 17 -5.95 19.11 -43.01
CA VAL B 17 -6.41 18.85 -41.63
C VAL B 17 -7.22 17.56 -41.53
N PHE B 18 -8.07 17.30 -42.52
CA PHE B 18 -8.84 16.05 -42.56
C PHE B 18 -7.93 14.83 -42.69
N LYS B 19 -6.87 14.99 -43.49
CA LYS B 19 -5.88 13.93 -43.69
C LYS B 19 -5.10 13.65 -42.42
N LEU B 20 -4.65 14.72 -41.75
CA LEU B 20 -3.94 14.60 -40.48
C LEU B 20 -4.79 13.87 -39.43
N ALA B 21 -6.06 14.27 -39.32
CA ALA B 21 -7.00 13.64 -38.39
C ALA B 21 -7.18 12.14 -38.66
N LYS B 22 -7.26 11.78 -39.94
CA LYS B 22 -7.45 10.38 -40.35
C LYS B 22 -6.19 9.55 -40.14
N ASP B 23 -5.02 10.12 -40.47
CA ASP B 23 -3.75 9.41 -40.33
C ASP B 23 -3.32 9.22 -38.87
N GLU B 24 -3.61 10.21 -38.02
CA GLU B 24 -3.31 10.14 -36.58
C GLU B 24 -4.36 9.38 -35.78
N LYS B 25 -5.42 8.93 -36.45
CA LYS B 25 -6.52 8.18 -35.81
C LYS B 25 -7.16 8.97 -34.65
N VAL B 26 -7.43 10.24 -34.91
CA VAL B 26 -8.05 11.16 -33.95
C VAL B 26 -9.48 10.72 -33.60
N GLU B 27 -9.80 10.70 -32.30
CA GLU B 27 -11.14 10.35 -31.82
C GLU B 27 -12.02 11.58 -31.59
N TYR B 28 -11.37 12.70 -31.27
CA TYR B 28 -12.07 13.95 -30.95
C TYR B 28 -11.32 15.15 -31.49
N VAL B 29 -12.07 16.20 -31.79
CA VAL B 29 -11.50 17.48 -32.15
C VAL B 29 -11.90 18.50 -31.10
N ASP B 30 -10.91 19.20 -30.55
CA ASP B 30 -11.17 20.25 -29.57
C ASP B 30 -11.15 21.61 -30.26
N VAL B 31 -12.27 22.32 -30.12
CA VAL B 31 -12.51 23.62 -30.75
C VAL B 31 -12.17 24.75 -29.78
N ARG B 32 -11.14 25.53 -30.11
CA ARG B 32 -10.62 26.55 -29.18
C ARG B 32 -10.66 27.97 -29.73
N PHE B 33 -10.89 28.93 -28.83
CA PHE B 33 -10.81 30.37 -29.13
C PHE B 33 -10.43 31.15 -27.88
N CYS B 34 -10.11 32.44 -28.05
CA CYS B 34 -9.62 33.27 -26.94
C CYS B 34 -10.65 34.27 -26.42
N ASP B 35 -10.88 34.29 -25.09
CA ASP B 35 -11.72 35.35 -24.50
C ASP B 35 -10.96 36.67 -24.45
N LEU B 36 -11.65 37.76 -24.13
CA LEU B 36 -11.00 39.08 -24.17
C LEU B 36 -9.87 39.26 -23.14
N PRO B 37 -10.10 38.90 -21.85
CA PRO B 37 -9.00 39.02 -20.87
C PRO B 37 -7.74 38.24 -21.22
N GLY B 38 -7.87 37.11 -21.92
CA GLY B 38 -6.71 36.34 -22.41
C GLY B 38 -6.67 34.84 -22.10
N ILE B 39 -7.80 34.25 -21.73
CA ILE B 39 -7.88 32.83 -21.39
C ILE B 39 -8.54 32.04 -22.53
N MET B 40 -7.89 30.99 -22.99
CA MET B 40 -8.43 30.15 -24.05
C MET B 40 -9.64 29.33 -23.59
N GLN B 41 -10.65 29.25 -24.47
CA GLN B 41 -11.92 28.60 -24.23
C GLN B 41 -12.03 27.40 -25.17
N HIS B 42 -12.83 26.40 -24.79
CA HIS B 42 -12.91 25.18 -25.60
C HIS B 42 -14.19 24.36 -25.39
N PHE B 43 -14.59 23.67 -26.45
CA PHE B 43 -15.50 22.54 -26.36
C PHE B 43 -15.04 21.44 -27.33
N THR B 44 -15.61 20.25 -27.19
CA THR B 44 -15.12 19.06 -27.89
C THR B 44 -16.20 18.48 -28.83
N ILE B 45 -15.81 18.22 -30.08
CA ILE B 45 -16.70 17.52 -31.02
C ILE B 45 -16.12 16.14 -31.39
N PRO B 46 -16.98 15.15 -31.71
CA PRO B 46 -16.46 13.86 -32.15
C PRO B 46 -15.83 13.97 -33.54
N ALA B 47 -14.87 13.07 -33.83
CA ALA B 47 -14.19 13.04 -35.13
C ALA B 47 -15.19 12.97 -36.29
N SER B 48 -16.28 12.23 -36.07
CA SER B 48 -17.34 12.09 -37.07
C SER B 48 -18.08 13.40 -37.39
N ALA B 49 -17.97 14.39 -36.50
CA ALA B 49 -18.60 15.69 -36.73
C ALA B 49 -17.64 16.75 -37.28
N PHE B 50 -16.37 16.37 -37.48
CA PHE B 50 -15.38 17.28 -38.05
C PHE B 50 -15.33 17.14 -39.58
N ASP B 51 -16.26 17.83 -40.25
CA ASP B 51 -16.43 17.74 -41.70
C ASP B 51 -16.31 19.12 -42.37
N LYS B 52 -16.57 19.16 -43.68
CA LYS B 52 -16.53 20.40 -44.45
C LYS B 52 -17.52 21.45 -43.96
N SER B 53 -18.64 20.99 -43.41
CA SER B 53 -19.66 21.87 -42.83
C SER B 53 -19.11 22.78 -41.71
N VAL B 54 -18.10 22.29 -41.00
CA VAL B 54 -17.39 23.07 -39.98
C VAL B 54 -16.67 24.26 -40.62
N PHE B 55 -16.05 24.02 -41.78
CA PHE B 55 -15.34 25.07 -42.53
C PHE B 55 -16.28 26.04 -43.27
N ASP B 56 -17.39 25.53 -43.79
CA ASP B 56 -18.34 26.33 -44.56
C ASP B 56 -19.32 27.07 -43.65
N ASP B 57 -19.93 26.36 -42.71
CA ASP B 57 -21.00 26.92 -41.88
C ASP B 57 -20.55 27.38 -40.49
N GLY B 58 -19.46 26.79 -39.99
CA GLY B 58 -18.97 27.13 -38.66
C GLY B 58 -19.71 26.47 -37.51
N LEU B 59 -19.32 26.81 -36.29
CA LEU B 59 -19.95 26.24 -35.10
C LEU B 59 -20.41 27.35 -34.14
N ALA B 60 -21.54 27.12 -33.50
CA ALA B 60 -22.16 28.11 -32.61
C ALA B 60 -21.75 27.95 -31.14
N PHE B 61 -21.84 29.05 -30.39
CA PHE B 61 -21.58 29.04 -28.95
C PHE B 61 -22.28 30.21 -28.23
N ASP B 62 -22.26 30.19 -26.89
CA ASP B 62 -22.89 31.21 -26.06
C ASP B 62 -21.94 32.37 -25.76
N GLY B 63 -22.06 33.43 -26.56
CA GLY B 63 -21.25 34.64 -26.39
C GLY B 63 -21.51 35.41 -25.11
N SER B 64 -22.58 35.06 -24.37
CA SER B 64 -22.91 35.64 -23.05
C SER B 64 -21.95 35.22 -21.95
N SER B 65 -21.52 33.97 -22.00
CA SER B 65 -20.72 33.36 -20.95
C SER B 65 -19.24 33.60 -21.12
N ILE B 66 -18.88 34.32 -22.19
CA ILE B 66 -17.49 34.63 -22.48
C ILE B 66 -17.24 36.10 -22.14
N ARG B 67 -16.18 36.35 -21.38
CA ARG B 67 -15.93 37.68 -20.83
C ARG B 67 -15.44 38.63 -21.91
N GLY B 68 -16.08 39.80 -21.99
CA GLY B 68 -15.76 40.81 -23.00
C GLY B 68 -16.47 40.60 -24.32
N PHE B 69 -17.32 39.57 -24.41
CA PHE B 69 -18.03 39.26 -25.65
C PHE B 69 -19.44 39.87 -25.67
N GLN B 70 -20.47 39.04 -25.63
CA GLN B 70 -21.85 39.50 -25.88
C GLN B 70 -22.74 39.60 -24.65
N SER B 71 -23.79 40.41 -24.74
CA SER B 71 -24.86 40.44 -23.75
C SER B 71 -25.79 39.24 -23.97
N ILE B 72 -26.66 38.98 -22.99
CA ILE B 72 -27.50 37.79 -23.00
C ILE B 72 -28.55 37.77 -24.12
N HIS B 73 -29.03 38.94 -24.50
CA HIS B 73 -30.06 39.02 -25.54
C HIS B 73 -29.49 39.01 -26.97
N GLU B 74 -28.18 39.12 -27.08
CA GLU B 74 -27.47 38.98 -28.36
C GLU B 74 -26.37 37.92 -28.24
N SER B 75 -26.71 36.81 -27.58
CA SER B 75 -25.74 35.80 -27.15
C SER B 75 -25.06 34.99 -28.25
N ASP B 76 -25.84 34.48 -29.22
CA ASP B 76 -25.30 33.56 -30.24
C ASP B 76 -24.16 34.17 -31.05
N MET B 77 -23.08 33.42 -31.18
CA MET B 77 -21.92 33.79 -31.99
C MET B 77 -21.44 32.58 -32.79
N LEU B 78 -20.63 32.83 -33.81
CA LEU B 78 -20.11 31.76 -34.67
C LEU B 78 -18.60 31.61 -34.57
N LEU B 79 -18.12 30.39 -34.84
CA LEU B 79 -16.69 30.07 -34.89
C LEU B 79 -16.31 29.46 -36.23
N LEU B 80 -15.27 30.00 -36.86
CA LEU B 80 -14.72 29.45 -38.09
C LEU B 80 -13.25 29.05 -37.88
N PRO B 81 -12.87 27.84 -38.35
CA PRO B 81 -11.56 27.24 -38.06
C PRO B 81 -10.36 27.93 -38.72
N ASP B 82 -9.20 27.79 -38.09
CA ASP B 82 -7.93 28.23 -38.67
C ASP B 82 -7.03 26.99 -38.79
N PRO B 83 -6.92 26.43 -40.01
CA PRO B 83 -6.22 25.16 -40.25
C PRO B 83 -4.71 25.19 -39.94
N GLU B 84 -4.11 26.38 -39.95
CA GLU B 84 -2.69 26.56 -39.62
C GLU B 84 -2.33 26.13 -38.19
N THR B 85 -3.31 26.11 -37.29
CA THR B 85 -3.07 25.93 -35.85
C THR B 85 -3.37 24.53 -35.30
N ALA B 86 -3.62 23.57 -36.19
CA ALA B 86 -3.95 22.20 -35.78
C ALA B 86 -2.75 21.43 -35.21
N ARG B 87 -2.90 20.93 -33.98
CA ARG B 87 -1.87 20.15 -33.28
C ARG B 87 -2.51 19.01 -32.48
N ILE B 88 -1.80 17.88 -32.37
CA ILE B 88 -2.25 16.76 -31.53
C ILE B 88 -2.05 17.13 -30.05
N ASP B 89 -3.06 16.85 -29.23
CA ASP B 89 -2.99 17.09 -27.80
C ASP B 89 -2.15 16.02 -27.09
N PRO B 90 -1.07 16.44 -26.39
CA PRO B 90 -0.20 15.49 -25.70
C PRO B 90 -0.73 14.90 -24.39
N PHE B 91 -1.89 15.37 -23.92
CA PHE B 91 -2.35 15.04 -22.56
C PHE B 91 -3.57 14.10 -22.48
N ARG B 92 -4.48 14.19 -23.44
CA ARG B 92 -5.72 13.41 -23.39
C ARG B 92 -5.54 11.97 -23.86
N ALA B 93 -6.01 11.03 -23.04
CA ALA B 93 -5.90 9.59 -23.29
C ALA B 93 -6.65 9.14 -24.55
N ALA B 94 -7.79 9.76 -24.81
CA ALA B 94 -8.49 9.59 -26.08
C ALA B 94 -7.92 10.59 -27.08
N LYS B 95 -7.42 10.09 -28.20
CA LYS B 95 -6.66 10.90 -29.17
C LYS B 95 -7.44 12.12 -29.68
N THR B 96 -6.82 13.30 -29.51
CA THR B 96 -7.48 14.57 -29.76
C THR B 96 -6.61 15.54 -30.56
N LEU B 97 -7.25 16.24 -31.50
CA LEU B 97 -6.61 17.28 -32.31
C LEU B 97 -7.19 18.65 -31.90
N ASN B 98 -6.30 19.55 -31.51
CA ASN B 98 -6.71 20.91 -31.12
C ASN B 98 -6.59 21.88 -32.29
N ILE B 99 -7.63 22.69 -32.51
CA ILE B 99 -7.64 23.72 -33.55
C ILE B 99 -8.18 25.05 -33.00
N ASN B 100 -7.46 26.13 -33.26
CA ASN B 100 -7.95 27.48 -32.94
C ASN B 100 -8.93 27.98 -33.99
N PHE B 101 -9.94 28.71 -33.54
CA PHE B 101 -10.98 29.28 -34.41
C PHE B 101 -11.00 30.80 -34.30
N PHE B 102 -11.59 31.44 -35.31
CA PHE B 102 -11.88 32.88 -35.28
C PHE B 102 -13.37 33.07 -34.93
N VAL B 103 -13.68 34.16 -34.24
CA VAL B 103 -15.07 34.49 -33.88
C VAL B 103 -15.71 35.39 -34.93
N HIS B 104 -16.93 35.03 -35.33
CA HIS B 104 -17.67 35.75 -36.38
C HIS B 104 -19.10 36.04 -35.96
N ASP B 105 -19.65 37.12 -36.53
CA ASP B 105 -21.06 37.47 -36.38
C ASP B 105 -21.92 36.40 -37.07
N PRO B 106 -23.01 35.95 -36.43
CA PRO B 106 -23.80 34.87 -37.02
C PRO B 106 -24.83 35.31 -38.07
N PHE B 107 -24.91 36.62 -38.34
CA PHE B 107 -25.79 37.15 -39.39
C PHE B 107 -24.97 37.47 -40.63
N THR B 108 -23.98 38.35 -40.45
CA THR B 108 -23.18 38.88 -41.55
C THR B 108 -22.02 37.94 -41.91
N LEU B 109 -21.61 37.12 -40.95
CA LEU B 109 -20.43 36.24 -41.07
C LEU B 109 -19.10 37.02 -41.11
N GLU B 110 -19.16 38.31 -40.78
CA GLU B 110 -17.96 39.14 -40.70
C GLU B 110 -17.19 38.85 -39.41
N PRO B 111 -15.86 39.12 -39.39
CA PRO B 111 -15.08 38.93 -38.17
C PRO B 111 -15.57 39.78 -37.01
N TYR B 112 -15.42 39.24 -35.79
CA TYR B 112 -15.83 39.92 -34.56
C TYR B 112 -14.79 40.97 -34.14
N SER B 113 -15.28 42.15 -33.77
CA SER B 113 -14.40 43.26 -33.39
C SER B 113 -13.73 43.03 -32.03
N ARG B 114 -14.26 42.11 -31.24
CA ARG B 114 -13.70 41.83 -29.92
C ARG B 114 -13.09 40.44 -29.82
N ASP B 115 -12.81 39.84 -30.98
CA ASP B 115 -12.03 38.60 -31.07
C ASP B 115 -10.54 38.96 -31.08
N PRO B 116 -9.81 38.56 -30.02
CA PRO B 116 -8.38 38.86 -29.93
C PRO B 116 -7.55 38.38 -31.13
N ARG B 117 -7.88 37.20 -31.66
CA ARG B 117 -7.18 36.62 -32.80
C ARG B 117 -7.40 37.45 -34.08
N ASN B 118 -8.55 38.10 -34.17
CA ASN B 118 -8.86 39.02 -35.26
C ASN B 118 -8.08 40.35 -35.16
N ILE B 119 -7.85 40.85 -33.94
CA ILE B 119 -7.05 42.07 -33.75
C ILE B 119 -5.62 41.87 -34.22
N ALA B 120 -5.06 40.70 -33.89
CA ALA B 120 -3.72 40.30 -34.34
C ALA B 120 -3.66 40.18 -35.87
N ARG B 121 -4.72 39.62 -36.44
CA ARG B 121 -4.91 39.51 -37.90
C ARG B 121 -4.89 40.91 -38.55
N LYS B 122 -5.71 41.82 -38.01
CA LYS B 122 -5.81 43.19 -38.52
C LYS B 122 -4.51 43.98 -38.39
N ALA B 123 -3.76 43.72 -37.33
CA ALA B 123 -2.48 44.40 -37.10
C ALA B 123 -1.43 44.08 -38.18
N GLU B 124 -1.29 42.79 -38.51
CA GLU B 124 -0.36 42.33 -39.54
C GLU B 124 -0.68 42.90 -40.92
N ASN B 125 -1.98 42.99 -41.22
CA ASN B 125 -2.45 43.55 -42.49
C ASN B 125 -2.25 45.06 -42.55
N TYR B 126 -2.44 45.73 -41.42
CA TYR B 126 -2.17 47.17 -41.33
C TYR B 126 -0.69 47.49 -41.52
N LEU B 127 0.19 46.66 -40.93
CA LEU B 127 1.63 46.82 -41.10
C LEU B 127 2.01 46.86 -42.60
N ILE B 128 1.45 45.94 -43.37
CA ILE B 128 1.72 45.85 -44.80
C ILE B 128 1.26 47.14 -45.50
N SER B 129 0.06 47.61 -45.14
CA SER B 129 -0.55 48.78 -45.76
C SER B 129 0.22 50.10 -45.52
N THR B 130 1.13 50.11 -44.56
CA THR B 130 1.94 51.30 -44.27
C THR B 130 3.13 51.41 -45.23
N GLY B 131 3.60 50.26 -45.71
CA GLY B 131 4.77 50.19 -46.56
C GLY B 131 6.07 50.27 -45.77
N ILE B 132 5.94 50.27 -44.44
CA ILE B 132 7.09 50.31 -43.54
C ILE B 132 7.83 48.97 -43.55
N ALA B 133 7.07 47.88 -43.52
CA ALA B 133 7.60 46.52 -43.47
C ALA B 133 6.48 45.57 -43.88
N ASP B 134 6.79 44.29 -44.10
CA ASP B 134 5.75 43.29 -44.36
C ASP B 134 5.55 42.26 -43.22
N THR B 135 6.53 42.18 -42.31
CA THR B 135 6.49 41.21 -41.21
C THR B 135 6.97 41.80 -39.87
N ALA B 136 6.15 41.59 -38.83
CA ALA B 136 6.53 41.91 -37.45
C ALA B 136 6.85 40.63 -36.68
N TYR B 137 8.13 40.48 -36.28
CA TYR B 137 8.58 39.30 -35.57
C TYR B 137 8.67 39.53 -34.06
N PHE B 138 8.09 38.58 -33.31
CA PHE B 138 8.02 38.64 -31.84
C PHE B 138 8.66 37.41 -31.20
N GLY B 139 9.63 37.64 -30.33
CA GLY B 139 10.22 36.58 -29.50
C GLY B 139 9.93 36.86 -28.04
N ALA B 140 9.16 35.97 -27.42
CA ALA B 140 8.63 36.23 -26.07
C ALA B 140 9.13 35.24 -25.03
N GLU B 141 9.57 35.78 -23.89
CA GLU B 141 10.08 35.00 -22.78
C GLU B 141 9.08 34.99 -21.64
N ALA B 142 8.22 33.98 -21.60
CA ALA B 142 7.21 33.88 -20.56
C ALA B 142 7.73 33.06 -19.40
N GLU B 143 8.21 33.74 -18.36
CA GLU B 143 8.66 33.10 -17.13
C GLU B 143 7.47 32.61 -16.30
N PHE B 144 7.69 31.60 -15.46
CA PHE B 144 6.64 31.05 -14.61
C PHE B 144 7.22 30.37 -13.37
N TYR B 145 6.35 30.06 -12.41
CA TYR B 145 6.72 29.38 -11.18
C TYR B 145 6.08 28.00 -11.11
N ILE B 146 6.87 26.99 -10.76
CA ILE B 146 6.39 25.61 -10.57
C ILE B 146 6.20 25.36 -9.06
N PHE B 147 4.97 25.56 -8.58
CA PHE B 147 4.62 25.40 -7.17
C PHE B 147 4.10 23.99 -6.86
N ASP B 148 3.97 23.67 -5.57
CA ASP B 148 3.34 22.40 -5.15
C ASP B 148 1.89 22.62 -4.72
N SER B 149 1.59 23.83 -4.23
CA SER B 149 0.27 24.14 -3.70
C SER B 149 -0.05 25.63 -3.70
N VAL B 150 -1.35 25.91 -3.68
CA VAL B 150 -1.88 27.26 -3.48
C VAL B 150 -3.26 27.19 -2.82
N SER B 151 -3.54 28.13 -1.93
CA SER B 151 -4.88 28.32 -1.36
C SER B 151 -5.05 29.80 -1.01
N PHE B 152 -6.30 30.24 -0.96
CA PHE B 152 -6.62 31.64 -0.68
C PHE B 152 -8.12 31.79 -0.40
N ASP B 153 -8.49 32.84 0.33
CA ASP B 153 -9.90 33.24 0.44
C ASP B 153 -10.08 34.72 0.83
N SER B 154 -11.33 35.16 0.89
CA SER B 154 -11.69 36.54 1.18
C SER B 154 -13.04 36.47 1.88
N ARG B 155 -13.07 36.85 3.15
CA ARG B 155 -14.29 36.80 3.98
C ARG B 155 -14.53 38.16 4.63
N ALA B 156 -15.65 38.30 5.34
CA ALA B 156 -15.96 39.54 6.07
C ALA B 156 -14.90 39.90 7.11
N ASN B 157 -14.43 38.90 7.86
CA ASN B 157 -13.51 39.09 8.99
C ASN B 157 -12.08 38.61 8.75
N GLY B 158 -11.77 38.22 7.51
CA GLY B 158 -10.47 37.62 7.22
C GLY B 158 -10.17 37.37 5.76
N SER B 159 -8.89 37.31 5.43
CA SER B 159 -8.42 36.97 4.09
C SER B 159 -7.00 36.43 4.18
N PHE B 160 -6.66 35.49 3.28
CA PHE B 160 -5.32 34.93 3.25
C PHE B 160 -4.96 34.46 1.85
N TYR B 161 -3.66 34.30 1.60
CA TYR B 161 -3.15 33.46 0.53
C TYR B 161 -1.87 32.76 1.02
N GLU B 162 -1.57 31.61 0.43
CA GLU B 162 -0.28 30.95 0.62
C GLU B 162 0.04 30.14 -0.63
N VAL B 163 1.23 30.36 -1.18
CA VAL B 163 1.82 29.47 -2.16
C VAL B 163 2.90 28.62 -1.46
N ASP B 164 3.13 27.40 -1.94
CA ASP B 164 4.19 26.56 -1.38
C ASP B 164 4.93 25.77 -2.46
N ALA B 165 6.18 25.42 -2.16
CA ALA B 165 7.06 24.70 -3.07
C ALA B 165 8.17 24.10 -2.22
N ILE B 166 8.54 22.85 -2.53
CA ILE B 166 9.61 22.16 -1.77
C ILE B 166 10.95 22.91 -1.76
N SER B 167 11.27 23.59 -2.86
CA SER B 167 12.55 24.28 -3.04
C SER B 167 12.54 25.72 -2.49
N GLY B 168 11.40 26.16 -1.98
CA GLY B 168 11.30 27.49 -1.37
C GLY B 168 12.17 27.65 -0.13
N TRP B 169 12.88 28.79 -0.06
CA TRP B 169 13.79 29.06 1.05
C TRP B 169 13.06 29.19 2.40
N TRP B 170 11.78 29.49 2.37
CA TRP B 170 10.97 29.54 3.60
C TRP B 170 10.86 28.18 4.29
N ASN B 171 11.28 27.12 3.60
CA ASN B 171 11.16 25.75 4.11
C ASN B 171 12.44 25.13 4.66
N THR B 172 13.52 25.90 4.78
CA THR B 172 14.80 25.33 5.22
C THR B 172 14.73 24.75 6.62
N GLY B 173 13.86 25.31 7.45
CA GLY B 173 13.69 24.86 8.83
C GLY B 173 12.63 23.80 9.05
N ALA B 174 12.03 23.31 7.97
CA ALA B 174 10.97 22.29 8.07
C ALA B 174 11.49 20.95 8.60
N ALA B 175 10.77 20.39 9.57
CA ALA B 175 11.10 19.10 10.16
C ALA B 175 10.95 17.95 9.16
N THR B 176 9.90 18.03 8.34
CA THR B 176 9.68 17.06 7.26
C THR B 176 9.08 17.80 6.07
N GLU B 177 9.04 17.12 4.93
CA GLU B 177 8.31 17.60 3.76
C GLU B 177 6.81 17.32 3.92
N ALA B 178 6.00 17.92 3.05
CA ALA B 178 4.53 17.81 3.09
C ALA B 178 3.97 16.38 3.18
N ASP B 179 4.62 15.44 2.50
CA ASP B 179 4.22 14.04 2.52
C ASP B 179 4.75 13.27 3.74
N GLY B 180 5.56 13.93 4.55
CA GLY B 180 6.13 13.32 5.75
C GLY B 180 7.56 12.81 5.59
N SER B 181 8.11 12.89 4.37
CA SER B 181 9.50 12.48 4.12
C SER B 181 10.49 13.52 4.69
N PRO B 182 11.76 13.12 4.92
CA PRO B 182 12.73 14.04 5.55
C PRO B 182 13.09 15.26 4.72
N ASN B 183 13.43 16.35 5.40
CA ASN B 183 14.01 17.54 4.78
C ASN B 183 15.45 17.21 4.36
N ARG B 184 15.72 17.26 3.05
CA ARG B 184 17.05 16.91 2.52
C ARG B 184 17.88 18.14 2.09
N GLY B 185 17.35 19.33 2.33
CA GLY B 185 18.08 20.56 2.04
C GLY B 185 18.12 20.84 0.56
N TYR B 186 19.18 21.53 0.13
CA TYR B 186 19.36 21.95 -1.27
C TYR B 186 18.20 22.80 -1.80
N LYS B 187 17.59 23.55 -0.90
CA LYS B 187 16.52 24.48 -1.26
C LYS B 187 17.14 25.73 -1.87
N VAL B 188 16.34 26.48 -2.62
CA VAL B 188 16.88 27.60 -3.39
C VAL B 188 16.79 28.89 -2.58
N ARG B 189 17.94 29.54 -2.39
CA ARG B 189 18.02 30.87 -1.77
C ARG B 189 17.20 31.89 -2.58
N HIS B 190 16.62 32.87 -1.89
CA HIS B 190 15.94 33.96 -2.58
C HIS B 190 16.91 34.68 -3.52
N LYS B 191 16.44 34.97 -4.74
CA LYS B 191 17.25 35.54 -5.83
C LYS B 191 18.44 34.65 -6.25
N GLY B 192 18.39 33.37 -5.90
CA GLY B 192 19.54 32.47 -6.14
C GLY B 192 19.33 31.24 -7.01
N GLY B 193 18.25 31.21 -7.78
CA GLY B 193 17.89 30.04 -8.61
C GLY B 193 18.43 30.04 -10.04
N TYR B 194 19.08 31.14 -10.44
CA TYR B 194 19.63 31.26 -11.80
C TYR B 194 21.15 31.12 -11.73
N PHE B 195 21.71 29.95 -12.06
CA PHE B 195 21.00 28.67 -12.20
C PHE B 195 21.91 27.49 -11.84
N PRO B 196 22.05 27.19 -10.53
CA PRO B 196 22.94 26.10 -10.08
C PRO B 196 22.49 24.71 -10.53
N VAL B 197 23.43 23.78 -10.62
CA VAL B 197 23.13 22.40 -11.01
C VAL B 197 22.33 21.66 -9.94
N ALA B 198 21.74 20.53 -10.32
CA ALA B 198 21.11 19.60 -9.39
C ALA B 198 22.15 19.10 -8.40
N PRO B 199 21.72 18.78 -7.15
CA PRO B 199 20.34 18.74 -6.63
C PRO B 199 19.69 20.07 -6.25
N ASN B 200 20.44 21.17 -6.24
CA ASN B 200 19.87 22.48 -5.91
C ASN B 200 18.73 22.83 -6.88
N ASP B 201 18.98 22.59 -8.18
CA ASP B 201 17.93 22.64 -9.21
C ASP B 201 17.10 21.36 -9.10
N GLN B 202 15.88 21.49 -8.57
CA GLN B 202 15.03 20.35 -8.27
C GLN B 202 14.03 19.99 -9.39
N TYR B 203 14.09 20.72 -10.50
CA TYR B 203 13.06 20.60 -11.54
C TYR B 203 13.58 20.18 -12.93
N VAL B 204 14.79 19.66 -12.99
CA VAL B 204 15.42 19.27 -14.26
C VAL B 204 14.57 18.28 -15.08
N ASP B 205 14.22 17.14 -14.47
CA ASP B 205 13.42 16.12 -15.14
C ASP B 205 12.07 16.65 -15.63
N LEU B 206 11.43 17.49 -14.81
CA LEU B 206 10.11 18.04 -15.19
C LEU B 206 10.23 19.06 -16.33
N ARG B 207 11.21 19.95 -16.28
CA ARG B 207 11.45 20.86 -17.40
C ARG B 207 11.79 20.10 -18.69
N ASP B 208 12.51 18.99 -18.56
CA ASP B 208 12.78 18.09 -19.70
C ASP B 208 11.50 17.55 -20.34
N LYS B 209 10.50 17.26 -19.50
CA LYS B 209 9.20 16.76 -19.96
C LYS B 209 8.43 17.87 -20.68
N MET B 210 8.57 19.08 -20.16
CA MET B 210 7.97 20.27 -20.77
C MET B 210 8.59 20.57 -22.13
N LEU B 211 9.92 20.49 -22.22
CA LEU B 211 10.65 20.69 -23.48
C LEU B 211 10.23 19.67 -24.54
N THR B 212 10.21 18.40 -24.17
CA THR B 212 9.78 17.31 -25.05
C THR B 212 8.37 17.54 -25.59
N ASN B 213 7.43 17.83 -24.70
CA ASN B 213 6.04 18.08 -25.08
C ASN B 213 5.88 19.26 -26.05
N LEU B 214 6.72 20.27 -25.87
CA LEU B 214 6.74 21.42 -26.78
C LEU B 214 7.29 21.02 -28.15
N ILE B 215 8.40 20.27 -28.15
CA ILE B 215 9.03 19.79 -29.38
C ILE B 215 8.02 18.94 -30.18
N ASN B 216 7.32 18.05 -29.49
CA ASN B 216 6.30 17.22 -30.14
C ASN B 216 5.04 17.99 -30.55
N SER B 217 4.93 19.26 -30.14
CA SER B 217 3.85 20.14 -30.60
C SER B 217 4.33 21.14 -31.65
N GLY B 218 5.46 20.84 -32.28
CA GLY B 218 5.98 21.66 -33.38
C GLY B 218 6.74 22.94 -33.01
N PHE B 219 7.11 23.10 -31.74
CA PHE B 219 7.89 24.27 -31.33
C PHE B 219 9.35 24.06 -31.72
N ILE B 220 10.00 25.12 -32.20
CA ILE B 220 11.46 25.10 -32.38
C ILE B 220 12.09 25.68 -31.14
N LEU B 221 12.75 24.81 -30.36
CA LEU B 221 13.24 25.18 -29.04
C LEU B 221 14.65 25.74 -29.05
N GLU B 222 14.90 26.66 -28.13
CA GLU B 222 16.22 27.27 -27.99
C GLU B 222 16.91 26.82 -26.70
N LYS B 223 16.24 27.01 -25.57
CA LYS B 223 16.75 26.57 -24.27
C LYS B 223 15.67 26.54 -23.16
N GLY B 224 16.01 25.87 -22.06
CA GLY B 224 15.15 25.82 -20.87
C GLY B 224 16.01 25.91 -19.62
N HIS B 225 15.54 26.65 -18.61
CA HIS B 225 16.32 26.83 -17.39
C HIS B 225 15.51 27.28 -16.18
N HIS B 226 16.08 27.05 -14.99
CA HIS B 226 15.56 27.58 -13.73
C HIS B 226 15.82 29.08 -13.74
N GLU B 227 14.87 29.87 -13.25
CA GLU B 227 15.07 31.32 -13.15
C GLU B 227 15.41 31.75 -11.72
N VAL B 228 15.66 33.05 -11.56
CA VAL B 228 16.18 33.66 -10.34
C VAL B 228 15.38 33.29 -9.07
N GLY B 229 14.06 33.31 -9.16
CA GLY B 229 13.19 33.11 -8.00
C GLY B 229 13.28 31.76 -7.32
N SER B 230 13.25 31.79 -5.99
CA SER B 230 13.17 30.59 -5.18
C SER B 230 11.80 29.93 -5.34
N GLY B 231 11.72 28.64 -5.05
CA GLY B 231 10.45 27.93 -5.14
C GLY B 231 10.00 27.66 -6.56
N GLY B 232 10.95 27.38 -7.45
CA GLY B 232 10.67 26.77 -8.74
C GLY B 232 10.42 27.65 -9.95
N GLN B 233 11.04 28.84 -9.99
CA GLN B 233 10.90 29.71 -11.16
C GLN B 233 11.60 29.10 -12.38
N ALA B 234 10.98 29.26 -13.54
CA ALA B 234 11.47 28.64 -14.76
C ALA B 234 11.25 29.51 -15.99
N GLU B 235 11.96 29.18 -17.07
CA GLU B 235 11.81 29.84 -18.37
C GLU B 235 12.22 28.88 -19.46
N ILE B 236 11.38 28.79 -20.50
CA ILE B 236 11.66 27.98 -21.68
C ILE B 236 11.54 28.86 -22.93
N ASN B 237 12.62 28.89 -23.71
CA ASN B 237 12.71 29.76 -24.89
C ASN B 237 12.52 29.01 -26.20
N TYR B 238 11.67 29.56 -27.05
CA TYR B 238 11.43 29.00 -28.39
C TYR B 238 11.57 30.08 -29.46
N GLN B 239 11.77 29.65 -30.71
CA GLN B 239 12.04 30.56 -31.81
C GLN B 239 10.92 31.56 -32.06
N PHE B 240 11.31 32.81 -32.33
CA PHE B 240 10.39 33.89 -32.71
C PHE B 240 9.58 33.58 -33.97
N ASN B 241 8.42 34.23 -34.10
CA ASN B 241 7.56 34.07 -35.26
C ASN B 241 6.84 35.38 -35.54
N SER B 242 6.09 35.45 -36.64
CA SER B 242 5.31 36.64 -36.96
C SER B 242 4.15 36.81 -35.98
N LEU B 243 3.69 38.04 -35.81
CA LEU B 243 2.74 38.43 -34.74
C LEU B 243 1.68 37.40 -34.35
N LEU B 244 0.74 37.12 -35.24
CA LEU B 244 -0.37 36.20 -34.95
C LEU B 244 0.12 34.80 -34.55
N HIS B 245 1.03 34.24 -35.35
CA HIS B 245 1.65 32.93 -35.06
C HIS B 245 2.36 32.92 -33.71
N ALA B 246 2.99 34.04 -33.36
CA ALA B 246 3.67 34.19 -32.08
C ALA B 246 2.69 34.18 -30.89
N ALA B 247 1.54 34.84 -31.05
CA ALA B 247 0.51 34.89 -30.02
C ALA B 247 -0.20 33.54 -29.84
N ASP B 248 -0.42 32.84 -30.96
CA ASP B 248 -0.92 31.47 -30.93
C ASP B 248 0.07 30.54 -30.24
N ASP B 249 1.36 30.72 -30.53
CA ASP B 249 2.44 29.99 -29.86
C ASP B 249 2.43 30.21 -28.34
N MET B 250 2.21 31.46 -27.92
CA MET B 250 2.20 31.79 -26.49
C MET B 250 1.11 31.03 -25.74
N GLN B 251 -0.11 31.05 -26.28
CA GLN B 251 -1.26 30.39 -25.66
C GLN B 251 -1.07 28.86 -25.60
N LEU B 252 -0.48 28.30 -26.65
CA LEU B 252 -0.15 26.87 -26.67
C LEU B 252 0.94 26.52 -25.66
N TYR B 253 1.97 27.36 -25.60
CA TYR B 253 3.05 27.24 -24.62
C TYR B 253 2.50 27.19 -23.20
N LYS B 254 1.67 28.17 -22.83
CA LYS B 254 1.06 28.22 -21.49
C LYS B 254 0.23 26.98 -21.18
N TYR B 255 -0.60 26.56 -22.14
CA TYR B 255 -1.38 25.31 -22.00
C TYR B 255 -0.50 24.08 -21.76
N ILE B 256 0.61 23.97 -22.48
CA ILE B 256 1.52 22.82 -22.36
C ILE B 256 2.30 22.84 -21.03
N ILE B 257 2.81 24.01 -20.65
CA ILE B 257 3.51 24.17 -19.38
C ILE B 257 2.59 23.83 -18.18
N LYS B 258 1.37 24.37 -18.19
CA LYS B 258 0.43 24.20 -17.09
C LYS B 258 0.01 22.74 -16.88
N ASN B 259 -0.26 22.02 -17.98
CA ASN B 259 -0.72 20.64 -17.91
C ASN B 259 0.37 19.57 -17.80
N THR B 260 1.59 19.87 -18.25
CA THR B 260 2.74 19.00 -17.96
C THR B 260 3.01 19.02 -16.45
N ALA B 261 2.92 20.21 -15.86
CA ALA B 261 3.03 20.35 -14.41
C ALA B 261 1.92 19.61 -13.68
N TRP B 262 0.68 19.81 -14.11
CA TRP B 262 -0.49 19.21 -13.48
C TRP B 262 -0.47 17.68 -13.53
N GLN B 263 -0.06 17.12 -14.66
CA GLN B 263 0.04 15.66 -14.81
C GLN B 263 1.16 15.07 -13.96
N ASN B 264 2.11 15.92 -13.56
CA ASN B 264 3.23 15.48 -12.73
C ASN B 264 3.18 15.99 -11.28
N GLY B 265 1.97 16.28 -10.79
CA GLY B 265 1.75 16.57 -9.37
C GLY B 265 2.01 18.01 -8.94
N LYS B 266 2.24 18.90 -9.90
CA LYS B 266 2.54 20.31 -9.59
C LYS B 266 1.42 21.26 -10.02
N THR B 267 1.64 22.55 -9.81
CA THR B 267 0.73 23.62 -10.20
C THR B 267 1.55 24.85 -10.57
N VAL B 268 1.30 25.39 -11.76
CA VAL B 268 2.07 26.49 -12.32
C VAL B 268 1.27 27.80 -12.31
N THR B 269 1.96 28.91 -12.06
CA THR B 269 1.35 30.21 -12.25
C THR B 269 2.22 31.13 -13.12
N PHE B 270 1.53 31.87 -14.00
CA PHE B 270 2.15 32.89 -14.82
C PHE B 270 1.90 34.31 -14.28
N MET B 271 1.40 34.43 -13.05
CA MET B 271 1.13 35.75 -12.47
C MET B 271 2.42 36.55 -12.23
N PRO B 272 2.34 37.89 -12.42
CA PRO B 272 3.56 38.70 -12.41
C PRO B 272 4.35 38.67 -11.10
N LYS B 273 3.67 38.64 -9.95
CA LYS B 273 4.35 38.70 -8.66
C LYS B 273 3.70 37.81 -7.59
N PRO B 274 3.96 36.49 -7.63
CA PRO B 274 3.40 35.64 -6.60
C PRO B 274 4.20 35.68 -5.29
N LEU B 275 5.48 36.04 -5.38
CA LEU B 275 6.37 36.09 -4.22
C LEU B 275 6.79 37.51 -3.90
N PHE B 276 6.73 37.85 -2.63
CA PHE B 276 7.19 39.12 -2.13
C PHE B 276 8.66 39.00 -1.73
N GLY B 277 9.51 39.90 -2.24
CA GLY B 277 10.93 39.91 -1.90
C GLY B 277 11.81 39.05 -2.80
N ASP B 278 11.21 38.48 -3.85
CA ASP B 278 11.95 37.72 -4.85
C ASP B 278 11.45 38.11 -6.26
N ASN B 279 12.18 37.66 -7.30
CA ASN B 279 11.89 38.03 -8.68
C ASN B 279 10.47 37.73 -9.13
N GLY B 280 9.90 38.65 -9.90
CA GLY B 280 8.60 38.44 -10.52
C GLY B 280 8.77 37.67 -11.82
N SER B 281 7.66 37.43 -12.51
CA SER B 281 7.68 36.75 -13.81
C SER B 281 7.30 37.73 -14.92
N GLY B 282 8.23 38.00 -15.84
CA GLY B 282 7.98 38.89 -16.95
C GLY B 282 7.66 38.19 -18.25
N MET B 283 7.26 38.97 -19.25
CA MET B 283 7.09 38.47 -20.61
C MET B 283 7.82 39.42 -21.56
N HIS B 284 9.15 39.43 -21.48
CA HIS B 284 9.97 40.24 -22.38
C HIS B 284 9.64 39.87 -23.83
N CYS B 285 9.50 40.90 -24.67
CA CYS B 285 9.22 40.71 -26.08
C CYS B 285 10.34 41.28 -26.95
N HIS B 286 11.16 40.38 -27.49
CA HIS B 286 12.14 40.75 -28.51
C HIS B 286 11.41 41.01 -29.82
N GLN B 287 11.70 42.17 -30.43
CA GLN B 287 10.91 42.66 -31.57
C GLN B 287 11.80 43.15 -32.70
N SER B 288 11.46 42.74 -33.93
CA SER B 288 12.16 43.20 -35.14
C SER B 288 11.20 43.30 -36.35
N LEU B 289 11.46 44.28 -37.21
CA LEU B 289 10.68 44.48 -38.44
C LEU B 289 11.48 44.07 -39.68
N TRP B 290 10.81 43.41 -40.62
CA TRP B 290 11.45 42.86 -41.81
C TRP B 290 10.70 43.23 -43.09
N LYS B 291 11.43 43.32 -44.20
CA LYS B 291 10.86 43.60 -45.52
C LYS B 291 11.52 42.73 -46.60
N ASP B 292 10.69 42.03 -47.38
CA ASP B 292 11.14 41.16 -48.47
C ASP B 292 12.20 40.15 -48.03
N GLY B 293 12.01 39.59 -46.83
CA GLY B 293 12.92 38.59 -46.25
C GLY B 293 14.22 39.16 -45.70
N ALA B 294 14.29 40.48 -45.58
CA ALA B 294 15.51 41.14 -45.10
C ALA B 294 15.20 42.06 -43.90
N PRO B 295 16.10 42.09 -42.90
CA PRO B 295 15.89 42.85 -41.65
C PRO B 295 16.06 44.37 -41.78
N LEU B 296 15.27 45.10 -40.99
CA LEU B 296 15.30 46.57 -41.00
C LEU B 296 15.90 47.23 -39.74
N MET B 297 16.34 46.44 -38.76
CA MET B 297 16.74 46.99 -37.46
C MET B 297 18.21 47.43 -37.36
N TYR B 298 19.04 47.02 -38.30
CA TYR B 298 20.49 47.20 -38.17
C TYR B 298 21.09 48.40 -38.93
N ASP B 299 22.07 49.04 -38.28
CA ASP B 299 22.87 50.13 -38.85
C ASP B 299 24.12 50.22 -38.00
N GLU B 300 25.25 49.83 -38.57
CA GLU B 300 26.53 49.75 -37.86
C GLU B 300 26.97 51.07 -37.22
N THR B 301 26.45 52.19 -37.74
CA THR B 301 26.86 53.52 -37.25
C THR B 301 26.03 54.05 -36.08
N GLY B 302 24.89 53.40 -35.83
CA GLY B 302 23.99 53.82 -34.76
C GLY B 302 24.39 53.28 -33.40
N TYR B 303 23.94 53.96 -32.34
CA TYR B 303 24.09 53.45 -30.97
C TYR B 303 23.47 52.06 -30.88
N ALA B 304 24.21 51.12 -30.29
CA ALA B 304 23.82 49.71 -30.16
C ALA B 304 23.51 49.04 -31.51
N GLY B 305 24.12 49.55 -32.58
CA GLY B 305 23.96 49.00 -33.92
C GLY B 305 22.56 49.14 -34.49
N LEU B 306 21.83 50.15 -34.04
CA LEU B 306 20.42 50.32 -34.39
C LEU B 306 20.19 51.31 -35.52
N SER B 307 19.30 50.94 -36.43
CA SER B 307 18.86 51.84 -37.52
C SER B 307 17.91 52.92 -36.99
N ASP B 308 17.62 53.91 -37.85
CA ASP B 308 16.65 54.97 -37.53
C ASP B 308 15.27 54.38 -37.29
N THR B 309 14.90 53.40 -38.12
CA THR B 309 13.62 52.70 -38.01
C THR B 309 13.46 52.04 -36.64
N ALA B 310 14.51 51.34 -36.20
CA ALA B 310 14.54 50.69 -34.88
C ALA B 310 14.48 51.72 -33.74
N ARG B 311 15.32 52.76 -33.84
CA ARG B 311 15.37 53.81 -32.82
C ARG B 311 14.01 54.51 -32.65
N HIS B 312 13.34 54.75 -33.78
CA HIS B 312 12.00 55.36 -33.77
C HIS B 312 10.91 54.42 -33.24
N TYR B 313 11.07 53.11 -33.48
CA TYR B 313 10.18 52.10 -32.90
C TYR B 313 10.26 52.18 -31.38
N ILE B 314 11.49 52.18 -30.86
CA ILE B 314 11.77 52.37 -29.43
C ILE B 314 11.15 53.67 -28.93
N GLY B 315 11.34 54.75 -29.68
CA GLY B 315 10.72 56.04 -29.38
C GLY B 315 9.23 55.92 -29.16
N GLY B 316 8.56 55.17 -30.04
CA GLY B 316 7.12 54.94 -29.94
C GLY B 316 6.70 54.16 -28.70
N LEU B 317 7.47 53.11 -28.38
CA LEU B 317 7.19 52.28 -27.21
C LEU B 317 7.28 53.07 -25.90
N LEU B 318 8.36 53.84 -25.75
CA LEU B 318 8.59 54.62 -24.54
C LEU B 318 7.62 55.81 -24.40
N HIS B 319 7.21 56.35 -25.54
CA HIS B 319 6.28 57.49 -25.56
C HIS B 319 4.84 57.09 -25.24
N HIS B 320 4.38 55.97 -25.77
CA HIS B 320 3.00 55.55 -25.54
C HIS B 320 2.79 54.70 -24.27
N ALA B 321 3.90 54.36 -23.61
CA ALA B 321 3.89 53.47 -22.44
C ALA B 321 2.87 53.77 -21.33
N PRO B 322 2.64 55.07 -20.99
CA PRO B 322 1.58 55.37 -20.01
C PRO B 322 0.17 54.84 -20.35
N SER B 323 -0.12 54.65 -21.64
CA SER B 323 -1.38 54.02 -22.06
C SER B 323 -1.18 52.59 -22.55
N LEU B 324 -0.03 52.33 -23.17
CA LEU B 324 0.31 51.01 -23.72
C LEU B 324 0.32 49.91 -22.66
N LEU B 325 0.67 50.26 -21.43
CA LEU B 325 0.78 49.27 -20.34
C LEU B 325 -0.57 48.68 -19.92
N ALA B 326 -1.65 49.34 -20.33
CA ALA B 326 -3.00 48.83 -20.12
C ALA B 326 -3.21 47.51 -20.84
N PHE B 327 -2.42 47.27 -21.90
CA PHE B 327 -2.48 46.01 -22.63
C PHE B 327 -1.28 45.09 -22.37
N THR B 328 -0.12 45.66 -22.02
CA THR B 328 1.07 44.82 -21.78
C THR B 328 1.24 44.39 -20.32
N ASN B 329 0.74 45.20 -19.39
CA ASN B 329 0.78 44.94 -17.94
C ASN B 329 -0.64 45.14 -17.36
N PRO B 330 -1.58 44.26 -17.72
CA PRO B 330 -3.00 44.57 -17.59
C PRO B 330 -3.70 44.21 -16.27
N THR B 331 -2.93 43.84 -15.26
CA THR B 331 -3.54 43.38 -13.99
C THR B 331 -3.10 44.23 -12.81
N VAL B 332 -3.81 44.12 -11.69
CA VAL B 332 -3.42 44.83 -10.47
C VAL B 332 -2.08 44.28 -9.98
N ASN B 333 -1.92 42.96 -10.05
CA ASN B 333 -0.67 42.30 -9.67
C ASN B 333 0.56 42.68 -10.51
N SER B 334 0.32 43.05 -11.78
CA SER B 334 1.37 43.54 -12.68
C SER B 334 2.28 44.58 -12.03
N TYR B 335 1.66 45.44 -11.22
CA TYR B 335 2.33 46.62 -10.67
C TYR B 335 3.08 46.35 -9.37
N LYS B 336 2.93 45.13 -8.84
CA LYS B 336 3.78 44.64 -7.75
C LYS B 336 5.14 44.17 -8.28
N ARG B 337 5.20 43.87 -9.57
CA ARG B 337 6.43 43.47 -10.23
C ARG B 337 7.28 44.70 -10.59
N LEU B 338 6.62 45.81 -10.90
CA LEU B 338 7.32 47.02 -11.36
C LEU B 338 7.88 47.85 -10.20
N VAL B 339 8.78 47.22 -9.45
CA VAL B 339 9.44 47.81 -8.29
C VAL B 339 10.95 47.51 -8.40
N PRO B 340 11.80 48.38 -7.82
CA PRO B 340 13.26 48.24 -8.02
C PRO B 340 13.87 46.99 -7.39
N GLY B 341 14.92 46.46 -8.01
CA GLY B 341 15.73 45.40 -7.43
C GLY B 341 15.58 43.99 -8.01
N TYR B 342 14.72 43.85 -9.02
CA TYR B 342 14.32 42.50 -9.50
C TYR B 342 14.36 42.30 -11.02
N GLU B 343 15.21 43.08 -11.70
CA GLU B 343 15.39 42.99 -13.17
C GLU B 343 14.14 43.28 -14.00
N ALA B 344 13.22 44.04 -13.41
CA ALA B 344 12.08 44.57 -14.13
C ALA B 344 12.24 46.11 -14.20
N PRO B 345 11.68 46.76 -15.23
CA PRO B 345 11.86 48.22 -15.34
C PRO B 345 11.11 49.03 -14.27
N ILE B 346 11.63 50.22 -13.97
CA ILE B 346 10.97 51.19 -13.09
C ILE B 346 10.94 52.60 -13.70
N ASN B 347 11.62 52.78 -14.83
CA ASN B 347 11.58 54.04 -15.57
C ASN B 347 11.67 53.81 -17.08
N LEU B 348 11.39 54.85 -17.87
CA LEU B 348 11.21 54.69 -19.31
C LEU B 348 12.45 55.04 -20.13
N VAL B 349 13.46 54.19 -20.08
CA VAL B 349 14.68 54.38 -20.88
C VAL B 349 15.10 53.11 -21.61
N TYR B 350 15.91 53.28 -22.65
CA TYR B 350 16.53 52.16 -23.34
C TYR B 350 18.05 52.18 -23.17
N SER B 351 18.66 50.99 -23.23
CA SER B 351 20.09 50.84 -22.98
C SER B 351 20.55 49.44 -23.40
N GLN B 352 21.72 49.37 -24.07
CA GLN B 352 22.30 48.09 -24.44
C GLN B 352 22.81 47.33 -23.21
N ARG B 353 22.63 46.01 -23.23
CA ARG B 353 23.20 45.13 -22.20
C ARG B 353 22.58 45.34 -20.80
N ASN B 354 21.53 46.16 -20.71
CA ASN B 354 21.03 46.68 -19.44
C ASN B 354 19.72 46.05 -18.98
N ARG B 355 19.82 45.16 -18.00
CA ARG B 355 18.65 44.43 -17.47
C ARG B 355 17.84 45.22 -16.42
N SER B 356 18.24 46.47 -16.19
CA SER B 356 17.46 47.39 -15.33
C SER B 356 16.60 48.35 -16.16
N ALA B 357 16.75 48.28 -17.48
CA ALA B 357 16.05 49.18 -18.41
C ALA B 357 14.68 48.66 -18.88
N CYS B 358 13.87 49.59 -19.36
CA CYS B 358 12.56 49.28 -19.94
C CYS B 358 12.71 48.59 -21.29
N VAL B 359 13.66 49.09 -22.08
CA VAL B 359 14.04 48.46 -23.33
C VAL B 359 15.54 48.14 -23.28
N ARG B 360 15.88 46.87 -23.38
CA ARG B 360 17.27 46.43 -23.50
C ARG B 360 17.60 46.07 -24.94
N ILE B 361 18.82 46.40 -25.36
CA ILE B 361 19.36 45.93 -26.62
C ILE B 361 20.39 44.86 -26.31
N PRO B 362 20.09 43.59 -26.64
CA PRO B 362 21.02 42.50 -26.36
C PRO B 362 22.26 42.57 -27.25
N ILE B 363 23.40 42.13 -26.72
CA ILE B 363 24.66 42.15 -27.47
C ILE B 363 24.70 40.98 -28.47
N THR B 364 24.67 41.31 -29.76
CA THR B 364 24.51 40.28 -30.81
C THR B 364 25.54 40.33 -31.93
N GLY B 365 26.33 41.40 -31.99
CA GLY B 365 27.37 41.52 -33.01
C GLY B 365 26.91 42.15 -34.31
N SER B 366 27.58 41.75 -35.40
CA SER B 366 27.42 42.39 -36.72
C SER B 366 26.32 41.81 -37.61
N ASN B 367 25.80 40.63 -37.24
CA ASN B 367 24.70 40.00 -37.97
C ASN B 367 23.40 40.82 -37.88
N PRO B 368 22.91 41.33 -39.04
CA PRO B 368 21.68 42.14 -39.06
C PRO B 368 20.42 41.34 -38.75
N LYS B 369 20.45 40.04 -39.05
CA LYS B 369 19.32 39.16 -38.76
C LYS B 369 19.11 38.96 -37.25
N ALA B 370 20.13 39.29 -36.46
CA ALA B 370 20.12 39.11 -35.01
C ALA B 370 19.82 40.39 -34.23
N LYS B 371 19.78 41.53 -34.92
CA LYS B 371 19.59 42.83 -34.27
C LYS B 371 18.13 43.11 -33.96
N ARG B 372 17.84 43.38 -32.68
CA ARG B 372 16.47 43.66 -32.24
C ARG B 372 16.42 44.35 -30.88
N LEU B 373 15.25 44.88 -30.53
CA LEU B 373 15.01 45.46 -29.21
C LEU B 373 14.29 44.46 -28.30
N GLU B 374 14.58 44.51 -27.00
CA GLU B 374 13.84 43.74 -26.01
C GLU B 374 13.03 44.68 -25.12
N PHE B 375 11.71 44.62 -25.27
CA PHE B 375 10.79 45.38 -24.42
C PHE B 375 10.56 44.55 -23.15
N ARG B 376 11.11 45.02 -22.03
CA ARG B 376 11.14 44.25 -20.78
C ARG B 376 9.94 44.48 -19.86
N SER B 377 9.17 45.52 -20.13
CA SER B 377 7.98 45.84 -19.33
C SER B 377 6.87 44.77 -19.28
N PRO B 378 6.51 44.14 -20.43
CA PRO B 378 5.33 43.26 -20.43
C PRO B 378 5.40 42.05 -19.49
N ASP B 379 4.23 41.59 -19.06
CA ASP B 379 4.08 40.31 -18.35
C ASP B 379 3.00 39.45 -19.03
N SER B 380 2.79 38.23 -18.53
CA SER B 380 1.83 37.32 -19.17
C SER B 380 0.50 37.16 -18.43
N SER B 381 0.09 38.20 -17.72
CA SER B 381 -1.15 38.14 -16.95
C SER B 381 -2.40 38.50 -17.77
N GLY B 382 -2.19 38.85 -19.04
CA GLY B 382 -3.28 39.24 -19.92
C GLY B 382 -3.40 38.45 -21.22
N ASN B 383 -3.38 39.18 -22.32
CA ASN B 383 -3.73 38.66 -23.64
C ASN B 383 -2.62 38.93 -24.66
N PRO B 384 -1.97 37.86 -25.16
CA PRO B 384 -0.84 38.01 -26.09
C PRO B 384 -1.22 38.65 -27.45
N TYR B 385 -2.38 38.29 -27.99
CA TYR B 385 -2.89 38.89 -29.22
C TYR B 385 -3.04 40.41 -29.10
N LEU B 386 -3.58 40.87 -27.96
CA LEU B 386 -3.77 42.30 -27.72
C LEU B 386 -2.46 42.99 -27.32
N ALA B 387 -1.64 42.32 -26.52
CA ALA B 387 -0.33 42.87 -26.14
C ALA B 387 0.58 43.08 -27.35
N PHE B 388 0.75 42.03 -28.17
CA PHE B 388 1.61 42.11 -29.34
C PHE B 388 1.14 43.17 -30.34
N SER B 389 -0.17 43.20 -30.62
CA SER B 389 -0.75 44.19 -31.52
C SER B 389 -0.55 45.62 -31.01
N ALA B 390 -0.76 45.84 -29.72
CA ALA B 390 -0.64 47.16 -29.13
C ALA B 390 0.81 47.68 -29.15
N MET B 391 1.77 46.80 -28.90
CA MET B 391 3.19 47.14 -29.01
C MET B 391 3.57 47.55 -30.44
N LEU B 392 3.08 46.80 -31.41
CA LEU B 392 3.32 47.10 -32.83
C LEU B 392 2.74 48.46 -33.22
N MET B 393 1.49 48.72 -32.82
CA MET B 393 0.84 49.99 -33.12
C MET B 393 1.60 51.19 -32.53
N ALA B 394 2.14 51.01 -31.33
CA ALA B 394 2.94 52.03 -30.66
C ALA B 394 4.27 52.26 -31.37
N GLY B 395 4.95 51.18 -31.76
CA GLY B 395 6.18 51.25 -32.53
C GLY B 395 5.99 51.85 -33.91
N LEU B 396 4.85 51.56 -34.53
CA LEU B 396 4.54 52.08 -35.87
C LEU B 396 4.24 53.57 -35.86
N ASP B 397 3.58 54.04 -34.81
CA ASP B 397 3.37 55.48 -34.59
C ASP B 397 4.70 56.21 -34.41
N GLY B 398 5.62 55.57 -33.70
CA GLY B 398 6.97 56.10 -33.48
C GLY B 398 7.72 56.30 -34.77
N ILE B 399 7.62 55.33 -35.68
CA ILE B 399 8.27 55.40 -36.99
C ILE B 399 7.61 56.46 -37.89
N LYS B 400 6.28 56.45 -37.92
CA LYS B 400 5.49 57.39 -38.73
C LYS B 400 5.76 58.84 -38.35
N ASN B 401 5.82 59.12 -37.05
CA ASN B 401 6.05 60.48 -36.55
C ASN B 401 7.52 60.75 -36.17
N LYS B 402 8.41 59.81 -36.47
CA LYS B 402 9.84 59.92 -36.18
C LYS B 402 10.11 60.34 -34.72
N ILE B 403 9.47 59.62 -33.79
CA ILE B 403 9.61 59.91 -32.36
C ILE B 403 11.00 59.48 -31.89
N GLU B 404 11.76 60.46 -31.43
CA GLU B 404 13.11 60.22 -30.93
C GLU B 404 13.05 59.90 -29.43
N PRO B 405 13.59 58.73 -29.04
CA PRO B 405 13.62 58.38 -27.62
C PRO B 405 14.65 59.24 -26.91
N GLN B 406 14.49 59.44 -25.61
CA GLN B 406 15.51 60.19 -24.87
C GLN B 406 16.82 59.40 -24.83
N ALA B 407 17.93 60.10 -24.66
CA ALA B 407 19.25 59.49 -24.68
C ALA B 407 19.32 58.24 -23.80
N PRO B 408 20.00 57.19 -24.30
CA PRO B 408 20.18 55.97 -23.50
C PRO B 408 20.99 56.22 -22.22
N VAL B 409 20.57 55.59 -21.13
CA VAL B 409 21.28 55.68 -19.86
C VAL B 409 21.93 54.34 -19.57
N ASP B 410 23.25 54.27 -19.71
CA ASP B 410 23.99 53.03 -19.52
C ASP B 410 24.50 52.88 -18.08
N LYS B 411 23.55 52.81 -17.15
CA LYS B 411 23.83 52.78 -15.72
C LYS B 411 22.83 51.84 -15.01
N ASP B 412 23.18 51.41 -13.80
CA ASP B 412 22.25 50.69 -12.93
C ASP B 412 21.15 51.65 -12.52
N LEU B 413 19.97 51.47 -13.11
CA LEU B 413 18.88 52.44 -12.99
C LEU B 413 18.15 52.44 -11.64
N TYR B 414 18.40 51.42 -10.81
CA TYR B 414 17.86 51.37 -9.45
C TYR B 414 18.72 52.20 -8.48
N GLU B 415 19.94 52.52 -8.89
CA GLU B 415 20.95 53.11 -8.01
C GLU B 415 21.32 54.57 -8.33
N LEU B 416 20.55 55.22 -9.21
CA LEU B 416 20.82 56.61 -9.58
C LEU B 416 20.62 57.56 -8.40
N PRO B 417 21.44 58.64 -8.34
CA PRO B 417 21.20 59.69 -7.35
C PRO B 417 19.85 60.39 -7.57
N PRO B 418 19.20 60.87 -6.48
CA PRO B 418 17.87 61.46 -6.52
C PRO B 418 17.61 62.45 -7.67
N GLU B 419 18.54 63.38 -7.90
CA GLU B 419 18.36 64.43 -8.91
C GLU B 419 18.30 63.89 -10.35
N GLU B 420 19.12 62.88 -10.63
CA GLU B 420 19.13 62.22 -11.93
C GLU B 420 17.91 61.31 -12.09
N ALA B 421 17.61 60.54 -11.04
CA ALA B 421 16.48 59.61 -11.03
C ALA B 421 15.14 60.27 -11.30
N ALA B 422 14.96 61.48 -10.75
CA ALA B 422 13.70 62.21 -10.85
C ALA B 422 13.50 62.89 -12.22
N SER B 423 14.58 63.07 -12.96
CA SER B 423 14.52 63.67 -14.30
C SER B 423 14.06 62.66 -15.38
N ILE B 424 14.10 61.37 -15.05
CA ILE B 424 13.67 60.31 -15.96
C ILE B 424 12.21 59.98 -15.69
N PRO B 425 11.37 59.94 -16.74
CA PRO B 425 9.98 59.51 -16.60
C PRO B 425 9.91 58.12 -15.97
N GLN B 426 8.99 57.94 -15.03
CA GLN B 426 8.87 56.66 -14.33
C GLN B 426 7.79 55.81 -14.98
N THR B 427 7.85 54.49 -14.75
CA THR B 427 6.76 53.59 -15.08
C THR B 427 5.53 53.93 -14.22
N PRO B 428 4.31 53.67 -14.72
CA PRO B 428 3.10 53.90 -13.95
C PRO B 428 3.03 53.09 -12.65
N THR B 429 2.42 53.69 -11.63
CA THR B 429 2.36 53.15 -10.28
C THR B 429 1.36 52.00 -10.14
N GLN B 430 0.24 52.10 -10.84
CA GLN B 430 -0.90 51.18 -10.64
C GLN B 430 -1.82 51.08 -11.85
N LEU B 431 -2.64 50.03 -11.88
CA LEU B 431 -3.51 49.75 -13.02
C LEU B 431 -4.51 50.87 -13.36
N SER B 432 -5.15 51.44 -12.34
CA SER B 432 -6.12 52.52 -12.56
C SER B 432 -5.53 53.71 -13.31
N ASP B 433 -4.23 53.93 -13.13
CA ASP B 433 -3.52 55.02 -13.81
C ASP B 433 -3.37 54.79 -15.32
N VAL B 434 -3.00 53.57 -15.73
CA VAL B 434 -2.88 53.26 -17.16
C VAL B 434 -4.24 53.16 -17.87
N ILE B 435 -5.26 52.69 -17.15
CA ILE B 435 -6.61 52.62 -17.71
C ILE B 435 -7.20 54.02 -17.97
N ASP B 436 -7.00 54.94 -17.03
CA ASP B 436 -7.42 56.34 -17.19
C ASP B 436 -6.75 56.97 -18.41
N ARG B 437 -5.46 56.67 -18.55
CA ARG B 437 -4.63 57.19 -19.63
C ARG B 437 -5.00 56.59 -20.99
N LEU B 438 -5.32 55.30 -21.00
CA LEU B 438 -5.82 54.63 -22.21
C LEU B 438 -7.15 55.24 -22.66
N GLU B 439 -8.02 55.53 -21.70
CA GLU B 439 -9.31 56.17 -21.97
C GLU B 439 -9.17 57.55 -22.61
N ALA B 440 -8.16 58.30 -22.17
CA ALA B 440 -7.95 59.68 -22.62
C ALA B 440 -7.19 59.78 -23.95
N ASP B 441 -6.39 58.76 -24.25
CA ASP B 441 -5.47 58.81 -25.40
C ASP B 441 -5.16 57.44 -26.00
N HIS B 442 -5.93 57.06 -27.02
CA HIS B 442 -5.76 55.75 -27.66
C HIS B 442 -5.72 55.79 -29.20
N GLU B 443 -5.55 56.99 -29.75
CA GLU B 443 -5.60 57.23 -31.21
C GLU B 443 -4.65 56.32 -32.02
N TYR B 444 -3.44 56.14 -31.52
CA TYR B 444 -2.43 55.28 -32.17
C TYR B 444 -2.85 53.81 -32.31
N LEU B 445 -3.79 53.37 -31.47
CA LEU B 445 -4.31 52.00 -31.50
C LEU B 445 -5.46 51.83 -32.49
N THR B 446 -6.27 52.88 -32.64
CA THR B 446 -7.41 52.85 -33.57
C THR B 446 -7.05 53.28 -35.00
N GLU B 447 -5.76 53.44 -35.27
CA GLU B 447 -5.27 53.72 -36.62
C GLU B 447 -5.49 52.51 -37.51
N GLY B 448 -6.10 52.73 -38.67
CA GLY B 448 -6.42 51.67 -39.60
C GLY B 448 -7.52 50.74 -39.13
N GLY B 449 -8.14 51.08 -38.00
CA GLY B 449 -9.21 50.27 -37.41
C GLY B 449 -8.75 48.98 -36.75
N VAL B 450 -7.47 48.92 -36.37
CA VAL B 450 -6.88 47.72 -35.74
C VAL B 450 -7.53 47.41 -34.40
N PHE B 451 -7.48 48.37 -33.49
CA PHE B 451 -8.31 48.37 -32.29
C PHE B 451 -9.49 49.29 -32.59
N THR B 452 -10.68 48.92 -32.13
CA THR B 452 -11.85 49.77 -32.29
C THR B 452 -12.30 50.35 -30.95
N ASN B 453 -13.08 51.42 -30.98
CA ASN B 453 -13.60 52.05 -29.77
C ASN B 453 -14.35 51.08 -28.83
N ASP B 454 -15.13 50.15 -29.40
CA ASP B 454 -15.90 49.19 -28.60
C ASP B 454 -15.03 48.23 -27.80
N LEU B 455 -13.92 47.79 -28.38
CA LEU B 455 -12.95 46.93 -27.69
C LEU B 455 -12.25 47.69 -26.56
N ILE B 456 -11.85 48.93 -26.84
CA ILE B 456 -11.18 49.77 -25.85
C ILE B 456 -12.12 50.13 -24.69
N GLU B 457 -13.38 50.44 -24.99
CA GLU B 457 -14.38 50.72 -23.95
C GLU B 457 -14.68 49.49 -23.09
N THR B 458 -14.83 48.34 -23.73
CA THR B 458 -15.08 47.07 -23.03
C THR B 458 -13.92 46.76 -22.07
N TRP B 459 -12.68 46.88 -22.58
CA TRP B 459 -11.46 46.64 -21.81
C TRP B 459 -11.41 47.51 -20.55
N ILE B 460 -11.65 48.80 -20.72
CA ILE B 460 -11.67 49.78 -19.62
C ILE B 460 -12.76 49.43 -18.61
N SER B 461 -13.97 49.19 -19.11
CA SER B 461 -15.11 48.84 -18.27
C SER B 461 -14.87 47.54 -17.51
N PHE B 462 -14.26 46.56 -18.18
CA PHE B 462 -13.94 45.27 -17.54
C PHE B 462 -12.92 45.40 -16.40
N LYS B 463 -11.84 46.14 -16.65
CA LYS B 463 -10.75 46.26 -15.69
C LYS B 463 -11.18 47.05 -14.45
N ARG B 464 -12.02 48.07 -14.65
CA ARG B 464 -12.53 48.86 -13.53
C ARG B 464 -13.50 48.06 -12.65
N GLU B 465 -14.47 47.40 -13.27
CA GLU B 465 -15.56 46.72 -12.55
C GLU B 465 -15.16 45.37 -11.92
N ASN B 466 -14.29 44.63 -12.60
CA ASN B 466 -13.99 43.25 -12.21
C ASN B 466 -12.62 43.01 -11.57
N GLU B 467 -11.77 44.04 -11.55
CA GLU B 467 -10.41 43.91 -11.02
C GLU B 467 -10.01 45.06 -10.08
N ILE B 468 -9.94 46.28 -10.61
CA ILE B 468 -9.57 47.48 -9.84
C ILE B 468 -10.43 47.71 -8.60
N GLU B 469 -11.75 47.73 -8.77
CA GLU B 469 -12.66 48.03 -7.66
C GLU B 469 -12.77 46.90 -6.63
N PRO B 470 -12.88 45.63 -7.08
CA PRO B 470 -12.85 44.51 -6.12
C PRO B 470 -11.64 44.50 -5.17
N VAL B 471 -10.45 44.84 -5.68
CA VAL B 471 -9.24 44.92 -4.85
C VAL B 471 -9.22 46.18 -3.98
N ASN B 472 -9.65 47.32 -4.52
CA ASN B 472 -9.68 48.59 -3.78
C ASN B 472 -10.53 48.57 -2.52
N ILE B 473 -11.62 47.81 -2.53
CA ILE B 473 -12.58 47.83 -1.43
C ILE B 473 -12.24 46.84 -0.32
N ARG B 474 -11.30 45.94 -0.58
CA ARG B 474 -10.92 44.90 0.39
C ARG B 474 -9.67 45.27 1.19
N PRO B 475 -9.78 45.29 2.53
CA PRO B 475 -8.63 45.54 3.41
C PRO B 475 -7.48 44.57 3.16
N HIS B 476 -6.27 45.11 3.04
CA HIS B 476 -5.02 44.38 2.87
C HIS B 476 -4.55 43.85 4.24
N PRO B 477 -4.06 42.60 4.30
CA PRO B 477 -3.56 42.06 5.59
C PRO B 477 -2.53 42.96 6.29
N TYR B 478 -1.69 43.65 5.50
CA TYR B 478 -0.64 44.50 6.07
C TYR B 478 -1.17 45.80 6.69
N GLU B 479 -2.40 46.17 6.34
CA GLU B 479 -3.12 47.24 7.02
C GLU B 479 -3.40 46.89 8.48
N PHE B 480 -3.49 45.59 8.78
CA PHE B 480 -3.69 45.12 10.14
C PHE B 480 -2.40 45.14 10.94
N ALA B 481 -1.28 44.84 10.28
CA ALA B 481 0.04 45.00 10.87
C ALA B 481 0.31 46.47 11.23
N LEU B 482 -0.09 47.38 10.34
CA LEU B 482 0.14 48.81 10.52
C LEU B 482 -0.84 49.52 11.46
N TYR B 483 -2.11 49.11 11.43
CA TYR B 483 -3.18 49.95 11.98
C TYR B 483 -4.09 49.38 13.06
N TYR B 484 -3.99 48.10 13.40
CA TYR B 484 -4.89 47.54 14.44
C TYR B 484 -4.88 48.34 15.75
N ASP B 485 -3.69 48.80 16.16
CA ASP B 485 -3.50 49.46 17.46
C ASP B 485 -3.54 51.02 17.43
N VAL B 486 -4.07 51.59 16.35
CA VAL B 486 -4.11 53.06 16.19
C VAL B 486 -4.92 53.82 17.26
N LYS C 12 -36.03 -2.04 -35.59
CA LYS C 12 -35.64 -3.47 -35.74
C LYS C 12 -36.84 -4.41 -35.55
N THR C 13 -36.61 -5.70 -35.69
CA THR C 13 -37.62 -6.73 -35.53
C THR C 13 -37.24 -7.65 -34.34
N PRO C 14 -38.22 -8.37 -33.75
CA PRO C 14 -37.88 -9.42 -32.77
C PRO C 14 -36.67 -10.27 -33.15
N ASP C 15 -36.66 -10.76 -34.39
CA ASP C 15 -35.57 -11.59 -34.91
C ASP C 15 -34.21 -10.88 -34.99
N ASP C 16 -34.23 -9.56 -35.25
CA ASP C 16 -33.01 -8.75 -35.25
C ASP C 16 -32.36 -8.73 -33.86
N VAL C 17 -33.20 -8.67 -32.83
CA VAL C 17 -32.75 -8.61 -31.44
C VAL C 17 -32.13 -9.94 -31.00
N PHE C 18 -32.77 -11.05 -31.37
CA PHE C 18 -32.24 -12.39 -31.08
C PHE C 18 -30.85 -12.59 -31.68
N LYS C 19 -30.66 -12.11 -32.92
CA LYS C 19 -29.39 -12.19 -33.63
C LYS C 19 -28.31 -11.34 -32.94
N LEU C 20 -28.71 -10.16 -32.46
CA LEU C 20 -27.82 -9.27 -31.71
C LEU C 20 -27.36 -9.93 -30.40
N ALA C 21 -28.29 -10.54 -29.69
CA ALA C 21 -27.98 -11.27 -28.45
C ALA C 21 -27.03 -12.44 -28.69
N LYS C 22 -27.30 -13.19 -29.75
CA LYS C 22 -26.47 -14.33 -30.14
C LYS C 22 -25.06 -13.89 -30.55
N ASP C 23 -24.98 -12.88 -31.43
CA ASP C 23 -23.70 -12.40 -31.96
C ASP C 23 -22.83 -11.67 -30.95
N GLU C 24 -23.44 -10.98 -30.00
CA GLU C 24 -22.70 -10.25 -28.96
C GLU C 24 -22.31 -11.15 -27.79
N LYS C 25 -22.83 -12.37 -27.78
CA LYS C 25 -22.57 -13.36 -26.72
C LYS C 25 -23.05 -12.81 -25.37
N VAL C 26 -24.30 -12.36 -25.39
CA VAL C 26 -25.00 -11.80 -24.23
C VAL C 26 -25.26 -12.89 -23.18
N GLU C 27 -24.98 -12.56 -21.91
CA GLU C 27 -25.28 -13.46 -20.79
C GLU C 27 -26.62 -13.13 -20.15
N TYR C 28 -26.94 -11.84 -20.08
CA TYR C 28 -28.16 -11.38 -19.41
C TYR C 28 -28.90 -10.33 -20.21
N VAL C 29 -30.22 -10.35 -20.09
CA VAL C 29 -31.06 -9.31 -20.68
C VAL C 29 -31.72 -8.50 -19.57
N ASP C 30 -31.51 -7.20 -19.59
CA ASP C 30 -32.08 -6.30 -18.59
C ASP C 30 -33.40 -5.73 -19.15
N VAL C 31 -34.48 -6.04 -18.45
CA VAL C 31 -35.83 -5.64 -18.82
C VAL C 31 -36.16 -4.31 -18.16
N ARG C 32 -36.39 -3.27 -18.96
CA ARG C 32 -36.57 -1.90 -18.43
C ARG C 32 -37.89 -1.27 -18.82
N PHE C 33 -38.48 -0.51 -17.90
CA PHE C 33 -39.67 0.29 -18.14
C PHE C 33 -39.63 1.54 -17.26
N CYS C 34 -40.54 2.49 -17.49
CA CYS C 34 -40.51 3.78 -16.80
C CYS C 34 -41.64 3.95 -15.79
N ASP C 35 -41.32 4.37 -14.56
CA ASP C 35 -42.36 4.70 -13.58
C ASP C 35 -42.97 6.06 -13.91
N LEU C 36 -44.04 6.43 -13.22
CA LEU C 36 -44.72 7.68 -13.56
C LEU C 36 -43.88 8.96 -13.33
N PRO C 37 -43.24 9.13 -12.15
CA PRO C 37 -42.42 10.36 -11.98
C PRO C 37 -41.25 10.52 -12.97
N GLY C 38 -40.68 9.42 -13.43
CA GLY C 38 -39.68 9.48 -14.49
C GLY C 38 -38.38 8.72 -14.31
N ILE C 39 -38.31 7.85 -13.31
CA ILE C 39 -37.14 6.99 -13.06
C ILE C 39 -37.35 5.62 -13.74
N MET C 40 -36.35 5.15 -14.50
CA MET C 40 -36.40 3.82 -15.13
C MET C 40 -36.24 2.71 -14.10
N GLN C 41 -36.95 1.61 -14.35
CA GLN C 41 -37.00 0.45 -13.47
C GLN C 41 -36.45 -0.77 -14.22
N HIS C 42 -35.99 -1.78 -13.50
CA HIS C 42 -35.40 -2.96 -14.16
C HIS C 42 -35.38 -4.24 -13.34
N PHE C 43 -35.40 -5.36 -14.07
CA PHE C 43 -34.99 -6.66 -13.54
C PHE C 43 -34.22 -7.42 -14.62
N THR C 44 -33.46 -8.42 -14.22
CA THR C 44 -32.62 -9.18 -15.14
C THR C 44 -33.14 -10.61 -15.37
N ILE C 45 -33.10 -11.05 -16.61
CA ILE C 45 -33.35 -12.46 -16.95
C ILE C 45 -32.09 -13.06 -17.59
N PRO C 46 -31.89 -14.39 -17.47
CA PRO C 46 -30.76 -15.00 -18.18
C PRO C 46 -30.99 -15.02 -19.69
N ALA C 47 -29.90 -15.05 -20.46
CA ALA C 47 -30.00 -15.13 -21.91
C ALA C 47 -30.86 -16.30 -22.37
N SER C 48 -30.83 -17.39 -21.61
CA SER C 48 -31.55 -18.63 -21.94
C SER C 48 -33.07 -18.48 -21.83
N ALA C 49 -33.52 -17.46 -21.10
CA ALA C 49 -34.94 -17.21 -20.90
C ALA C 49 -35.46 -16.11 -21.84
N PHE C 50 -34.58 -15.59 -22.68
CA PHE C 50 -34.96 -14.56 -23.65
C PHE C 50 -35.37 -15.20 -24.97
N ASP C 51 -36.65 -15.51 -25.11
CA ASP C 51 -37.17 -16.23 -26.29
C ASP C 51 -38.45 -15.61 -26.85
N LYS C 52 -39.10 -16.34 -27.77
CA LYS C 52 -40.34 -15.90 -28.41
C LYS C 52 -41.46 -15.66 -27.40
N SER C 53 -41.48 -16.47 -26.34
CA SER C 53 -42.45 -16.34 -25.25
C SER C 53 -42.47 -14.93 -24.64
N VAL C 54 -41.30 -14.28 -24.60
CA VAL C 54 -41.19 -12.92 -24.06
C VAL C 54 -41.97 -11.92 -24.93
N PHE C 55 -41.89 -12.09 -26.25
CA PHE C 55 -42.63 -11.25 -27.18
C PHE C 55 -44.12 -11.58 -27.23
N ASP C 56 -44.46 -12.86 -27.15
CA ASP C 56 -45.86 -13.32 -27.27
C ASP C 56 -46.66 -13.23 -25.97
N ASP C 57 -46.03 -13.55 -24.85
CA ASP C 57 -46.72 -13.60 -23.56
C ASP C 57 -46.34 -12.46 -22.63
N GLY C 58 -45.14 -11.92 -22.80
CA GLY C 58 -44.64 -10.85 -21.95
C GLY C 58 -44.19 -11.32 -20.58
N LEU C 59 -43.82 -10.39 -19.73
CA LEU C 59 -43.32 -10.70 -18.38
C LEU C 59 -44.09 -9.94 -17.31
N ALA C 60 -44.28 -10.58 -16.16
CA ALA C 60 -45.03 -10.02 -15.04
C ALA C 60 -44.17 -9.25 -14.03
N PHE C 61 -44.80 -8.31 -13.34
CA PHE C 61 -44.16 -7.57 -12.25
C PHE C 61 -45.18 -7.07 -11.23
N ASP C 62 -44.69 -6.45 -10.16
CA ASP C 62 -45.54 -5.93 -9.10
C ASP C 62 -45.82 -4.44 -9.36
N GLY C 63 -46.99 -4.17 -9.94
CA GLY C 63 -47.42 -2.79 -10.21
C GLY C 63 -47.63 -1.93 -8.98
N SER C 64 -47.63 -2.55 -7.79
CA SER C 64 -47.88 -1.85 -6.52
C SER C 64 -46.64 -1.25 -5.88
N SER C 65 -45.47 -1.71 -6.30
CA SER C 65 -44.23 -1.16 -5.77
C SER C 65 -43.70 -0.04 -6.67
N ILE C 66 -44.42 0.22 -7.76
CA ILE C 66 -44.03 1.24 -8.74
C ILE C 66 -44.92 2.48 -8.56
N ARG C 67 -44.28 3.64 -8.42
CA ARG C 67 -44.97 4.90 -8.15
C ARG C 67 -45.84 5.35 -9.31
N GLY C 68 -47.08 5.71 -8.98
CA GLY C 68 -48.04 6.15 -9.97
C GLY C 68 -48.74 5.04 -10.74
N PHE C 69 -48.52 3.79 -10.33
CA PHE C 69 -49.10 2.61 -11.01
C PHE C 69 -50.30 2.05 -10.23
N GLN C 70 -50.19 0.80 -9.79
CA GLN C 70 -51.33 0.04 -9.25
C GLN C 70 -51.47 0.02 -7.73
N SER C 71 -52.69 -0.30 -7.28
CA SER C 71 -52.96 -0.59 -5.88
C SER C 71 -52.59 -2.04 -5.57
N ILE C 72 -52.43 -2.35 -4.29
CA ILE C 72 -51.92 -3.66 -3.84
C ILE C 72 -52.83 -4.85 -4.19
N HIS C 73 -54.14 -4.62 -4.20
CA HIS C 73 -55.12 -5.67 -4.52
C HIS C 73 -55.31 -5.84 -6.03
N GLU C 74 -54.77 -4.92 -6.81
CA GLU C 74 -54.78 -5.02 -8.27
C GLU C 74 -53.33 -4.95 -8.80
N SER C 75 -52.41 -5.64 -8.12
CA SER C 75 -50.97 -5.44 -8.32
C SER C 75 -50.38 -5.94 -9.64
N ASP C 76 -50.64 -7.20 -10.01
CA ASP C 76 -50.07 -7.80 -11.22
C ASP C 76 -50.21 -6.91 -12.44
N MET C 77 -49.10 -6.72 -13.14
CA MET C 77 -49.08 -6.02 -14.43
C MET C 77 -48.17 -6.76 -15.41
N LEU C 78 -48.27 -6.40 -16.68
CA LEU C 78 -47.56 -7.10 -17.76
C LEU C 78 -46.64 -6.18 -18.54
N LEU C 79 -45.54 -6.74 -19.04
CA LEU C 79 -44.57 -6.00 -19.87
C LEU C 79 -44.33 -6.67 -21.23
N LEU C 80 -44.35 -5.87 -22.29
CA LEU C 80 -44.07 -6.34 -23.64
C LEU C 80 -42.92 -5.53 -24.30
N PRO C 81 -41.93 -6.22 -24.91
CA PRO C 81 -40.70 -5.59 -25.42
C PRO C 81 -40.87 -4.65 -26.60
N ASP C 82 -40.02 -3.62 -26.64
CA ASP C 82 -39.90 -2.71 -27.78
C ASP C 82 -38.52 -2.94 -28.43
N PRO C 83 -38.48 -3.76 -29.49
CA PRO C 83 -37.22 -4.17 -30.15
C PRO C 83 -36.33 -3.01 -30.64
N GLU C 84 -36.92 -1.84 -30.87
CA GLU C 84 -36.16 -0.65 -31.31
C GLU C 84 -35.12 -0.16 -30.29
N THR C 85 -35.27 -0.60 -29.04
CA THR C 85 -34.53 0.00 -27.93
C THR C 85 -33.35 -0.85 -27.40
N ALA C 86 -33.14 -2.02 -28.00
CA ALA C 86 -32.06 -2.92 -27.60
C ALA C 86 -30.66 -2.31 -27.81
N ARG C 87 -29.91 -2.23 -26.71
CA ARG C 87 -28.53 -1.75 -26.72
C ARG C 87 -27.70 -2.60 -25.74
N ILE C 88 -26.42 -2.75 -26.03
CA ILE C 88 -25.49 -3.44 -25.14
C ILE C 88 -25.10 -2.50 -23.99
N ASP C 89 -25.16 -3.03 -22.77
CA ASP C 89 -24.78 -2.28 -21.57
C ASP C 89 -23.26 -2.15 -21.47
N PRO C 90 -22.77 -0.91 -21.34
CA PRO C 90 -21.32 -0.69 -21.33
C PRO C 90 -20.63 -0.88 -19.97
N PHE C 91 -21.40 -1.15 -18.92
CA PHE C 91 -20.88 -1.14 -17.55
C PHE C 91 -20.75 -2.51 -16.90
N ARG C 92 -21.69 -3.41 -17.15
CA ARG C 92 -21.73 -4.70 -16.45
C ARG C 92 -20.69 -5.69 -16.98
N ALA C 93 -19.90 -6.26 -16.06
CA ALA C 93 -18.87 -7.25 -16.40
C ALA C 93 -19.45 -8.48 -17.09
N ALA C 94 -20.64 -8.90 -16.67
CA ALA C 94 -21.40 -9.93 -17.37
C ALA C 94 -22.13 -9.25 -18.52
N LYS C 95 -21.82 -9.66 -19.75
CA LYS C 95 -22.37 -9.05 -20.97
C LYS C 95 -23.90 -9.00 -20.93
N THR C 96 -24.44 -7.80 -21.05
CA THR C 96 -25.86 -7.55 -20.85
C THR C 96 -26.48 -6.75 -21.99
N LEU C 97 -27.67 -7.17 -22.41
CA LEU C 97 -28.45 -6.46 -23.40
C LEU C 97 -29.62 -5.78 -22.71
N ASN C 98 -29.69 -4.45 -22.82
CA ASN C 98 -30.79 -3.67 -22.25
C ASN C 98 -31.89 -3.46 -23.28
N ILE C 99 -33.13 -3.64 -22.86
CA ILE C 99 -34.29 -3.43 -23.72
C ILE C 99 -35.41 -2.73 -22.94
N ASN C 100 -35.97 -1.67 -23.50
CA ASN C 100 -37.16 -1.01 -22.94
C ASN C 100 -38.45 -1.76 -23.28
N PHE C 101 -39.40 -1.73 -22.36
CA PHE C 101 -40.68 -2.44 -22.50
C PHE C 101 -41.86 -1.47 -22.36
N PHE C 102 -43.00 -1.86 -22.92
CA PHE C 102 -44.28 -1.19 -22.69
C PHE C 102 -45.09 -1.93 -21.62
N VAL C 103 -45.85 -1.18 -20.82
CA VAL C 103 -46.68 -1.74 -19.76
C VAL C 103 -48.10 -1.99 -20.29
N HIS C 104 -48.60 -3.21 -20.04
CA HIS C 104 -49.91 -3.65 -20.51
C HIS C 104 -50.76 -4.24 -19.39
N ASP C 105 -52.08 -4.15 -19.56
CA ASP C 105 -53.03 -4.78 -18.64
C ASP C 105 -52.88 -6.30 -18.73
N PRO C 106 -52.86 -7.01 -17.59
CA PRO C 106 -52.70 -8.47 -17.64
C PRO C 106 -53.93 -9.26 -18.09
N PHE C 107 -55.10 -8.63 -18.11
CA PHE C 107 -56.32 -9.31 -18.57
C PHE C 107 -56.57 -9.03 -20.06
N THR C 108 -56.74 -7.76 -20.40
CA THR C 108 -57.10 -7.35 -21.75
C THR C 108 -55.91 -7.30 -22.71
N LEU C 109 -54.70 -7.20 -22.13
CA LEU C 109 -53.45 -7.04 -22.90
C LEU C 109 -53.37 -5.67 -23.61
N GLU C 110 -54.25 -4.76 -23.20
CA GLU C 110 -54.28 -3.39 -23.72
C GLU C 110 -53.22 -2.51 -23.05
N PRO C 111 -52.62 -1.59 -23.82
CA PRO C 111 -51.63 -0.65 -23.26
C PRO C 111 -52.16 0.07 -22.01
N TYR C 112 -51.27 0.32 -21.06
CA TYR C 112 -51.59 0.92 -19.77
C TYR C 112 -51.71 2.43 -19.90
N SER C 113 -52.77 2.98 -19.29
CA SER C 113 -53.04 4.42 -19.36
C SER C 113 -52.02 5.26 -18.58
N ARG C 114 -51.24 4.60 -17.72
CA ARG C 114 -50.23 5.32 -16.93
C ARG C 114 -48.79 4.85 -17.20
N ASP C 115 -48.59 4.21 -18.35
CA ASP C 115 -47.26 3.95 -18.91
C ASP C 115 -46.81 5.17 -19.71
N PRO C 116 -45.78 5.89 -19.22
CA PRO C 116 -45.25 7.08 -19.91
C PRO C 116 -44.89 6.83 -21.38
N ARG C 117 -44.32 5.66 -21.68
CA ARG C 117 -43.96 5.28 -23.05
C ARG C 117 -45.19 5.15 -23.96
N ASN C 118 -46.30 4.67 -23.41
CA ASN C 118 -47.59 4.66 -24.09
C ASN C 118 -48.09 6.08 -24.40
N ILE C 119 -47.86 7.03 -23.49
CA ILE C 119 -48.27 8.42 -23.72
C ILE C 119 -47.54 9.02 -24.91
N ALA C 120 -46.22 8.79 -24.98
CA ALA C 120 -45.39 9.24 -26.10
C ALA C 120 -45.84 8.61 -27.42
N ARG C 121 -46.18 7.33 -27.36
CA ARG C 121 -46.79 6.58 -28.47
C ARG C 121 -48.07 7.27 -28.95
N LYS C 122 -48.99 7.50 -28.02
CA LYS C 122 -50.29 8.09 -28.32
C LYS C 122 -50.13 9.50 -28.91
N ALA C 123 -49.18 10.26 -28.40
CA ALA C 123 -48.86 11.60 -28.91
C ALA C 123 -48.44 11.58 -30.38
N GLU C 124 -47.53 10.69 -30.75
CA GLU C 124 -47.03 10.60 -32.12
C GLU C 124 -48.14 10.25 -33.12
N ASN C 125 -49.01 9.31 -32.72
CA ASN C 125 -50.16 8.92 -33.52
C ASN C 125 -51.21 10.03 -33.67
N TYR C 126 -51.46 10.75 -32.58
CA TYR C 126 -52.37 11.91 -32.61
C TYR C 126 -51.92 12.99 -33.61
N LEU C 127 -50.63 13.32 -33.59
CA LEU C 127 -50.06 14.30 -34.51
C LEU C 127 -50.36 13.96 -35.97
N ILE C 128 -50.15 12.68 -36.33
CA ILE C 128 -50.41 12.20 -37.69
C ILE C 128 -51.89 12.38 -38.05
N SER C 129 -52.77 12.05 -37.11
CA SER C 129 -54.22 12.16 -37.28
C SER C 129 -54.76 13.60 -37.49
N THR C 130 -54.01 14.61 -37.03
CA THR C 130 -54.41 16.01 -37.22
C THR C 130 -54.19 16.52 -38.63
N GLY C 131 -53.25 15.90 -39.35
CA GLY C 131 -52.89 16.34 -40.71
C GLY C 131 -51.93 17.54 -40.72
N ILE C 132 -51.63 18.07 -39.54
CA ILE C 132 -50.69 19.19 -39.41
C ILE C 132 -49.28 18.76 -39.82
N ALA C 133 -48.83 17.61 -39.31
CA ALA C 133 -47.52 17.04 -39.63
C ALA C 133 -47.52 15.54 -39.38
N ASP C 134 -46.42 14.87 -39.72
CA ASP C 134 -46.25 13.46 -39.42
C ASP C 134 -45.10 13.15 -38.45
N THR C 135 -44.21 14.13 -38.23
CA THR C 135 -43.07 13.94 -37.33
C THR C 135 -42.77 15.18 -36.48
N ALA C 136 -42.61 14.95 -35.18
CA ALA C 136 -42.18 15.98 -34.24
C ALA C 136 -40.78 15.67 -33.72
N TYR C 137 -39.80 16.49 -34.11
CA TYR C 137 -38.41 16.27 -33.72
C TYR C 137 -38.03 17.04 -32.46
N PHE C 138 -37.35 16.34 -31.54
CA PHE C 138 -36.94 16.93 -30.25
C PHE C 138 -35.42 16.85 -30.06
N GLY C 139 -34.81 18.02 -29.84
CA GLY C 139 -33.39 18.10 -29.50
C GLY C 139 -33.21 18.64 -28.10
N ALA C 140 -32.84 17.77 -27.17
CA ALA C 140 -32.81 18.13 -25.74
C ALA C 140 -31.40 18.29 -25.19
N GLU C 141 -31.22 19.30 -24.34
CA GLU C 141 -29.92 19.58 -23.71
C GLU C 141 -30.03 19.39 -22.20
N ALA C 142 -29.74 18.17 -21.74
CA ALA C 142 -29.79 17.88 -20.31
C ALA C 142 -28.44 18.19 -19.66
N GLU C 143 -28.39 19.34 -18.98
CA GLU C 143 -27.19 19.73 -18.23
C GLU C 143 -27.18 18.99 -16.90
N PHE C 144 -25.98 18.80 -16.35
CA PHE C 144 -25.81 18.08 -15.09
C PHE C 144 -24.57 18.54 -14.34
N TYR C 145 -24.45 18.15 -13.09
CA TYR C 145 -23.27 18.45 -12.29
C TYR C 145 -22.51 17.18 -11.96
N ILE C 146 -21.19 17.23 -12.13
CA ILE C 146 -20.31 16.16 -11.70
C ILE C 146 -19.73 16.47 -10.31
N PHE C 147 -20.44 16.06 -9.26
CA PHE C 147 -19.98 16.24 -7.87
C PHE C 147 -19.09 15.08 -7.38
N ASP C 148 -18.41 15.32 -6.26
CA ASP C 148 -17.55 14.35 -5.58
C ASP C 148 -18.31 13.68 -4.45
N SER C 149 -19.25 14.40 -3.85
CA SER C 149 -20.00 13.91 -2.69
C SER C 149 -21.31 14.66 -2.44
N VAL C 150 -22.22 13.98 -1.75
CA VAL C 150 -23.48 14.56 -1.29
C VAL C 150 -23.93 13.90 0.02
N SER C 151 -24.40 14.71 0.96
CA SER C 151 -25.09 14.18 2.15
C SER C 151 -26.19 15.15 2.62
N PHE C 152 -27.17 14.58 3.32
CA PHE C 152 -28.34 15.30 3.80
C PHE C 152 -29.11 14.46 4.81
N ASP C 153 -29.87 15.12 5.68
CA ASP C 153 -30.87 14.45 6.53
C ASP C 153 -31.99 15.41 6.95
N SER C 154 -32.95 14.86 7.68
CA SER C 154 -34.13 15.59 8.17
C SER C 154 -34.58 14.94 9.48
N ARG C 155 -34.39 15.67 10.59
CA ARG C 155 -34.76 15.19 11.92
C ARG C 155 -35.68 16.20 12.63
N ALA C 156 -36.14 15.81 13.83
CA ALA C 156 -37.00 16.66 14.64
C ALA C 156 -36.38 18.02 14.98
N ASN C 157 -35.08 18.00 15.31
CA ASN C 157 -34.36 19.18 15.82
C ASN C 157 -33.29 19.76 14.87
N GLY C 158 -33.25 19.28 13.62
CA GLY C 158 -32.21 19.69 12.68
C GLY C 158 -32.36 19.10 11.28
N SER C 159 -31.75 19.78 10.31
CA SER C 159 -31.72 19.32 8.92
C SER C 159 -30.57 19.97 8.17
N PHE C 160 -29.97 19.24 7.24
CA PHE C 160 -28.81 19.71 6.48
C PHE C 160 -28.72 19.07 5.10
N TYR C 161 -28.04 19.77 4.20
CA TYR C 161 -27.53 19.17 2.97
C TYR C 161 -26.16 19.78 2.66
N GLU C 162 -25.33 19.02 1.98
CA GLU C 162 -24.07 19.52 1.45
C GLU C 162 -23.66 18.73 0.22
N VAL C 163 -23.39 19.45 -0.87
CA VAL C 163 -22.76 18.89 -2.05
C VAL C 163 -21.32 19.41 -2.11
N ASP C 164 -20.41 18.59 -2.63
CA ASP C 164 -19.00 19.00 -2.74
C ASP C 164 -18.37 18.53 -4.03
N ALA C 165 -17.34 19.28 -4.45
CA ALA C 165 -16.58 19.03 -5.67
C ALA C 165 -15.23 19.73 -5.57
N ILE C 166 -14.19 19.05 -6.04
CA ILE C 166 -12.83 19.59 -6.03
C ILE C 166 -12.74 20.99 -6.66
N SER C 167 -13.45 21.18 -7.78
CA SER C 167 -13.38 22.41 -8.56
C SER C 167 -14.31 23.54 -8.05
N GLY C 168 -15.07 23.27 -7.00
CA GLY C 168 -15.98 24.28 -6.43
C GLY C 168 -15.21 25.45 -5.83
N TRP C 169 -15.66 26.67 -6.13
CA TRP C 169 -14.98 27.87 -5.66
C TRP C 169 -14.96 27.99 -4.13
N TRP C 170 -15.92 27.36 -3.46
CA TRP C 170 -15.96 27.33 -1.99
C TRP C 170 -14.75 26.64 -1.35
N ASN C 171 -13.95 25.96 -2.18
CA ASN C 171 -12.76 25.26 -1.70
C ASN C 171 -11.42 25.97 -1.94
N THR C 172 -11.45 27.17 -2.51
CA THR C 172 -10.17 27.88 -2.79
C THR C 172 -9.27 27.98 -1.56
N GLY C 173 -9.88 28.14 -0.39
CA GLY C 173 -9.15 28.27 0.87
C GLY C 173 -8.83 26.98 1.62
N ALA C 174 -9.14 25.83 1.02
CA ALA C 174 -8.90 24.54 1.67
C ALA C 174 -7.41 24.24 1.76
N ALA C 175 -7.00 23.74 2.92
CA ALA C 175 -5.59 23.44 3.21
C ALA C 175 -5.13 22.20 2.46
N THR C 176 -6.01 21.20 2.38
CA THR C 176 -5.73 19.98 1.62
C THR C 176 -7.00 19.56 0.88
N GLU C 177 -6.86 18.63 -0.07
CA GLU C 177 -8.03 18.01 -0.71
C GLU C 177 -8.61 16.94 0.22
N ALA C 178 -9.72 16.32 -0.22
CA ALA C 178 -10.43 15.30 0.54
C ALA C 178 -9.58 14.11 0.97
N ASP C 179 -8.57 13.78 0.16
CA ASP C 179 -7.68 12.66 0.42
C ASP C 179 -6.37 13.11 1.07
N GLY C 180 -6.33 14.36 1.52
CA GLY C 180 -5.13 14.90 2.19
C GLY C 180 -4.02 15.40 1.28
N SER C 181 -4.22 15.32 -0.03
CA SER C 181 -3.26 15.85 -0.99
C SER C 181 -3.37 17.39 -1.10
N PRO C 182 -2.33 18.07 -1.62
CA PRO C 182 -2.32 19.53 -1.60
C PRO C 182 -3.40 20.18 -2.46
N ASN C 183 -3.86 21.35 -2.03
CA ASN C 183 -4.71 22.23 -2.83
C ASN C 183 -3.81 22.79 -3.94
N ARG C 184 -4.16 22.50 -5.19
CA ARG C 184 -3.37 22.96 -6.33
C ARG C 184 -3.99 24.13 -7.10
N GLY C 185 -5.10 24.67 -6.57
CA GLY C 185 -5.80 25.79 -7.21
C GLY C 185 -6.49 25.39 -8.51
N TYR C 186 -6.59 26.32 -9.44
CA TYR C 186 -7.32 26.13 -10.72
C TYR C 186 -8.78 25.71 -10.53
N LYS C 187 -9.40 26.21 -9.45
CA LYS C 187 -10.82 25.94 -9.19
C LYS C 187 -11.68 26.89 -10.00
N VAL C 188 -12.93 26.50 -10.25
CA VAL C 188 -13.80 27.24 -11.15
C VAL C 188 -14.58 28.32 -10.41
N ARG C 189 -14.49 29.55 -10.90
CA ARG C 189 -15.22 30.68 -10.34
C ARG C 189 -16.72 30.50 -10.53
N HIS C 190 -17.51 31.06 -9.63
CA HIS C 190 -18.96 31.01 -9.78
C HIS C 190 -19.36 31.69 -11.08
N LYS C 191 -20.18 30.98 -11.87
CA LYS C 191 -20.61 31.42 -13.20
C LYS C 191 -19.47 31.55 -14.23
N GLY C 192 -18.32 30.95 -13.91
CA GLY C 192 -17.13 31.06 -14.77
C GLY C 192 -16.62 29.75 -15.36
N GLY C 193 -17.51 28.75 -15.46
CA GLY C 193 -17.12 27.43 -15.97
C GLY C 193 -17.28 27.17 -17.46
N TYR C 194 -17.92 28.11 -18.16
CA TYR C 194 -18.15 28.00 -19.61
C TYR C 194 -17.22 28.95 -20.40
N PHE C 195 -16.13 28.46 -20.99
CA PHE C 195 -15.58 27.12 -20.76
C PHE C 195 -14.05 27.14 -20.94
N PRO C 196 -13.31 27.53 -19.89
CA PRO C 196 -11.85 27.61 -19.97
C PRO C 196 -11.21 26.25 -20.24
N VAL C 197 -10.02 26.24 -20.83
CA VAL C 197 -9.23 25.02 -21.03
C VAL C 197 -8.69 24.48 -19.71
N ALA C 198 -8.25 23.22 -19.75
CA ALA C 198 -7.55 22.62 -18.62
C ALA C 198 -6.26 23.40 -18.33
N PRO C 199 -5.76 23.38 -17.07
CA PRO C 199 -6.27 22.62 -15.93
C PRO C 199 -7.48 23.21 -15.17
N ASN C 200 -8.00 24.37 -15.61
CA ASN C 200 -9.23 24.93 -15.01
C ASN C 200 -10.45 24.02 -15.22
N ASP C 201 -10.56 23.46 -16.43
CA ASP C 201 -11.47 22.38 -16.72
C ASP C 201 -10.85 21.11 -16.16
N GLN C 202 -11.42 20.60 -15.07
CA GLN C 202 -10.86 19.42 -14.38
C GLN C 202 -11.52 18.10 -14.79
N TYR C 203 -12.40 18.14 -15.79
CA TYR C 203 -13.23 16.97 -16.13
C TYR C 203 -13.11 16.52 -17.58
N VAL C 204 -12.07 16.99 -18.27
CA VAL C 204 -11.86 16.68 -19.69
C VAL C 204 -11.89 15.16 -19.99
N ASP C 205 -11.00 14.40 -19.34
CA ASP C 205 -10.89 12.95 -19.57
C ASP C 205 -12.16 12.18 -19.21
N LEU C 206 -12.80 12.55 -18.10
CA LEU C 206 -14.07 11.93 -17.71
C LEU C 206 -15.19 12.21 -18.71
N ARG C 207 -15.25 13.45 -19.21
CA ARG C 207 -16.26 13.79 -20.22
C ARG C 207 -15.99 13.10 -21.56
N ASP C 208 -14.71 12.83 -21.85
CA ASP C 208 -14.33 12.01 -23.02
C ASP C 208 -14.84 10.57 -22.87
N LYS C 209 -14.74 10.03 -21.66
CA LYS C 209 -15.27 8.68 -21.35
C LYS C 209 -16.79 8.62 -21.51
N MET C 210 -17.48 9.69 -21.10
CA MET C 210 -18.92 9.80 -21.31
C MET C 210 -19.26 9.85 -22.81
N LEU C 211 -18.54 10.69 -23.57
CA LEU C 211 -18.70 10.76 -25.03
C LEU C 211 -18.50 9.39 -25.71
N THR C 212 -17.41 8.71 -25.35
CA THR C 212 -17.09 7.38 -25.87
C THR C 212 -18.22 6.37 -25.61
N ASN C 213 -18.74 6.37 -24.37
CA ASN C 213 -19.80 5.45 -23.97
C ASN C 213 -21.12 5.66 -24.73
N LEU C 214 -21.42 6.93 -25.01
CA LEU C 214 -22.62 7.31 -25.76
C LEU C 214 -22.50 6.92 -27.24
N ILE C 215 -21.31 7.11 -27.80
CA ILE C 215 -21.03 6.77 -29.20
C ILE C 215 -21.18 5.27 -29.42
N ASN C 216 -20.66 4.47 -28.48
CA ASN C 216 -20.76 3.02 -28.56
C ASN C 216 -22.17 2.49 -28.24
N SER C 217 -23.05 3.42 -27.86
CA SER C 217 -24.42 3.10 -27.52
C SER C 217 -25.43 3.65 -28.56
N GLY C 218 -24.94 3.95 -29.77
CA GLY C 218 -25.78 4.38 -30.88
C GLY C 218 -26.16 5.84 -30.96
N PHE C 219 -25.68 6.67 -30.04
CA PHE C 219 -25.96 8.10 -30.09
C PHE C 219 -25.16 8.76 -31.20
N ILE C 220 -25.76 9.70 -31.92
CA ILE C 220 -25.02 10.56 -32.85
C ILE C 220 -24.66 11.85 -32.11
N LEU C 221 -23.37 12.03 -31.84
CA LEU C 221 -22.89 13.12 -30.98
C LEU C 221 -22.58 14.39 -31.76
N GLU C 222 -22.70 15.53 -31.06
CA GLU C 222 -22.42 16.82 -31.64
C GLU C 222 -21.30 17.51 -30.88
N LYS C 223 -21.46 17.62 -29.55
CA LYS C 223 -20.42 18.22 -28.70
C LYS C 223 -20.55 17.89 -27.21
N GLY C 224 -19.46 18.14 -26.48
CA GLY C 224 -19.45 18.08 -25.03
C GLY C 224 -18.63 19.25 -24.48
N HIS C 225 -19.07 19.80 -23.37
CA HIS C 225 -18.36 20.93 -22.76
C HIS C 225 -18.69 21.08 -21.29
N HIS C 226 -17.79 21.77 -20.58
CA HIS C 226 -18.05 22.26 -19.24
C HIS C 226 -19.14 23.31 -19.34
N GLU C 227 -20.04 23.33 -18.37
CA GLU C 227 -21.05 24.38 -18.29
C GLU C 227 -20.66 25.50 -17.32
N VAL C 228 -21.53 26.50 -17.22
CA VAL C 228 -21.29 27.74 -16.48
C VAL C 228 -20.98 27.54 -14.97
N GLY C 229 -21.71 26.64 -14.34
CA GLY C 229 -21.66 26.44 -12.89
C GLY C 229 -20.33 25.87 -12.38
N SER C 230 -19.90 26.38 -11.24
CA SER C 230 -18.72 25.90 -10.53
C SER C 230 -18.99 24.52 -9.91
N GLY C 231 -17.93 23.77 -9.64
CA GLY C 231 -18.07 22.44 -9.08
C GLY C 231 -18.57 21.41 -10.07
N GLY C 232 -18.17 21.59 -11.34
CA GLY C 232 -18.31 20.54 -12.36
C GLY C 232 -19.57 20.45 -13.21
N GLN C 233 -20.17 21.57 -13.57
CA GLN C 233 -21.32 21.53 -14.48
C GLN C 233 -20.88 21.11 -15.89
N ALA C 234 -21.73 20.33 -16.56
CA ALA C 234 -21.41 19.80 -17.89
C ALA C 234 -22.63 19.72 -18.81
N GLU C 235 -22.36 19.58 -20.11
CA GLU C 235 -23.40 19.36 -21.10
C GLU C 235 -22.81 18.54 -22.25
N ILE C 236 -23.54 17.50 -22.66
CA ILE C 236 -23.19 16.72 -23.83
C ILE C 236 -24.40 16.64 -24.76
N ASN C 237 -24.19 17.05 -26.01
CA ASN C 237 -25.25 17.19 -27.01
C ASN C 237 -25.21 16.09 -28.07
N TYR C 238 -26.40 15.59 -28.39
CA TYR C 238 -26.57 14.52 -29.36
C TYR C 238 -27.72 14.86 -30.31
N GLN C 239 -27.76 14.17 -31.45
CA GLN C 239 -28.68 14.49 -32.53
C GLN C 239 -30.15 14.32 -32.16
N PHE C 240 -30.96 15.30 -32.53
CA PHE C 240 -32.41 15.26 -32.33
C PHE C 240 -33.04 14.01 -32.97
N ASN C 241 -34.23 13.65 -32.50
CA ASN C 241 -34.99 12.53 -33.05
C ASN C 241 -36.48 12.73 -32.81
N SER C 242 -37.30 11.86 -33.39
CA SER C 242 -38.75 11.90 -33.22
C SER C 242 -39.11 11.59 -31.76
N LEU C 243 -40.29 12.05 -31.34
CA LEU C 243 -40.65 12.14 -29.91
C LEU C 243 -40.34 10.90 -29.04
N LEU C 244 -40.95 9.76 -29.35
CA LEU C 244 -40.68 8.54 -28.57
C LEU C 244 -39.20 8.17 -28.55
N HIS C 245 -38.57 8.12 -29.72
CA HIS C 245 -37.12 7.90 -29.82
C HIS C 245 -36.29 8.87 -28.95
N ALA C 246 -36.64 10.15 -28.97
CA ALA C 246 -35.89 11.18 -28.23
C ALA C 246 -36.01 11.03 -26.72
N ALA C 247 -37.19 10.63 -26.26
CA ALA C 247 -37.44 10.39 -24.85
C ALA C 247 -36.71 9.14 -24.33
N ASP C 248 -36.75 8.06 -25.12
CA ASP C 248 -35.93 6.87 -24.85
C ASP C 248 -34.43 7.24 -24.84
N ASP C 249 -34.00 8.09 -25.78
CA ASP C 249 -32.61 8.57 -25.81
C ASP C 249 -32.22 9.29 -24.51
N MET C 250 -33.14 10.10 -23.99
CA MET C 250 -32.91 10.91 -22.78
C MET C 250 -32.68 10.03 -21.55
N GLN C 251 -33.53 9.01 -21.41
CA GLN C 251 -33.43 8.07 -20.29
C GLN C 251 -32.11 7.30 -20.32
N LEU C 252 -31.70 6.87 -21.50
CA LEU C 252 -30.43 6.16 -21.68
C LEU C 252 -29.23 7.07 -21.42
N TYR C 253 -29.29 8.30 -21.93
CA TYR C 253 -28.27 9.32 -21.70
C TYR C 253 -28.01 9.51 -20.20
N LYS C 254 -29.07 9.73 -19.42
CA LYS C 254 -28.96 9.90 -17.97
C LYS C 254 -28.29 8.69 -17.31
N TYR C 255 -28.71 7.48 -17.71
CA TYR C 255 -28.14 6.24 -17.21
C TYR C 255 -26.64 6.13 -17.51
N ILE C 256 -26.25 6.46 -18.73
CA ILE C 256 -24.84 6.40 -19.15
C ILE C 256 -23.99 7.48 -18.48
N ILE C 257 -24.53 8.69 -18.37
CA ILE C 257 -23.83 9.78 -17.69
C ILE C 257 -23.61 9.46 -16.21
N LYS C 258 -24.69 9.10 -15.51
CA LYS C 258 -24.65 8.79 -14.07
C LYS C 258 -23.70 7.66 -13.71
N ASN C 259 -23.69 6.62 -14.55
CA ASN C 259 -22.89 5.42 -14.27
C ASN C 259 -21.46 5.48 -14.74
N THR C 260 -21.18 6.27 -15.78
CA THR C 260 -19.80 6.53 -16.18
C THR C 260 -19.09 7.26 -15.05
N ALA C 261 -19.78 8.26 -14.49
CA ALA C 261 -19.30 9.00 -13.32
C ALA C 261 -19.07 8.07 -12.14
N TRP C 262 -20.06 7.23 -11.83
CA TRP C 262 -19.98 6.31 -10.69
C TRP C 262 -18.76 5.40 -10.77
N GLN C 263 -18.52 4.79 -11.93
CA GLN C 263 -17.38 3.91 -12.14
C GLN C 263 -16.02 4.62 -12.04
N ASN C 264 -16.04 5.94 -12.18
CA ASN C 264 -14.83 6.76 -12.12
C ASN C 264 -14.76 7.66 -10.85
N GLY C 265 -15.43 7.23 -9.79
CA GLY C 265 -15.32 7.85 -8.46
C GLY C 265 -16.09 9.14 -8.22
N LYS C 266 -17.07 9.42 -9.09
CA LYS C 266 -17.86 10.64 -8.97
C LYS C 266 -19.34 10.35 -8.71
N THR C 267 -20.12 11.41 -8.55
CA THR C 267 -21.56 11.31 -8.38
C THR C 267 -22.26 12.46 -9.13
N VAL C 268 -23.21 12.11 -9.98
CA VAL C 268 -23.89 13.11 -10.85
C VAL C 268 -25.32 13.39 -10.40
N THR C 269 -25.72 14.66 -10.46
CA THR C 269 -27.12 15.01 -10.29
C THR C 269 -27.69 15.85 -11.45
N PHE C 270 -28.91 15.52 -11.84
CA PHE C 270 -29.68 16.29 -12.83
C PHE C 270 -30.71 17.25 -12.20
N MET C 271 -30.70 17.38 -10.87
CA MET C 271 -31.64 18.29 -10.20
C MET C 271 -31.45 19.75 -10.69
N PRO C 272 -32.57 20.50 -10.82
CA PRO C 272 -32.57 21.85 -11.42
C PRO C 272 -31.66 22.89 -10.75
N LYS C 273 -31.59 22.89 -9.42
CA LYS C 273 -30.83 23.92 -8.70
C LYS C 273 -30.12 23.37 -7.45
N PRO C 274 -29.01 22.63 -7.64
CA PRO C 274 -28.28 22.10 -6.48
C PRO C 274 -27.39 23.15 -5.79
N LEU C 275 -27.06 24.23 -6.52
CA LEU C 275 -26.21 25.31 -5.99
C LEU C 275 -26.96 26.63 -5.89
N PHE C 276 -26.84 27.28 -4.74
CA PHE C 276 -27.42 28.60 -4.54
C PHE C 276 -26.42 29.67 -5.00
N GLY C 277 -26.84 30.52 -5.94
CA GLY C 277 -25.99 31.60 -6.44
C GLY C 277 -25.13 31.21 -7.64
N ASP C 278 -25.44 30.07 -8.24
CA ASP C 278 -24.81 29.69 -9.49
C ASP C 278 -25.85 29.08 -10.44
N ASN C 279 -25.50 28.91 -11.71
CA ASN C 279 -26.45 28.40 -12.71
C ASN C 279 -27.12 27.10 -12.29
N GLY C 280 -28.43 27.02 -12.54
CA GLY C 280 -29.16 25.78 -12.41
C GLY C 280 -28.91 24.92 -13.63
N SER C 281 -29.52 23.74 -13.66
CA SER C 281 -29.38 22.81 -14.78
C SER C 281 -30.72 22.66 -15.52
N GLY C 282 -30.75 23.09 -16.78
CA GLY C 282 -31.97 23.01 -17.59
C GLY C 282 -32.02 21.82 -18.53
N MET C 283 -33.19 21.63 -19.16
CA MET C 283 -33.37 20.68 -20.25
C MET C 283 -34.05 21.40 -21.40
N HIS C 284 -33.34 22.35 -22.02
CA HIS C 284 -33.89 23.07 -23.17
C HIS C 284 -34.28 22.06 -24.26
N CYS C 285 -35.43 22.29 -24.87
CA CYS C 285 -35.89 21.42 -25.95
C CYS C 285 -36.07 22.19 -27.26
N HIS C 286 -35.17 21.93 -28.20
CA HIS C 286 -35.29 22.43 -29.57
C HIS C 286 -36.33 21.58 -30.30
N GLN C 287 -37.33 22.24 -30.89
CA GLN C 287 -38.48 21.54 -31.50
C GLN C 287 -38.80 21.99 -32.92
N SER C 288 -39.17 21.02 -33.76
CA SER C 288 -39.60 21.30 -35.14
C SER C 288 -40.53 20.21 -35.68
N LEU C 289 -41.49 20.64 -36.51
CA LEU C 289 -42.44 19.73 -37.16
C LEU C 289 -42.09 19.54 -38.63
N TRP C 290 -42.28 18.33 -39.12
CA TRP C 290 -41.93 17.95 -40.49
C TRP C 290 -43.10 17.16 -41.10
N LYS C 291 -43.27 17.30 -42.42
CA LYS C 291 -44.24 16.49 -43.16
C LYS C 291 -43.66 16.05 -44.52
N ASP C 292 -43.88 14.78 -44.87
CA ASP C 292 -43.36 14.20 -46.12
C ASP C 292 -41.84 14.38 -46.27
N GLY C 293 -41.15 14.40 -45.12
CA GLY C 293 -39.69 14.57 -45.08
C GLY C 293 -39.22 15.99 -45.35
N ALA C 294 -40.11 16.96 -45.20
CA ALA C 294 -39.79 18.37 -45.44
C ALA C 294 -40.10 19.26 -44.23
N PRO C 295 -39.24 20.26 -43.94
CA PRO C 295 -39.44 21.13 -42.77
C PRO C 295 -40.62 22.11 -42.90
N LEU C 296 -41.30 22.36 -41.78
CA LEU C 296 -42.49 23.21 -41.74
C LEU C 296 -42.30 24.52 -40.95
N MET C 297 -41.11 24.74 -40.42
CA MET C 297 -40.87 25.86 -39.49
C MET C 297 -40.29 27.11 -40.16
N TYR C 298 -39.91 26.99 -41.42
CA TYR C 298 -39.24 28.09 -42.12
C TYR C 298 -40.14 28.97 -42.99
N ASP C 299 -39.92 30.29 -42.87
CA ASP C 299 -40.55 31.29 -43.72
C ASP C 299 -39.69 32.54 -43.71
N GLU C 300 -39.02 32.80 -44.83
CA GLU C 300 -38.08 33.93 -44.98
C GLU C 300 -38.66 35.29 -44.55
N THR C 301 -39.97 35.46 -44.71
CA THR C 301 -40.62 36.75 -44.48
C THR C 301 -41.12 36.95 -43.04
N GLY C 302 -41.13 35.88 -42.25
CA GLY C 302 -41.55 35.95 -40.84
C GLY C 302 -40.45 36.48 -39.94
N TYR C 303 -40.84 36.98 -38.76
CA TYR C 303 -39.85 37.35 -37.72
C TYR C 303 -39.02 36.12 -37.38
N ALA C 304 -37.70 36.30 -37.37
CA ALA C 304 -36.73 35.22 -37.10
C ALA C 304 -36.83 34.02 -38.05
N GLY C 305 -37.29 34.25 -39.28
CA GLY C 305 -37.43 33.22 -40.30
C GLY C 305 -38.42 32.12 -39.97
N LEU C 306 -39.47 32.46 -39.22
CA LEU C 306 -40.45 31.49 -38.72
C LEU C 306 -41.77 31.52 -39.49
N SER C 307 -42.27 30.34 -39.86
CA SER C 307 -43.58 30.21 -40.50
C SER C 307 -44.73 30.45 -39.53
N ASP C 308 -45.93 30.61 -40.07
CA ASP C 308 -47.15 30.73 -39.28
C ASP C 308 -47.37 29.53 -38.37
N THR C 309 -46.97 28.35 -38.84
CA THR C 309 -47.11 27.11 -38.07
C THR C 309 -46.16 27.10 -36.85
N ALA C 310 -44.89 27.44 -37.10
CA ALA C 310 -43.91 27.63 -36.03
C ALA C 310 -44.37 28.69 -35.02
N ARG C 311 -44.86 29.82 -35.53
CA ARG C 311 -45.29 30.93 -34.66
C ARG C 311 -46.47 30.55 -33.77
N HIS C 312 -47.40 29.75 -34.30
CA HIS C 312 -48.57 29.31 -33.53
C HIS C 312 -48.27 28.19 -32.53
N TYR C 313 -47.27 27.37 -32.84
CA TYR C 313 -46.73 26.39 -31.90
C TYR C 313 -46.17 27.12 -30.67
N ILE C 314 -45.36 28.16 -30.92
CA ILE C 314 -44.84 29.04 -29.88
C ILE C 314 -45.98 29.69 -29.09
N GLY C 315 -47.04 30.10 -29.80
CA GLY C 315 -48.24 30.66 -29.17
C GLY C 315 -48.86 29.71 -28.16
N GLY C 316 -48.96 28.43 -28.55
CA GLY C 316 -49.49 27.38 -27.68
C GLY C 316 -48.67 27.14 -26.42
N LEU C 317 -47.36 27.00 -26.57
CA LEU C 317 -46.44 26.81 -25.44
C LEU C 317 -46.53 27.94 -24.41
N LEU C 318 -46.56 29.18 -24.89
CA LEU C 318 -46.59 30.35 -24.00
C LEU C 318 -47.95 30.58 -23.36
N HIS C 319 -49.01 30.19 -24.07
CA HIS C 319 -50.38 30.30 -23.58
C HIS C 319 -50.67 29.24 -22.51
N HIS C 320 -50.18 28.02 -22.74
CA HIS C 320 -50.47 26.90 -21.84
C HIS C 320 -49.46 26.74 -20.72
N ALA C 321 -48.38 27.53 -20.77
CA ALA C 321 -47.30 27.48 -19.78
C ALA C 321 -47.74 27.41 -18.30
N PRO C 322 -48.74 28.24 -17.89
CA PRO C 322 -49.28 28.11 -16.53
C PRO C 322 -49.64 26.69 -16.06
N SER C 323 -50.07 25.82 -16.97
CA SER C 323 -50.38 24.43 -16.61
C SER C 323 -49.36 23.44 -17.17
N LEU C 324 -48.75 23.80 -18.30
CA LEU C 324 -47.75 22.97 -18.97
C LEU C 324 -46.56 22.67 -18.06
N LEU C 325 -46.14 23.66 -17.26
CA LEU C 325 -44.97 23.50 -16.40
C LEU C 325 -45.14 22.41 -15.34
N ALA C 326 -46.38 22.00 -15.09
CA ALA C 326 -46.65 20.83 -14.23
C ALA C 326 -45.99 19.54 -14.75
N PHE C 327 -45.71 19.51 -16.05
CA PHE C 327 -45.02 18.38 -16.65
C PHE C 327 -43.57 18.69 -17.08
N THR C 328 -43.31 19.95 -17.46
CA THR C 328 -41.97 20.33 -17.90
C THR C 328 -41.06 20.79 -16.75
N ASN C 329 -41.67 21.35 -15.70
CA ASN C 329 -40.96 21.77 -14.49
C ASN C 329 -41.66 21.20 -13.25
N PRO C 330 -41.54 19.87 -13.05
CA PRO C 330 -42.46 19.10 -12.20
C PRO C 330 -42.08 18.93 -10.71
N THR C 331 -41.03 19.61 -10.25
CA THR C 331 -40.59 19.45 -8.86
C THR C 331 -40.59 20.77 -8.08
N VAL C 332 -40.42 20.67 -6.75
CA VAL C 332 -40.29 21.87 -5.91
C VAL C 332 -38.99 22.59 -6.25
N ASN C 333 -37.93 21.81 -6.49
CA ASN C 333 -36.61 22.34 -6.84
C ASN C 333 -36.56 23.08 -8.18
N SER C 334 -37.45 22.70 -9.10
CA SER C 334 -37.61 23.37 -10.40
C SER C 334 -37.75 24.88 -10.28
N TYR C 335 -38.39 25.33 -9.20
CA TYR C 335 -38.75 26.74 -9.04
C TYR C 335 -37.70 27.58 -8.33
N LYS C 336 -36.66 26.91 -7.86
CA LYS C 336 -35.44 27.58 -7.40
C LYS C 336 -34.56 27.97 -8.59
N ARG C 337 -34.77 27.27 -9.72
CA ARG C 337 -34.05 27.56 -10.96
C ARG C 337 -34.66 28.73 -11.73
N LEU C 338 -35.98 28.88 -11.68
CA LEU C 338 -36.69 29.96 -12.38
C LEU C 338 -36.56 31.29 -11.63
N VAL C 339 -35.32 31.75 -11.47
CA VAL C 339 -35.01 33.03 -10.83
C VAL C 339 -34.06 33.82 -11.74
N PRO C 340 -34.07 35.17 -11.65
CA PRO C 340 -33.31 35.98 -12.62
C PRO C 340 -31.79 35.89 -12.48
N GLY C 341 -31.10 36.00 -13.62
CA GLY C 341 -29.64 36.12 -13.66
C GLY C 341 -28.81 34.87 -13.95
N TYR C 342 -29.46 33.79 -14.39
CA TYR C 342 -28.76 32.51 -14.58
C TYR C 342 -29.07 31.80 -15.91
N GLU C 343 -29.43 32.58 -16.94
CA GLU C 343 -29.79 32.07 -18.27
C GLU C 343 -30.99 31.10 -18.30
N ALA C 344 -31.85 31.22 -17.31
CA ALA C 344 -33.14 30.53 -17.26
C ALA C 344 -34.27 31.57 -17.36
N PRO C 345 -35.48 31.16 -17.82
CA PRO C 345 -36.59 32.12 -18.00
C PRO C 345 -37.24 32.61 -16.70
N ILE C 346 -37.69 33.87 -16.72
CA ILE C 346 -38.50 34.43 -15.62
C ILE C 346 -39.87 34.95 -16.08
N ASN C 347 -40.08 34.98 -17.40
CA ASN C 347 -41.34 35.44 -17.98
C ASN C 347 -41.70 34.75 -19.30
N LEU C 348 -42.94 34.93 -19.76
CA LEU C 348 -43.46 34.17 -20.88
C LEU C 348 -43.37 34.92 -22.23
N VAL C 349 -42.16 35.07 -22.75
CA VAL C 349 -41.95 35.69 -24.08
C VAL C 349 -40.96 34.90 -24.94
N TYR C 350 -41.04 35.11 -26.26
CA TYR C 350 -40.05 34.55 -27.18
C TYR C 350 -39.22 35.64 -27.85
N SER C 351 -37.99 35.31 -28.23
CA SER C 351 -37.06 36.25 -28.85
C SER C 351 -35.88 35.50 -29.46
N GLN C 352 -35.45 35.92 -30.64
CA GLN C 352 -34.27 35.32 -31.29
C GLN C 352 -32.97 35.69 -30.55
N ARG C 353 -32.04 34.74 -30.50
CA ARG C 353 -30.69 34.96 -29.98
C ARG C 353 -30.65 35.23 -28.46
N ASN C 354 -31.80 35.14 -27.80
CA ASN C 354 -31.99 35.65 -26.45
C ASN C 354 -32.02 34.58 -25.37
N ARG C 355 -30.91 34.44 -24.65
CA ARG C 355 -30.80 33.40 -23.61
C ARG C 355 -31.46 33.79 -22.26
N SER C 356 -32.08 34.97 -22.21
CA SER C 356 -32.90 35.37 -21.05
C SER C 356 -34.40 35.05 -21.25
N ALA C 357 -34.77 34.64 -22.46
CA ALA C 357 -36.17 34.40 -22.82
C ALA C 357 -36.65 32.97 -22.56
N CYS C 358 -37.97 32.81 -22.54
CA CYS C 358 -38.64 31.51 -22.36
C CYS C 358 -38.48 30.61 -23.58
N VAL C 359 -38.65 31.22 -24.75
CA VAL C 359 -38.46 30.56 -26.03
C VAL C 359 -37.45 31.39 -26.81
N ARG C 360 -36.33 30.77 -27.17
CA ARG C 360 -35.31 31.41 -27.98
C ARG C 360 -35.31 30.82 -29.38
N ILE C 361 -35.13 31.68 -30.38
CA ILE C 361 -34.89 31.22 -31.74
C ILE C 361 -33.39 31.34 -31.98
N PRO C 362 -32.68 30.19 -32.07
CA PRO C 362 -31.25 30.20 -32.40
C PRO C 362 -31.01 30.77 -33.80
N ILE C 363 -29.84 31.37 -34.00
CA ILE C 363 -29.48 31.95 -35.29
C ILE C 363 -28.93 30.87 -36.21
N THR C 364 -29.68 30.52 -37.25
CA THR C 364 -29.29 29.42 -38.13
C THR C 364 -29.29 29.75 -39.64
N GLY C 365 -29.62 30.99 -39.98
CA GLY C 365 -29.60 31.43 -41.37
C GLY C 365 -30.77 30.93 -42.21
N SER C 366 -30.48 30.56 -43.46
CA SER C 366 -31.53 30.35 -44.46
C SER C 366 -31.89 28.87 -44.74
N ASN C 367 -31.12 27.94 -44.16
CA ASN C 367 -31.40 26.51 -44.30
C ASN C 367 -32.67 26.14 -43.52
N PRO C 368 -33.76 25.81 -44.24
CA PRO C 368 -35.05 25.52 -43.61
C PRO C 368 -35.00 24.32 -42.67
N LYS C 369 -34.04 23.42 -42.91
CA LYS C 369 -33.85 22.21 -42.11
C LYS C 369 -33.30 22.50 -40.71
N ALA C 370 -32.65 23.64 -40.54
CA ALA C 370 -32.07 24.02 -39.26
C ALA C 370 -32.96 24.96 -38.45
N LYS C 371 -34.09 25.36 -39.04
CA LYS C 371 -35.00 26.31 -38.39
C LYS C 371 -35.89 25.64 -37.36
N ARG C 372 -35.80 26.12 -36.12
CA ARG C 372 -36.54 25.54 -34.99
C ARG C 372 -36.62 26.52 -33.81
N LEU C 373 -37.49 26.19 -32.86
CA LEU C 373 -37.63 26.95 -31.62
C LEU C 373 -36.94 26.21 -30.47
N GLU C 374 -36.44 26.96 -29.49
CA GLU C 374 -35.88 26.38 -28.26
C GLU C 374 -36.70 26.78 -27.03
N PHE C 375 -37.50 25.83 -26.53
CA PHE C 375 -38.23 26.01 -25.27
C PHE C 375 -37.20 25.82 -24.15
N ARG C 376 -36.89 26.91 -23.45
CA ARG C 376 -35.83 26.95 -22.43
C ARG C 376 -36.30 26.67 -21.00
N SER C 377 -37.60 26.70 -20.79
CA SER C 377 -38.19 26.50 -19.46
C SER C 377 -37.99 25.11 -18.84
N PRO C 378 -38.13 24.01 -19.63
CA PRO C 378 -38.07 22.69 -18.98
C PRO C 378 -36.76 22.36 -18.26
N ASP C 379 -36.83 21.44 -17.31
CA ASP C 379 -35.66 20.85 -16.66
C ASP C 379 -35.78 19.31 -16.68
N SER C 380 -34.74 18.59 -16.26
CA SER C 380 -34.78 17.12 -16.32
C SER C 380 -35.09 16.44 -14.98
N SER C 381 -35.87 17.12 -14.15
CA SER C 381 -36.19 16.61 -12.83
C SER C 381 -37.44 15.73 -12.82
N GLY C 382 -37.98 15.42 -14.00
CA GLY C 382 -39.16 14.55 -14.10
C GLY C 382 -39.13 13.47 -15.17
N ASN C 383 -40.15 13.48 -16.02
CA ASN C 383 -40.40 12.41 -16.98
C ASN C 383 -40.41 12.95 -18.42
N PRO C 384 -39.40 12.58 -19.24
CA PRO C 384 -39.27 13.12 -20.60
C PRO C 384 -40.39 12.67 -21.54
N TYR C 385 -40.93 11.46 -21.35
CA TYR C 385 -42.04 10.96 -22.16
C TYR C 385 -43.26 11.87 -21.97
N LEU C 386 -43.58 12.15 -20.72
CA LEU C 386 -44.69 13.05 -20.38
C LEU C 386 -44.40 14.51 -20.76
N ALA C 387 -43.18 14.96 -20.49
CA ALA C 387 -42.77 16.33 -20.82
C ALA C 387 -42.83 16.64 -22.31
N PHE C 388 -42.17 15.81 -23.12
CA PHE C 388 -42.17 15.99 -24.58
C PHE C 388 -43.58 15.95 -25.14
N SER C 389 -44.39 14.99 -24.66
CA SER C 389 -45.79 14.85 -25.09
C SER C 389 -46.64 16.09 -24.78
N ALA C 390 -46.51 16.60 -23.55
CA ALA C 390 -47.21 17.81 -23.11
C ALA C 390 -46.82 19.05 -23.93
N MET C 391 -45.54 19.20 -24.23
CA MET C 391 -45.05 20.28 -25.10
C MET C 391 -45.71 20.21 -26.49
N LEU C 392 -45.80 18.99 -27.03
CA LEU C 392 -46.42 18.77 -28.34
C LEU C 392 -47.91 19.12 -28.31
N MET C 393 -48.64 18.60 -27.31
CA MET C 393 -50.07 18.91 -27.15
C MET C 393 -50.35 20.41 -26.99
N ALA C 394 -49.42 21.13 -26.35
CA ALA C 394 -49.54 22.59 -26.21
C ALA C 394 -49.36 23.31 -27.54
N GLY C 395 -48.36 22.91 -28.32
CA GLY C 395 -48.08 23.51 -29.62
C GLY C 395 -49.11 23.22 -30.70
N LEU C 396 -49.70 22.02 -30.62
CA LEU C 396 -50.74 21.60 -31.56
C LEU C 396 -52.05 22.33 -31.35
N ASP C 397 -52.39 22.59 -30.08
CA ASP C 397 -53.53 23.46 -29.75
C ASP C 397 -53.29 24.87 -30.28
N GLY C 398 -52.05 25.34 -30.19
CA GLY C 398 -51.66 26.64 -30.71
C GLY C 398 -51.91 26.76 -32.20
N ILE C 399 -51.48 25.74 -32.95
CA ILE C 399 -51.69 25.68 -34.40
C ILE C 399 -53.18 25.58 -34.77
N LYS C 400 -53.90 24.69 -34.08
CA LYS C 400 -55.32 24.44 -34.33
C LYS C 400 -56.21 25.67 -34.07
N ASN C 401 -55.85 26.47 -33.07
CA ASN C 401 -56.59 27.67 -32.71
C ASN C 401 -55.89 28.95 -33.15
N LYS C 402 -54.81 28.77 -33.91
CA LYS C 402 -53.99 29.88 -34.43
C LYS C 402 -53.72 30.93 -33.34
N ILE C 403 -53.19 30.45 -32.21
CA ILE C 403 -52.89 31.29 -31.06
C ILE C 403 -51.66 32.15 -31.36
N GLU C 404 -51.85 33.46 -31.33
CA GLU C 404 -50.78 34.40 -31.61
C GLU C 404 -50.03 34.74 -30.32
N PRO C 405 -48.72 34.46 -30.29
CA PRO C 405 -47.90 34.84 -29.14
C PRO C 405 -47.73 36.35 -29.09
N GLN C 406 -47.55 36.90 -27.90
CA GLN C 406 -47.34 38.34 -27.78
C GLN C 406 -45.99 38.72 -28.42
N ALA C 407 -45.88 39.99 -28.85
CA ALA C 407 -44.72 40.44 -29.60
C ALA C 407 -43.39 40.06 -28.93
N PRO C 408 -42.40 39.66 -29.75
CA PRO C 408 -41.05 39.38 -29.24
C PRO C 408 -40.36 40.58 -28.60
N VAL C 409 -39.70 40.34 -27.47
CA VAL C 409 -38.93 41.39 -26.80
C VAL C 409 -37.43 41.05 -26.88
N ASP C 410 -36.74 41.76 -27.77
CA ASP C 410 -35.32 41.51 -28.03
C ASP C 410 -34.45 42.33 -27.07
N LYS C 411 -34.59 42.04 -25.78
CA LYS C 411 -33.93 42.77 -24.70
C LYS C 411 -33.45 41.81 -23.61
N ASP C 412 -32.55 42.28 -22.75
CA ASP C 412 -32.21 41.56 -21.53
C ASP C 412 -33.43 41.63 -20.61
N LEU C 413 -34.10 40.48 -20.46
CA LEU C 413 -35.37 40.44 -19.74
C LEU C 413 -35.25 40.50 -18.21
N TYR C 414 -34.03 40.30 -17.69
CA TYR C 414 -33.78 40.44 -16.25
C TYR C 414 -33.63 41.91 -15.85
N GLU C 415 -33.35 42.78 -16.82
CA GLU C 415 -32.97 44.17 -16.53
C GLU C 415 -33.98 45.24 -16.95
N LEU C 416 -35.17 44.86 -17.41
CA LEU C 416 -36.13 45.85 -17.91
C LEU C 416 -36.85 46.65 -16.82
N PRO C 417 -37.17 47.93 -17.10
CA PRO C 417 -37.82 48.83 -16.13
C PRO C 417 -39.16 48.29 -15.59
N PRO C 418 -39.51 48.65 -14.35
CA PRO C 418 -40.68 48.10 -13.63
C PRO C 418 -41.99 48.13 -14.40
N GLU C 419 -42.22 49.20 -15.16
CA GLU C 419 -43.42 49.34 -16.00
C GLU C 419 -43.52 48.25 -17.07
N GLU C 420 -42.47 48.15 -17.89
CA GLU C 420 -42.37 47.14 -18.95
C GLU C 420 -42.36 45.72 -18.38
N ALA C 421 -41.71 45.56 -17.22
CA ALA C 421 -41.60 44.26 -16.54
C ALA C 421 -42.94 43.63 -16.20
N ALA C 422 -43.82 44.42 -15.60
CA ALA C 422 -45.12 43.94 -15.11
C ALA C 422 -46.17 43.78 -16.21
N SER C 423 -45.84 44.24 -17.42
CA SER C 423 -46.73 44.08 -18.57
C SER C 423 -46.58 42.71 -19.27
N ILE C 424 -45.58 41.95 -18.83
CA ILE C 424 -45.28 40.61 -19.36
C ILE C 424 -45.71 39.56 -18.32
N PRO C 425 -46.42 38.50 -18.75
CA PRO C 425 -46.79 37.45 -17.81
C PRO C 425 -45.54 36.73 -17.28
N GLN C 426 -45.44 36.63 -15.95
CA GLN C 426 -44.30 35.99 -15.32
C GLN C 426 -44.44 34.47 -15.36
N THR C 427 -43.32 33.77 -15.22
CA THR C 427 -43.34 32.33 -14.98
C THR C 427 -43.89 32.08 -13.57
N PRO C 428 -44.56 30.93 -13.35
CA PRO C 428 -45.09 30.56 -12.03
C PRO C 428 -44.03 30.48 -10.93
N THR C 429 -44.47 30.75 -9.69
CA THR C 429 -43.58 30.92 -8.53
C THR C 429 -43.22 29.59 -7.85
N GLN C 430 -44.17 28.66 -7.82
CA GLN C 430 -44.01 27.41 -7.09
C GLN C 430 -44.83 26.28 -7.71
N LEU C 431 -44.41 25.04 -7.44
CA LEU C 431 -45.09 23.84 -7.95
C LEU C 431 -46.58 23.81 -7.69
N SER C 432 -47.00 24.12 -6.45
CA SER C 432 -48.41 24.03 -6.09
C SER C 432 -49.30 24.93 -6.95
N ASP C 433 -48.73 26.02 -7.46
CA ASP C 433 -49.46 26.91 -8.38
C ASP C 433 -49.74 26.26 -9.74
N VAL C 434 -48.73 25.63 -10.34
CA VAL C 434 -48.93 24.95 -11.63
C VAL C 434 -49.79 23.68 -11.51
N ILE C 435 -49.69 23.00 -10.37
CA ILE C 435 -50.48 21.80 -10.10
C ILE C 435 -51.97 22.14 -9.96
N ASP C 436 -52.26 23.25 -9.29
CA ASP C 436 -53.63 23.77 -9.18
C ASP C 436 -54.18 24.16 -10.55
N ARG C 437 -53.34 24.79 -11.36
CA ARG C 437 -53.71 25.24 -12.69
C ARG C 437 -53.92 24.09 -13.69
N LEU C 438 -53.11 23.04 -13.55
CA LEU C 438 -53.28 21.81 -14.36
C LEU C 438 -54.63 21.16 -14.06
N GLU C 439 -54.98 21.12 -12.77
CA GLU C 439 -56.25 20.58 -12.31
C GLU C 439 -57.45 21.37 -12.82
N ALA C 440 -57.30 22.69 -12.93
CA ALA C 440 -58.37 23.58 -13.38
C ALA C 440 -58.63 23.52 -14.89
N ASP C 441 -57.56 23.42 -15.68
CA ASP C 441 -57.67 23.33 -17.14
C ASP C 441 -56.59 22.44 -17.76
N HIS C 442 -57.02 21.30 -18.28
CA HIS C 442 -56.11 20.35 -18.90
C HIS C 442 -56.72 19.69 -20.14
N GLU C 443 -57.60 20.41 -20.83
CA GLU C 443 -58.34 19.86 -21.97
C GLU C 443 -57.47 19.65 -23.22
N TYR C 444 -56.51 20.55 -23.43
CA TYR C 444 -55.58 20.46 -24.55
C TYR C 444 -54.68 19.21 -24.48
N LEU C 445 -54.58 18.66 -23.27
CA LEU C 445 -53.77 17.49 -23.01
C LEU C 445 -54.55 16.20 -23.28
N THR C 446 -55.84 16.23 -22.97
CA THR C 446 -56.71 15.07 -23.14
C THR C 446 -57.32 14.97 -24.55
N GLU C 447 -56.99 15.92 -25.42
CA GLU C 447 -57.37 15.86 -26.84
C GLU C 447 -56.82 14.59 -27.50
N GLY C 448 -57.71 13.86 -28.17
CA GLY C 448 -57.37 12.58 -28.79
C GLY C 448 -57.05 11.47 -27.80
N GLY C 449 -57.28 11.74 -26.52
CA GLY C 449 -56.99 10.79 -25.45
C GLY C 449 -55.50 10.51 -25.21
N VAL C 450 -54.64 11.44 -25.63
CA VAL C 450 -53.18 11.32 -25.43
C VAL C 450 -52.84 11.28 -23.94
N PHE C 451 -53.30 12.31 -23.21
CA PHE C 451 -53.37 12.22 -21.76
C PHE C 451 -54.80 11.83 -21.41
N THR C 452 -54.97 11.07 -20.34
CA THR C 452 -56.31 10.75 -19.84
C THR C 452 -56.49 11.39 -18.47
N ASN C 453 -57.71 11.36 -17.95
CA ASN C 453 -58.00 11.98 -16.66
C ASN C 453 -57.38 11.27 -15.46
N ASP C 454 -57.39 9.93 -15.48
CA ASP C 454 -56.79 9.13 -14.41
C ASP C 454 -55.28 9.35 -14.26
N LEU C 455 -54.61 9.59 -15.40
CA LEU C 455 -53.20 9.94 -15.38
C LEU C 455 -52.98 11.30 -14.69
N ILE C 456 -53.70 12.31 -15.17
CA ILE C 456 -53.60 13.68 -14.67
C ILE C 456 -53.94 13.74 -13.17
N GLU C 457 -55.03 13.09 -12.79
CA GLU C 457 -55.45 13.03 -11.37
C GLU C 457 -54.40 12.35 -10.48
N THR C 458 -53.77 11.30 -11.02
CA THR C 458 -52.71 10.57 -10.31
C THR C 458 -51.45 11.43 -10.17
N TRP C 459 -51.08 12.13 -11.24
CA TRP C 459 -49.96 13.08 -11.22
C TRP C 459 -50.18 14.14 -10.14
N ILE C 460 -51.37 14.73 -10.13
CA ILE C 460 -51.72 15.81 -9.20
C ILE C 460 -51.68 15.34 -7.75
N SER C 461 -52.27 14.17 -7.51
CA SER C 461 -52.31 13.56 -6.18
C SER C 461 -50.90 13.23 -5.67
N PHE C 462 -50.09 12.59 -6.53
CA PHE C 462 -48.70 12.25 -6.20
C PHE C 462 -47.86 13.46 -5.81
N LYS C 463 -48.01 14.56 -6.57
CA LYS C 463 -47.19 15.74 -6.33
C LYS C 463 -47.53 16.39 -5.00
N ARG C 464 -48.83 16.53 -4.73
CA ARG C 464 -49.30 17.16 -3.50
C ARG C 464 -48.87 16.37 -2.27
N GLU C 465 -49.13 15.07 -2.28
CA GLU C 465 -48.93 14.20 -1.11
C GLU C 465 -47.48 13.79 -0.86
N ASN C 466 -46.69 13.65 -1.93
CA ASN C 466 -45.31 13.15 -1.82
C ASN C 466 -44.21 14.20 -2.00
N GLU C 467 -44.57 15.40 -2.45
CA GLU C 467 -43.57 16.42 -2.72
C GLU C 467 -43.90 17.79 -2.09
N ILE C 468 -45.04 18.35 -2.47
CA ILE C 468 -45.45 19.69 -2.01
C ILE C 468 -45.64 19.74 -0.48
N GLU C 469 -46.45 18.83 0.06
CA GLU C 469 -46.71 18.81 1.50
C GLU C 469 -45.47 18.47 2.34
N PRO C 470 -44.74 17.38 2.01
CA PRO C 470 -43.51 17.08 2.75
C PRO C 470 -42.52 18.27 2.87
N VAL C 471 -42.35 19.07 1.82
CA VAL C 471 -41.49 20.26 1.89
C VAL C 471 -42.13 21.36 2.74
N ASN C 472 -43.43 21.61 2.53
CA ASN C 472 -44.18 22.66 3.24
C ASN C 472 -44.19 22.56 4.77
N ILE C 473 -44.19 21.34 5.31
CA ILE C 473 -44.29 21.15 6.77
C ILE C 473 -42.95 21.23 7.50
N ARG C 474 -41.86 21.17 6.73
CA ARG C 474 -40.51 21.14 7.29
C ARG C 474 -39.88 22.52 7.34
N PRO C 475 -39.52 22.98 8.57
CA PRO C 475 -38.79 24.24 8.72
C PRO C 475 -37.50 24.29 7.88
N HIS C 476 -37.27 25.45 7.26
CA HIS C 476 -36.14 25.70 6.38
C HIS C 476 -35.01 26.32 7.22
N PRO C 477 -33.75 25.88 7.03
CA PRO C 477 -32.58 26.43 7.72
C PRO C 477 -32.52 27.96 7.79
N TYR C 478 -32.87 28.63 6.69
CA TYR C 478 -32.81 30.08 6.64
C TYR C 478 -33.85 30.76 7.53
N GLU C 479 -34.94 30.05 7.84
CA GLU C 479 -35.93 30.52 8.82
C GLU C 479 -35.29 30.70 10.20
N PHE C 480 -34.25 29.89 10.50
CA PHE C 480 -33.54 30.00 11.76
C PHE C 480 -32.61 31.22 11.78
N ALA C 481 -32.02 31.53 10.62
CA ALA C 481 -31.24 32.76 10.45
C ALA C 481 -32.11 34.02 10.58
N LEU C 482 -33.35 33.93 10.11
CA LEU C 482 -34.29 35.04 10.16
C LEU C 482 -35.01 35.18 11.51
N TYR C 483 -35.36 34.06 12.14
CA TYR C 483 -36.36 34.08 13.22
C TYR C 483 -36.00 33.55 14.61
N TYR C 484 -34.84 32.94 14.79
CA TYR C 484 -34.50 32.37 16.10
C TYR C 484 -34.64 33.41 17.23
N ASP C 485 -34.22 34.64 16.95
CA ASP C 485 -34.18 35.70 17.96
C ASP C 485 -35.43 36.61 18.03
N VAL C 486 -36.54 36.17 17.42
CA VAL C 486 -37.78 36.97 17.38
C VAL C 486 -38.30 37.32 18.76
N LYS D 12 -29.24 -38.82 -10.58
CA LYS D 12 -28.49 -39.85 -11.37
C LYS D 12 -28.40 -41.18 -10.60
N THR D 13 -27.41 -42.00 -10.96
CA THR D 13 -27.11 -43.27 -10.26
C THR D 13 -25.74 -43.19 -9.58
N PRO D 14 -25.43 -44.12 -8.65
CA PRO D 14 -24.09 -44.16 -8.04
C PRO D 14 -22.92 -44.06 -9.05
N ASP D 15 -22.96 -44.85 -10.12
CA ASP D 15 -21.88 -44.87 -11.11
C ASP D 15 -21.73 -43.56 -11.89
N ASP D 16 -22.83 -42.83 -12.06
CA ASP D 16 -22.79 -41.50 -12.66
C ASP D 16 -22.03 -40.50 -11.78
N VAL D 17 -22.20 -40.64 -10.46
CA VAL D 17 -21.52 -39.77 -9.48
C VAL D 17 -20.01 -40.05 -9.46
N PHE D 18 -19.65 -41.33 -9.54
CA PHE D 18 -18.24 -41.73 -9.62
C PHE D 18 -17.56 -41.20 -10.88
N LYS D 19 -18.30 -41.20 -12.00
CA LYS D 19 -17.80 -40.66 -13.27
C LYS D 19 -17.64 -39.14 -13.22
N LEU D 20 -18.62 -38.45 -12.64
CA LEU D 20 -18.56 -37.00 -12.44
C LEU D 20 -17.34 -36.60 -11.59
N ALA D 21 -17.14 -37.32 -10.49
CA ALA D 21 -16.00 -37.08 -9.59
C ALA D 21 -14.67 -37.29 -10.31
N LYS D 22 -14.62 -38.31 -11.17
CA LYS D 22 -13.44 -38.64 -11.95
C LYS D 22 -13.18 -37.61 -13.07
N ASP D 23 -14.20 -37.31 -13.87
CA ASP D 23 -14.11 -36.34 -14.95
C ASP D 23 -13.73 -34.93 -14.49
N GLU D 24 -14.24 -34.55 -13.33
CA GLU D 24 -13.94 -33.22 -12.77
C GLU D 24 -12.60 -33.16 -12.03
N LYS D 25 -12.00 -34.32 -11.80
CA LYS D 25 -10.75 -34.44 -10.99
C LYS D 25 -10.93 -33.82 -9.60
N VAL D 26 -12.01 -34.23 -8.96
CA VAL D 26 -12.38 -33.83 -7.61
C VAL D 26 -11.32 -34.26 -6.58
N GLU D 27 -10.93 -33.32 -5.71
CA GLU D 27 -10.03 -33.60 -4.59
C GLU D 27 -10.78 -34.04 -3.33
N TYR D 28 -11.96 -33.46 -3.10
CA TYR D 28 -12.73 -33.72 -1.88
C TYR D 28 -14.20 -33.94 -2.15
N VAL D 29 -14.85 -34.67 -1.26
CA VAL D 29 -16.29 -34.84 -1.30
C VAL D 29 -16.89 -34.31 0.00
N ASP D 30 -17.85 -33.40 -0.12
CA ASP D 30 -18.52 -32.82 1.04
C ASP D 30 -19.83 -33.56 1.32
N VAL D 31 -19.88 -34.20 2.49
CA VAL D 31 -21.02 -34.97 2.94
C VAL D 31 -21.96 -34.03 3.72
N ARG D 32 -23.16 -33.80 3.18
CA ARG D 32 -24.12 -32.87 3.79
C ARG D 32 -25.44 -33.53 4.18
N PHE D 33 -26.03 -33.03 5.26
CA PHE D 33 -27.38 -33.40 5.68
C PHE D 33 -28.06 -32.23 6.40
N CYS D 34 -29.34 -32.36 6.70
CA CYS D 34 -30.09 -31.27 7.33
C CYS D 34 -30.40 -31.53 8.80
N ASP D 35 -30.18 -30.52 9.64
CA ASP D 35 -30.62 -30.62 11.04
C ASP D 35 -32.12 -30.31 11.14
N LEU D 36 -32.71 -30.52 12.30
CA LEU D 36 -34.15 -30.34 12.44
C LEU D 36 -34.61 -28.89 12.20
N PRO D 37 -33.96 -27.89 12.86
CA PRO D 37 -34.36 -26.50 12.64
C PRO D 37 -34.28 -26.03 11.18
N GLY D 38 -33.25 -26.45 10.44
CA GLY D 38 -33.17 -26.16 9.00
C GLY D 38 -31.83 -25.72 8.44
N ILE D 39 -30.77 -25.86 9.22
CA ILE D 39 -29.42 -25.53 8.80
C ILE D 39 -28.71 -26.79 8.27
N MET D 40 -28.11 -26.68 7.08
CA MET D 40 -27.33 -27.77 6.50
C MET D 40 -26.00 -27.98 7.25
N GLN D 41 -25.65 -29.26 7.41
CA GLN D 41 -24.50 -29.73 8.17
C GLN D 41 -23.54 -30.42 7.23
N HIS D 42 -22.25 -30.46 7.56
CA HIS D 42 -21.27 -31.08 6.66
C HIS D 42 -19.97 -31.57 7.30
N PHE D 43 -19.38 -32.58 6.67
CA PHE D 43 -17.97 -32.90 6.84
C PHE D 43 -17.37 -33.31 5.49
N THR D 44 -16.04 -33.42 5.43
CA THR D 44 -15.34 -33.63 4.16
C THR D 44 -14.48 -34.88 4.17
N ILE D 45 -14.57 -35.66 3.09
CA ILE D 45 -13.73 -36.85 2.90
C ILE D 45 -12.85 -36.63 1.65
N PRO D 46 -11.66 -37.26 1.59
CA PRO D 46 -10.91 -37.19 0.34
C PRO D 46 -11.58 -37.99 -0.77
N ALA D 47 -11.29 -37.64 -2.03
CA ALA D 47 -11.81 -38.40 -3.19
C ALA D 47 -11.43 -39.88 -3.11
N SER D 48 -10.26 -40.16 -2.54
CA SER D 48 -9.79 -41.52 -2.32
C SER D 48 -10.74 -42.36 -1.45
N ALA D 49 -11.40 -41.70 -0.49
CA ALA D 49 -12.34 -42.36 0.42
C ALA D 49 -13.78 -42.41 -0.09
N PHE D 50 -14.03 -41.84 -1.27
CA PHE D 50 -15.36 -41.89 -1.87
C PHE D 50 -15.49 -43.08 -2.84
N ASP D 51 -16.07 -44.17 -2.34
CA ASP D 51 -16.17 -45.44 -3.07
C ASP D 51 -17.50 -46.16 -2.84
N LYS D 52 -17.64 -47.37 -3.39
CA LYS D 52 -18.88 -48.17 -3.29
C LYS D 52 -19.33 -48.36 -1.84
N SER D 53 -18.34 -48.46 -0.95
CA SER D 53 -18.57 -48.65 0.49
C SER D 53 -19.43 -47.56 1.12
N VAL D 54 -19.24 -46.32 0.66
CA VAL D 54 -20.03 -45.16 1.14
C VAL D 54 -21.52 -45.39 0.83
N PHE D 55 -21.79 -45.94 -0.35
CA PHE D 55 -23.16 -46.25 -0.78
C PHE D 55 -23.71 -47.49 -0.08
N ASP D 56 -22.84 -48.49 0.17
CA ASP D 56 -23.26 -49.78 0.70
C ASP D 56 -23.55 -49.75 2.19
N ASP D 57 -22.63 -49.19 2.97
CA ASP D 57 -22.77 -49.22 4.42
C ASP D 57 -22.67 -47.86 5.13
N GLY D 58 -22.39 -46.80 4.35
CA GLY D 58 -22.56 -45.43 4.83
C GLY D 58 -21.47 -44.86 5.70
N LEU D 59 -21.73 -43.67 6.23
CA LEU D 59 -20.76 -42.95 7.07
C LEU D 59 -21.41 -42.51 8.39
N ALA D 60 -20.64 -42.59 9.46
CA ALA D 60 -21.13 -42.29 10.81
C ALA D 60 -20.85 -40.84 11.25
N PHE D 61 -21.66 -40.35 12.19
CA PHE D 61 -21.49 -39.02 12.78
C PHE D 61 -22.09 -38.97 14.20
N ASP D 62 -21.90 -37.84 14.88
CA ASP D 62 -22.39 -37.64 16.24
C ASP D 62 -23.78 -37.01 16.22
N GLY D 63 -24.78 -37.86 16.43
CA GLY D 63 -26.18 -37.42 16.42
C GLY D 63 -26.55 -36.50 17.57
N SER D 64 -25.81 -36.59 18.68
CA SER D 64 -26.09 -35.76 19.85
C SER D 64 -25.61 -34.32 19.73
N SER D 65 -24.79 -34.03 18.72
CA SER D 65 -24.30 -32.67 18.47
C SER D 65 -25.18 -31.95 17.46
N ILE D 66 -26.15 -32.68 16.90
CA ILE D 66 -27.06 -32.13 15.90
C ILE D 66 -28.42 -31.84 16.53
N ARG D 67 -28.88 -30.59 16.37
CA ARG D 67 -30.15 -30.14 16.97
C ARG D 67 -31.38 -30.90 16.45
N GLY D 68 -32.18 -31.40 17.39
CA GLY D 68 -33.40 -32.15 17.07
C GLY D 68 -33.18 -33.65 16.89
N PHE D 69 -31.94 -34.10 17.04
CA PHE D 69 -31.59 -35.48 16.77
C PHE D 69 -31.52 -36.32 18.06
N GLN D 70 -30.34 -36.82 18.41
CA GLN D 70 -30.18 -37.85 19.44
C GLN D 70 -29.65 -37.35 20.77
N SER D 71 -29.88 -38.14 21.82
CA SER D 71 -29.26 -37.94 23.13
C SER D 71 -27.82 -38.47 23.09
N ILE D 72 -27.03 -38.09 24.09
CA ILE D 72 -25.61 -38.42 24.11
C ILE D 72 -25.32 -39.92 24.23
N HIS D 73 -26.16 -40.65 24.97
CA HIS D 73 -25.96 -42.10 25.15
C HIS D 73 -26.46 -42.94 23.98
N GLU D 74 -27.20 -42.30 23.07
CA GLU D 74 -27.63 -42.93 21.83
C GLU D 74 -27.13 -42.10 20.63
N SER D 75 -25.91 -41.60 20.75
CA SER D 75 -25.39 -40.59 19.81
C SER D 75 -25.17 -41.05 18.36
N ASP D 76 -24.52 -42.21 18.16
CA ASP D 76 -24.16 -42.67 16.80
C ASP D 76 -25.37 -42.70 15.88
N MET D 77 -25.19 -42.15 14.67
CA MET D 77 -26.17 -42.22 13.60
C MET D 77 -25.46 -42.48 12.28
N LEU D 78 -26.23 -42.83 11.24
CA LEU D 78 -25.65 -43.24 9.95
C LEU D 78 -26.13 -42.37 8.79
N LEU D 79 -25.26 -42.18 7.80
CA LEU D 79 -25.61 -41.42 6.59
C LEU D 79 -25.49 -42.24 5.30
N LEU D 80 -26.50 -42.13 4.44
CA LEU D 80 -26.49 -42.76 3.12
C LEU D 80 -26.71 -41.74 1.99
N PRO D 81 -25.87 -41.77 0.95
CA PRO D 81 -25.86 -40.80 -0.15
C PRO D 81 -27.12 -40.71 -1.02
N ASP D 82 -27.40 -39.51 -1.52
CA ASP D 82 -28.44 -39.31 -2.54
C ASP D 82 -27.77 -38.78 -3.82
N PRO D 83 -27.55 -39.67 -4.79
CA PRO D 83 -26.86 -39.39 -6.07
C PRO D 83 -27.43 -38.22 -6.88
N GLU D 84 -28.74 -38.03 -6.84
CA GLU D 84 -29.43 -36.94 -7.55
C GLU D 84 -29.00 -35.52 -7.13
N THR D 85 -28.31 -35.39 -6.01
CA THR D 85 -27.94 -34.09 -5.44
C THR D 85 -26.48 -33.68 -5.63
N ALA D 86 -25.69 -34.53 -6.28
CA ALA D 86 -24.27 -34.27 -6.51
C ALA D 86 -24.04 -33.01 -7.35
N ARG D 87 -23.39 -32.01 -6.74
CA ARG D 87 -23.06 -30.75 -7.43
C ARG D 87 -21.62 -30.32 -7.14
N ILE D 88 -20.95 -29.74 -8.12
CA ILE D 88 -19.60 -29.19 -7.94
C ILE D 88 -19.66 -27.88 -7.14
N ASP D 89 -18.81 -27.76 -6.14
CA ASP D 89 -18.78 -26.57 -5.29
C ASP D 89 -18.08 -25.40 -6.01
N PRO D 90 -18.77 -24.24 -6.11
CA PRO D 90 -18.17 -23.10 -6.83
C PRO D 90 -17.23 -22.21 -6.00
N PHE D 91 -17.01 -22.54 -4.73
CA PHE D 91 -16.31 -21.64 -3.80
C PHE D 91 -14.94 -22.13 -3.36
N ARG D 92 -14.81 -23.45 -3.19
CA ARG D 92 -13.60 -24.05 -2.63
C ARG D 92 -12.47 -24.18 -3.64
N ALA D 93 -11.30 -23.63 -3.28
CA ALA D 93 -10.10 -23.67 -4.12
C ALA D 93 -9.70 -25.11 -4.46
N ALA D 94 -9.81 -26.01 -3.47
CA ALA D 94 -9.62 -27.44 -3.71
C ALA D 94 -10.91 -28.03 -4.26
N LYS D 95 -10.85 -28.53 -5.49
CA LYS D 95 -12.03 -29.00 -6.22
C LYS D 95 -12.87 -29.98 -5.41
N THR D 96 -14.11 -29.60 -5.14
CA THR D 96 -14.96 -30.32 -4.20
C THR D 96 -16.34 -30.65 -4.81
N LEU D 97 -16.78 -31.88 -4.57
CA LEU D 97 -18.12 -32.35 -4.95
C LEU D 97 -19.03 -32.44 -3.72
N ASN D 98 -20.13 -31.69 -3.74
CA ASN D 98 -21.12 -31.71 -2.67
C ASN D 98 -22.22 -32.74 -2.95
N ILE D 99 -22.52 -33.59 -1.96
CA ILE D 99 -23.65 -34.53 -2.05
C ILE D 99 -24.46 -34.52 -0.75
N ASN D 100 -25.79 -34.47 -0.88
CA ASN D 100 -26.69 -34.59 0.27
C ASN D 100 -26.99 -36.04 0.64
N PHE D 101 -27.14 -36.29 1.93
CA PHE D 101 -27.35 -37.64 2.46
C PHE D 101 -28.67 -37.76 3.21
N PHE D 102 -29.17 -38.99 3.31
CA PHE D 102 -30.29 -39.33 4.16
C PHE D 102 -29.74 -39.88 5.47
N VAL D 103 -30.43 -39.59 6.57
CA VAL D 103 -30.04 -40.08 7.90
C VAL D 103 -30.76 -41.39 8.22
N HIS D 104 -30.02 -42.37 8.75
CA HIS D 104 -30.53 -43.71 8.99
C HIS D 104 -30.10 -44.22 10.37
N ASP D 105 -30.93 -45.09 10.95
CA ASP D 105 -30.61 -45.76 12.21
C ASP D 105 -29.38 -46.67 12.02
N PRO D 106 -28.42 -46.66 12.97
CA PRO D 106 -27.19 -47.44 12.76
C PRO D 106 -27.32 -48.93 13.05
N PHE D 107 -28.42 -49.34 13.67
CA PHE D 107 -28.70 -50.76 13.95
C PHE D 107 -29.55 -51.39 12.85
N THR D 108 -30.77 -50.87 12.66
CA THR D 108 -31.73 -51.41 11.70
C THR D 108 -31.53 -50.92 10.26
N LEU D 109 -30.71 -49.88 10.11
CA LEU D 109 -30.46 -49.23 8.81
C LEU D 109 -31.69 -48.58 8.17
N GLU D 110 -32.77 -48.44 8.96
CA GLU D 110 -34.01 -47.81 8.50
C GLU D 110 -33.90 -46.28 8.49
N PRO D 111 -34.70 -45.59 7.65
CA PRO D 111 -34.73 -44.13 7.65
C PRO D 111 -35.11 -43.53 9.02
N TYR D 112 -34.48 -42.41 9.35
CA TYR D 112 -34.66 -41.74 10.64
C TYR D 112 -35.96 -40.93 10.66
N SER D 113 -36.73 -41.07 11.73
CA SER D 113 -37.99 -40.35 11.90
C SER D 113 -37.85 -38.81 12.00
N ARG D 114 -36.64 -38.33 12.29
CA ARG D 114 -36.39 -36.88 12.41
C ARG D 114 -35.39 -36.31 11.39
N ASP D 115 -35.20 -37.05 10.29
CA ASP D 115 -34.47 -36.56 9.11
C ASP D 115 -35.44 -35.76 8.23
N PRO D 116 -35.22 -34.43 8.11
CA PRO D 116 -36.13 -33.59 7.32
C PRO D 116 -36.29 -34.09 5.88
N ARG D 117 -35.18 -34.56 5.29
CA ARG D 117 -35.18 -35.09 3.94
C ARG D 117 -36.03 -36.37 3.80
N ASN D 118 -36.11 -37.17 4.87
CA ASN D 118 -37.00 -38.32 4.92
C ASN D 118 -38.47 -37.90 4.97
N ILE D 119 -38.75 -36.79 5.66
CA ILE D 119 -40.13 -36.27 5.73
C ILE D 119 -40.64 -35.92 4.34
N ALA D 120 -39.80 -35.26 3.54
CA ALA D 120 -40.12 -34.89 2.17
C ALA D 120 -40.36 -36.14 1.28
N ARG D 121 -39.48 -37.14 1.41
CA ARG D 121 -39.64 -38.47 0.82
C ARG D 121 -41.03 -39.03 1.11
N LYS D 122 -41.38 -39.08 2.39
CA LYS D 122 -42.66 -39.64 2.84
C LYS D 122 -43.84 -38.85 2.32
N ALA D 123 -43.71 -37.52 2.26
CA ALA D 123 -44.77 -36.66 1.75
C ALA D 123 -45.09 -36.97 0.28
N GLU D 124 -44.05 -37.14 -0.53
CA GLU D 124 -44.22 -37.45 -1.94
C GLU D 124 -44.86 -38.82 -2.18
N ASN D 125 -44.49 -39.80 -1.37
CA ASN D 125 -45.07 -41.14 -1.48
C ASN D 125 -46.50 -41.22 -0.93
N TYR D 126 -46.81 -40.44 0.10
CA TYR D 126 -48.18 -40.34 0.59
C TYR D 126 -49.12 -39.75 -0.47
N LEU D 127 -48.66 -38.71 -1.17
CA LEU D 127 -49.42 -38.10 -2.24
C LEU D 127 -49.90 -39.14 -3.27
N ILE D 128 -48.98 -39.98 -3.74
CA ILE D 128 -49.30 -41.02 -4.73
C ILE D 128 -50.33 -42.02 -4.20
N SER D 129 -50.22 -42.37 -2.92
CA SER D 129 -51.12 -43.35 -2.29
C SER D 129 -52.57 -42.88 -2.17
N THR D 130 -52.78 -41.56 -2.15
CA THR D 130 -54.12 -40.97 -2.02
C THR D 130 -54.91 -41.05 -3.33
N GLY D 131 -54.21 -41.12 -4.45
CA GLY D 131 -54.83 -41.14 -5.77
C GLY D 131 -55.12 -39.75 -6.32
N ILE D 132 -55.13 -38.74 -5.45
CA ILE D 132 -55.40 -37.35 -5.84
C ILE D 132 -54.48 -36.87 -6.97
N ALA D 133 -53.17 -37.06 -6.79
CA ALA D 133 -52.19 -36.64 -7.78
C ALA D 133 -50.97 -37.54 -7.70
N ASP D 134 -50.01 -37.35 -8.61
CA ASP D 134 -48.74 -38.05 -8.50
C ASP D 134 -47.53 -37.12 -8.32
N THR D 135 -47.76 -35.80 -8.45
CA THR D 135 -46.69 -34.81 -8.37
C THR D 135 -47.15 -33.48 -7.77
N ALA D 136 -46.43 -33.03 -6.75
CA ALA D 136 -46.64 -31.71 -6.14
C ALA D 136 -45.48 -30.77 -6.51
N TYR D 137 -45.77 -29.70 -7.24
CA TYR D 137 -44.74 -28.75 -7.67
C TYR D 137 -44.69 -27.49 -6.79
N PHE D 138 -43.47 -27.14 -6.37
CA PHE D 138 -43.22 -25.99 -5.51
C PHE D 138 -42.25 -25.01 -6.19
N GLY D 139 -42.70 -23.76 -6.34
CA GLY D 139 -41.83 -22.66 -6.77
C GLY D 139 -41.74 -21.65 -5.64
N ALA D 140 -40.57 -21.55 -5.03
CA ALA D 140 -40.37 -20.69 -3.85
C ALA D 140 -39.53 -19.44 -4.15
N GLU D 141 -39.97 -18.31 -3.60
CA GLU D 141 -39.31 -17.01 -3.81
C GLU D 141 -38.63 -16.57 -2.51
N ALA D 142 -37.38 -16.97 -2.32
CA ALA D 142 -36.68 -16.68 -1.07
C ALA D 142 -35.95 -15.34 -1.12
N GLU D 143 -36.55 -14.34 -0.47
CA GLU D 143 -35.98 -12.99 -0.45
C GLU D 143 -34.91 -12.89 0.64
N PHE D 144 -33.96 -11.98 0.44
CA PHE D 144 -32.83 -11.82 1.35
C PHE D 144 -32.30 -10.38 1.30
N TYR D 145 -31.55 -10.01 2.33
CA TYR D 145 -30.89 -8.71 2.39
C TYR D 145 -29.38 -8.87 2.23
N ILE D 146 -28.77 -8.03 1.40
CA ILE D 146 -27.31 -7.98 1.24
C ILE D 146 -26.77 -6.83 2.10
N PHE D 147 -26.34 -7.17 3.32
CA PHE D 147 -25.81 -6.18 4.26
C PHE D 147 -24.28 -6.10 4.21
N ASP D 148 -23.73 -5.02 4.76
CA ASP D 148 -22.29 -4.85 4.89
C ASP D 148 -21.77 -5.40 6.22
N SER D 149 -22.59 -5.33 7.26
CA SER D 149 -22.18 -5.74 8.60
C SER D 149 -23.35 -5.95 9.54
N VAL D 150 -23.07 -6.68 10.62
CA VAL D 150 -24.02 -6.93 11.71
C VAL D 150 -23.25 -7.20 13.01
N SER D 151 -23.75 -6.65 14.11
CA SER D 151 -23.29 -7.04 15.44
C SER D 151 -24.44 -6.97 16.44
N PHE D 152 -24.26 -7.61 17.59
CA PHE D 152 -25.29 -7.75 18.61
C PHE D 152 -24.73 -8.41 19.86
N ASP D 153 -25.41 -8.24 21.00
CA ASP D 153 -25.08 -8.96 22.23
C ASP D 153 -26.24 -8.89 23.24
N SER D 154 -26.08 -9.60 24.35
CA SER D 154 -27.10 -9.73 25.38
C SER D 154 -26.38 -9.90 26.72
N ARG D 155 -26.49 -8.90 27.59
CA ARG D 155 -25.78 -8.88 28.87
C ARG D 155 -26.74 -8.65 30.04
N ALA D 156 -26.22 -8.68 31.27
CA ALA D 156 -27.05 -8.41 32.46
C ALA D 156 -27.64 -7.00 32.45
N ASN D 157 -26.84 -6.03 32.02
CA ASN D 157 -27.18 -4.61 32.09
C ASN D 157 -27.44 -3.91 30.74
N GLY D 158 -27.49 -4.68 29.65
CA GLY D 158 -27.66 -4.11 28.33
C GLY D 158 -27.73 -5.12 27.20
N SER D 159 -28.19 -4.66 26.04
CA SER D 159 -28.37 -5.50 24.86
C SER D 159 -28.56 -4.60 23.65
N PHE D 160 -28.00 -5.00 22.51
CA PHE D 160 -28.15 -4.25 21.27
C PHE D 160 -28.08 -5.15 20.05
N TYR D 161 -28.52 -4.60 18.92
CA TYR D 161 -28.17 -5.13 17.60
C TYR D 161 -28.03 -3.94 16.66
N GLU D 162 -27.23 -4.12 15.60
CA GLU D 162 -27.20 -3.18 14.49
C GLU D 162 -26.83 -3.90 13.21
N VAL D 163 -27.62 -3.67 12.16
CA VAL D 163 -27.25 -4.10 10.82
C VAL D 163 -26.94 -2.83 10.02
N ASP D 164 -26.11 -2.95 8.99
CA ASP D 164 -25.74 -1.79 8.21
C ASP D 164 -25.46 -2.14 6.75
N ALA D 165 -25.69 -1.16 5.88
CA ALA D 165 -25.50 -1.30 4.45
C ALA D 165 -25.27 0.09 3.87
N ILE D 166 -24.32 0.20 2.94
CA ILE D 166 -24.03 1.47 2.25
C ILE D 166 -25.31 2.13 1.69
N SER D 167 -26.18 1.30 1.09
CA SER D 167 -27.40 1.75 0.42
C SER D 167 -28.60 2.03 1.34
N GLY D 168 -28.42 1.84 2.65
CA GLY D 168 -29.47 2.08 3.64
C GLY D 168 -29.77 3.56 3.82
N TRP D 169 -31.05 3.90 3.80
CA TRP D 169 -31.50 5.30 3.90
C TRP D 169 -31.08 5.97 5.21
N TRP D 170 -30.88 5.17 6.26
CA TRP D 170 -30.38 5.71 7.53
C TRP D 170 -28.99 6.36 7.40
N ASN D 171 -28.33 6.13 6.26
CA ASN D 171 -26.98 6.64 6.02
C ASN D 171 -26.86 7.88 5.13
N THR D 172 -27.99 8.50 4.75
CA THR D 172 -27.93 9.65 3.83
C THR D 172 -27.12 10.82 4.37
N GLY D 173 -27.10 10.97 5.69
CA GLY D 173 -26.40 12.07 6.36
C GLY D 173 -24.99 11.75 6.84
N ALA D 174 -24.49 10.55 6.49
CA ALA D 174 -23.13 10.16 6.87
C ALA D 174 -22.12 11.06 6.16
N ALA D 175 -21.12 11.53 6.92
CA ALA D 175 -20.05 12.36 6.37
C ALA D 175 -19.10 11.56 5.47
N THR D 176 -18.82 10.32 5.85
CA THR D 176 -18.05 9.41 5.01
C THR D 176 -18.67 8.01 5.00
N GLU D 177 -18.21 7.17 4.08
CA GLU D 177 -18.56 5.75 4.08
C GLU D 177 -17.71 5.00 5.11
N ALA D 178 -18.01 3.72 5.32
CA ALA D 178 -17.33 2.89 6.33
C ALA D 178 -15.80 2.91 6.22
N ASP D 179 -15.29 2.93 4.99
CA ASP D 179 -13.85 2.94 4.73
C ASP D 179 -13.25 4.36 4.65
N GLY D 180 -14.04 5.37 5.00
CA GLY D 180 -13.59 6.75 4.96
C GLY D 180 -13.73 7.46 3.62
N SER D 181 -14.18 6.74 2.59
CA SER D 181 -14.42 7.35 1.27
C SER D 181 -15.67 8.25 1.31
N PRO D 182 -15.84 9.15 0.31
CA PRO D 182 -16.96 10.10 0.27
C PRO D 182 -18.36 9.46 0.18
N ASN D 183 -19.34 10.10 0.82
CA ASN D 183 -20.76 9.80 0.60
C ASN D 183 -21.17 10.29 -0.81
N ARG D 184 -21.60 9.36 -1.66
CA ARG D 184 -21.93 9.67 -3.04
C ARG D 184 -23.43 9.66 -3.35
N GLY D 185 -24.24 9.55 -2.29
CA GLY D 185 -25.69 9.51 -2.41
C GLY D 185 -26.20 8.26 -3.10
N TYR D 186 -27.36 8.39 -3.74
CA TYR D 186 -28.03 7.30 -4.47
C TYR D 186 -28.45 6.11 -3.57
N LYS D 187 -28.63 6.41 -2.29
CA LYS D 187 -29.09 5.40 -1.33
C LYS D 187 -30.57 5.09 -1.56
N VAL D 188 -31.02 3.94 -1.08
CA VAL D 188 -32.37 3.46 -1.37
C VAL D 188 -33.36 3.95 -0.30
N ARG D 189 -34.42 4.61 -0.73
CA ARG D 189 -35.47 5.06 0.18
C ARG D 189 -36.18 3.86 0.78
N HIS D 190 -36.65 3.99 2.02
CA HIS D 190 -37.43 2.92 2.64
C HIS D 190 -38.64 2.63 1.75
N LYS D 191 -38.90 1.34 1.55
CA LYS D 191 -39.96 0.86 0.64
C LYS D 191 -39.75 1.25 -0.84
N GLY D 192 -38.55 1.75 -1.17
CA GLY D 192 -38.27 2.24 -2.52
C GLY D 192 -37.23 1.51 -3.34
N GLY D 193 -36.97 0.26 -3.00
CA GLY D 193 -35.93 -0.54 -3.66
C GLY D 193 -36.34 -1.31 -4.90
N TYR D 194 -37.65 -1.45 -5.10
CA TYR D 194 -38.23 -2.25 -6.19
C TYR D 194 -38.76 -1.34 -7.32
N PHE D 195 -38.00 -1.12 -8.40
CA PHE D 195 -36.60 -1.51 -8.56
C PHE D 195 -35.84 -0.58 -9.53
N PRO D 196 -35.44 0.61 -9.07
CA PRO D 196 -34.78 1.59 -9.97
C PRO D 196 -33.46 1.08 -10.55
N VAL D 197 -33.08 1.62 -11.71
CA VAL D 197 -31.81 1.26 -12.36
C VAL D 197 -30.60 1.76 -11.53
N ALA D 198 -29.41 1.28 -11.89
CA ALA D 198 -28.17 1.78 -11.32
C ALA D 198 -28.01 3.26 -11.70
N PRO D 199 -27.31 4.07 -10.85
CA PRO D 199 -26.56 3.69 -9.64
C PRO D 199 -27.37 3.54 -8.34
N ASN D 200 -28.67 3.83 -8.36
CA ASN D 200 -29.51 3.62 -7.18
C ASN D 200 -29.52 2.15 -6.73
N ASP D 201 -29.53 1.25 -7.71
CA ASP D 201 -29.29 -0.18 -7.50
C ASP D 201 -27.78 -0.38 -7.42
N GLN D 202 -27.28 -0.63 -6.22
CA GLN D 202 -25.84 -0.72 -5.96
C GLN D 202 -25.31 -2.16 -6.01
N TYR D 203 -26.17 -3.12 -6.33
CA TYR D 203 -25.84 -4.56 -6.21
C TYR D 203 -25.95 -5.35 -7.52
N VAL D 204 -25.94 -4.63 -8.65
CA VAL D 204 -26.16 -5.24 -9.96
C VAL D 204 -25.09 -6.31 -10.28
N ASP D 205 -23.82 -5.92 -10.17
CA ASP D 205 -22.71 -6.81 -10.44
C ASP D 205 -22.68 -8.02 -9.50
N LEU D 206 -22.95 -7.79 -8.22
CA LEU D 206 -22.98 -8.87 -7.24
C LEU D 206 -24.12 -9.87 -7.51
N ARG D 207 -25.30 -9.36 -7.85
CA ARG D 207 -26.43 -10.22 -8.21
C ARG D 207 -26.18 -11.01 -9.51
N ASP D 208 -25.38 -10.45 -10.42
CA ASP D 208 -24.95 -11.15 -11.65
C ASP D 208 -24.07 -12.36 -11.32
N LYS D 209 -23.18 -12.20 -10.35
CA LYS D 209 -22.33 -13.28 -9.87
C LYS D 209 -23.15 -14.40 -9.21
N MET D 210 -24.19 -14.02 -8.47
CA MET D 210 -25.07 -14.98 -7.81
C MET D 210 -25.84 -15.79 -8.86
N LEU D 211 -26.43 -15.08 -9.82
CA LEU D 211 -27.09 -15.69 -10.98
C LEU D 211 -26.17 -16.66 -11.72
N THR D 212 -24.94 -16.22 -12.01
CA THR D 212 -23.95 -17.06 -12.71
C THR D 212 -23.61 -18.34 -11.94
N ASN D 213 -23.39 -18.22 -10.64
CA ASN D 213 -23.07 -19.38 -9.78
C ASN D 213 -24.21 -20.40 -9.70
N LEU D 214 -25.44 -19.88 -9.62
CA LEU D 214 -26.64 -20.72 -9.65
C LEU D 214 -26.81 -21.44 -10.99
N ILE D 215 -26.61 -20.71 -12.09
CA ILE D 215 -26.67 -21.29 -13.44
C ILE D 215 -25.64 -22.42 -13.57
N ASN D 216 -24.42 -22.17 -13.09
CA ASN D 216 -23.37 -23.19 -13.10
C ASN D 216 -23.61 -24.38 -12.15
N SER D 217 -24.60 -24.25 -11.26
CA SER D 217 -24.98 -25.35 -10.36
C SER D 217 -26.28 -26.06 -10.75
N GLY D 218 -26.68 -25.88 -12.00
CA GLY D 218 -27.79 -26.64 -12.55
C GLY D 218 -29.16 -26.03 -12.34
N PHE D 219 -29.21 -24.81 -11.80
CA PHE D 219 -30.47 -24.10 -11.65
C PHE D 219 -30.98 -23.59 -13.00
N ILE D 220 -32.28 -23.70 -13.23
CA ILE D 220 -32.92 -23.07 -14.39
C ILE D 220 -33.46 -21.73 -13.91
N LEU D 221 -32.81 -20.66 -14.36
CA LEU D 221 -33.08 -19.32 -13.82
C LEU D 221 -34.18 -18.60 -14.56
N GLU D 222 -34.97 -17.83 -13.80
CA GLU D 222 -36.07 -17.06 -14.36
C GLU D 222 -35.78 -15.56 -14.33
N LYS D 223 -35.50 -15.01 -13.15
CA LYS D 223 -35.11 -13.60 -13.02
C LYS D 223 -34.39 -13.28 -11.72
N GLY D 224 -33.78 -12.10 -11.68
CA GLY D 224 -33.10 -11.59 -10.50
C GLY D 224 -33.36 -10.10 -10.40
N HIS D 225 -33.59 -9.62 -9.16
CA HIS D 225 -33.86 -8.20 -8.93
C HIS D 225 -33.62 -7.73 -7.49
N HIS D 226 -33.47 -6.40 -7.37
CA HIS D 226 -33.53 -5.70 -6.10
C HIS D 226 -34.98 -5.77 -5.62
N GLU D 227 -35.16 -5.95 -4.32
CA GLU D 227 -36.49 -5.98 -3.74
C GLU D 227 -36.81 -4.68 -3.01
N VAL D 228 -38.02 -4.58 -2.46
CA VAL D 228 -38.60 -3.33 -1.94
C VAL D 228 -37.72 -2.65 -0.88
N GLY D 229 -37.12 -3.46 0.01
CA GLY D 229 -36.39 -2.96 1.16
C GLY D 229 -35.09 -2.22 0.88
N SER D 230 -34.92 -1.10 1.58
CA SER D 230 -33.66 -0.36 1.62
C SER D 230 -32.56 -1.21 2.27
N GLY D 231 -31.31 -0.91 1.95
CA GLY D 231 -30.19 -1.66 2.52
C GLY D 231 -29.92 -2.97 1.81
N GLY D 232 -30.32 -3.04 0.53
CA GLY D 232 -29.93 -4.13 -0.36
C GLY D 232 -30.76 -5.39 -0.33
N GLN D 233 -32.08 -5.26 -0.26
CA GLN D 233 -32.95 -6.42 -0.39
C GLN D 233 -32.92 -6.95 -1.83
N ALA D 234 -33.08 -8.26 -1.98
CA ALA D 234 -32.95 -8.91 -3.29
C ALA D 234 -33.81 -10.16 -3.43
N GLU D 235 -34.02 -10.57 -4.67
CA GLU D 235 -34.75 -11.80 -4.98
C GLU D 235 -34.23 -12.41 -6.28
N ILE D 236 -34.01 -13.71 -6.27
CA ILE D 236 -33.66 -14.45 -7.48
C ILE D 236 -34.59 -15.66 -7.60
N ASN D 237 -35.22 -15.76 -8.77
CA ASN D 237 -36.21 -16.80 -9.05
C ASN D 237 -35.69 -17.88 -10.00
N TYR D 238 -36.01 -19.12 -9.67
CA TYR D 238 -35.61 -20.28 -10.45
C TYR D 238 -36.82 -21.22 -10.67
N GLN D 239 -36.70 -22.11 -11.65
CA GLN D 239 -37.83 -22.96 -12.03
C GLN D 239 -38.28 -23.86 -10.89
N PHE D 240 -39.60 -23.94 -10.72
CA PHE D 240 -40.22 -24.87 -9.76
C PHE D 240 -39.78 -26.31 -10.00
N ASN D 241 -39.90 -27.13 -8.97
CA ASN D 241 -39.67 -28.58 -9.09
C ASN D 241 -40.56 -29.36 -8.11
N SER D 242 -40.52 -30.68 -8.17
CA SER D 242 -41.28 -31.51 -7.24
C SER D 242 -40.73 -31.39 -5.83
N LEU D 243 -41.61 -31.54 -4.84
CA LEU D 243 -41.35 -31.24 -3.42
C LEU D 243 -39.92 -31.44 -2.90
N LEU D 244 -39.42 -32.68 -2.92
CA LEU D 244 -38.08 -32.99 -2.41
C LEU D 244 -36.93 -32.32 -3.18
N HIS D 245 -37.00 -32.34 -4.51
CA HIS D 245 -36.01 -31.62 -5.33
C HIS D 245 -36.05 -30.12 -5.06
N ALA D 246 -37.26 -29.58 -4.87
CA ALA D 246 -37.47 -28.16 -4.56
C ALA D 246 -36.84 -27.74 -3.23
N ALA D 247 -36.92 -28.62 -2.24
CA ALA D 247 -36.39 -28.33 -0.91
C ALA D 247 -34.86 -28.42 -0.91
N ASP D 248 -34.32 -29.40 -1.63
CA ASP D 248 -32.87 -29.50 -1.86
C ASP D 248 -32.34 -28.28 -2.60
N ASP D 249 -33.09 -27.83 -3.61
CA ASP D 249 -32.79 -26.61 -4.37
C ASP D 249 -32.75 -25.38 -3.47
N MET D 250 -33.73 -25.25 -2.56
CA MET D 250 -33.78 -24.13 -1.62
C MET D 250 -32.53 -24.06 -0.75
N GLN D 251 -32.15 -25.20 -0.18
CA GLN D 251 -30.98 -25.28 0.68
C GLN D 251 -29.69 -24.92 -0.06
N LEU D 252 -29.55 -25.41 -1.28
CA LEU D 252 -28.39 -25.10 -2.12
C LEU D 252 -28.36 -23.62 -2.51
N TYR D 253 -29.53 -23.06 -2.83
CA TYR D 253 -29.67 -21.65 -3.21
C TYR D 253 -29.23 -20.72 -2.06
N LYS D 254 -29.65 -21.03 -0.84
CA LYS D 254 -29.21 -20.30 0.36
C LYS D 254 -27.69 -20.34 0.53
N TYR D 255 -27.09 -21.52 0.31
CA TYR D 255 -25.65 -21.71 0.35
C TYR D 255 -24.91 -20.85 -0.69
N ILE D 256 -25.37 -20.89 -1.94
CA ILE D 256 -24.75 -20.11 -3.00
C ILE D 256 -24.95 -18.60 -2.80
N ILE D 257 -26.14 -18.18 -2.40
CA ILE D 257 -26.36 -16.75 -2.11
C ILE D 257 -25.46 -16.25 -0.99
N LYS D 258 -25.49 -16.93 0.16
CA LYS D 258 -24.68 -16.52 1.31
C LYS D 258 -23.18 -16.47 1.02
N ASN D 259 -22.67 -17.48 0.32
CA ASN D 259 -21.23 -17.57 0.07
C ASN D 259 -20.72 -16.75 -1.11
N THR D 260 -21.55 -16.55 -2.13
CA THR D 260 -21.25 -15.57 -3.18
C THR D 260 -21.06 -14.20 -2.52
N ALA D 261 -21.99 -13.82 -1.65
CA ALA D 261 -21.89 -12.56 -0.89
C ALA D 261 -20.64 -12.48 -0.02
N TRP D 262 -20.40 -13.54 0.76
CA TRP D 262 -19.24 -13.60 1.64
C TRP D 262 -17.91 -13.43 0.90
N GLN D 263 -17.76 -14.13 -0.22
CA GLN D 263 -16.54 -14.03 -1.04
C GLN D 263 -16.35 -12.65 -1.65
N ASN D 264 -17.42 -11.85 -1.69
CA ASN D 264 -17.36 -10.53 -2.27
C ASN D 264 -17.49 -9.39 -1.24
N GLY D 265 -17.20 -9.71 0.02
CA GLY D 265 -17.06 -8.71 1.08
C GLY D 265 -18.33 -8.29 1.77
N LYS D 266 -19.39 -9.07 1.62
CA LYS D 266 -20.71 -8.73 2.13
C LYS D 266 -21.21 -9.83 3.05
N THR D 267 -22.43 -9.66 3.56
CA THR D 267 -23.03 -10.60 4.50
C THR D 267 -24.56 -10.60 4.33
N VAL D 268 -25.11 -11.78 4.06
CA VAL D 268 -26.53 -11.93 3.74
C VAL D 268 -27.33 -12.51 4.91
N THR D 269 -28.55 -12.02 5.09
CA THR D 269 -29.49 -12.66 6.01
C THR D 269 -30.82 -13.00 5.36
N PHE D 270 -31.35 -14.18 5.70
CA PHE D 270 -32.70 -14.62 5.29
C PHE D 270 -33.73 -14.46 6.40
N MET D 271 -33.35 -13.82 7.52
CA MET D 271 -34.29 -13.63 8.63
C MET D 271 -35.50 -12.80 8.18
N PRO D 272 -36.70 -13.14 8.69
CA PRO D 272 -37.96 -12.54 8.22
C PRO D 272 -38.08 -11.02 8.35
N LYS D 273 -37.58 -10.44 9.44
CA LYS D 273 -37.72 -9.00 9.67
C LYS D 273 -36.46 -8.39 10.32
N PRO D 274 -35.40 -8.16 9.53
CA PRO D 274 -34.22 -7.50 10.10
C PRO D 274 -34.37 -5.98 10.24
N LEU D 275 -35.24 -5.39 9.44
CA LEU D 275 -35.46 -3.94 9.47
C LEU D 275 -36.85 -3.61 10.01
N PHE D 276 -36.89 -2.64 10.92
CA PHE D 276 -38.15 -2.13 11.46
C PHE D 276 -38.64 -0.96 10.60
N GLY D 277 -39.87 -1.06 10.10
CA GLY D 277 -40.43 0.01 9.26
C GLY D 277 -40.11 -0.09 7.77
N ASP D 278 -39.71 -1.28 7.33
CA ASP D 278 -39.47 -1.58 5.90
C ASP D 278 -39.80 -3.05 5.66
N ASN D 279 -39.88 -3.46 4.40
CA ASN D 279 -40.33 -4.81 4.04
C ASN D 279 -39.54 -5.91 4.72
N GLY D 280 -40.26 -6.93 5.20
CA GLY D 280 -39.62 -8.16 5.64
C GLY D 280 -39.29 -9.04 4.44
N SER D 281 -38.64 -10.18 4.69
CA SER D 281 -38.28 -11.14 3.65
C SER D 281 -39.16 -12.39 3.75
N GLY D 282 -39.94 -12.65 2.71
CA GLY D 282 -40.81 -13.81 2.69
C GLY D 282 -40.25 -14.97 1.90
N MET D 283 -40.97 -16.10 1.95
CA MET D 283 -40.69 -17.23 1.09
C MET D 283 -42.03 -17.70 0.51
N HIS D 284 -42.60 -16.91 -0.40
CA HIS D 284 -43.84 -17.30 -1.07
C HIS D 284 -43.65 -18.63 -1.78
N CYS D 285 -44.65 -19.51 -1.66
CA CYS D 285 -44.62 -20.81 -2.32
C CYS D 285 -45.77 -20.96 -3.30
N HIS D 286 -45.45 -20.90 -4.58
CA HIS D 286 -46.39 -21.22 -5.66
C HIS D 286 -46.53 -22.75 -5.73
N GLN D 287 -47.77 -23.22 -5.68
CA GLN D 287 -48.05 -24.65 -5.56
C GLN D 287 -49.07 -25.12 -6.57
N SER D 288 -48.79 -26.27 -7.20
CA SER D 288 -49.75 -26.91 -8.10
C SER D 288 -49.63 -28.43 -8.05
N LEU D 289 -50.78 -29.11 -8.16
CA LEU D 289 -50.82 -30.58 -8.25
C LEU D 289 -51.00 -31.07 -9.69
N TRP D 290 -50.27 -32.12 -10.04
CA TRP D 290 -50.29 -32.70 -11.39
C TRP D 290 -50.49 -34.21 -11.29
N LYS D 291 -51.18 -34.77 -12.29
CA LYS D 291 -51.34 -36.23 -12.40
C LYS D 291 -51.21 -36.67 -13.86
N ASP D 292 -50.46 -37.75 -14.07
CA ASP D 292 -50.16 -38.30 -15.40
C ASP D 292 -49.59 -37.26 -16.39
N GLY D 293 -48.89 -36.26 -15.86
CA GLY D 293 -48.27 -35.21 -16.69
C GLY D 293 -49.19 -34.06 -17.07
N ALA D 294 -50.38 -34.04 -16.48
CA ALA D 294 -51.38 -32.98 -16.74
C ALA D 294 -51.73 -32.20 -15.48
N PRO D 295 -51.89 -30.86 -15.59
CA PRO D 295 -52.23 -30.02 -14.43
C PRO D 295 -53.65 -30.25 -13.93
N LEU D 296 -53.85 -30.05 -12.62
CA LEU D 296 -55.16 -30.26 -12.00
C LEU D 296 -55.79 -28.99 -11.44
N MET D 297 -55.11 -27.86 -11.57
CA MET D 297 -55.51 -26.65 -10.86
C MET D 297 -56.49 -25.74 -11.61
N TYR D 298 -56.66 -25.99 -12.91
CA TYR D 298 -57.40 -25.08 -13.79
C TYR D 298 -58.85 -25.46 -14.09
N ASP D 299 -59.72 -24.44 -14.05
CA ASP D 299 -61.11 -24.54 -14.46
C ASP D 299 -61.57 -23.14 -14.88
N GLU D 300 -61.80 -22.98 -16.19
CA GLU D 300 -62.29 -21.71 -16.78
C GLU D 300 -63.46 -21.06 -16.03
N THR D 301 -64.37 -21.89 -15.51
CA THR D 301 -65.62 -21.42 -14.91
C THR D 301 -65.48 -20.92 -13.46
N GLY D 302 -64.43 -21.39 -12.77
CA GLY D 302 -64.19 -21.03 -11.37
C GLY D 302 -63.60 -19.64 -11.17
N TYR D 303 -63.73 -19.12 -9.95
CA TYR D 303 -63.11 -17.84 -9.58
C TYR D 303 -61.59 -17.92 -9.73
N ALA D 304 -61.02 -16.91 -10.38
CA ALA D 304 -59.58 -16.86 -10.69
C ALA D 304 -59.10 -18.09 -11.48
N GLY D 305 -60.03 -18.73 -12.18
CA GLY D 305 -59.76 -19.90 -13.02
C GLY D 305 -59.37 -21.15 -12.27
N LEU D 306 -59.82 -21.29 -11.02
CA LEU D 306 -59.41 -22.41 -10.19
C LEU D 306 -60.40 -23.58 -10.26
N SER D 307 -59.85 -24.79 -10.26
CA SER D 307 -60.66 -26.01 -10.15
C SER D 307 -61.12 -26.22 -8.72
N ASP D 308 -62.03 -27.17 -8.53
CA ASP D 308 -62.50 -27.59 -7.20
C ASP D 308 -61.34 -28.13 -6.37
N THR D 309 -60.46 -28.88 -7.01
CA THR D 309 -59.26 -29.43 -6.36
C THR D 309 -58.38 -28.31 -5.79
N ALA D 310 -58.10 -27.29 -6.61
CA ALA D 310 -57.27 -26.15 -6.20
C ALA D 310 -57.92 -25.33 -5.07
N ARG D 311 -59.24 -25.14 -5.18
CA ARG D 311 -60.01 -24.39 -4.18
C ARG D 311 -60.02 -25.06 -2.81
N HIS D 312 -60.16 -26.38 -2.80
CA HIS D 312 -60.12 -27.16 -1.57
C HIS D 312 -58.71 -27.25 -0.95
N TYR D 313 -57.69 -27.22 -1.80
CA TYR D 313 -56.30 -27.16 -1.34
C TYR D 313 -56.11 -25.87 -0.55
N ILE D 314 -56.52 -24.75 -1.14
CA ILE D 314 -56.54 -23.44 -0.46
C ILE D 314 -57.37 -23.49 0.81
N GLY D 315 -58.53 -24.15 0.75
CA GLY D 315 -59.36 -24.38 1.93
C GLY D 315 -58.57 -25.00 3.05
N GLY D 316 -57.79 -26.04 2.72
CA GLY D 316 -56.92 -26.71 3.69
C GLY D 316 -55.85 -25.80 4.28
N LEU D 317 -55.19 -25.01 3.43
CA LEU D 317 -54.17 -24.07 3.89
C LEU D 317 -54.73 -23.06 4.89
N LEU D 318 -55.85 -22.45 4.53
CA LEU D 318 -56.46 -21.41 5.36
C LEU D 318 -57.13 -21.95 6.62
N HIS D 319 -57.71 -23.14 6.53
CA HIS D 319 -58.30 -23.81 7.70
C HIS D 319 -57.24 -24.28 8.72
N HIS D 320 -56.14 -24.84 8.21
CA HIS D 320 -55.09 -25.38 9.08
C HIS D 320 -54.01 -24.38 9.47
N ALA D 321 -54.07 -23.18 8.91
CA ALA D 321 -53.08 -22.12 9.18
C ALA D 321 -52.70 -21.90 10.66
N PRO D 322 -53.68 -21.87 11.60
CA PRO D 322 -53.30 -21.69 13.01
C PRO D 322 -52.29 -22.70 13.57
N SER D 323 -52.22 -23.91 13.03
CA SER D 323 -51.16 -24.86 13.43
C SER D 323 -50.06 -24.99 12.36
N LEU D 324 -50.44 -24.83 11.09
CA LEU D 324 -49.51 -24.92 9.96
C LEU D 324 -48.36 -23.91 10.05
N LEU D 325 -48.65 -22.69 10.50
CA LEU D 325 -47.61 -21.66 10.61
C LEU D 325 -46.46 -22.02 11.58
N ALA D 326 -46.61 -23.11 12.35
CA ALA D 326 -45.54 -23.57 13.23
C ALA D 326 -44.35 -24.13 12.43
N PHE D 327 -44.63 -24.58 11.22
CA PHE D 327 -43.60 -25.09 10.31
C PHE D 327 -43.23 -24.08 9.22
N THR D 328 -44.20 -23.27 8.79
CA THR D 328 -43.96 -22.33 7.68
C THR D 328 -43.44 -20.96 8.17
N ASN D 329 -43.77 -20.60 9.40
CA ASN D 329 -43.27 -19.37 10.05
C ASN D 329 -42.79 -19.73 11.45
N PRO D 330 -41.64 -20.43 11.52
CA PRO D 330 -41.24 -21.17 12.70
C PRO D 330 -40.39 -20.43 13.75
N THR D 331 -40.17 -19.12 13.59
CA THR D 331 -39.34 -18.38 14.54
C THR D 331 -40.08 -17.21 15.20
N VAL D 332 -39.51 -16.70 16.30
CA VAL D 332 -40.05 -15.52 16.96
C VAL D 332 -40.05 -14.31 16.01
N ASN D 333 -38.95 -14.14 15.27
CA ASN D 333 -38.81 -13.02 14.32
C ASN D 333 -39.83 -13.07 13.16
N SER D 334 -40.36 -14.26 12.88
CA SER D 334 -41.40 -14.46 11.85
C SER D 334 -42.57 -13.50 12.04
N TYR D 335 -42.97 -13.31 13.30
CA TYR D 335 -44.22 -12.61 13.62
C TYR D 335 -44.09 -11.10 13.63
N LYS D 336 -42.85 -10.62 13.48
CA LYS D 336 -42.56 -9.20 13.24
C LYS D 336 -42.78 -8.84 11.77
N ARG D 337 -42.77 -9.85 10.90
CA ARG D 337 -43.09 -9.68 9.48
C ARG D 337 -44.62 -9.62 9.26
N LEU D 338 -45.36 -10.41 10.02
CA LEU D 338 -46.82 -10.51 9.86
C LEU D 338 -47.57 -9.32 10.48
N VAL D 339 -47.18 -8.11 10.04
CA VAL D 339 -47.82 -6.85 10.40
C VAL D 339 -48.25 -6.13 9.11
N PRO D 340 -49.30 -5.28 9.15
CA PRO D 340 -49.82 -4.61 7.94
C PRO D 340 -48.87 -3.59 7.30
N GLY D 341 -48.96 -3.46 5.97
CA GLY D 341 -48.27 -2.40 5.23
C GLY D 341 -47.05 -2.78 4.41
N TYR D 342 -46.72 -4.07 4.39
CA TYR D 342 -45.43 -4.52 3.83
C TYR D 342 -45.54 -5.73 2.88
N GLU D 343 -46.71 -5.90 2.26
CA GLU D 343 -46.97 -6.98 1.29
C GLU D 343 -46.82 -8.40 1.87
N ALA D 344 -47.00 -8.51 3.18
CA ALA D 344 -47.09 -9.80 3.88
C ALA D 344 -48.49 -9.93 4.50
N PRO D 345 -48.98 -11.17 4.68
CA PRO D 345 -50.36 -11.41 5.16
C PRO D 345 -50.64 -10.96 6.59
N ILE D 346 -51.87 -10.52 6.85
CA ILE D 346 -52.34 -10.17 8.20
C ILE D 346 -53.60 -10.94 8.62
N ASN D 347 -54.23 -11.61 7.64
CA ASN D 347 -55.43 -12.42 7.88
C ASN D 347 -55.55 -13.57 6.87
N LEU D 348 -56.48 -14.49 7.12
CA LEU D 348 -56.54 -15.75 6.37
C LEU D 348 -57.53 -15.70 5.19
N VAL D 349 -57.13 -14.97 4.16
CA VAL D 349 -57.97 -14.65 3.00
C VAL D 349 -57.23 -15.06 1.72
N TYR D 350 -57.98 -15.51 0.71
CA TYR D 350 -57.41 -15.67 -0.63
C TYR D 350 -58.02 -14.70 -1.63
N SER D 351 -57.23 -14.33 -2.64
CA SER D 351 -57.63 -13.32 -3.61
C SER D 351 -56.70 -13.28 -4.82
N GLN D 352 -57.27 -13.15 -6.02
CA GLN D 352 -56.48 -12.98 -7.25
C GLN D 352 -55.80 -11.60 -7.26
N ARG D 353 -54.60 -11.55 -7.85
CA ARG D 353 -53.88 -10.29 -8.10
C ARG D 353 -53.47 -9.53 -6.82
N ASN D 354 -53.81 -10.09 -5.66
CA ASN D 354 -53.77 -9.36 -4.38
C ASN D 354 -52.56 -9.67 -3.49
N ARG D 355 -51.61 -8.73 -3.45
CA ARG D 355 -50.38 -8.90 -2.66
C ARG D 355 -50.53 -8.58 -1.16
N SER D 356 -51.76 -8.23 -0.73
CA SER D 356 -52.05 -8.06 0.69
C SER D 356 -52.69 -9.31 1.30
N ALA D 357 -52.94 -10.32 0.47
CA ALA D 357 -53.65 -11.53 0.86
C ALA D 357 -52.73 -12.64 1.37
N CYS D 358 -53.32 -13.63 2.03
CA CYS D 358 -52.58 -14.79 2.52
C CYS D 358 -52.30 -15.76 1.38
N VAL D 359 -53.27 -15.90 0.46
CA VAL D 359 -53.08 -16.66 -0.77
C VAL D 359 -53.39 -15.77 -1.96
N ARG D 360 -52.38 -15.50 -2.78
CA ARG D 360 -52.60 -14.76 -4.01
C ARG D 360 -52.72 -15.72 -5.18
N ILE D 361 -53.65 -15.43 -6.09
CA ILE D 361 -53.68 -16.12 -7.38
C ILE D 361 -53.13 -15.18 -8.45
N PRO D 362 -51.93 -15.48 -8.97
CA PRO D 362 -51.31 -14.62 -9.99
C PRO D 362 -52.06 -14.65 -11.32
N ILE D 363 -51.97 -13.57 -12.09
CA ILE D 363 -52.69 -13.48 -13.36
C ILE D 363 -51.87 -14.13 -14.48
N THR D 364 -52.32 -15.31 -14.93
CA THR D 364 -51.55 -16.14 -15.85
C THR D 364 -52.31 -16.52 -17.14
N GLY D 365 -53.55 -16.07 -17.26
CA GLY D 365 -54.35 -16.30 -18.48
C GLY D 365 -55.01 -17.65 -18.57
N SER D 366 -55.12 -18.18 -19.79
CA SER D 366 -55.93 -19.37 -20.06
C SER D 366 -55.16 -20.69 -20.05
N ASN D 367 -53.84 -20.61 -19.99
CA ASN D 367 -52.99 -21.80 -20.00
C ASN D 367 -53.08 -22.61 -18.69
N PRO D 368 -53.60 -23.86 -18.77
CA PRO D 368 -53.74 -24.74 -17.61
C PRO D 368 -52.41 -25.00 -16.88
N LYS D 369 -51.32 -25.03 -17.63
CA LYS D 369 -49.99 -25.32 -17.07
C LYS D 369 -49.43 -24.19 -16.21
N ALA D 370 -49.95 -22.98 -16.40
CA ALA D 370 -49.50 -21.83 -15.63
C ALA D 370 -50.36 -21.53 -14.40
N LYS D 371 -51.42 -22.32 -14.20
CA LYS D 371 -52.39 -22.08 -13.12
C LYS D 371 -51.94 -22.63 -11.78
N ARG D 372 -51.77 -21.73 -10.80
CA ARG D 372 -51.37 -22.13 -9.46
C ARG D 372 -51.78 -21.13 -8.37
N LEU D 373 -51.59 -21.54 -7.12
CA LEU D 373 -51.81 -20.68 -5.96
C LEU D 373 -50.46 -20.22 -5.40
N GLU D 374 -50.42 -18.99 -4.89
CA GLU D 374 -49.25 -18.49 -4.16
C GLU D 374 -49.58 -18.33 -2.68
N PHE D 375 -48.98 -19.17 -1.85
CA PHE D 375 -49.12 -19.08 -0.40
C PHE D 375 -48.05 -18.10 0.10
N ARG D 376 -48.47 -16.90 0.48
CA ARG D 376 -47.56 -15.79 0.81
C ARG D 376 -47.10 -15.73 2.26
N SER D 377 -47.76 -16.52 3.11
CA SER D 377 -47.45 -16.55 4.54
C SER D 377 -46.01 -16.94 4.88
N PRO D 378 -45.49 -18.07 4.31
CA PRO D 378 -44.20 -18.60 4.75
C PRO D 378 -42.98 -17.67 4.62
N ASP D 379 -41.98 -17.94 5.44
CA ASP D 379 -40.68 -17.26 5.36
C ASP D 379 -39.55 -18.29 5.38
N SER D 380 -38.31 -17.81 5.26
CA SER D 380 -37.13 -18.65 5.07
C SER D 380 -36.41 -19.04 6.38
N SER D 381 -37.04 -18.79 7.52
CA SER D 381 -36.35 -18.89 8.80
C SER D 381 -36.28 -20.31 9.37
N GLY D 382 -36.80 -21.29 8.63
CA GLY D 382 -36.84 -22.65 9.12
C GLY D 382 -36.34 -23.71 8.18
N ASN D 383 -37.21 -24.70 7.95
CA ASN D 383 -36.85 -25.93 7.29
C ASN D 383 -37.74 -26.14 6.08
N PRO D 384 -37.16 -26.04 4.87
CA PRO D 384 -37.97 -26.13 3.66
C PRO D 384 -38.58 -27.53 3.47
N TYR D 385 -37.84 -28.57 3.87
CA TYR D 385 -38.34 -29.95 3.81
C TYR D 385 -39.61 -30.11 4.64
N LEU D 386 -39.55 -29.62 5.88
CA LEU D 386 -40.71 -29.67 6.79
C LEU D 386 -41.83 -28.71 6.36
N ALA D 387 -41.47 -27.49 5.96
CA ALA D 387 -42.44 -26.50 5.52
C ALA D 387 -43.20 -26.89 4.24
N PHE D 388 -42.49 -27.38 3.23
CA PHE D 388 -43.15 -27.83 2.00
C PHE D 388 -44.07 -29.02 2.30
N SER D 389 -43.57 -30.00 3.06
CA SER D 389 -44.36 -31.19 3.43
C SER D 389 -45.65 -30.82 4.17
N ALA D 390 -45.53 -29.93 5.15
CA ALA D 390 -46.68 -29.47 5.95
C ALA D 390 -47.74 -28.75 5.12
N MET D 391 -47.31 -27.89 4.18
CA MET D 391 -48.21 -27.25 3.21
C MET D 391 -49.02 -28.26 2.38
N LEU D 392 -48.33 -29.32 1.92
CA LEU D 392 -48.99 -30.38 1.14
C LEU D 392 -50.01 -31.14 1.99
N MET D 393 -49.59 -31.56 3.19
CA MET D 393 -50.47 -32.26 4.12
C MET D 393 -51.74 -31.46 4.43
N ALA D 394 -51.60 -30.15 4.60
CA ALA D 394 -52.75 -29.28 4.83
C ALA D 394 -53.67 -29.21 3.61
N GLY D 395 -53.08 -29.04 2.43
CA GLY D 395 -53.83 -29.00 1.18
C GLY D 395 -54.58 -30.29 0.87
N LEU D 396 -53.97 -31.44 1.19
CA LEU D 396 -54.59 -32.75 0.93
C LEU D 396 -55.77 -33.04 1.86
N ASP D 397 -55.67 -32.60 3.13
CA ASP D 397 -56.79 -32.67 4.06
C ASP D 397 -57.95 -31.76 3.60
N GLY D 398 -57.61 -30.67 2.93
CA GLY D 398 -58.61 -29.78 2.34
C GLY D 398 -59.34 -30.40 1.16
N ILE D 399 -58.60 -31.10 0.29
CA ILE D 399 -59.21 -31.81 -0.85
C ILE D 399 -60.04 -33.00 -0.36
N LYS D 400 -59.44 -33.83 0.48
CA LYS D 400 -60.07 -35.05 1.01
C LYS D 400 -61.36 -34.76 1.78
N ASN D 401 -61.38 -33.66 2.55
CA ASN D 401 -62.57 -33.26 3.30
C ASN D 401 -63.40 -32.17 2.62
N LYS D 402 -63.04 -31.81 1.39
CA LYS D 402 -63.73 -30.76 0.62
C LYS D 402 -63.89 -29.45 1.40
N ILE D 403 -62.82 -29.02 2.07
CA ILE D 403 -62.86 -27.81 2.89
C ILE D 403 -63.00 -26.57 2.00
N GLU D 404 -64.14 -25.90 2.13
CA GLU D 404 -64.42 -24.68 1.38
C GLU D 404 -63.78 -23.45 2.05
N PRO D 405 -62.96 -22.69 1.29
CA PRO D 405 -62.40 -21.48 1.85
C PRO D 405 -63.46 -20.38 1.90
N GLN D 406 -63.39 -19.49 2.87
CA GLN D 406 -64.34 -18.39 2.94
C GLN D 406 -64.19 -17.50 1.70
N ALA D 407 -65.21 -16.69 1.42
CA ALA D 407 -65.25 -15.89 0.20
C ALA D 407 -63.98 -15.06 -0.01
N PRO D 408 -63.48 -15.01 -1.27
CA PRO D 408 -62.36 -14.14 -1.59
C PRO D 408 -62.68 -12.66 -1.37
N VAL D 409 -61.69 -11.90 -0.90
CA VAL D 409 -61.85 -10.47 -0.65
C VAL D 409 -60.88 -9.69 -1.54
N ASP D 410 -61.40 -9.10 -2.60
CA ASP D 410 -60.58 -8.41 -3.59
C ASP D 410 -60.40 -6.92 -3.27
N LYS D 411 -59.85 -6.65 -2.09
CA LYS D 411 -59.62 -5.29 -1.58
C LYS D 411 -58.23 -5.20 -0.92
N ASP D 412 -57.72 -3.97 -0.78
CA ASP D 412 -56.54 -3.73 0.05
C ASP D 412 -56.91 -4.10 1.49
N LEU D 413 -56.38 -5.23 1.94
CA LEU D 413 -56.74 -5.82 3.22
C LEU D 413 -56.23 -5.07 4.45
N TYR D 414 -55.27 -4.16 4.24
CA TYR D 414 -54.72 -3.35 5.32
C TYR D 414 -55.62 -2.14 5.62
N GLU D 415 -56.54 -1.82 4.71
CA GLU D 415 -57.29 -0.57 4.76
C GLU D 415 -58.81 -0.71 4.86
N LEU D 416 -59.30 -1.90 5.17
CA LEU D 416 -60.74 -2.07 5.38
C LEU D 416 -61.20 -1.56 6.75
N PRO D 417 -62.48 -1.12 6.84
CA PRO D 417 -63.02 -0.62 8.10
C PRO D 417 -62.95 -1.67 9.22
N PRO D 418 -62.68 -1.23 10.47
CA PRO D 418 -62.45 -2.14 11.61
C PRO D 418 -63.55 -3.17 11.82
N GLU D 419 -64.77 -2.81 11.42
CA GLU D 419 -65.93 -3.71 11.54
C GLU D 419 -65.87 -4.88 10.56
N GLU D 420 -65.40 -4.61 9.34
CA GLU D 420 -65.27 -5.65 8.31
C GLU D 420 -64.06 -6.55 8.59
N ALA D 421 -62.97 -5.96 9.09
CA ALA D 421 -61.75 -6.68 9.44
C ALA D 421 -61.98 -7.68 10.58
N ALA D 422 -63.09 -7.50 11.30
CA ALA D 422 -63.39 -8.30 12.48
C ALA D 422 -64.07 -9.63 12.14
N SER D 423 -64.64 -9.74 10.95
CA SER D 423 -65.27 -10.97 10.48
C SER D 423 -64.27 -11.93 9.82
N ILE D 424 -63.07 -11.41 9.53
CA ILE D 424 -62.02 -12.20 8.89
C ILE D 424 -61.02 -12.67 9.95
N PRO D 425 -60.78 -14.00 10.03
CA PRO D 425 -59.77 -14.56 10.94
C PRO D 425 -58.38 -13.99 10.65
N GLN D 426 -57.70 -13.54 11.69
CA GLN D 426 -56.38 -12.93 11.56
C GLN D 426 -55.29 -13.99 11.63
N THR D 427 -54.12 -13.68 11.08
CA THR D 427 -52.93 -14.51 11.27
C THR D 427 -52.54 -14.51 12.76
N PRO D 428 -51.92 -15.60 13.23
CA PRO D 428 -51.43 -15.67 14.61
C PRO D 428 -50.49 -14.51 14.97
N THR D 429 -50.58 -14.08 16.23
CA THR D 429 -49.84 -12.93 16.77
C THR D 429 -48.38 -13.28 17.06
N GLN D 430 -48.14 -14.52 17.50
CA GLN D 430 -46.83 -14.92 18.01
C GLN D 430 -46.57 -16.43 17.90
N LEU D 431 -45.29 -16.80 17.98
CA LEU D 431 -44.85 -18.20 17.82
C LEU D 431 -45.47 -19.16 18.84
N SER D 432 -45.51 -18.76 20.10
CA SER D 432 -46.02 -19.64 21.17
C SER D 432 -47.46 -20.07 20.91
N ASP D 433 -48.22 -19.22 20.22
CA ASP D 433 -49.61 -19.52 19.89
C ASP D 433 -49.73 -20.64 18.85
N VAL D 434 -48.88 -20.62 17.82
CA VAL D 434 -48.89 -21.67 16.78
C VAL D 434 -48.31 -23.00 17.27
N ILE D 435 -47.37 -22.93 18.22
CA ILE D 435 -46.81 -24.12 18.84
C ILE D 435 -47.85 -24.74 19.79
N ASP D 436 -48.55 -23.89 20.53
CA ASP D 436 -49.68 -24.30 21.38
C ASP D 436 -50.74 -24.99 20.55
N ARG D 437 -51.08 -24.39 19.41
CA ARG D 437 -52.10 -24.91 18.51
C ARG D 437 -51.67 -26.23 17.85
N LEU D 438 -50.39 -26.31 17.46
CA LEU D 438 -49.82 -27.53 16.88
C LEU D 438 -49.87 -28.71 17.86
N GLU D 439 -49.56 -28.44 19.11
CA GLU D 439 -49.61 -29.45 20.17
C GLU D 439 -51.03 -30.01 20.35
N ALA D 440 -52.03 -29.13 20.30
CA ALA D 440 -53.42 -29.50 20.56
C ALA D 440 -54.10 -30.17 19.37
N ASP D 441 -53.64 -29.89 18.15
CA ASP D 441 -54.26 -30.43 16.94
C ASP D 441 -53.29 -30.57 15.75
N HIS D 442 -52.74 -31.77 15.57
CA HIS D 442 -51.82 -32.06 14.46
C HIS D 442 -52.17 -33.31 13.63
N GLU D 443 -53.40 -33.81 13.75
CA GLU D 443 -53.81 -35.07 13.10
C GLU D 443 -53.56 -35.12 11.59
N TYR D 444 -53.87 -34.01 10.90
CA TYR D 444 -53.65 -33.88 9.45
C TYR D 444 -52.19 -34.10 9.03
N LEU D 445 -51.26 -33.83 9.93
CA LEU D 445 -49.84 -33.97 9.64
C LEU D 445 -49.37 -35.43 9.78
N THR D 446 -49.99 -36.15 10.72
CA THR D 446 -49.64 -37.55 10.97
C THR D 446 -50.38 -38.53 10.06
N GLU D 447 -51.22 -38.02 9.14
CA GLU D 447 -51.86 -38.88 8.12
C GLU D 447 -50.81 -39.64 7.33
N GLY D 448 -51.04 -40.95 7.15
CA GLY D 448 -50.11 -41.80 6.40
C GLY D 448 -48.71 -41.91 6.99
N GLY D 449 -48.52 -41.39 8.20
CA GLY D 449 -47.22 -41.42 8.90
C GLY D 449 -46.15 -40.46 8.40
N VAL D 450 -46.55 -39.49 7.57
CA VAL D 450 -45.62 -38.49 7.01
C VAL D 450 -44.87 -37.74 8.11
N PHE D 451 -45.62 -37.15 9.04
CA PHE D 451 -45.05 -36.62 10.29
C PHE D 451 -45.36 -37.65 11.37
N THR D 452 -44.43 -37.86 12.29
CA THR D 452 -44.68 -38.74 13.45
C THR D 452 -44.78 -37.91 14.72
N ASN D 453 -45.35 -38.49 15.77
CA ASN D 453 -45.51 -37.80 17.04
C ASN D 453 -44.18 -37.42 17.70
N ASP D 454 -43.17 -38.28 17.57
CA ASP D 454 -41.83 -37.99 18.08
C ASP D 454 -41.18 -36.77 17.41
N LEU D 455 -41.41 -36.59 16.11
CA LEU D 455 -40.94 -35.40 15.39
C LEU D 455 -41.62 -34.15 15.94
N ILE D 456 -42.95 -34.20 15.99
CA ILE D 456 -43.77 -33.06 16.40
C ILE D 456 -43.51 -32.67 17.86
N GLU D 457 -43.42 -33.65 18.75
CA GLU D 457 -43.05 -33.41 20.15
C GLU D 457 -41.67 -32.78 20.28
N THR D 458 -40.70 -33.29 19.52
CA THR D 458 -39.35 -32.74 19.52
C THR D 458 -39.33 -31.27 19.05
N TRP D 459 -40.02 -30.97 17.94
CA TRP D 459 -40.17 -29.61 17.40
C TRP D 459 -40.75 -28.64 18.44
N ILE D 460 -41.90 -28.98 19.00
CA ILE D 460 -42.58 -28.19 20.05
C ILE D 460 -41.64 -27.93 21.24
N SER D 461 -41.00 -28.99 21.71
CA SER D 461 -40.03 -28.92 22.80
C SER D 461 -38.84 -27.99 22.48
N PHE D 462 -38.27 -28.12 21.28
CA PHE D 462 -37.12 -27.30 20.87
C PHE D 462 -37.48 -25.81 20.79
N LYS D 463 -38.61 -25.50 20.18
CA LYS D 463 -39.03 -24.12 19.99
C LYS D 463 -39.29 -23.41 21.32
N ARG D 464 -39.92 -24.12 22.25
CA ARG D 464 -40.24 -23.58 23.58
C ARG D 464 -39.00 -23.31 24.41
N GLU D 465 -38.05 -24.24 24.38
CA GLU D 465 -36.88 -24.19 25.26
C GLU D 465 -35.71 -23.36 24.72
N ASN D 466 -35.56 -23.33 23.40
CA ASN D 466 -34.41 -22.69 22.75
C ASN D 466 -34.74 -21.38 22.03
N GLU D 467 -36.02 -21.07 21.86
CA GLU D 467 -36.44 -19.85 21.16
C GLU D 467 -37.44 -18.99 21.94
N ILE D 468 -38.59 -19.57 22.32
CA ILE D 468 -39.66 -18.81 22.98
C ILE D 468 -39.25 -18.26 24.37
N GLU D 469 -38.82 -19.15 25.25
CA GLU D 469 -38.42 -18.75 26.61
C GLU D 469 -37.22 -17.80 26.63
N PRO D 470 -36.11 -18.14 25.91
CA PRO D 470 -34.95 -17.23 25.79
C PRO D 470 -35.25 -15.78 25.40
N VAL D 471 -36.19 -15.57 24.47
CA VAL D 471 -36.63 -14.21 24.11
C VAL D 471 -37.54 -13.61 25.19
N ASN D 472 -38.47 -14.42 25.69
CA ASN D 472 -39.44 -14.03 26.74
C ASN D 472 -38.87 -13.43 28.03
N ILE D 473 -37.71 -13.94 28.47
CA ILE D 473 -37.13 -13.53 29.76
C ILE D 473 -36.21 -12.31 29.64
N ARG D 474 -35.90 -11.93 28.41
CA ARG D 474 -34.97 -10.83 28.16
C ARG D 474 -35.70 -9.52 27.89
N PRO D 475 -35.43 -8.49 28.73
CA PRO D 475 -36.00 -7.18 28.49
C PRO D 475 -35.65 -6.63 27.11
N HIS D 476 -36.66 -6.10 26.42
CA HIS D 476 -36.56 -5.47 25.11
C HIS D 476 -36.11 -4.00 25.31
N PRO D 477 -35.24 -3.48 24.42
CA PRO D 477 -34.80 -2.07 24.50
C PRO D 477 -35.93 -1.05 24.54
N TYR D 478 -37.03 -1.31 23.82
CA TYR D 478 -38.17 -0.38 23.83
C TYR D 478 -38.93 -0.33 25.17
N GLU D 479 -38.73 -1.32 26.03
CA GLU D 479 -39.25 -1.30 27.39
C GLU D 479 -38.58 -0.20 28.23
N PHE D 480 -37.34 0.13 27.89
CA PHE D 480 -36.63 1.20 28.59
C PHE D 480 -37.10 2.58 28.12
N ALA D 481 -37.47 2.67 26.84
CA ALA D 481 -38.09 3.88 26.28
C ALA D 481 -39.47 4.14 26.92
N LEU D 482 -40.23 3.07 27.12
CA LEU D 482 -41.56 3.17 27.70
C LEU D 482 -41.59 3.30 29.23
N TYR D 483 -40.66 2.65 29.92
CA TYR D 483 -40.82 2.43 31.36
C TYR D 483 -39.71 2.86 32.31
N TYR D 484 -38.58 3.36 31.81
CA TYR D 484 -37.48 3.70 32.74
C TYR D 484 -37.94 4.69 33.82
N ASP D 485 -38.79 5.62 33.43
CA ASP D 485 -39.20 6.72 34.29
C ASP D 485 -40.54 6.52 35.03
N VAL D 486 -41.05 5.28 35.06
CA VAL D 486 -42.35 4.98 35.71
C VAL D 486 -42.45 5.38 37.18
N LYS E 12 11.43 -49.99 4.88
CA LYS E 12 12.41 -48.99 4.36
C LYS E 12 13.84 -49.26 4.85
N THR E 13 14.79 -49.15 3.93
CA THR E 13 16.21 -49.38 4.20
C THR E 13 16.97 -48.05 4.16
N PRO E 14 18.19 -48.00 4.75
CA PRO E 14 19.10 -46.88 4.49
C PRO E 14 19.22 -46.50 3.02
N ASP E 15 19.23 -47.48 2.12
CA ASP E 15 19.33 -47.20 0.69
C ASP E 15 18.07 -46.55 0.10
N ASP E 16 16.90 -46.92 0.60
CA ASP E 16 15.65 -46.25 0.22
C ASP E 16 15.64 -44.76 0.56
N VAL E 17 16.22 -44.42 1.72
CA VAL E 17 16.26 -43.04 2.21
C VAL E 17 17.21 -42.17 1.39
N PHE E 18 18.40 -42.67 1.08
CA PHE E 18 19.37 -41.97 0.24
C PHE E 18 18.82 -41.69 -1.16
N LYS E 19 18.11 -42.68 -1.72
CA LYS E 19 17.49 -42.56 -3.03
C LYS E 19 16.40 -41.49 -3.03
N LEU E 20 15.57 -41.47 -1.99
CA LEU E 20 14.52 -40.46 -1.83
C LEU E 20 15.10 -39.05 -1.72
N ALA E 21 16.18 -38.90 -0.95
CA ALA E 21 16.84 -37.60 -0.77
C ALA E 21 17.44 -37.07 -2.07
N LYS E 22 18.00 -37.99 -2.86
CA LYS E 22 18.55 -37.67 -4.18
C LYS E 22 17.46 -37.27 -5.19
N ASP E 23 16.41 -38.08 -5.31
CA ASP E 23 15.31 -37.81 -6.26
C ASP E 23 14.57 -36.51 -5.96
N GLU E 24 14.51 -36.15 -4.68
CA GLU E 24 13.79 -34.95 -4.24
C GLU E 24 14.63 -33.67 -4.27
N LYS E 25 15.91 -33.81 -4.62
CA LYS E 25 16.87 -32.70 -4.66
C LYS E 25 16.93 -31.97 -3.32
N VAL E 26 17.01 -32.77 -2.26
CA VAL E 26 17.01 -32.32 -0.88
C VAL E 26 18.29 -31.53 -0.58
N GLU E 27 18.12 -30.33 -0.01
CA GLU E 27 19.25 -29.50 0.42
C GLU E 27 19.65 -29.81 1.86
N TYR E 28 18.66 -30.11 2.71
CA TYR E 28 18.87 -30.33 4.13
C TYR E 28 18.11 -31.55 4.66
N VAL E 29 18.69 -32.19 5.67
CA VAL E 29 18.04 -33.27 6.41
C VAL E 29 17.82 -32.83 7.85
N ASP E 30 16.58 -32.91 8.31
CA ASP E 30 16.22 -32.50 9.66
C ASP E 30 16.14 -33.69 10.61
N VAL E 31 17.02 -33.68 11.61
CA VAL E 31 17.17 -34.77 12.57
C VAL E 31 16.24 -34.58 13.78
N ARG E 32 15.30 -35.50 13.96
CA ARG E 32 14.28 -35.37 15.00
C ARG E 32 14.21 -36.49 16.02
N PHE E 33 13.87 -36.13 17.25
CA PHE E 33 13.62 -37.09 18.32
C PHE E 33 12.66 -36.48 19.34
N CYS E 34 12.13 -37.31 20.24
CA CYS E 34 11.14 -36.87 21.22
C CYS E 34 11.76 -36.65 22.62
N ASP E 35 11.43 -35.53 23.26
CA ASP E 35 11.75 -35.35 24.69
C ASP E 35 10.75 -36.11 25.58
N LEU E 36 11.04 -36.22 26.86
CA LEU E 36 10.17 -37.02 27.73
C LEU E 36 8.71 -36.53 27.81
N PRO E 37 8.48 -35.22 28.05
CA PRO E 37 7.09 -34.70 28.11
C PRO E 37 6.23 -34.86 26.85
N GLY E 38 6.83 -34.83 25.66
CA GLY E 38 6.10 -35.09 24.41
C GLY E 38 6.32 -34.13 23.25
N ILE E 39 7.32 -33.26 23.34
CA ILE E 39 7.64 -32.30 22.27
C ILE E 39 8.79 -32.82 21.39
N MET E 40 8.61 -32.79 20.08
CA MET E 40 9.68 -33.18 19.15
C MET E 40 10.80 -32.12 19.12
N GLN E 41 12.04 -32.61 19.04
CA GLN E 41 13.27 -31.82 19.06
C GLN E 41 13.97 -32.00 17.72
N HIS E 42 14.75 -31.01 17.27
CA HIS E 42 15.41 -31.08 15.97
C HIS E 42 16.70 -30.27 15.82
N PHE E 43 17.63 -30.79 15.00
CA PHE E 43 18.68 -29.99 14.38
C PHE E 43 18.81 -30.38 12.90
N THR E 44 19.43 -29.49 12.12
CA THR E 44 19.51 -29.67 10.67
C THR E 44 20.95 -29.95 10.21
N ILE E 45 21.11 -30.92 9.31
CA ILE E 45 22.39 -31.18 8.66
C ILE E 45 22.30 -30.94 7.15
N PRO E 46 23.41 -30.53 6.51
CA PRO E 46 23.39 -30.41 5.05
C PRO E 46 23.30 -31.78 4.38
N ALA E 47 22.68 -31.84 3.21
CA ALA E 47 22.55 -33.08 2.45
C ALA E 47 23.91 -33.77 2.28
N SER E 48 24.95 -32.95 2.07
CA SER E 48 26.32 -33.42 1.91
C SER E 48 26.89 -34.11 3.15
N ALA E 49 26.27 -33.91 4.32
CA ALA E 49 26.67 -34.61 5.54
C ALA E 49 25.76 -35.80 5.86
N PHE E 50 24.80 -36.07 4.99
CA PHE E 50 23.90 -37.20 5.16
C PHE E 50 24.45 -38.42 4.40
N ASP E 51 25.20 -39.26 5.11
CA ASP E 51 25.88 -40.42 4.51
C ASP E 51 25.72 -41.69 5.36
N LYS E 52 26.50 -42.74 5.05
CA LYS E 52 26.39 -44.02 5.74
C LYS E 52 26.81 -43.90 7.20
N SER E 53 27.71 -42.95 7.46
CA SER E 53 28.21 -42.72 8.81
C SER E 53 27.10 -42.35 9.80
N VAL E 54 26.08 -41.64 9.30
CA VAL E 54 24.93 -41.27 10.12
C VAL E 54 24.24 -42.53 10.65
N PHE E 55 24.09 -43.53 9.76
CA PHE E 55 23.50 -44.82 10.14
C PHE E 55 24.46 -45.70 10.97
N ASP E 56 25.75 -45.66 10.63
CA ASP E 56 26.76 -46.50 11.31
C ASP E 56 27.19 -45.94 12.68
N ASP E 57 27.53 -44.66 12.72
CA ASP E 57 28.12 -44.04 13.91
C ASP E 57 27.14 -43.17 14.69
N GLY E 58 26.13 -42.65 14.00
CA GLY E 58 25.12 -41.80 14.63
C GLY E 58 25.54 -40.35 14.77
N LEU E 59 24.71 -39.57 15.47
CA LEU E 59 24.96 -38.14 15.69
C LEU E 59 24.76 -37.75 17.15
N ALA E 60 25.62 -36.85 17.62
CA ALA E 60 25.64 -36.48 19.03
C ALA E 60 24.85 -35.20 19.33
N PHE E 61 24.31 -35.12 20.54
CA PHE E 61 23.61 -33.93 21.03
C PHE E 61 23.78 -33.76 22.56
N ASP E 62 23.27 -32.64 23.07
CA ASP E 62 23.30 -32.31 24.50
C ASP E 62 22.07 -32.86 25.24
N GLY E 63 22.26 -33.98 25.93
CA GLY E 63 21.23 -34.57 26.78
C GLY E 63 20.79 -33.74 27.97
N SER E 64 21.63 -32.80 28.40
CA SER E 64 21.33 -31.85 29.50
C SER E 64 20.17 -30.91 29.17
N SER E 65 20.09 -30.51 27.91
CA SER E 65 19.15 -29.49 27.49
C SER E 65 17.76 -30.03 27.15
N ILE E 66 17.63 -31.35 27.18
CA ILE E 66 16.37 -32.03 26.88
C ILE E 66 15.72 -32.50 28.20
N ARG E 67 14.44 -32.15 28.38
CA ARG E 67 13.72 -32.43 29.60
C ARG E 67 13.51 -33.94 29.79
N GLY E 68 13.73 -34.40 31.03
CA GLY E 68 13.61 -35.81 31.39
C GLY E 68 14.77 -36.69 30.94
N PHE E 69 15.82 -36.08 30.39
CA PHE E 69 16.99 -36.81 29.90
C PHE E 69 18.15 -36.85 30.93
N GLN E 70 19.28 -36.21 30.61
CA GLN E 70 20.51 -36.36 31.38
C GLN E 70 20.89 -35.16 32.24
N SER E 71 21.77 -35.42 33.21
CA SER E 71 22.43 -34.40 34.00
C SER E 71 23.56 -33.77 33.21
N ILE E 72 24.06 -32.62 33.67
CA ILE E 72 25.04 -31.84 32.92
C ILE E 72 26.41 -32.53 32.79
N HIS E 73 26.81 -33.27 33.83
CA HIS E 73 28.08 -33.99 33.83
C HIS E 73 28.02 -35.32 33.06
N GLU E 74 26.82 -35.75 32.68
CA GLU E 74 26.62 -36.93 31.87
C GLU E 74 25.80 -36.54 30.63
N SER E 75 26.17 -35.39 30.03
CA SER E 75 25.35 -34.74 29.01
C SER E 75 25.30 -35.41 27.64
N ASP E 76 26.46 -35.80 27.10
CA ASP E 76 26.54 -36.38 25.74
C ASP E 76 25.62 -37.59 25.54
N MET E 77 24.80 -37.53 24.48
CA MET E 77 23.96 -38.66 24.08
C MET E 77 24.08 -38.88 22.57
N LEU E 78 23.55 -40.00 22.09
CA LEU E 78 23.68 -40.39 20.67
C LEU E 78 22.32 -40.65 20.01
N LEU E 79 22.24 -40.40 18.70
CA LEU E 79 21.01 -40.61 17.93
C LEU E 79 21.26 -41.52 16.73
N LEU E 80 20.38 -42.52 16.56
CA LEU E 80 20.44 -43.40 15.38
C LEU E 80 19.13 -43.33 14.59
N PRO E 81 19.23 -43.22 13.25
CA PRO E 81 18.06 -43.01 12.37
C PRO E 81 17.04 -44.15 12.30
N ASP E 82 15.77 -43.78 12.12
CA ASP E 82 14.71 -44.73 11.81
C ASP E 82 14.23 -44.49 10.38
N PRO E 83 14.68 -45.33 9.44
CA PRO E 83 14.42 -45.12 8.01
C PRO E 83 12.94 -45.06 7.62
N GLU E 84 12.09 -45.76 8.36
CA GLU E 84 10.66 -45.81 8.07
C GLU E 84 9.93 -44.48 8.30
N THR E 85 10.58 -43.53 8.98
CA THR E 85 9.95 -42.25 9.30
C THR E 85 10.29 -41.08 8.33
N ALA E 86 11.10 -41.35 7.31
CA ALA E 86 11.53 -40.32 6.37
C ALA E 86 10.35 -39.72 5.57
N ARG E 87 10.18 -38.40 5.71
CA ARG E 87 9.11 -37.65 5.03
C ARG E 87 9.62 -36.27 4.62
N ILE E 88 9.25 -35.82 3.41
CA ILE E 88 9.63 -34.48 2.91
C ILE E 88 8.87 -33.39 3.68
N ASP E 89 9.57 -32.30 4.03
CA ASP E 89 8.95 -31.20 4.75
C ASP E 89 8.10 -30.31 3.83
N PRO E 90 6.83 -30.05 4.19
CA PRO E 90 5.91 -29.23 3.37
C PRO E 90 6.10 -27.71 3.49
N PHE E 91 6.88 -27.25 4.47
CA PHE E 91 6.89 -25.83 4.83
C PHE E 91 8.16 -25.08 4.48
N ARG E 92 9.30 -25.75 4.56
CA ARG E 92 10.59 -25.09 4.37
C ARG E 92 10.89 -24.78 2.90
N ALA E 93 11.32 -23.54 2.66
CA ALA E 93 11.69 -23.06 1.32
C ALA E 93 12.87 -23.85 0.75
N ALA E 94 13.84 -24.16 1.60
CA ALA E 94 14.95 -25.04 1.23
C ALA E 94 14.49 -26.48 1.38
N LYS E 95 14.57 -27.25 0.30
CA LYS E 95 14.02 -28.62 0.26
C LYS E 95 14.62 -29.49 1.37
N THR E 96 13.77 -29.97 2.28
CA THR E 96 14.21 -30.65 3.50
C THR E 96 13.53 -32.02 3.70
N LEU E 97 14.31 -33.00 4.13
CA LEU E 97 13.79 -34.32 4.50
C LEU E 97 13.86 -34.50 6.02
N ASN E 98 12.71 -34.78 6.63
CA ASN E 98 12.61 -35.02 8.07
C ASN E 98 12.76 -36.50 8.38
N ILE E 99 13.58 -36.85 9.38
CA ILE E 99 13.75 -38.24 9.82
C ILE E 99 13.77 -38.32 11.33
N ASN E 100 12.98 -39.24 11.90
CA ASN E 100 12.98 -39.51 13.34
C ASN E 100 14.11 -40.45 13.75
N PHE E 101 14.67 -40.22 14.95
CA PHE E 101 15.80 -40.98 15.46
C PHE E 101 15.46 -41.63 16.80
N PHE E 102 16.18 -42.71 17.13
CA PHE E 102 16.14 -43.30 18.46
C PHE E 102 17.34 -42.80 19.26
N VAL E 103 17.15 -42.62 20.57
CA VAL E 103 18.23 -42.16 21.45
C VAL E 103 18.99 -43.36 22.01
N HIS E 104 20.33 -43.27 21.98
CA HIS E 104 21.21 -44.34 22.46
C HIS E 104 22.31 -43.80 23.39
N ASP E 105 22.77 -44.68 24.28
CA ASP E 105 23.93 -44.42 25.14
C ASP E 105 25.21 -44.27 24.29
N PRO E 106 26.02 -43.22 24.55
CA PRO E 106 27.21 -42.97 23.72
C PRO E 106 28.39 -43.92 23.98
N PHE E 107 28.33 -44.69 25.07
CA PHE E 107 29.37 -45.68 25.39
C PHE E 107 29.00 -47.09 24.91
N THR E 108 27.83 -47.57 25.33
CA THR E 108 27.39 -48.93 25.07
C THR E 108 26.62 -49.07 23.75
N LEU E 109 26.12 -47.95 23.24
CA LEU E 109 25.26 -47.90 22.05
C LEU E 109 23.90 -48.60 22.27
N GLU E 110 23.57 -48.84 23.53
CA GLU E 110 22.31 -49.43 23.93
C GLU E 110 21.19 -48.39 23.88
N PRO E 111 19.98 -48.79 23.46
CA PRO E 111 18.80 -47.93 23.53
C PRO E 111 18.62 -47.29 24.91
N TYR E 112 18.17 -46.04 24.91
CA TYR E 112 18.00 -45.24 26.13
C TYR E 112 16.70 -45.60 26.84
N SER E 113 16.78 -45.72 28.17
CA SER E 113 15.60 -46.05 29.00
C SER E 113 14.53 -44.96 29.02
N ARG E 114 14.93 -43.71 28.75
CA ARG E 114 14.00 -42.59 28.78
C ARG E 114 13.74 -41.99 27.40
N ASP E 115 14.04 -42.76 26.35
CA ASP E 115 13.63 -42.43 24.98
C ASP E 115 12.20 -42.94 24.79
N PRO E 116 11.25 -42.01 24.56
CA PRO E 116 9.85 -42.40 24.33
C PRO E 116 9.64 -43.37 23.17
N ARG E 117 10.39 -43.18 22.08
CA ARG E 117 10.31 -44.06 20.92
C ARG E 117 10.77 -45.50 21.22
N ASN E 118 11.75 -45.62 22.12
CA ASN E 118 12.18 -46.91 22.66
C ASN E 118 11.07 -47.59 23.46
N ILE E 119 10.31 -46.83 24.24
CA ILE E 119 9.21 -47.40 25.03
C ILE E 119 8.17 -48.04 24.11
N ALA E 120 7.81 -47.34 23.04
CA ALA E 120 6.88 -47.84 22.03
C ALA E 120 7.42 -49.12 21.40
N ARG E 121 8.69 -49.08 20.97
CA ARG E 121 9.44 -50.26 20.52
C ARG E 121 9.31 -51.46 21.46
N LYS E 122 9.65 -51.26 22.73
CA LYS E 122 9.61 -52.32 23.75
C LYS E 122 8.20 -52.86 23.96
N ALA E 123 7.21 -51.98 23.92
CA ALA E 123 5.81 -52.35 24.11
C ALA E 123 5.32 -53.31 23.02
N GLU E 124 5.66 -53.01 21.77
CA GLU E 124 5.31 -53.89 20.64
C GLU E 124 5.96 -55.27 20.76
N ASN E 125 7.22 -55.31 21.19
CA ASN E 125 7.93 -56.58 21.37
C ASN E 125 7.39 -57.40 22.54
N TYR E 126 6.99 -56.72 23.61
CA TYR E 126 6.41 -57.39 24.77
C TYR E 126 5.08 -58.05 24.43
N LEU E 127 4.25 -57.34 23.66
CA LEU E 127 2.97 -57.87 23.18
C LEU E 127 3.16 -59.24 22.52
N ILE E 128 4.05 -59.31 21.54
CA ILE E 128 4.35 -60.56 20.82
C ILE E 128 4.77 -61.66 21.79
N SER E 129 5.62 -61.30 22.76
CA SER E 129 6.15 -62.24 23.76
C SER E 129 5.07 -62.86 24.68
N THR E 130 3.89 -62.25 24.73
CA THR E 130 2.80 -62.77 25.56
C THR E 130 2.02 -63.90 24.89
N GLY E 131 2.06 -63.94 23.55
CA GLY E 131 1.24 -64.88 22.78
C GLY E 131 -0.23 -64.47 22.69
N ILE E 132 -0.59 -63.34 23.29
CA ILE E 132 -1.97 -62.84 23.28
C ILE E 132 -2.37 -62.35 21.88
N ALA E 133 -1.44 -61.64 21.24
CA ALA E 133 -1.65 -61.07 19.92
C ALA E 133 -0.29 -60.68 19.36
N ASP E 134 -0.23 -60.33 18.08
CA ASP E 134 1.03 -59.83 17.51
C ASP E 134 0.99 -58.36 17.06
N THR E 135 -0.21 -57.78 16.98
CA THR E 135 -0.35 -56.38 16.59
C THR E 135 -1.41 -55.63 17.41
N ALA E 136 -1.03 -54.44 17.89
CA ALA E 136 -1.97 -53.54 18.56
C ALA E 136 -2.23 -52.32 17.68
N TYR E 137 -3.47 -52.16 17.22
CA TYR E 137 -3.83 -51.04 16.37
C TYR E 137 -4.42 -49.86 17.16
N PHE E 138 -3.98 -48.66 16.79
CA PHE E 138 -4.40 -47.41 17.44
C PHE E 138 -4.90 -46.41 16.41
N GLY E 139 -6.16 -46.00 16.57
CA GLY E 139 -6.74 -44.93 15.79
C GLY E 139 -7.01 -43.77 16.73
N ALA E 140 -6.32 -42.66 16.52
CA ALA E 140 -6.39 -41.53 17.45
C ALA E 140 -7.04 -40.31 16.82
N GLU E 141 -7.97 -39.69 17.55
CA GLU E 141 -8.63 -38.48 17.11
C GLU E 141 -8.12 -37.29 17.90
N ALA E 142 -7.18 -36.55 17.33
CA ALA E 142 -6.59 -35.40 18.02
C ALA E 142 -7.26 -34.11 17.58
N GLU E 143 -8.19 -33.64 18.43
CA GLU E 143 -8.91 -32.40 18.19
C GLU E 143 -8.03 -31.20 18.53
N PHE E 144 -8.32 -30.06 17.92
CA PHE E 144 -7.52 -28.84 18.13
C PHE E 144 -8.35 -27.59 17.85
N TYR E 145 -7.87 -26.46 18.35
CA TYR E 145 -8.47 -25.15 18.12
C TYR E 145 -7.62 -24.30 17.17
N ILE E 146 -8.26 -23.70 16.17
CA ILE E 146 -7.58 -22.76 15.28
C ILE E 146 -7.85 -21.32 15.75
N PHE E 147 -6.94 -20.77 16.55
CA PHE E 147 -7.11 -19.41 17.09
C PHE E 147 -6.44 -18.35 16.20
N ASP E 148 -6.70 -17.07 16.51
CA ASP E 148 -6.05 -15.93 15.83
C ASP E 148 -4.91 -15.38 16.68
N SER E 149 -5.06 -15.44 18.00
CA SER E 149 -4.07 -14.90 18.93
C SER E 149 -4.18 -15.49 20.33
N VAL E 150 -3.07 -15.44 21.06
CA VAL E 150 -3.00 -15.81 22.48
C VAL E 150 -1.97 -14.91 23.18
N SER E 151 -2.29 -14.47 24.40
CA SER E 151 -1.33 -13.79 25.26
C SER E 151 -1.60 -14.16 26.72
N PHE E 152 -0.55 -14.06 27.55
CA PHE E 152 -0.61 -14.46 28.95
C PHE E 152 0.63 -13.98 29.69
N ASP E 153 0.50 -13.81 31.01
CA ASP E 153 1.65 -13.54 31.88
C ASP E 153 1.37 -13.88 33.35
N SER E 154 2.40 -13.79 34.17
CA SER E 154 2.34 -14.13 35.57
C SER E 154 3.37 -13.25 36.30
N ARG E 155 2.86 -12.39 37.19
CA ARG E 155 3.67 -11.41 37.91
C ARG E 155 3.31 -11.46 39.40
N ALA E 156 4.02 -10.69 40.22
CA ALA E 156 3.75 -10.61 41.65
C ALA E 156 2.37 -10.05 41.96
N ASN E 157 1.88 -9.11 41.15
CA ASN E 157 0.64 -8.39 41.44
C ASN E 157 -0.50 -8.65 40.46
N GLY E 158 -0.30 -9.59 39.53
CA GLY E 158 -1.29 -9.83 38.50
C GLY E 158 -0.90 -10.98 37.59
N SER E 159 -1.90 -11.52 36.91
CA SER E 159 -1.72 -12.59 35.94
C SER E 159 -2.93 -12.60 35.01
N PHE E 160 -2.72 -12.99 33.75
CA PHE E 160 -3.82 -13.10 32.80
C PHE E 160 -3.57 -14.14 31.69
N TYR E 161 -4.63 -14.51 31.00
CA TYR E 161 -4.53 -15.13 29.69
C TYR E 161 -5.71 -14.65 28.83
N GLU E 162 -5.51 -14.63 27.52
CA GLU E 162 -6.61 -14.46 26.59
C GLU E 162 -6.30 -15.16 25.28
N VAL E 163 -7.25 -15.95 24.80
CA VAL E 163 -7.21 -16.46 23.43
C VAL E 163 -8.27 -15.73 22.62
N ASP E 164 -8.05 -15.56 21.32
CA ASP E 164 -9.06 -14.92 20.48
C ASP E 164 -9.21 -15.61 19.12
N ALA E 165 -10.40 -15.50 18.54
CA ALA E 165 -10.72 -16.07 17.23
C ALA E 165 -11.88 -15.28 16.65
N ILE E 166 -11.80 -15.00 15.35
CA ILE E 166 -12.87 -14.26 14.65
C ILE E 166 -14.25 -14.89 14.84
N SER E 167 -14.32 -16.23 14.77
CA SER E 167 -15.57 -16.96 14.90
C SER E 167 -16.07 -17.18 16.34
N GLY E 168 -15.30 -16.73 17.33
CA GLY E 168 -15.68 -16.85 18.74
C GLY E 168 -16.95 -16.09 19.07
N TRP E 169 -17.85 -16.72 19.81
CA TRP E 169 -19.16 -16.15 20.13
C TRP E 169 -19.05 -14.86 20.97
N TRP E 170 -17.95 -14.74 21.71
CA TRP E 170 -17.65 -13.56 22.53
C TRP E 170 -17.48 -12.27 21.69
N ASN E 171 -17.35 -12.43 20.37
CA ASN E 171 -17.11 -11.32 19.45
C ASN E 171 -18.35 -10.87 18.66
N THR E 172 -19.51 -11.48 18.90
CA THR E 172 -20.73 -11.08 18.18
C THR E 172 -21.03 -9.59 18.30
N GLY E 173 -20.63 -9.00 19.43
CA GLY E 173 -20.87 -7.57 19.70
C GLY E 173 -19.77 -6.63 19.23
N ALA E 174 -18.71 -7.17 18.63
CA ALA E 174 -17.57 -6.34 18.18
C ALA E 174 -17.96 -5.35 17.10
N ALA E 175 -17.47 -4.11 17.22
CA ALA E 175 -17.80 -3.06 16.25
C ALA E 175 -17.11 -3.30 14.92
N THR E 176 -15.86 -3.74 14.97
CA THR E 176 -15.09 -4.11 13.79
C THR E 176 -14.28 -5.35 14.13
N GLU E 177 -13.70 -5.98 13.11
CA GLU E 177 -12.73 -7.06 13.34
C GLU E 177 -11.38 -6.45 13.72
N ALA E 178 -10.46 -7.28 14.18
CA ALA E 178 -9.14 -6.85 14.65
C ALA E 178 -8.37 -5.98 13.66
N ASP E 179 -8.51 -6.28 12.37
CA ASP E 179 -7.89 -5.51 11.30
C ASP E 179 -8.70 -4.27 10.88
N GLY E 180 -9.72 -3.93 11.66
CA GLY E 180 -10.55 -2.74 11.39
C GLY E 180 -11.69 -2.94 10.40
N SER E 181 -11.70 -4.09 9.71
CA SER E 181 -12.79 -4.44 8.78
C SER E 181 -14.10 -4.74 9.53
N PRO E 182 -15.25 -4.70 8.83
CA PRO E 182 -16.54 -4.82 9.52
C PRO E 182 -16.80 -6.21 10.13
N ASN E 183 -17.65 -6.22 11.16
CA ASN E 183 -18.19 -7.46 11.71
C ASN E 183 -19.27 -7.96 10.76
N ARG E 184 -19.07 -9.16 10.19
CA ARG E 184 -20.03 -9.70 9.21
C ARG E 184 -20.87 -10.86 9.78
N GLY E 185 -20.75 -11.07 11.09
CA GLY E 185 -21.51 -12.10 11.77
C GLY E 185 -21.11 -13.50 11.34
N TYR E 186 -22.08 -14.42 11.40
CA TYR E 186 -21.86 -15.85 11.13
C TYR E 186 -20.81 -16.45 12.06
N LYS E 187 -20.81 -15.99 13.32
CA LYS E 187 -19.90 -16.51 14.33
C LYS E 187 -20.52 -17.76 14.96
N VAL E 188 -19.67 -18.60 15.53
CA VAL E 188 -20.11 -19.92 16.03
C VAL E 188 -20.57 -19.82 17.48
N ARG E 189 -21.79 -20.30 17.73
CA ARG E 189 -22.34 -20.38 19.08
C ARG E 189 -21.55 -21.39 19.89
N HIS E 190 -21.52 -21.19 21.20
CA HIS E 190 -20.86 -22.14 22.09
C HIS E 190 -21.60 -23.47 21.99
N LYS E 191 -20.82 -24.55 21.90
CA LYS E 191 -21.33 -25.93 21.68
C LYS E 191 -22.03 -26.09 20.33
N GLY E 192 -21.85 -25.11 19.43
CA GLY E 192 -22.61 -25.09 18.16
C GLY E 192 -21.81 -25.21 16.87
N GLY E 193 -20.56 -25.68 16.97
CA GLY E 193 -19.67 -25.75 15.80
C GLY E 193 -19.67 -27.06 15.02
N TYR E 194 -20.38 -28.06 15.52
CA TYR E 194 -20.43 -29.38 14.88
C TYR E 194 -21.80 -29.60 14.24
N PHE E 195 -21.95 -29.41 12.92
CA PHE E 195 -20.97 -28.76 12.01
C PHE E 195 -21.66 -28.04 10.84
N PRO E 196 -22.15 -26.81 11.09
CA PRO E 196 -22.83 -25.99 10.09
C PRO E 196 -21.97 -25.74 8.85
N VAL E 197 -22.62 -25.57 7.70
CA VAL E 197 -21.93 -25.22 6.44
C VAL E 197 -21.42 -23.77 6.47
N ALA E 198 -20.52 -23.45 5.55
CA ALA E 198 -20.04 -22.08 5.37
C ALA E 198 -21.23 -21.20 4.97
N PRO E 199 -21.21 -19.90 5.35
CA PRO E 199 -20.11 -19.18 5.99
C PRO E 199 -20.03 -19.27 7.53
N ASN E 200 -20.90 -20.06 8.17
CA ASN E 200 -20.77 -20.25 9.62
C ASN E 200 -19.45 -20.97 9.94
N ASP E 201 -19.13 -21.99 9.13
CA ASP E 201 -17.83 -22.64 9.14
C ASP E 201 -16.85 -21.73 8.40
N GLN E 202 -15.99 -21.03 9.14
CA GLN E 202 -15.08 -20.04 8.56
C GLN E 202 -13.70 -20.63 8.23
N TYR E 203 -13.54 -21.95 8.38
CA TYR E 203 -12.22 -22.59 8.28
C TYR E 203 -12.12 -23.68 7.20
N VAL E 204 -13.08 -23.73 6.28
CA VAL E 204 -13.11 -24.77 5.25
C VAL E 204 -11.83 -24.81 4.40
N ASP E 205 -11.40 -23.65 3.89
CA ASP E 205 -10.23 -23.59 3.01
C ASP E 205 -8.94 -23.95 3.73
N LEU E 206 -8.79 -23.50 4.97
CA LEU E 206 -7.60 -23.81 5.77
C LEU E 206 -7.52 -25.31 6.13
N ARG E 207 -8.64 -25.92 6.48
CA ARG E 207 -8.66 -27.37 6.76
C ARG E 207 -8.36 -28.19 5.51
N ASP E 208 -8.75 -27.67 4.34
CA ASP E 208 -8.43 -28.31 3.05
C ASP E 208 -6.91 -28.30 2.81
N LYS E 209 -6.26 -27.18 3.11
CA LYS E 209 -4.79 -27.08 3.08
C LYS E 209 -4.14 -28.07 4.03
N MET E 210 -4.74 -28.23 5.22
CA MET E 210 -4.24 -29.17 6.22
C MET E 210 -4.39 -30.59 5.68
N LEU E 211 -5.57 -30.90 5.16
CA LEU E 211 -5.85 -32.22 4.57
C LEU E 211 -4.88 -32.55 3.43
N THR E 212 -4.64 -31.58 2.56
CA THR E 212 -3.71 -31.76 1.43
C THR E 212 -2.27 -31.97 1.87
N ASN E 213 -1.78 -31.19 2.84
CA ASN E 213 -0.44 -31.38 3.39
C ASN E 213 -0.25 -32.76 4.04
N LEU E 214 -1.32 -33.28 4.65
CA LEU E 214 -1.28 -34.61 5.27
C LEU E 214 -1.23 -35.74 4.22
N ILE E 215 -2.06 -35.63 3.20
CA ILE E 215 -2.07 -36.56 2.06
C ILE E 215 -0.68 -36.62 1.40
N ASN E 216 -0.07 -35.46 1.20
CA ASN E 216 1.24 -35.37 0.58
C ASN E 216 2.37 -35.94 1.43
N SER E 217 2.13 -36.07 2.74
CA SER E 217 3.12 -36.64 3.68
C SER E 217 2.84 -38.11 4.04
N GLY E 218 1.95 -38.77 3.29
CA GLY E 218 1.76 -40.21 3.44
C GLY E 218 0.63 -40.70 4.33
N PHE E 219 -0.23 -39.79 4.78
CA PHE E 219 -1.39 -40.16 5.59
C PHE E 219 -2.51 -40.69 4.70
N ILE E 220 -3.18 -41.74 5.16
CA ILE E 220 -4.41 -42.21 4.54
C ILE E 220 -5.57 -41.53 5.27
N LEU E 221 -6.20 -40.56 4.60
CA LEU E 221 -7.21 -39.73 5.23
C LEU E 221 -8.61 -40.35 5.20
N GLU E 222 -9.37 -40.08 6.27
CA GLU E 222 -10.75 -40.54 6.39
C GLU E 222 -11.73 -39.37 6.29
N LYS E 223 -11.53 -38.34 7.11
CA LYS E 223 -12.37 -37.12 7.07
C LYS E 223 -11.79 -35.91 7.82
N GLY E 224 -12.40 -34.74 7.57
CA GLY E 224 -12.07 -33.49 8.25
C GLY E 224 -13.32 -32.67 8.50
N HIS E 225 -13.42 -32.06 9.68
CA HIS E 225 -14.58 -31.24 10.05
C HIS E 225 -14.30 -30.22 11.15
N HIS E 226 -15.18 -29.22 11.25
CA HIS E 226 -15.26 -28.29 12.39
C HIS E 226 -15.77 -29.11 13.57
N GLU E 227 -15.17 -28.94 14.74
CA GLU E 227 -15.68 -29.58 15.97
C GLU E 227 -16.65 -28.68 16.76
N VAL E 228 -17.17 -29.22 17.88
CA VAL E 228 -18.23 -28.58 18.67
C VAL E 228 -17.91 -27.14 19.15
N GLY E 229 -16.66 -26.91 19.54
CA GLY E 229 -16.27 -25.66 20.17
C GLY E 229 -16.26 -24.42 19.28
N SER E 230 -16.78 -23.32 19.82
CA SER E 230 -16.69 -22.00 19.20
C SER E 230 -15.24 -21.55 19.07
N GLY E 231 -14.95 -20.68 18.12
CA GLY E 231 -13.59 -20.19 17.94
C GLY E 231 -12.64 -21.14 17.20
N GLY E 232 -13.21 -21.95 16.32
CA GLY E 232 -12.42 -22.72 15.36
C GLY E 232 -11.91 -24.10 15.77
N GLN E 233 -12.69 -24.80 16.60
CA GLN E 233 -12.35 -26.19 16.93
C GLN E 233 -12.47 -27.07 15.68
N ALA E 234 -11.53 -28.00 15.53
CA ALA E 234 -11.45 -28.85 14.35
C ALA E 234 -10.98 -30.27 14.68
N GLU E 235 -11.19 -31.17 13.73
CA GLU E 235 -10.72 -32.56 13.84
C GLU E 235 -10.43 -33.12 12.44
N ILE E 236 -9.28 -33.78 12.29
CA ILE E 236 -8.97 -34.49 11.04
C ILE E 236 -8.58 -35.94 11.34
N ASN E 237 -9.30 -36.88 10.73
CA ASN E 237 -9.12 -38.30 10.99
C ASN E 237 -8.34 -39.03 9.89
N TYR E 238 -7.41 -39.87 10.31
CA TYR E 238 -6.61 -40.68 9.42
C TYR E 238 -6.61 -42.13 9.89
N GLN E 239 -6.24 -43.03 8.99
CA GLN E 239 -6.31 -44.47 9.24
C GLN E 239 -5.40 -44.94 10.37
N PHE E 240 -5.95 -45.83 11.20
CA PHE E 240 -5.22 -46.47 12.29
C PHE E 240 -3.98 -47.22 11.81
N ASN E 241 -3.02 -47.40 12.72
CA ASN E 241 -1.81 -48.18 12.46
C ASN E 241 -1.34 -48.84 13.76
N SER E 242 -0.29 -49.65 13.66
CA SER E 242 0.32 -50.27 14.84
C SER E 242 1.01 -49.23 15.72
N LEU E 243 1.11 -49.57 17.02
CA LEU E 243 1.49 -48.64 18.10
C LEU E 243 2.61 -47.63 17.80
N LEU E 244 3.81 -48.10 17.46
CA LEU E 244 4.91 -47.17 17.18
C LEU E 244 4.60 -46.27 15.99
N HIS E 245 4.16 -46.86 14.88
CA HIS E 245 3.76 -46.10 13.69
C HIS E 245 2.69 -45.06 14.00
N ALA E 246 1.71 -45.46 14.81
CA ALA E 246 0.59 -44.59 15.18
C ALA E 246 1.07 -43.34 15.94
N ALA E 247 1.99 -43.55 16.89
CA ALA E 247 2.54 -42.47 17.71
C ALA E 247 3.44 -41.55 16.89
N ASP E 248 4.18 -42.12 15.93
CA ASP E 248 4.98 -41.34 14.97
C ASP E 248 4.08 -40.49 14.07
N ASP E 249 3.00 -41.11 13.56
CA ASP E 249 1.97 -40.39 12.82
C ASP E 249 1.40 -39.20 13.63
N MET E 250 1.14 -39.42 14.92
CA MET E 250 0.57 -38.38 15.79
C MET E 250 1.46 -37.14 15.91
N GLN E 251 2.75 -37.37 16.12
CA GLN E 251 3.72 -36.28 16.24
C GLN E 251 3.82 -35.47 14.94
N LEU E 252 3.90 -36.19 13.81
CA LEU E 252 3.95 -35.57 12.47
C LEU E 252 2.66 -34.80 12.15
N TYR E 253 1.53 -35.36 12.56
CA TYR E 253 0.21 -34.73 12.40
C TYR E 253 0.15 -33.38 13.11
N LYS E 254 0.56 -33.37 14.37
CA LYS E 254 0.55 -32.13 15.15
C LYS E 254 1.47 -31.10 14.50
N TYR E 255 2.62 -31.54 14.00
CA TYR E 255 3.58 -30.63 13.33
C TYR E 255 2.97 -29.98 12.08
N ILE E 256 2.29 -30.80 11.27
CA ILE E 256 1.66 -30.32 10.02
C ILE E 256 0.48 -29.41 10.30
N ILE E 257 -0.36 -29.77 11.28
CA ILE E 257 -1.51 -28.94 11.66
C ILE E 257 -1.05 -27.56 12.16
N LYS E 258 -0.11 -27.56 13.10
CA LYS E 258 0.42 -26.32 13.69
C LYS E 258 1.07 -25.41 12.67
N ASN E 259 1.84 -25.99 11.75
CA ASN E 259 2.58 -25.18 10.78
C ASN E 259 1.78 -24.79 9.55
N THR E 260 0.81 -25.60 9.13
CA THR E 260 -0.15 -25.16 8.11
C THR E 260 -0.93 -23.94 8.62
N ALA E 261 -1.36 -23.99 9.88
CA ALA E 261 -2.04 -22.87 10.51
C ALA E 261 -1.13 -21.63 10.54
N TRP E 262 0.12 -21.83 10.97
CA TRP E 262 1.08 -20.73 11.13
C TRP E 262 1.40 -20.02 9.81
N GLN E 263 1.56 -20.79 8.74
CA GLN E 263 1.82 -20.24 7.41
C GLN E 263 0.61 -19.47 6.84
N ASN E 264 -0.57 -19.70 7.43
CA ASN E 264 -1.80 -19.03 6.98
C ASN E 264 -2.37 -18.03 8.00
N GLY E 265 -1.50 -17.51 8.87
CA GLY E 265 -1.84 -16.41 9.76
C GLY E 265 -2.60 -16.77 11.02
N LYS E 266 -2.59 -18.06 11.36
CA LYS E 266 -3.32 -18.54 12.54
C LYS E 266 -2.37 -19.11 13.58
N THR E 267 -2.95 -19.58 14.69
CA THR E 267 -2.21 -20.22 15.76
C THR E 267 -3.05 -21.37 16.36
N VAL E 268 -2.49 -22.57 16.38
CA VAL E 268 -3.20 -23.76 16.85
C VAL E 268 -2.75 -24.20 18.25
N THR E 269 -3.71 -24.57 19.10
CA THR E 269 -3.39 -25.26 20.35
C THR E 269 -4.09 -26.61 20.46
N PHE E 270 -3.37 -27.57 21.03
CA PHE E 270 -3.87 -28.90 21.32
C PHE E 270 -4.09 -29.08 22.83
N MET E 271 -4.05 -27.98 23.59
CA MET E 271 -4.32 -28.06 25.03
C MET E 271 -5.75 -28.54 25.31
N PRO E 272 -5.94 -29.36 26.37
CA PRO E 272 -7.24 -30.00 26.65
C PRO E 272 -8.43 -29.05 26.84
N LYS E 273 -8.22 -27.91 27.50
CA LYS E 273 -9.31 -26.99 27.84
C LYS E 273 -8.89 -25.51 27.76
N PRO E 274 -8.74 -24.96 26.53
CA PRO E 274 -8.44 -23.53 26.40
C PRO E 274 -9.64 -22.60 26.68
N LEU E 275 -10.85 -23.13 26.54
CA LEU E 275 -12.07 -22.35 26.70
C LEU E 275 -12.90 -22.87 27.86
N PHE E 276 -13.31 -21.95 28.73
CA PHE E 276 -14.20 -22.24 29.84
C PHE E 276 -15.65 -22.20 29.34
N GLY E 277 -16.43 -23.24 29.66
CA GLY E 277 -17.83 -23.29 29.23
C GLY E 277 -18.06 -23.72 27.79
N ASP E 278 -17.04 -24.26 27.14
CA ASP E 278 -17.20 -24.90 25.82
C ASP E 278 -16.36 -26.18 25.79
N ASN E 279 -16.60 -27.03 24.78
CA ASN E 279 -15.90 -28.31 24.68
C ASN E 279 -14.37 -28.22 24.75
N GLY E 280 -13.78 -29.17 25.46
CA GLY E 280 -12.34 -29.35 25.45
C GLY E 280 -11.89 -30.15 24.24
N SER E 281 -10.58 -30.39 24.17
CA SER E 281 -9.97 -31.13 23.08
C SER E 281 -9.42 -32.46 23.59
N GLY E 282 -10.01 -33.55 23.12
CA GLY E 282 -9.60 -34.88 23.54
C GLY E 282 -8.69 -35.55 22.52
N MET E 283 -8.14 -36.69 22.90
CA MET E 283 -7.43 -37.59 21.99
C MET E 283 -7.99 -39.00 22.17
N HIS E 284 -9.23 -39.23 21.71
CA HIS E 284 -9.86 -40.55 21.80
C HIS E 284 -9.00 -41.57 21.06
N CYS E 285 -8.81 -42.74 21.67
CA CYS E 285 -8.00 -43.78 21.06
C CYS E 285 -8.82 -45.04 20.82
N HIS E 286 -9.10 -45.29 19.54
CA HIS E 286 -9.72 -46.53 19.10
C HIS E 286 -8.65 -47.61 19.08
N GLN E 287 -8.95 -48.75 19.72
CA GLN E 287 -7.96 -49.79 19.95
C GLN E 287 -8.48 -51.18 19.62
N SER E 288 -7.67 -51.95 18.88
CA SER E 288 -7.98 -53.36 18.61
C SER E 288 -6.71 -54.23 18.60
N LEU E 289 -6.85 -55.48 19.04
CA LEU E 289 -5.76 -56.45 18.99
C LEU E 289 -6.01 -57.48 17.89
N TRP E 290 -4.96 -57.77 17.12
CA TRP E 290 -5.03 -58.72 16.01
C TRP E 290 -3.93 -59.78 16.12
N LYS E 291 -4.20 -60.97 15.58
CA LYS E 291 -3.21 -62.04 15.56
C LYS E 291 -3.27 -62.80 14.22
N ASP E 292 -2.09 -63.04 13.64
CA ASP E 292 -1.96 -63.71 12.33
C ASP E 292 -2.85 -63.09 11.24
N GLY E 293 -3.00 -61.76 11.32
CA GLY E 293 -3.80 -61.00 10.35
C GLY E 293 -5.31 -61.04 10.56
N ALA E 294 -5.74 -61.53 11.73
CA ALA E 294 -7.16 -61.67 12.03
C ALA E 294 -7.54 -60.98 13.36
N PRO E 295 -8.69 -60.27 13.38
CA PRO E 295 -9.09 -59.51 14.57
C PRO E 295 -9.60 -60.40 15.70
N LEU E 296 -9.42 -59.93 16.94
CA LEU E 296 -9.75 -60.69 18.15
C LEU E 296 -10.86 -60.05 19.01
N MET E 297 -11.31 -58.86 18.64
CA MET E 297 -12.23 -58.08 19.47
C MET E 297 -13.72 -58.46 19.35
N TYR E 298 -14.05 -59.32 18.39
CA TYR E 298 -15.44 -59.59 18.02
C TYR E 298 -16.01 -60.94 18.50
N ASP E 299 -17.19 -60.86 19.13
CA ASP E 299 -18.03 -62.01 19.46
C ASP E 299 -19.49 -61.56 19.34
N GLU E 300 -20.21 -62.17 18.41
CA GLU E 300 -21.60 -61.81 18.12
C GLU E 300 -22.54 -61.97 19.34
N THR E 301 -22.13 -62.79 20.31
CA THR E 301 -22.95 -63.10 21.49
C THR E 301 -22.67 -62.16 22.68
N GLY E 302 -21.64 -61.34 22.58
CA GLY E 302 -21.28 -60.43 23.66
C GLY E 302 -22.06 -59.14 23.60
N TYR E 303 -22.20 -58.47 24.74
CA TYR E 303 -22.70 -57.09 24.78
C TYR E 303 -21.84 -56.25 23.84
N ALA E 304 -22.48 -55.45 22.99
CA ALA E 304 -21.82 -54.63 21.97
C ALA E 304 -20.92 -55.40 21.00
N GLY E 305 -21.21 -56.70 20.82
CA GLY E 305 -20.43 -57.54 19.89
C GLY E 305 -18.98 -57.77 20.30
N LEU E 306 -18.71 -57.74 21.60
CA LEU E 306 -17.35 -57.86 22.13
C LEU E 306 -17.01 -59.27 22.60
N SER E 307 -15.79 -59.71 22.27
CA SER E 307 -15.22 -60.95 22.78
C SER E 307 -14.76 -60.82 24.23
N ASP E 308 -14.47 -61.96 24.86
CA ASP E 308 -13.88 -62.00 26.20
C ASP E 308 -12.56 -61.21 26.25
N THR E 309 -11.75 -61.33 25.19
CA THR E 309 -10.47 -60.62 25.06
C THR E 309 -10.66 -59.11 25.10
N ALA E 310 -11.57 -58.62 24.25
CA ALA E 310 -11.94 -57.21 24.22
C ALA E 310 -12.48 -56.71 25.55
N ARG E 311 -13.32 -57.53 26.20
CA ARG E 311 -13.95 -57.15 27.47
C ARG E 311 -12.93 -57.05 28.60
N HIS E 312 -11.97 -57.97 28.62
CA HIS E 312 -10.88 -57.94 29.60
C HIS E 312 -9.89 -56.80 29.34
N TYR E 313 -9.72 -56.42 28.08
CA TYR E 313 -8.88 -55.25 27.74
C TYR E 313 -9.52 -53.98 28.34
N ILE E 314 -10.83 -53.84 28.16
CA ILE E 314 -11.61 -52.76 28.79
C ILE E 314 -11.53 -52.82 30.32
N GLY E 315 -11.70 -54.01 30.88
CA GLY E 315 -11.53 -54.23 32.32
C GLY E 315 -10.19 -53.70 32.83
N GLY E 316 -9.13 -53.96 32.07
CA GLY E 316 -7.78 -53.48 32.39
C GLY E 316 -7.64 -51.97 32.37
N LEU E 317 -8.15 -51.33 31.32
CA LEU E 317 -8.14 -49.87 31.18
C LEU E 317 -8.85 -49.16 32.34
N LEU E 318 -10.05 -49.62 32.66
CA LEU E 318 -10.88 -49.00 33.68
C LEU E 318 -10.40 -49.31 35.09
N HIS E 319 -9.75 -50.46 35.26
CA HIS E 319 -9.16 -50.84 36.54
C HIS E 319 -7.91 -50.03 36.89
N HIS E 320 -7.04 -49.81 35.89
CA HIS E 320 -5.76 -49.12 36.12
C HIS E 320 -5.85 -47.61 35.94
N ALA E 321 -7.01 -47.12 35.50
CA ALA E 321 -7.24 -45.70 35.21
C ALA E 321 -6.67 -44.70 36.24
N PRO E 322 -6.92 -44.91 37.57
CA PRO E 322 -6.39 -44.01 38.60
C PRO E 322 -4.88 -43.70 38.50
N SER E 323 -4.10 -44.64 37.96
CA SER E 323 -2.66 -44.41 37.71
C SER E 323 -2.35 -44.21 36.23
N LEU E 324 -3.10 -44.90 35.38
CA LEU E 324 -2.91 -44.82 33.92
C LEU E 324 -3.05 -43.40 33.39
N LEU E 325 -3.97 -42.64 33.97
CA LEU E 325 -4.24 -41.27 33.52
C LEU E 325 -3.05 -40.33 33.69
N ALA E 326 -2.04 -40.77 34.46
CA ALA E 326 -0.81 -40.01 34.62
C ALA E 326 -0.02 -39.96 33.30
N PHE E 327 -0.25 -40.93 32.43
CA PHE E 327 0.34 -40.93 31.10
C PHE E 327 -0.62 -40.52 30.00
N THR E 328 -1.93 -40.74 30.19
CA THR E 328 -2.92 -40.43 29.15
C THR E 328 -3.54 -39.03 29.31
N ASN E 329 -3.56 -38.52 30.54
CA ASN E 329 -4.08 -37.19 30.87
C ASN E 329 -3.03 -36.49 31.76
N PRO E 330 -1.86 -36.15 31.17
CA PRO E 330 -0.63 -35.87 31.92
C PRO E 330 -0.39 -34.43 32.43
N THR E 331 -1.34 -33.53 32.21
CA THR E 331 -1.13 -32.12 32.59
C THR E 331 -2.16 -31.60 33.61
N VAL E 332 -1.91 -30.43 34.19
CA VAL E 332 -2.88 -29.82 35.12
C VAL E 332 -4.16 -29.41 34.39
N ASN E 333 -4.01 -28.91 33.17
CA ASN E 333 -5.12 -28.51 32.33
C ASN E 333 -6.03 -29.67 31.89
N SER E 334 -5.46 -30.87 31.81
CA SER E 334 -6.20 -32.10 31.52
C SER E 334 -7.47 -32.21 32.34
N TYR E 335 -7.36 -31.90 33.63
CA TYR E 335 -8.45 -32.15 34.60
C TYR E 335 -9.54 -31.09 34.61
N LYS E 336 -9.30 -30.01 33.87
CA LYS E 336 -10.33 -29.02 33.55
C LYS E 336 -11.27 -29.49 32.44
N ARG E 337 -10.81 -30.45 31.64
CA ARG E 337 -11.63 -31.06 30.58
C ARG E 337 -12.54 -32.16 31.14
N LEU E 338 -12.04 -32.88 32.14
CA LEU E 338 -12.81 -33.96 32.78
C LEU E 338 -13.89 -33.43 33.73
N VAL E 339 -14.83 -32.67 33.16
CA VAL E 339 -15.95 -32.07 33.89
C VAL E 339 -17.21 -32.29 33.04
N PRO E 340 -18.39 -32.39 33.70
CA PRO E 340 -19.60 -32.83 33.00
C PRO E 340 -20.14 -31.89 31.92
N GLY E 341 -20.75 -32.46 30.89
CA GLY E 341 -21.52 -31.70 29.90
C GLY E 341 -20.86 -31.36 28.57
N TYR E 342 -19.70 -31.97 28.30
CA TYR E 342 -18.89 -31.61 27.13
C TYR E 342 -18.35 -32.81 26.32
N GLU E 343 -19.04 -33.95 26.41
CA GLU E 343 -18.63 -35.19 25.70
C GLU E 343 -17.24 -35.73 26.08
N ALA E 344 -16.77 -35.33 27.26
CA ALA E 344 -15.58 -35.94 27.86
C ALA E 344 -16.03 -36.78 29.07
N PRO E 345 -15.23 -37.78 29.47
CA PRO E 345 -15.63 -38.64 30.61
C PRO E 345 -15.58 -37.96 31.98
N ILE E 346 -16.45 -38.42 32.88
CA ILE E 346 -16.46 -37.99 34.29
C ILE E 346 -16.48 -39.18 35.26
N ASN E 347 -16.65 -40.39 34.70
CA ASN E 347 -16.57 -41.61 35.50
C ASN E 347 -16.00 -42.78 34.67
N LEU E 348 -15.87 -43.94 35.29
CA LEU E 348 -15.16 -45.06 34.67
C LEU E 348 -16.14 -46.12 34.16
N VAL E 349 -16.96 -45.71 33.20
CA VAL E 349 -18.01 -46.55 32.63
C VAL E 349 -17.66 -46.89 31.19
N TYR E 350 -18.00 -48.11 30.75
CA TYR E 350 -18.03 -48.42 29.32
C TYR E 350 -19.47 -48.64 28.86
N SER E 351 -19.78 -48.21 27.63
CA SER E 351 -21.14 -48.20 27.14
C SER E 351 -21.13 -48.05 25.61
N GLN E 352 -21.91 -48.88 24.93
CA GLN E 352 -22.05 -48.76 23.47
C GLN E 352 -22.73 -47.43 23.10
N ARG E 353 -22.31 -46.82 21.99
CA ARG E 353 -22.97 -45.64 21.42
C ARG E 353 -22.94 -44.36 22.29
N ASN E 354 -22.25 -44.42 23.44
CA ASN E 354 -22.38 -43.44 24.52
C ASN E 354 -21.19 -42.46 24.66
N ARG E 355 -21.37 -41.22 24.17
CA ARG E 355 -20.30 -40.21 24.20
C ARG E 355 -20.12 -39.50 25.57
N SER E 356 -20.87 -39.95 26.57
CA SER E 356 -20.67 -39.49 27.95
C SER E 356 -19.82 -40.47 28.77
N ALA E 357 -19.55 -41.65 28.19
CA ALA E 357 -18.83 -42.72 28.89
C ALA E 357 -17.31 -42.60 28.76
N CYS E 358 -16.60 -43.34 29.61
CA CYS E 358 -15.14 -43.37 29.58
C CYS E 358 -14.64 -44.20 28.39
N VAL E 359 -15.25 -45.37 28.19
CA VAL E 359 -15.03 -46.17 27.00
C VAL E 359 -16.36 -46.31 26.25
N ARG E 360 -16.36 -45.89 25.00
CA ARG E 360 -17.50 -46.04 24.09
C ARG E 360 -17.22 -47.14 23.07
N ILE E 361 -18.24 -47.94 22.78
CA ILE E 361 -18.17 -48.88 21.67
C ILE E 361 -18.98 -48.30 20.51
N PRO E 362 -18.29 -47.87 19.43
CA PRO E 362 -19.00 -47.31 18.27
C PRO E 362 -19.81 -48.40 17.57
N ILE E 363 -20.94 -48.02 16.98
CA ILE E 363 -21.81 -48.99 16.29
C ILE E 363 -21.25 -49.27 14.90
N THR E 364 -20.83 -50.53 14.68
CA THR E 364 -20.12 -50.93 13.45
C THR E 364 -20.73 -52.12 12.67
N GLY E 365 -21.68 -52.84 13.27
CA GLY E 365 -22.31 -53.98 12.62
C GLY E 365 -21.61 -55.31 12.89
N SER E 366 -21.71 -56.24 11.93
CA SER E 366 -21.23 -57.61 12.11
C SER E 366 -19.80 -57.87 11.60
N ASN E 367 -19.23 -56.89 10.90
CA ASN E 367 -17.86 -56.97 10.41
C ASN E 367 -16.86 -57.01 11.57
N PRO E 368 -16.17 -58.16 11.76
CA PRO E 368 -15.21 -58.30 12.87
C PRO E 368 -14.05 -57.29 12.79
N LYS E 369 -13.64 -56.97 11.56
CA LYS E 369 -12.50 -56.06 11.32
C LYS E 369 -12.79 -54.62 11.74
N ALA E 370 -14.07 -54.27 11.84
CA ALA E 370 -14.49 -52.94 12.28
C ALA E 370 -14.70 -52.84 13.79
N LYS E 371 -14.77 -53.98 14.48
CA LYS E 371 -15.00 -54.01 15.93
C LYS E 371 -13.81 -53.50 16.73
N ARG E 372 -14.06 -52.49 17.56
CA ARG E 372 -13.04 -51.93 18.44
C ARG E 372 -13.68 -51.14 19.60
N LEU E 373 -12.85 -50.80 20.60
CA LEU E 373 -13.27 -49.95 21.71
C LEU E 373 -12.68 -48.54 21.51
N GLU E 374 -13.39 -47.53 22.01
CA GLU E 374 -12.86 -46.17 22.03
C GLU E 374 -12.64 -45.70 23.47
N PHE E 375 -11.38 -45.55 23.84
CA PHE E 375 -10.99 -44.96 25.12
C PHE E 375 -11.03 -43.42 24.95
N ARG E 376 -11.98 -42.78 25.64
CA ARG E 376 -12.32 -41.36 25.41
C ARG E 376 -11.63 -40.41 26.38
N SER E 377 -11.05 -40.98 27.44
CA SER E 377 -10.34 -40.23 28.45
C SER E 377 -9.10 -39.44 27.95
N PRO E 378 -8.21 -40.08 27.14
CA PRO E 378 -6.97 -39.36 26.80
C PRO E 378 -7.13 -38.01 26.10
N ASP E 379 -6.12 -37.15 26.26
CA ASP E 379 -5.99 -35.89 25.54
C ASP E 379 -4.59 -35.78 24.89
N SER E 380 -4.34 -34.74 24.09
CA SER E 380 -3.03 -34.57 23.41
C SER E 380 -2.01 -33.68 24.12
N SER E 381 -2.16 -33.51 25.43
CA SER E 381 -1.27 -32.60 26.15
C SER E 381 0.06 -33.22 26.57
N GLY E 382 0.27 -34.48 26.19
CA GLY E 382 1.49 -35.19 26.59
C GLY E 382 2.26 -35.89 25.48
N ASN E 383 2.53 -37.18 25.71
CA ASN E 383 3.45 -37.93 24.89
C ASN E 383 2.76 -39.19 24.36
N PRO E 384 2.55 -39.26 23.03
CA PRO E 384 1.79 -40.38 22.44
C PRO E 384 2.49 -41.74 22.55
N TYR E 385 3.83 -41.74 22.51
CA TYR E 385 4.62 -42.97 22.67
C TYR E 385 4.37 -43.58 24.05
N LEU E 386 4.35 -42.73 25.08
CA LEU E 386 4.05 -43.15 26.46
C LEU E 386 2.58 -43.45 26.68
N ALA E 387 1.70 -42.58 26.17
CA ALA E 387 0.27 -42.76 26.32
C ALA E 387 -0.20 -44.10 25.73
N PHE E 388 0.11 -44.33 24.45
CA PHE E 388 -0.32 -45.55 23.73
C PHE E 388 0.25 -46.80 24.39
N SER E 389 1.51 -46.73 24.82
CA SER E 389 2.18 -47.86 25.48
C SER E 389 1.57 -48.18 26.85
N ALA E 390 1.27 -47.14 27.63
CA ALA E 390 0.63 -47.30 28.93
C ALA E 390 -0.76 -47.94 28.82
N MET E 391 -1.53 -47.51 27.81
CA MET E 391 -2.85 -48.08 27.54
C MET E 391 -2.77 -49.57 27.21
N LEU E 392 -1.80 -49.95 26.36
CA LEU E 392 -1.57 -51.34 25.99
C LEU E 392 -1.21 -52.21 27.21
N MET E 393 -0.29 -51.71 28.03
CA MET E 393 0.13 -52.42 29.24
C MET E 393 -1.03 -52.64 30.21
N ALA E 394 -1.92 -51.65 30.30
CA ALA E 394 -3.14 -51.75 31.12
C ALA E 394 -4.09 -52.81 30.56
N GLY E 395 -4.38 -52.74 29.26
CA GLY E 395 -5.25 -53.71 28.59
C GLY E 395 -4.73 -55.13 28.68
N LEU E 396 -3.43 -55.32 28.49
CA LEU E 396 -2.79 -56.64 28.59
C LEU E 396 -2.75 -57.20 30.02
N ASP E 397 -2.72 -56.32 31.03
CA ASP E 397 -2.86 -56.77 32.42
C ASP E 397 -4.29 -57.23 32.68
N GLY E 398 -5.24 -56.56 32.04
CA GLY E 398 -6.65 -56.94 32.08
C GLY E 398 -6.89 -58.32 31.51
N ILE E 399 -6.29 -58.59 30.34
CA ILE E 399 -6.41 -59.89 29.66
C ILE E 399 -5.75 -61.01 30.47
N LYS E 400 -4.49 -60.82 30.84
CA LYS E 400 -3.74 -61.78 31.64
C LYS E 400 -4.50 -62.19 32.91
N ASN E 401 -4.99 -61.20 33.66
CA ASN E 401 -5.70 -61.46 34.92
C ASN E 401 -7.21 -61.64 34.77
N LYS E 402 -7.69 -61.65 33.52
CA LYS E 402 -9.12 -61.76 33.21
C LYS E 402 -9.95 -60.76 34.03
N ILE E 403 -9.55 -59.49 34.01
CA ILE E 403 -10.25 -58.45 34.77
C ILE E 403 -11.60 -58.15 34.13
N GLU E 404 -12.67 -58.42 34.87
CA GLU E 404 -14.02 -58.20 34.39
C GLU E 404 -14.43 -56.77 34.70
N PRO E 405 -14.81 -56.00 33.66
CA PRO E 405 -15.24 -54.62 33.84
C PRO E 405 -16.61 -54.59 34.50
N GLN E 406 -16.94 -53.50 35.19
CA GLN E 406 -18.27 -53.39 35.77
C GLN E 406 -19.30 -53.28 34.65
N ALA E 407 -20.54 -53.67 34.94
CA ALA E 407 -21.62 -53.68 33.96
C ALA E 407 -21.77 -52.35 33.24
N PRO E 408 -21.99 -52.38 31.92
CA PRO E 408 -22.21 -51.19 31.10
C PRO E 408 -23.40 -50.36 31.57
N VAL E 409 -23.26 -49.04 31.55
CA VAL E 409 -24.32 -48.13 31.96
C VAL E 409 -24.77 -47.28 30.77
N ASP E 410 -25.90 -47.66 30.18
CA ASP E 410 -26.41 -47.05 28.96
C ASP E 410 -27.34 -45.88 29.27
N LYS E 411 -26.73 -44.81 29.78
CA LYS E 411 -27.42 -43.61 30.24
C LYS E 411 -26.60 -42.38 29.87
N ASP E 412 -27.25 -41.22 29.83
CA ASP E 412 -26.55 -39.94 29.81
C ASP E 412 -25.96 -39.74 31.20
N LEU E 413 -24.64 -39.91 31.30
CA LEU E 413 -23.97 -39.96 32.60
C LEU E 413 -23.83 -38.62 33.34
N TYR E 414 -24.11 -37.52 32.63
CA TYR E 414 -24.09 -36.17 33.22
C TYR E 414 -25.41 -35.79 33.90
N GLU E 415 -26.49 -36.52 33.55
CA GLU E 415 -27.82 -36.24 34.08
C GLU E 415 -28.22 -37.18 35.23
N LEU E 416 -27.26 -37.92 35.75
CA LEU E 416 -27.50 -38.78 36.91
C LEU E 416 -27.66 -37.94 38.17
N PRO E 417 -28.71 -38.23 38.97
CA PRO E 417 -28.86 -37.53 40.26
C PRO E 417 -27.69 -37.89 41.19
N PRO E 418 -27.25 -36.94 42.05
CA PRO E 418 -26.01 -37.07 42.82
C PRO E 418 -25.85 -38.38 43.64
N GLU E 419 -26.95 -38.89 44.19
CA GLU E 419 -26.92 -40.15 44.98
C GLU E 419 -26.57 -41.34 44.09
N GLU E 420 -27.00 -41.27 42.83
CA GLU E 420 -26.77 -42.35 41.86
C GLU E 420 -25.45 -42.21 41.12
N ALA E 421 -25.05 -40.96 40.86
CA ALA E 421 -23.73 -40.65 40.30
C ALA E 421 -22.60 -41.12 41.22
N ALA E 422 -22.83 -41.04 42.53
CA ALA E 422 -21.84 -41.45 43.54
C ALA E 422 -21.56 -42.96 43.59
N SER E 423 -22.48 -43.77 43.06
CA SER E 423 -22.35 -45.23 43.09
C SER E 423 -21.46 -45.81 41.99
N ILE E 424 -20.95 -44.94 41.11
CA ILE E 424 -20.04 -45.31 40.03
C ILE E 424 -18.65 -44.71 40.33
N PRO E 425 -17.57 -45.49 40.12
CA PRO E 425 -16.21 -44.95 40.26
C PRO E 425 -15.98 -43.71 39.37
N GLN E 426 -15.57 -42.61 39.99
CA GLN E 426 -15.38 -41.34 39.29
C GLN E 426 -13.97 -41.23 38.71
N THR E 427 -13.81 -40.43 37.66
CA THR E 427 -12.49 -40.04 37.17
C THR E 427 -11.75 -39.23 38.24
N PRO E 428 -10.40 -39.31 38.28
CA PRO E 428 -9.58 -38.48 39.17
C PRO E 428 -9.83 -36.97 39.03
N THR E 429 -9.71 -36.25 40.13
CA THR E 429 -10.01 -34.82 40.25
C THR E 429 -8.90 -33.93 39.69
N GLN E 430 -7.65 -34.33 39.94
CA GLN E 430 -6.50 -33.48 39.63
C GLN E 430 -5.26 -34.33 39.35
N LEU E 431 -4.26 -33.69 38.75
CA LEU E 431 -3.03 -34.38 38.34
C LEU E 431 -2.24 -34.95 39.51
N SER E 432 -2.20 -34.22 40.63
CA SER E 432 -1.40 -34.66 41.78
C SER E 432 -1.88 -36.01 42.29
N ASP E 433 -3.19 -36.26 42.21
CA ASP E 433 -3.77 -37.55 42.61
C ASP E 433 -3.29 -38.71 41.75
N VAL E 434 -3.33 -38.55 40.43
CA VAL E 434 -2.88 -39.63 39.53
C VAL E 434 -1.37 -39.90 39.61
N ILE E 435 -0.59 -38.83 39.84
CA ILE E 435 0.85 -38.95 40.06
C ILE E 435 1.17 -39.70 41.38
N ASP E 436 0.45 -39.37 42.45
CA ASP E 436 0.56 -40.07 43.75
C ASP E 436 0.22 -41.55 43.59
N ARG E 437 -0.82 -41.82 42.83
CA ARG E 437 -1.33 -43.18 42.60
C ARG E 437 -0.39 -43.98 41.69
N LEU E 438 0.17 -43.31 40.68
CA LEU E 438 1.23 -43.90 39.85
C LEU E 438 2.45 -44.29 40.67
N GLU E 439 2.83 -43.42 41.59
CA GLU E 439 3.97 -43.65 42.49
C GLU E 439 3.76 -44.91 43.34
N ALA E 440 2.55 -45.05 43.89
CA ALA E 440 2.21 -46.15 44.78
C ALA E 440 2.05 -47.51 44.08
N ASP E 441 1.55 -47.51 42.84
CA ASP E 441 1.29 -48.76 42.12
C ASP E 441 1.45 -48.63 40.60
N HIS E 442 2.54 -49.19 40.09
CA HIS E 442 2.85 -49.13 38.66
C HIS E 442 3.44 -50.42 38.11
N GLU E 443 3.25 -51.53 38.85
CA GLU E 443 3.87 -52.80 38.46
C GLU E 443 3.41 -53.30 37.09
N TYR E 444 2.13 -53.09 36.76
CA TYR E 444 1.60 -53.45 35.43
C TYR E 444 2.35 -52.78 34.26
N LEU E 445 2.91 -51.60 34.52
CA LEU E 445 3.70 -50.87 33.52
C LEU E 445 5.12 -51.41 33.38
N THR E 446 5.68 -51.92 34.48
CA THR E 446 7.06 -52.43 34.47
C THR E 446 7.15 -53.90 34.07
N GLU E 447 6.00 -54.52 33.77
CA GLU E 447 5.98 -55.86 33.19
C GLU E 447 6.84 -55.91 31.94
N GLY E 448 7.71 -56.92 31.85
CA GLY E 448 8.57 -57.13 30.69
C GLY E 448 9.63 -56.06 30.48
N GLY E 449 9.71 -55.10 31.40
CA GLY E 449 10.66 -53.99 31.27
C GLY E 449 10.26 -52.92 30.26
N VAL E 450 8.99 -52.91 29.86
CA VAL E 450 8.44 -51.93 28.91
C VAL E 450 8.63 -50.50 29.44
N PHE E 451 8.12 -50.25 30.64
CA PHE E 451 8.51 -49.08 31.44
C PHE E 451 9.53 -49.53 32.49
N THR E 452 10.44 -48.65 32.86
CA THR E 452 11.38 -48.93 33.94
C THR E 452 11.16 -47.95 35.10
N ASN E 453 11.63 -48.33 36.30
CA ASN E 453 11.54 -47.48 37.48
C ASN E 453 12.17 -46.09 37.30
N ASP E 454 13.31 -46.01 36.62
CA ASP E 454 13.98 -44.71 36.37
C ASP E 454 13.14 -43.76 35.53
N LEU E 455 12.44 -44.28 34.52
CA LEU E 455 11.51 -43.49 33.71
C LEU E 455 10.36 -42.97 34.56
N ILE E 456 9.71 -43.90 35.28
CA ILE E 456 8.54 -43.59 36.12
C ILE E 456 8.88 -42.56 37.20
N GLU E 457 10.02 -42.75 37.86
CA GLU E 457 10.49 -41.82 38.90
C GLU E 457 10.80 -40.44 38.34
N THR E 458 11.40 -40.38 37.16
CA THR E 458 11.69 -39.12 36.46
C THR E 458 10.39 -38.36 36.09
N TRP E 459 9.40 -39.11 35.58
CA TRP E 459 8.09 -38.57 35.21
C TRP E 459 7.39 -37.94 36.42
N ILE E 460 7.32 -38.70 37.52
CA ILE E 460 6.70 -38.25 38.76
C ILE E 460 7.38 -36.97 39.25
N SER E 461 8.71 -36.99 39.25
CA SER E 461 9.54 -35.89 39.72
C SER E 461 9.42 -34.63 38.84
N PHE E 462 9.40 -34.81 37.53
CA PHE E 462 9.21 -33.71 36.58
C PHE E 462 7.84 -33.06 36.76
N LYS E 463 6.79 -33.87 36.86
CA LYS E 463 5.41 -33.37 36.98
C LYS E 463 5.18 -32.57 38.27
N ARG E 464 5.74 -33.05 39.38
CA ARG E 464 5.65 -32.36 40.67
C ARG E 464 6.38 -31.01 40.68
N GLU E 465 7.65 -31.02 40.26
CA GLU E 465 8.50 -29.83 40.34
C GLU E 465 8.24 -28.78 39.25
N ASN E 466 7.78 -29.21 38.08
CA ASN E 466 7.65 -28.32 36.91
C ASN E 466 6.21 -27.95 36.53
N GLU E 467 5.22 -28.68 37.06
CA GLU E 467 3.83 -28.43 36.68
C GLU E 467 2.91 -28.23 37.88
N ILE E 468 2.84 -29.23 38.75
CA ILE E 468 1.92 -29.22 39.90
C ILE E 468 2.22 -28.08 40.87
N GLU E 469 3.45 -28.03 41.37
CA GLU E 469 3.84 -26.99 42.34
C GLU E 469 3.80 -25.55 41.79
N PRO E 470 4.32 -25.30 40.56
CA PRO E 470 4.18 -23.96 39.96
C PRO E 470 2.75 -23.42 39.83
N VAL E 471 1.78 -24.31 39.56
CA VAL E 471 0.38 -23.90 39.46
C VAL E 471 -0.19 -23.66 40.86
N ASN E 472 0.03 -24.61 41.76
CA ASN E 472 -0.39 -24.54 43.16
C ASN E 472 -0.02 -23.28 43.92
N ILE E 473 1.17 -22.75 43.69
CA ILE E 473 1.65 -21.61 44.48
C ILE E 473 1.16 -20.26 43.96
N ARG E 474 0.51 -20.26 42.80
CA ARG E 474 0.06 -19.03 42.16
C ARG E 474 -1.43 -18.81 42.35
N PRO E 475 -1.81 -17.64 42.91
CA PRO E 475 -3.22 -17.23 43.04
C PRO E 475 -3.96 -17.24 41.70
N HIS E 476 -5.16 -17.83 41.72
CA HIS E 476 -6.06 -17.90 40.58
C HIS E 476 -6.91 -16.63 40.51
N PRO E 477 -7.14 -16.08 39.30
CA PRO E 477 -7.97 -14.87 39.17
C PRO E 477 -9.36 -14.96 39.81
N TYR E 478 -9.94 -16.17 39.83
CA TYR E 478 -11.26 -16.37 40.42
C TYR E 478 -11.25 -16.31 41.96
N GLU E 479 -10.08 -16.51 42.56
CA GLU E 479 -9.88 -16.27 44.00
C GLU E 479 -10.06 -14.79 44.35
N PHE E 480 -9.80 -13.91 43.40
CA PHE E 480 -10.03 -12.48 43.62
C PHE E 480 -11.51 -12.13 43.48
N ALA E 481 -12.19 -12.82 42.59
CA ALA E 481 -13.66 -12.74 42.50
C ALA E 481 -14.35 -13.25 43.77
N LEU E 482 -13.82 -14.33 44.35
CA LEU E 482 -14.43 -14.95 45.54
C LEU E 482 -14.07 -14.24 46.86
N TYR E 483 -12.81 -13.80 46.97
CA TYR E 483 -12.25 -13.46 48.28
C TYR E 483 -11.64 -12.06 48.49
N TYR E 484 -11.68 -11.17 47.51
CA TYR E 484 -11.05 -9.86 47.72
C TYR E 484 -11.66 -9.10 48.91
N ASP E 485 -12.98 -9.22 49.06
CA ASP E 485 -13.76 -8.48 50.05
C ASP E 485 -14.04 -9.24 51.37
N VAL E 486 -13.31 -10.32 51.64
CA VAL E 486 -13.54 -11.14 52.84
C VAL E 486 -13.31 -10.34 54.14
N LYS F 12 45.85 -21.14 -2.96
CA LYS F 12 45.84 -20.62 -4.37
C LYS F 12 47.14 -19.86 -4.71
N THR F 13 47.31 -19.61 -6.00
CA THR F 13 48.36 -18.71 -6.49
C THR F 13 47.71 -17.38 -6.85
N PRO F 14 48.51 -16.30 -7.04
CA PRO F 14 47.94 -15.07 -7.62
C PRO F 14 47.14 -15.32 -8.89
N ASP F 15 47.67 -16.18 -9.77
CA ASP F 15 47.00 -16.50 -11.04
C ASP F 15 45.65 -17.18 -10.88
N ASP F 16 45.53 -18.06 -9.88
CA ASP F 16 44.23 -18.66 -9.51
C ASP F 16 43.20 -17.59 -9.16
N VAL F 17 43.67 -16.51 -8.52
CA VAL F 17 42.80 -15.42 -8.08
C VAL F 17 42.40 -14.51 -9.24
N PHE F 18 43.34 -14.22 -10.15
CA PHE F 18 43.04 -13.45 -11.36
C PHE F 18 42.06 -14.20 -12.27
N LYS F 19 42.28 -15.50 -12.41
CA LYS F 19 41.38 -16.38 -13.16
C LYS F 19 39.96 -16.34 -12.58
N LEU F 20 39.86 -16.47 -11.26
CA LEU F 20 38.57 -16.43 -10.56
C LEU F 20 37.84 -15.10 -10.75
N ALA F 21 38.57 -13.99 -10.59
CA ALA F 21 38.00 -12.65 -10.81
C ALA F 21 37.49 -12.48 -12.24
N LYS F 22 38.29 -12.91 -13.21
CA LYS F 22 37.91 -12.88 -14.62
C LYS F 22 36.69 -13.76 -14.90
N ASP F 23 36.72 -15.00 -14.43
CA ASP F 23 35.62 -15.96 -14.66
C ASP F 23 34.29 -15.50 -14.08
N GLU F 24 34.34 -14.94 -12.88
CA GLU F 24 33.13 -14.53 -12.16
C GLU F 24 32.59 -13.18 -12.65
N LYS F 25 33.35 -12.50 -13.51
CA LYS F 25 32.99 -11.17 -14.03
C LYS F 25 32.81 -10.14 -12.90
N VAL F 26 33.70 -10.24 -11.91
CA VAL F 26 33.78 -9.37 -10.73
C VAL F 26 33.93 -7.89 -11.13
N GLU F 27 33.13 -7.02 -10.51
CA GLU F 27 33.21 -5.58 -10.73
C GLU F 27 34.15 -4.89 -9.73
N TYR F 28 34.17 -5.40 -8.50
CA TYR F 28 34.99 -4.81 -7.43
C TYR F 28 35.73 -5.86 -6.63
N VAL F 29 36.85 -5.45 -6.05
CA VAL F 29 37.60 -6.26 -5.12
C VAL F 29 37.61 -5.58 -3.75
N ASP F 30 37.15 -6.31 -2.73
CA ASP F 30 37.12 -5.77 -1.38
C ASP F 30 38.36 -6.20 -0.60
N VAL F 31 39.17 -5.22 -0.18
CA VAL F 31 40.43 -5.44 0.52
C VAL F 31 40.17 -5.47 2.03
N ARG F 32 40.54 -6.58 2.67
CA ARG F 32 40.22 -6.79 4.09
C ARG F 32 41.42 -7.09 4.95
N PHE F 33 41.37 -6.62 6.19
CA PHE F 33 42.35 -6.97 7.22
C PHE F 33 41.71 -6.83 8.61
N CYS F 34 42.43 -7.26 9.65
CA CYS F 34 41.88 -7.33 11.01
C CYS F 34 42.54 -6.32 11.94
N ASP F 35 41.74 -5.54 12.66
CA ASP F 35 42.28 -4.65 13.69
C ASP F 35 42.66 -5.48 14.92
N LEU F 36 43.36 -4.88 15.86
CA LEU F 36 43.82 -5.63 17.05
C LEU F 36 42.71 -6.24 17.93
N PRO F 37 41.68 -5.44 18.32
CA PRO F 37 40.58 -6.02 19.11
C PRO F 37 39.82 -7.19 18.44
N GLY F 38 39.71 -7.17 17.11
CA GLY F 38 39.16 -8.30 16.38
C GLY F 38 38.04 -8.05 15.37
N ILE F 39 37.89 -6.80 14.97
CA ILE F 39 36.90 -6.40 13.96
C ILE F 39 37.60 -6.29 12.59
N MET F 40 37.00 -6.89 11.56
CA MET F 40 37.54 -6.79 10.20
C MET F 40 37.33 -5.41 9.58
N GLN F 41 38.35 -4.95 8.86
CA GLN F 41 38.38 -3.62 8.23
C GLN F 41 38.38 -3.78 6.70
N HIS F 42 37.93 -2.77 5.97
CA HIS F 42 37.87 -2.88 4.49
C HIS F 42 37.87 -1.57 3.71
N PHE F 43 38.39 -1.67 2.48
CA PHE F 43 38.11 -0.69 1.44
C PHE F 43 37.93 -1.42 0.11
N THR F 44 37.33 -0.74 -0.86
CA THR F 44 37.03 -1.36 -2.15
C THR F 44 37.83 -0.72 -3.29
N ILE F 45 38.37 -1.57 -4.17
CA ILE F 45 39.01 -1.14 -5.42
C ILE F 45 38.27 -1.71 -6.65
N PRO F 46 38.28 -0.98 -7.79
CA PRO F 46 37.67 -1.51 -9.02
C PRO F 46 38.42 -2.74 -9.54
N ALA F 47 37.76 -3.56 -10.35
CA ALA F 47 38.41 -4.73 -10.97
C ALA F 47 39.63 -4.33 -11.82
N SER F 48 39.50 -3.20 -12.52
CA SER F 48 40.58 -2.61 -13.32
C SER F 48 41.85 -2.30 -12.53
N ALA F 49 41.72 -2.14 -11.21
CA ALA F 49 42.85 -1.83 -10.33
C ALA F 49 43.45 -3.08 -9.67
N PHE F 50 42.80 -4.23 -9.87
CA PHE F 50 43.28 -5.49 -9.31
C PHE F 50 44.24 -6.19 -10.27
N ASP F 51 45.54 -5.97 -10.06
CA ASP F 51 46.59 -6.44 -10.97
C ASP F 51 47.82 -6.94 -10.19
N LYS F 52 48.88 -7.32 -10.91
CA LYS F 52 50.10 -7.86 -10.28
C LYS F 52 50.79 -6.87 -9.32
N SER F 53 50.60 -5.58 -9.55
CA SER F 53 51.12 -4.53 -8.68
C SER F 53 50.55 -4.61 -7.25
N VAL F 54 49.32 -5.08 -7.13
CA VAL F 54 48.69 -5.32 -5.82
C VAL F 54 49.48 -6.41 -5.07
N PHE F 55 49.92 -7.43 -5.81
CA PHE F 55 50.72 -8.52 -5.24
C PHE F 55 52.18 -8.13 -5.04
N ASP F 56 52.73 -7.30 -5.94
CA ASP F 56 54.14 -6.91 -5.88
C ASP F 56 54.43 -5.73 -4.94
N ASP F 57 53.60 -4.68 -5.03
CA ASP F 57 53.81 -3.43 -4.30
C ASP F 57 52.88 -3.25 -3.09
N GLY F 58 51.74 -3.92 -3.10
CA GLY F 58 50.74 -3.78 -2.04
C GLY F 58 49.94 -2.49 -2.11
N LEU F 59 49.10 -2.29 -1.09
CA LEU F 59 48.21 -1.11 -1.02
C LEU F 59 48.36 -0.39 0.32
N ALA F 60 48.22 0.93 0.29
CA ALA F 60 48.41 1.78 1.47
C ALA F 60 47.12 2.13 2.22
N PHE F 61 47.24 2.33 3.53
CA PHE F 61 46.13 2.79 4.37
C PHE F 61 46.59 3.63 5.57
N ASP F 62 45.63 4.17 6.33
CA ASP F 62 45.93 4.97 7.52
C ASP F 62 45.88 4.15 8.80
N GLY F 63 47.06 3.74 9.28
CA GLY F 63 47.18 2.95 10.51
C GLY F 63 46.81 3.66 11.81
N SER F 64 46.67 4.99 11.76
CA SER F 64 46.20 5.82 12.90
C SER F 64 44.74 5.59 13.24
N SER F 65 43.94 5.28 12.22
CA SER F 65 42.50 5.16 12.39
C SER F 65 42.10 3.74 12.77
N ILE F 66 43.10 2.85 12.83
CA ILE F 66 42.88 1.44 13.16
C ILE F 66 43.35 1.16 14.59
N ARG F 67 42.46 0.57 15.40
CA ARG F 67 42.75 0.37 16.83
C ARG F 67 43.88 -0.62 17.09
N GLY F 68 44.81 -0.24 17.96
CA GLY F 68 45.96 -1.08 18.30
C GLY F 68 47.14 -0.97 17.33
N PHE F 69 47.02 -0.13 16.32
CA PHE F 69 48.04 0.00 15.29
C PHE F 69 48.98 1.19 15.57
N GLN F 70 49.05 2.15 14.66
CA GLN F 70 50.06 3.22 14.69
C GLN F 70 49.60 4.55 15.31
N SER F 71 50.58 5.38 15.69
CA SER F 71 50.34 6.76 16.05
C SER F 71 50.20 7.61 14.79
N ILE F 72 49.70 8.83 14.94
CA ILE F 72 49.38 9.70 13.79
C ILE F 72 50.61 10.15 12.98
N HIS F 73 51.77 10.28 13.62
CA HIS F 73 52.98 10.72 12.94
C HIS F 73 53.70 9.57 12.22
N GLU F 74 53.25 8.35 12.48
CA GLU F 74 53.78 7.14 11.84
C GLU F 74 52.65 6.35 11.19
N SER F 75 51.73 7.06 10.55
CA SER F 75 50.43 6.51 10.14
C SER F 75 50.45 5.52 8.96
N ASP F 76 51.16 5.87 7.88
CA ASP F 76 51.19 5.06 6.66
C ASP F 76 51.60 3.62 6.93
N MET F 77 50.77 2.68 6.46
CA MET F 77 51.09 1.26 6.56
C MET F 77 50.76 0.59 5.22
N LEU F 78 51.23 -0.65 5.07
CA LEU F 78 51.13 -1.38 3.81
C LEU F 78 50.36 -2.68 3.95
N LEU F 79 49.64 -3.07 2.91
CA LEU F 79 48.88 -4.33 2.87
C LEU F 79 49.31 -5.22 1.70
N LEU F 80 49.53 -6.51 1.99
CA LEU F 80 49.87 -7.50 0.97
C LEU F 80 48.88 -8.68 1.00
N PRO F 81 48.39 -9.11 -0.17
CA PRO F 81 47.30 -10.09 -0.32
C PRO F 81 47.61 -11.52 0.11
N ASP F 82 46.59 -12.21 0.62
CA ASP F 82 46.63 -13.66 0.87
C ASP F 82 45.64 -14.34 -0.10
N PRO F 83 46.15 -14.92 -1.20
CA PRO F 83 45.33 -15.52 -2.26
C PRO F 83 44.43 -16.70 -1.80
N GLU F 84 44.80 -17.37 -0.71
CA GLU F 84 44.00 -18.49 -0.21
C GLU F 84 42.62 -18.06 0.33
N THR F 85 42.52 -16.79 0.73
CA THR F 85 41.32 -16.27 1.40
C THR F 85 40.27 -15.65 0.45
N ALA F 86 40.52 -15.73 -0.85
CA ALA F 86 39.64 -15.12 -1.86
C ALA F 86 38.28 -15.82 -1.98
N ARG F 87 37.20 -15.08 -1.70
CA ARG F 87 35.82 -15.60 -1.83
C ARG F 87 34.90 -14.56 -2.45
N ILE F 88 33.94 -15.02 -3.25
CA ILE F 88 32.89 -14.15 -3.81
C ILE F 88 31.92 -13.69 -2.69
N ASP F 89 31.59 -12.40 -2.68
CA ASP F 89 30.67 -11.83 -1.69
C ASP F 89 29.20 -12.12 -2.04
N PRO F 90 28.47 -12.78 -1.12
CA PRO F 90 27.08 -13.15 -1.41
C PRO F 90 26.05 -12.03 -1.26
N PHE F 91 26.48 -10.85 -0.79
CA PHE F 91 25.54 -9.79 -0.38
C PHE F 91 25.47 -8.58 -1.33
N ARG F 92 26.60 -8.22 -1.93
CA ARG F 92 26.67 -7.01 -2.75
C ARG F 92 26.11 -7.19 -4.16
N ALA F 93 25.20 -6.29 -4.54
CA ALA F 93 24.56 -6.34 -5.86
C ALA F 93 25.58 -6.21 -7.00
N ALA F 94 26.57 -5.35 -6.82
CA ALA F 94 27.71 -5.29 -7.73
C ALA F 94 28.68 -6.41 -7.33
N LYS F 95 28.88 -7.35 -8.25
CA LYS F 95 29.72 -8.54 -8.03
C LYS F 95 31.09 -8.17 -7.46
N THR F 96 31.38 -8.72 -6.28
CA THR F 96 32.55 -8.35 -5.49
C THR F 96 33.28 -9.58 -4.99
N LEU F 97 34.61 -9.53 -5.11
CA LEU F 97 35.48 -10.58 -4.58
C LEU F 97 36.22 -10.07 -3.35
N ASN F 98 36.11 -10.82 -2.25
CA ASN F 98 36.76 -10.47 -0.98
C ASN F 98 38.08 -11.19 -0.82
N ILE F 99 39.10 -10.47 -0.38
CA ILE F 99 40.42 -11.05 -0.09
C ILE F 99 40.96 -10.46 1.21
N ASN F 100 41.49 -11.33 2.07
CA ASN F 100 42.21 -10.89 3.27
C ASN F 100 43.66 -10.56 2.97
N PHE F 101 44.18 -9.56 3.68
CA PHE F 101 45.54 -9.07 3.51
C PHE F 101 46.32 -9.18 4.82
N PHE F 102 47.64 -9.29 4.70
CA PHE F 102 48.57 -9.16 5.82
C PHE F 102 49.08 -7.70 5.85
N VAL F 103 49.30 -7.18 7.05
CA VAL F 103 49.81 -5.82 7.23
C VAL F 103 51.34 -5.85 7.33
N HIS F 104 52.00 -4.91 6.66
CA HIS F 104 53.46 -4.87 6.58
C HIS F 104 53.98 -3.44 6.77
N ASP F 105 55.19 -3.33 7.32
CA ASP F 105 55.89 -2.05 7.43
C ASP F 105 56.10 -1.45 6.03
N PRO F 106 55.86 -0.14 5.85
CA PRO F 106 55.96 0.44 4.52
C PRO F 106 57.39 0.72 4.05
N PHE F 107 58.36 0.64 4.96
CA PHE F 107 59.76 0.88 4.60
C PHE F 107 60.49 -0.43 4.31
N THR F 108 60.47 -1.34 5.30
CA THR F 108 61.23 -2.59 5.25
C THR F 108 60.46 -3.73 4.56
N LEU F 109 59.14 -3.57 4.46
CA LEU F 109 58.22 -4.56 3.86
C LEU F 109 58.06 -5.84 4.69
N GLU F 110 58.57 -5.80 5.92
CA GLU F 110 58.48 -6.92 6.84
C GLU F 110 57.10 -6.97 7.55
N PRO F 111 56.66 -8.18 7.95
CA PRO F 111 55.39 -8.33 8.65
C PRO F 111 55.25 -7.45 9.90
N TYR F 112 54.08 -6.88 10.09
CA TYR F 112 53.75 -6.05 11.25
C TYR F 112 53.57 -6.91 12.50
N SER F 113 54.15 -6.44 13.61
CA SER F 113 54.16 -7.19 14.87
C SER F 113 52.80 -7.19 15.57
N ARG F 114 51.92 -6.29 15.15
CA ARG F 114 50.58 -6.17 15.71
C ARG F 114 49.49 -6.45 14.67
N ASP F 115 49.85 -7.19 13.62
CA ASP F 115 48.88 -7.76 12.69
C ASP F 115 48.42 -9.10 13.27
N PRO F 116 47.14 -9.21 13.68
CA PRO F 116 46.60 -10.47 14.22
C PRO F 116 46.87 -11.68 13.31
N ARG F 117 46.71 -11.51 12.00
CA ARG F 117 46.94 -12.60 11.04
C ARG F 117 48.41 -13.06 11.05
N ASN F 118 49.33 -12.12 11.25
CA ASN F 118 50.75 -12.43 11.41
C ASN F 118 51.02 -13.29 12.65
N ILE F 119 50.31 -13.01 13.75
CA ILE F 119 50.47 -13.79 14.98
C ILE F 119 50.11 -15.26 14.73
N ALA F 120 49.03 -15.49 13.97
CA ALA F 120 48.58 -16.83 13.61
C ALA F 120 49.62 -17.57 12.78
N ARG F 121 50.18 -16.85 11.80
CA ARG F 121 51.31 -17.30 10.98
C ARG F 121 52.50 -17.76 11.82
N LYS F 122 52.95 -16.90 12.74
CA LYS F 122 54.09 -17.18 13.60
C LYS F 122 53.81 -18.38 14.52
N ALA F 123 52.58 -18.46 15.04
CA ALA F 123 52.18 -19.57 15.91
C ALA F 123 52.35 -20.91 15.20
N GLU F 124 51.84 -21.00 13.98
CA GLU F 124 51.91 -22.22 13.19
C GLU F 124 53.36 -22.66 12.90
N ASN F 125 54.22 -21.70 12.57
CA ASN F 125 55.62 -21.98 12.30
C ASN F 125 56.43 -22.33 13.56
N TYR F 126 56.09 -21.70 14.69
CA TYR F 126 56.71 -22.04 15.96
C TYR F 126 56.40 -23.48 16.38
N LEU F 127 55.15 -23.91 16.20
CA LEU F 127 54.75 -25.29 16.48
C LEU F 127 55.62 -26.31 15.75
N ILE F 128 55.85 -26.09 14.45
CA ILE F 128 56.72 -26.95 13.65
C ILE F 128 58.13 -26.99 14.23
N SER F 129 58.68 -25.81 14.59
CA SER F 129 60.04 -25.70 15.12
C SER F 129 60.27 -26.44 16.45
N THR F 130 59.19 -26.76 17.16
CA THR F 130 59.29 -27.49 18.43
C THR F 130 59.43 -29.00 18.24
N GLY F 131 59.02 -29.51 17.09
CA GLY F 131 59.06 -30.96 16.83
C GLY F 131 57.93 -31.76 17.46
N ILE F 132 57.12 -31.11 18.31
CA ILE F 132 55.98 -31.75 18.98
C ILE F 132 54.92 -32.19 17.97
N ALA F 133 54.63 -31.35 16.99
CA ALA F 133 53.62 -31.61 15.97
C ALA F 133 53.86 -30.66 14.81
N ASP F 134 53.22 -30.93 13.67
CA ASP F 134 53.31 -30.00 12.55
C ASP F 134 52.01 -29.23 12.27
N THR F 135 50.89 -29.73 12.82
CA THR F 135 49.57 -29.12 12.59
C THR F 135 48.71 -29.02 13.86
N ALA F 136 48.14 -27.83 14.08
CA ALA F 136 47.17 -27.59 15.15
C ALA F 136 45.77 -27.31 14.57
N TYR F 137 44.81 -28.21 14.85
CA TYR F 137 43.44 -28.09 14.36
C TYR F 137 42.48 -27.47 15.38
N PHE F 138 41.65 -26.54 14.89
CA PHE F 138 40.68 -25.82 15.72
C PHE F 138 39.27 -25.96 15.16
N GLY F 139 38.37 -26.50 15.96
CA GLY F 139 36.94 -26.52 15.66
C GLY F 139 36.25 -25.58 16.62
N ALA F 140 35.74 -24.46 16.10
CA ALA F 140 35.12 -23.43 16.94
C ALA F 140 33.61 -23.34 16.77
N GLU F 141 32.90 -23.32 17.91
CA GLU F 141 31.45 -23.19 17.90
C GLU F 141 31.07 -21.77 18.35
N ALA F 142 30.81 -20.89 17.40
CA ALA F 142 30.45 -19.52 17.73
C ALA F 142 28.93 -19.32 17.77
N GLU F 143 28.39 -19.26 18.99
CA GLU F 143 26.96 -19.09 19.20
C GLU F 143 26.57 -17.63 19.09
N PHE F 144 25.30 -17.38 18.74
CA PHE F 144 24.81 -16.01 18.58
C PHE F 144 23.31 -15.89 18.84
N TYR F 145 22.87 -14.66 19.08
CA TYR F 145 21.46 -14.32 19.18
C TYR F 145 20.98 -13.59 17.93
N ILE F 146 19.84 -14.04 17.39
CA ILE F 146 19.14 -13.34 16.32
C ILE F 146 18.03 -12.45 16.91
N PHE F 147 18.36 -11.19 17.15
CA PHE F 147 17.42 -10.21 17.72
C PHE F 147 16.66 -9.43 16.63
N ASP F 148 15.60 -8.72 17.05
CA ASP F 148 14.83 -7.83 16.18
C ASP F 148 15.27 -6.37 16.33
N SER F 149 15.66 -5.99 17.55
CA SER F 149 16.05 -4.61 17.83
C SER F 149 17.03 -4.48 19.00
N VAL F 150 17.70 -3.33 19.05
CA VAL F 150 18.59 -2.99 20.17
C VAL F 150 18.73 -1.46 20.28
N SER F 151 18.61 -0.95 21.49
CA SER F 151 18.92 0.46 21.76
C SER F 151 19.56 0.61 23.14
N PHE F 152 20.30 1.71 23.32
CA PHE F 152 21.09 1.97 24.51
C PHE F 152 21.63 3.40 24.49
N ASP F 153 21.92 3.94 25.67
CA ASP F 153 22.63 5.22 25.78
C ASP F 153 23.25 5.39 27.16
N SER F 154 23.95 6.50 27.35
CA SER F 154 24.69 6.80 28.56
C SER F 154 24.80 8.32 28.69
N ARG F 155 24.08 8.87 29.66
CA ARG F 155 24.02 10.32 29.90
C ARG F 155 24.42 10.65 31.34
N ALA F 156 24.43 11.94 31.68
CA ALA F 156 24.70 12.39 33.04
C ALA F 156 23.71 11.85 34.07
N ASN F 157 22.42 11.93 33.73
CA ASN F 157 21.34 11.64 34.68
C ASN F 157 20.67 10.26 34.48
N GLY F 158 21.20 9.45 33.57
CA GLY F 158 20.57 8.18 33.24
C GLY F 158 21.28 7.37 32.17
N SER F 159 20.88 6.09 32.08
CA SER F 159 21.45 5.16 31.12
C SER F 159 20.51 3.96 30.98
N PHE F 160 20.49 3.36 29.78
CA PHE F 160 19.65 2.18 29.52
C PHE F 160 20.22 1.29 28.42
N TYR F 161 19.75 0.05 28.37
CA TYR F 161 19.87 -0.79 27.18
C TYR F 161 18.59 -1.62 27.06
N GLU F 162 18.23 -1.99 25.84
CA GLU F 162 17.16 -2.95 25.62
C GLU F 162 17.40 -3.71 24.33
N VAL F 163 17.33 -5.03 24.42
CA VAL F 163 17.29 -5.88 23.24
C VAL F 163 15.90 -6.50 23.14
N ASP F 164 15.45 -6.80 21.93
CA ASP F 164 14.13 -7.38 21.75
C ASP F 164 14.10 -8.41 20.61
N ALA F 165 13.20 -9.38 20.74
CA ALA F 165 12.96 -10.41 19.74
C ALA F 165 11.54 -10.93 19.88
N ILE F 166 10.87 -11.18 18.75
CA ILE F 166 9.53 -11.75 18.73
C ILE F 166 9.38 -12.98 19.65
N SER F 167 10.38 -13.86 19.64
CA SER F 167 10.29 -15.14 20.38
C SER F 167 10.74 -15.08 21.85
N GLY F 168 11.15 -13.90 22.32
CA GLY F 168 11.56 -13.72 23.71
C GLY F 168 10.40 -13.94 24.69
N TRP F 169 10.67 -14.68 25.77
CA TRP F 169 9.64 -15.04 26.75
C TRP F 169 9.02 -13.81 27.45
N TRP F 170 9.80 -12.72 27.51
CA TRP F 170 9.34 -11.45 28.07
C TRP F 170 8.17 -10.83 27.30
N ASN F 171 7.90 -11.38 26.12
CA ASN F 171 6.79 -10.92 25.27
C ASN F 171 5.50 -11.76 25.33
N THR F 172 5.43 -12.77 26.19
CA THR F 172 4.24 -13.64 26.23
C THR F 172 2.95 -12.86 26.47
N GLY F 173 3.07 -11.77 27.24
CA GLY F 173 1.92 -10.93 27.58
C GLY F 173 1.60 -9.79 26.65
N ALA F 174 2.36 -9.63 25.55
CA ALA F 174 2.14 -8.54 24.60
C ALA F 174 0.76 -8.61 23.96
N ALA F 175 0.11 -7.46 23.81
CA ALA F 175 -1.19 -7.40 23.15
C ALA F 175 -1.04 -7.55 21.63
N THR F 176 0.02 -6.97 21.08
CA THR F 176 0.34 -7.11 19.67
C THR F 176 1.85 -7.22 19.50
N GLU F 177 2.29 -7.67 18.33
CA GLU F 177 3.70 -7.61 17.98
C GLU F 177 4.08 -6.16 17.65
N ALA F 178 5.37 -5.89 17.45
CA ALA F 178 5.85 -4.52 17.18
C ALA F 178 5.15 -3.83 16.00
N ASP F 179 4.79 -4.60 14.98
CA ASP F 179 4.15 -4.07 13.77
C ASP F 179 2.61 -4.03 13.83
N GLY F 180 2.03 -4.46 14.96
CA GLY F 180 0.59 -4.39 15.14
C GLY F 180 -0.16 -5.69 14.85
N SER F 181 0.54 -6.69 14.33
CA SER F 181 -0.07 -8.01 14.11
C SER F 181 -0.28 -8.73 15.46
N PRO F 182 -1.21 -9.70 15.49
CA PRO F 182 -1.54 -10.40 16.73
C PRO F 182 -0.38 -11.17 17.36
N ASN F 183 -0.38 -11.28 18.69
CA ASN F 183 0.49 -12.21 19.38
C ASN F 183 -0.03 -13.62 19.10
N ARG F 184 0.80 -14.47 18.51
CA ARG F 184 0.39 -15.84 18.14
C ARG F 184 1.00 -16.91 19.05
N GLY F 185 1.69 -16.47 20.09
CA GLY F 185 2.33 -17.38 21.05
C GLY F 185 3.50 -18.16 20.46
N TYR F 186 3.71 -19.38 20.97
CA TYR F 186 4.84 -20.24 20.60
C TYR F 186 6.20 -19.54 20.81
N LYS F 187 6.28 -18.73 21.86
CA LYS F 187 7.53 -18.06 22.19
C LYS F 187 8.40 -19.01 23.02
N VAL F 188 9.71 -18.75 23.04
CA VAL F 188 10.67 -19.66 23.66
C VAL F 188 10.84 -19.37 25.15
N ARG F 189 10.62 -20.39 25.99
CA ARG F 189 10.84 -20.28 27.43
C ARG F 189 12.32 -20.03 27.72
N HIS F 190 12.62 -19.30 28.78
CA HIS F 190 14.02 -19.10 29.18
C HIS F 190 14.69 -20.44 29.42
N LYS F 191 15.89 -20.61 28.83
CA LYS F 191 16.66 -21.85 28.88
C LYS F 191 15.96 -23.02 28.16
N GLY F 192 14.97 -22.71 27.32
CA GLY F 192 14.14 -23.74 26.65
C GLY F 192 14.19 -23.78 25.13
N GLY F 193 15.23 -23.22 24.53
CA GLY F 193 15.33 -23.13 23.06
C GLY F 193 16.07 -24.23 22.33
N TYR F 194 16.67 -25.15 23.08
CA TYR F 194 17.43 -26.27 22.54
C TYR F 194 16.65 -27.58 22.73
N PHE F 195 15.95 -28.06 21.70
CA PHE F 195 15.67 -27.33 20.46
C PHE F 195 14.35 -27.83 19.84
N PRO F 196 13.20 -27.33 20.34
CA PRO F 196 11.88 -27.75 19.84
C PRO F 196 11.65 -27.41 18.37
N VAL F 197 10.85 -28.24 17.70
CA VAL F 197 10.47 -27.98 16.30
C VAL F 197 9.63 -26.70 16.17
N ALA F 198 9.48 -26.24 14.92
CA ALA F 198 8.57 -25.14 14.59
C ALA F 198 7.12 -25.50 14.90
N PRO F 199 6.25 -24.50 15.17
CA PRO F 199 6.55 -23.05 15.15
C PRO F 199 7.24 -22.44 16.38
N ASN F 200 7.47 -23.22 17.44
CA ASN F 200 8.24 -22.71 18.59
C ASN F 200 9.61 -22.19 18.16
N ASP F 201 10.27 -22.94 17.26
CA ASP F 201 11.45 -22.47 16.54
C ASP F 201 10.99 -21.55 15.41
N GLN F 202 11.25 -20.25 15.58
CA GLN F 202 10.75 -19.24 14.65
C GLN F 202 11.77 -18.83 13.60
N TYR F 203 12.96 -19.43 13.64
CA TYR F 203 14.08 -19.00 12.81
C TYR F 203 14.59 -20.04 11.80
N VAL F 204 13.81 -21.11 11.58
CA VAL F 204 14.21 -22.23 10.70
C VAL F 204 14.64 -21.79 9.28
N ASP F 205 13.78 -21.03 8.61
CA ASP F 205 14.05 -20.52 7.26
C ASP F 205 15.24 -19.57 7.21
N LEU F 206 15.39 -18.73 8.22
CA LEU F 206 16.51 -17.78 8.23
C LEU F 206 17.84 -18.51 8.43
N ARG F 207 17.86 -19.50 9.32
CA ARG F 207 19.07 -20.30 9.54
C ARG F 207 19.44 -21.17 8.32
N ASP F 208 18.43 -21.59 7.55
CA ASP F 208 18.64 -22.26 6.26
C ASP F 208 19.35 -21.32 5.26
N LYS F 209 18.94 -20.05 5.22
CA LYS F 209 19.62 -19.03 4.41
C LYS F 209 21.08 -18.83 4.82
N MET F 210 21.33 -18.81 6.13
CA MET F 210 22.68 -18.68 6.65
C MET F 210 23.54 -19.88 6.25
N LEU F 211 23.00 -21.09 6.43
CA LEU F 211 23.68 -22.33 6.02
C LEU F 211 24.02 -22.33 4.53
N THR F 212 23.06 -21.96 3.69
CA THR F 212 23.24 -21.88 2.24
C THR F 212 24.36 -20.90 1.87
N ASN F 213 24.34 -19.71 2.47
CA ASN F 213 25.37 -18.71 2.23
C ASN F 213 26.76 -19.16 2.64
N LEU F 214 26.84 -19.88 3.76
CA LEU F 214 28.12 -20.47 4.18
C LEU F 214 28.61 -21.55 3.20
N ILE F 215 27.69 -22.42 2.76
CA ILE F 215 28.01 -23.47 1.78
C ILE F 215 28.55 -22.86 0.48
N ASN F 216 27.84 -21.86 -0.04
CA ASN F 216 28.25 -21.16 -1.26
C ASN F 216 29.53 -20.34 -1.06
N SER F 217 29.96 -20.23 0.19
CA SER F 217 31.18 -19.49 0.51
C SER F 217 32.35 -20.42 0.87
N GLY F 218 32.17 -21.71 0.60
CA GLY F 218 33.25 -22.69 0.72
C GLY F 218 33.40 -23.41 2.05
N PHE F 219 32.44 -23.21 2.96
CA PHE F 219 32.47 -23.88 4.27
C PHE F 219 32.03 -25.33 4.14
N ILE F 220 32.62 -26.21 4.93
CA ILE F 220 32.14 -27.58 5.05
C ILE F 220 31.26 -27.69 6.29
N LEU F 221 29.96 -27.69 6.07
CA LEU F 221 28.96 -27.61 7.14
C LEU F 221 28.66 -28.95 7.79
N GLU F 222 28.36 -28.91 9.09
CA GLU F 222 28.06 -30.10 9.88
C GLU F 222 26.62 -30.09 10.40
N LYS F 223 26.22 -28.99 11.04
CA LYS F 223 24.85 -28.83 11.53
C LYS F 223 24.48 -27.38 11.87
N GLY F 224 23.17 -27.15 11.98
CA GLY F 224 22.63 -25.88 12.48
C GLY F 224 21.45 -26.14 13.39
N HIS F 225 21.33 -25.33 14.44
CA HIS F 225 20.22 -25.45 15.38
C HIS F 225 19.96 -24.18 16.20
N HIS F 226 18.74 -24.07 16.72
CA HIS F 226 18.41 -23.12 17.77
C HIS F 226 19.20 -23.51 19.02
N GLU F 227 19.75 -22.53 19.74
CA GLU F 227 20.43 -22.80 21.01
C GLU F 227 19.51 -22.57 22.23
N VAL F 228 20.06 -22.80 23.43
CA VAL F 228 19.27 -22.83 24.69
C VAL F 228 18.51 -21.52 24.98
N GLY F 229 19.13 -20.38 24.65
CA GLY F 229 18.57 -19.09 25.01
C GLY F 229 17.29 -18.69 24.29
N SER F 230 16.35 -18.15 25.07
CA SER F 230 15.14 -17.51 24.54
C SER F 230 15.45 -16.26 23.70
N GLY F 231 14.57 -15.95 22.75
CA GLY F 231 14.79 -14.78 21.90
C GLY F 231 15.81 -15.00 20.79
N GLY F 232 15.94 -16.23 20.33
CA GLY F 232 16.58 -16.54 19.06
C GLY F 232 18.04 -16.93 19.05
N GLN F 233 18.52 -17.56 20.11
CA GLN F 233 19.90 -18.06 20.13
C GLN F 233 20.09 -19.18 19.10
N ALA F 234 21.28 -19.21 18.51
CA ALA F 234 21.55 -20.10 17.40
C ALA F 234 23.00 -20.54 17.39
N GLU F 235 23.27 -21.60 16.63
CA GLU F 235 24.62 -22.11 16.46
C GLU F 235 24.70 -22.85 15.12
N ILE F 236 25.72 -22.51 14.32
CA ILE F 236 26.01 -23.24 13.08
C ILE F 236 27.46 -23.75 13.10
N ASN F 237 27.62 -25.06 12.88
CA ASN F 237 28.91 -25.73 12.96
C ASN F 237 29.49 -26.10 11.60
N TYR F 238 30.80 -25.85 11.45
CA TYR F 238 31.54 -26.18 10.24
C TYR F 238 32.84 -26.92 10.59
N GLN F 239 33.42 -27.58 9.60
CA GLN F 239 34.57 -28.45 9.82
C GLN F 239 35.78 -27.68 10.28
N PHE F 240 36.46 -28.24 11.28
CA PHE F 240 37.71 -27.70 11.79
C PHE F 240 38.77 -27.51 10.69
N ASN F 241 39.80 -26.72 11.00
CA ASN F 241 40.90 -26.50 10.09
C ASN F 241 42.15 -26.09 10.88
N SER F 242 43.30 -26.03 10.22
CA SER F 242 44.54 -25.59 10.87
C SER F 242 44.39 -24.13 11.35
N LEU F 243 45.20 -23.74 12.33
CA LEU F 243 45.03 -22.50 13.09
C LEU F 243 44.66 -21.24 12.27
N LEU F 244 45.54 -20.81 11.36
CA LEU F 244 45.29 -19.59 10.57
C LEU F 244 44.01 -19.68 9.73
N HIS F 245 43.85 -20.77 8.98
CA HIS F 245 42.63 -21.03 8.22
C HIS F 245 41.38 -20.98 9.09
N ALA F 246 41.47 -21.56 10.29
CA ALA F 246 40.37 -21.58 11.26
C ALA F 246 39.95 -20.17 11.74
N ALA F 247 40.93 -19.30 11.96
CA ALA F 247 40.66 -17.94 12.41
C ALA F 247 40.09 -17.09 11.29
N ASP F 248 40.62 -17.30 10.08
CA ASP F 248 40.07 -16.73 8.84
C ASP F 248 38.61 -17.15 8.62
N ASP F 249 38.34 -18.45 8.82
CA ASP F 249 36.97 -18.97 8.77
C ASP F 249 36.03 -18.29 9.76
N MET F 250 36.48 -18.11 11.00
CA MET F 250 35.69 -17.46 12.05
C MET F 250 35.24 -16.04 11.66
N GLN F 251 36.19 -15.24 11.19
CA GLN F 251 35.88 -13.88 10.75
C GLN F 251 34.85 -13.85 9.60
N LEU F 252 35.02 -14.72 8.62
CA LEU F 252 34.07 -14.82 7.51
C LEU F 252 32.71 -15.35 7.96
N TYR F 253 32.71 -16.33 8.86
CA TYR F 253 31.49 -16.87 9.46
C TYR F 253 30.66 -15.75 10.10
N LYS F 254 31.29 -14.94 10.93
CA LYS F 254 30.63 -13.80 11.60
C LYS F 254 30.07 -12.80 10.60
N TYR F 255 30.83 -12.51 9.55
CA TYR F 255 30.38 -11.64 8.46
C TYR F 255 29.12 -12.18 7.78
N ILE F 256 29.15 -13.46 7.42
CA ILE F 256 28.01 -14.10 6.76
C ILE F 256 26.77 -14.17 7.66
N ILE F 257 26.96 -14.52 8.93
CA ILE F 257 25.84 -14.56 9.87
C ILE F 257 25.20 -13.17 10.03
N LYS F 258 26.00 -12.19 10.44
CA LYS F 258 25.53 -10.82 10.67
C LYS F 258 24.77 -10.24 9.49
N ASN F 259 25.27 -10.46 8.28
CA ASN F 259 24.72 -9.82 7.10
C ASN F 259 23.54 -10.54 6.47
N THR F 260 23.51 -11.86 6.62
CA THR F 260 22.35 -12.64 6.19
C THR F 260 21.14 -12.15 7.00
N ALA F 261 21.34 -12.05 8.32
CA ALA F 261 20.31 -11.59 9.23
C ALA F 261 19.89 -10.17 8.88
N TRP F 262 20.88 -9.30 8.60
CA TRP F 262 20.60 -7.90 8.29
C TRP F 262 19.77 -7.73 7.01
N GLN F 263 20.08 -8.50 5.97
CA GLN F 263 19.31 -8.44 4.71
C GLN F 263 17.89 -9.03 4.87
N ASN F 264 17.63 -9.70 5.98
CA ASN F 264 16.33 -10.31 6.26
C ASN F 264 15.57 -9.66 7.43
N GLY F 265 15.94 -8.42 7.75
CA GLY F 265 15.22 -7.64 8.75
C GLY F 265 15.61 -7.89 10.19
N LYS F 266 16.69 -8.65 10.42
CA LYS F 266 17.12 -8.99 11.78
C LYS F 266 18.43 -8.31 12.19
N THR F 267 18.83 -8.51 13.45
CA THR F 267 20.10 -7.97 13.95
C THR F 267 20.75 -8.96 14.91
N VAL F 268 21.98 -9.35 14.59
CA VAL F 268 22.71 -10.38 15.32
C VAL F 268 23.79 -9.78 16.21
N THR F 269 23.94 -10.34 17.40
CA THR F 269 25.08 -10.03 18.27
C THR F 269 25.81 -11.30 18.68
N PHE F 270 27.13 -11.21 18.74
CA PHE F 270 27.97 -12.28 19.26
C PHE F 270 28.46 -12.00 20.68
N MET F 271 27.86 -11.03 21.37
CA MET F 271 28.33 -10.69 22.72
C MET F 271 28.09 -11.86 23.71
N PRO F 272 29.01 -12.02 24.69
CA PRO F 272 28.97 -13.16 25.62
C PRO F 272 27.70 -13.30 26.46
N LYS F 273 27.18 -12.18 26.98
CA LYS F 273 25.99 -12.23 27.83
C LYS F 273 25.03 -11.06 27.56
N PRO F 274 24.21 -11.16 26.49
CA PRO F 274 23.19 -10.13 26.24
C PRO F 274 21.92 -10.25 27.10
N LEU F 275 21.57 -11.47 27.52
CA LEU F 275 20.40 -11.71 28.37
C LEU F 275 20.79 -12.07 29.80
N PHE F 276 20.15 -11.42 30.76
CA PHE F 276 20.32 -11.75 32.18
C PHE F 276 19.35 -12.88 32.57
N GLY F 277 19.86 -13.95 33.19
CA GLY F 277 19.03 -15.08 33.57
C GLY F 277 18.78 -16.12 32.48
N ASP F 278 19.52 -16.02 31.38
CA ASP F 278 19.50 -17.03 30.33
C ASP F 278 20.91 -17.27 29.83
N ASN F 279 21.11 -18.37 29.11
CA ASN F 279 22.43 -18.76 28.63
C ASN F 279 23.15 -17.64 27.88
N GLY F 280 24.46 -17.55 28.08
CA GLY F 280 25.31 -16.67 27.26
C GLY F 280 25.76 -17.37 25.99
N SER F 281 26.51 -16.64 25.16
CA SER F 281 27.09 -17.20 23.94
C SER F 281 28.58 -17.43 24.11
N GLY F 282 29.01 -18.68 23.89
CA GLY F 282 30.42 -19.03 24.00
C GLY F 282 31.08 -19.32 22.66
N MET F 283 32.39 -19.58 22.70
CA MET F 283 33.14 -20.01 21.53
C MET F 283 34.01 -21.19 21.95
N HIS F 284 33.37 -22.33 22.23
CA HIS F 284 34.10 -23.53 22.61
C HIS F 284 35.08 -23.85 21.50
N CYS F 285 36.32 -24.16 21.87
CA CYS F 285 37.33 -24.52 20.89
C CYS F 285 37.78 -25.96 21.04
N HIS F 286 37.36 -26.80 20.09
CA HIS F 286 37.81 -28.18 20.00
C HIS F 286 39.21 -28.19 19.37
N GLN F 287 40.16 -28.85 20.05
CA GLN F 287 41.57 -28.76 19.69
C GLN F 287 42.27 -30.12 19.65
N SER F 288 43.09 -30.33 18.62
CA SER F 288 43.94 -31.51 18.50
C SER F 288 45.26 -31.18 17.77
N LEU F 289 46.34 -31.87 18.14
CA LEU F 289 47.63 -31.75 17.43
C LEU F 289 47.89 -32.99 16.58
N TRP F 290 48.50 -32.77 15.41
CA TRP F 290 48.80 -33.85 14.44
C TRP F 290 50.24 -33.75 13.94
N LYS F 291 50.84 -34.89 13.59
CA LYS F 291 52.15 -34.91 12.94
C LYS F 291 52.23 -35.97 11.86
N ASP F 292 52.79 -35.60 10.70
CA ASP F 292 52.89 -36.49 9.53
C ASP F 292 51.53 -37.06 9.11
N GLY F 293 50.47 -36.27 9.27
CA GLY F 293 49.11 -36.69 8.94
C GLY F 293 48.51 -37.69 9.92
N ALA F 294 49.19 -37.90 11.05
CA ALA F 294 48.71 -38.81 12.10
C ALA F 294 48.31 -38.04 13.37
N PRO F 295 47.18 -38.44 14.00
CA PRO F 295 46.72 -37.82 15.24
C PRO F 295 47.61 -38.14 16.44
N LEU F 296 47.65 -37.22 17.41
CA LEU F 296 48.50 -37.37 18.59
C LEU F 296 47.76 -37.39 19.92
N MET F 297 46.44 -37.18 19.90
CA MET F 297 45.66 -36.96 21.13
C MET F 297 45.17 -38.23 21.83
N TYR F 298 45.32 -39.39 21.18
CA TYR F 298 44.68 -40.63 21.63
C TYR F 298 45.60 -41.61 22.36
N ASP F 299 45.04 -42.29 23.37
CA ASP F 299 45.68 -43.41 24.06
C ASP F 299 44.62 -44.15 24.86
N GLU F 300 44.29 -45.37 24.42
CA GLU F 300 43.20 -46.19 24.99
C GLU F 300 43.27 -46.41 26.51
N THR F 301 44.46 -46.26 27.08
CA THR F 301 44.67 -46.53 28.51
C THR F 301 44.58 -45.28 29.40
N GLY F 302 44.63 -44.10 28.79
CA GLY F 302 44.51 -42.85 29.54
C GLY F 302 43.08 -42.54 29.94
N TYR F 303 42.90 -41.64 30.92
CA TYR F 303 41.56 -41.15 31.26
C TYR F 303 40.92 -40.49 30.04
N ALA F 304 39.67 -40.85 29.78
CA ALA F 304 38.92 -40.38 28.61
C ALA F 304 39.62 -40.63 27.26
N GLY F 305 40.51 -41.64 27.24
CA GLY F 305 41.26 -42.02 26.04
C GLY F 305 42.29 -41.01 25.55
N LEU F 306 42.85 -40.24 26.49
CA LEU F 306 43.80 -39.17 26.16
C LEU F 306 45.26 -39.62 26.31
N SER F 307 46.10 -39.23 25.35
CA SER F 307 47.55 -39.44 25.41
C SER F 307 48.18 -38.48 26.40
N ASP F 308 49.46 -38.70 26.69
CA ASP F 308 50.25 -37.79 27.53
C ASP F 308 50.28 -36.38 26.92
N THR F 309 50.41 -36.33 25.59
CA THR F 309 50.47 -35.06 24.86
C THR F 309 49.19 -34.25 25.03
N ALA F 310 48.05 -34.94 24.87
CA ALA F 310 46.74 -34.34 25.08
C ALA F 310 46.56 -33.86 26.52
N ARG F 311 46.97 -34.70 27.48
CA ARG F 311 46.80 -34.39 28.90
C ARG F 311 47.65 -33.19 29.35
N HIS F 312 48.88 -33.11 28.85
CA HIS F 312 49.77 -32.01 29.21
C HIS F 312 49.35 -30.68 28.58
N TYR F 313 48.79 -30.76 27.38
CA TYR F 313 48.15 -29.62 26.72
C TYR F 313 47.05 -29.05 27.62
N ILE F 314 46.18 -29.93 28.12
CA ILE F 314 45.11 -29.56 29.05
C ILE F 314 45.69 -28.95 30.32
N GLY F 315 46.80 -29.52 30.80
CA GLY F 315 47.55 -28.96 31.92
C GLY F 315 48.01 -27.54 31.64
N GLY F 316 48.43 -27.30 30.40
CA GLY F 316 48.87 -25.97 29.98
C GLY F 316 47.73 -24.95 29.99
N LEU F 317 46.60 -25.32 29.37
CA LEU F 317 45.41 -24.44 29.33
C LEU F 317 44.93 -24.06 30.73
N LEU F 318 44.88 -25.05 31.62
CA LEU F 318 44.36 -24.82 32.96
C LEU F 318 45.33 -24.08 33.88
N HIS F 319 46.62 -24.32 33.69
CA HIS F 319 47.66 -23.64 34.45
C HIS F 319 47.71 -22.16 34.08
N HIS F 320 47.70 -21.88 32.77
CA HIS F 320 47.84 -20.52 32.24
C HIS F 320 46.54 -19.70 32.18
N ALA F 321 45.41 -20.37 32.41
CA ALA F 321 44.09 -19.74 32.40
C ALA F 321 43.94 -18.34 33.04
N PRO F 322 44.51 -18.12 34.25
CA PRO F 322 44.45 -16.78 34.85
C PRO F 322 44.97 -15.62 33.99
N SER F 323 45.90 -15.89 33.06
CA SER F 323 46.37 -14.87 32.11
C SER F 323 45.84 -15.14 30.70
N LEU F 324 45.63 -16.41 30.38
CA LEU F 324 45.15 -16.81 29.05
C LEU F 324 43.77 -16.23 28.71
N LEU F 325 42.91 -16.04 29.72
CA LEU F 325 41.59 -15.48 29.50
C LEU F 325 41.60 -14.02 29.04
N ALA F 326 42.73 -13.34 29.22
CA ALA F 326 42.88 -11.97 28.71
C ALA F 326 42.76 -11.93 27.20
N PHE F 327 43.03 -13.07 26.57
CA PHE F 327 42.88 -13.22 25.12
C PHE F 327 41.65 -14.05 24.71
N THR F 328 41.30 -15.06 25.50
CA THR F 328 40.13 -15.90 25.16
C THR F 328 38.80 -15.31 25.62
N ASN F 329 38.84 -14.55 26.72
CA ASN F 329 37.67 -13.88 27.29
C ASN F 329 37.96 -12.38 27.52
N PRO F 330 38.09 -11.62 26.41
CA PRO F 330 38.75 -10.31 26.44
C PRO F 330 37.88 -9.07 26.74
N THR F 331 36.61 -9.26 27.08
CA THR F 331 35.74 -8.11 27.35
C THR F 331 35.21 -8.11 28.79
N VAL F 332 34.69 -6.96 29.24
CA VAL F 332 34.04 -6.85 30.55
C VAL F 332 32.77 -7.71 30.60
N ASN F 333 32.02 -7.73 29.50
CA ASN F 333 30.82 -8.57 29.36
C ASN F 333 31.12 -10.08 29.44
N SER F 334 32.33 -10.48 29.04
CA SER F 334 32.79 -11.87 29.13
C SER F 334 32.53 -12.48 30.51
N TYR F 335 32.75 -11.68 31.55
CA TYR F 335 32.72 -12.18 32.92
C TYR F 335 31.33 -12.23 33.55
N LYS F 336 30.33 -11.74 32.82
CA LYS F 336 28.93 -11.96 33.15
C LYS F 336 28.46 -13.34 32.67
N ARG F 337 29.18 -13.91 31.70
CA ARG F 337 28.89 -15.27 31.22
C ARG F 337 29.43 -16.35 32.15
N LEU F 338 30.57 -16.07 32.79
CA LEU F 338 31.22 -17.03 33.67
C LEU F 338 30.61 -17.01 35.07
N VAL F 339 29.34 -17.37 35.13
CA VAL F 339 28.55 -17.50 36.36
C VAL F 339 27.84 -18.86 36.29
N PRO F 340 27.50 -19.47 37.45
CA PRO F 340 26.97 -20.85 37.45
C PRO F 340 25.55 -21.03 36.89
N GLY F 341 25.30 -22.18 36.27
CA GLY F 341 23.95 -22.61 35.87
C GLY F 341 23.57 -22.42 34.41
N TYR F 342 24.57 -22.17 33.54
CA TYR F 342 24.29 -21.83 32.14
C TYR F 342 25.23 -22.51 31.16
N GLU F 343 25.76 -23.67 31.56
CA GLU F 343 26.67 -24.49 30.73
C GLU F 343 28.01 -23.83 30.36
N ALA F 344 28.39 -22.80 31.10
CA ALA F 344 29.71 -22.17 30.97
C ALA F 344 30.55 -22.47 32.22
N PRO F 345 31.90 -22.51 32.11
CA PRO F 345 32.79 -22.83 33.24
C PRO F 345 32.76 -21.84 34.41
N ILE F 346 33.06 -22.32 35.61
CA ILE F 346 33.17 -21.50 36.83
C ILE F 346 34.41 -21.84 37.67
N ASN F 347 35.08 -22.92 37.27
CA ASN F 347 36.34 -23.33 37.91
C ASN F 347 37.25 -24.00 36.88
N LEU F 348 38.47 -24.31 37.28
CA LEU F 348 39.47 -24.78 36.32
C LEU F 348 39.68 -26.30 36.39
N VAL F 349 38.72 -27.05 35.87
CA VAL F 349 38.81 -28.51 35.86
C VAL F 349 38.45 -29.07 34.49
N TYR F 350 38.98 -30.25 34.17
CA TYR F 350 38.56 -30.98 32.98
C TYR F 350 37.80 -32.25 33.34
N SER F 351 36.93 -32.71 32.44
CA SER F 351 36.06 -33.87 32.68
C SER F 351 35.40 -34.34 31.38
N GLN F 352 35.36 -35.65 31.16
CA GLN F 352 34.64 -36.19 30.01
C GLN F 352 33.13 -36.00 30.14
N ARG F 353 32.46 -35.70 29.01
CA ARG F 353 30.99 -35.64 28.93
C ARG F 353 30.38 -34.46 29.71
N ASN F 354 31.23 -33.64 30.31
CA ASN F 354 30.80 -32.67 31.31
C ASN F 354 30.68 -31.22 30.83
N ARG F 355 29.44 -30.78 30.64
CA ARG F 355 29.15 -29.43 30.15
C ARG F 355 29.21 -28.31 31.20
N SER F 356 29.49 -28.69 32.46
CA SER F 356 29.74 -27.70 33.52
C SER F 356 31.24 -27.42 33.71
N ALA F 357 32.08 -28.13 32.94
CA ALA F 357 33.54 -28.08 33.15
C ALA F 357 34.24 -27.05 32.27
N CYS F 358 35.47 -26.70 32.65
CA CYS F 358 36.27 -25.77 31.85
C CYS F 358 36.80 -26.43 30.58
N VAL F 359 37.28 -27.67 30.71
CA VAL F 359 37.57 -28.50 29.54
C VAL F 359 36.68 -29.74 29.56
N ARG F 360 35.90 -29.93 28.50
CA ARG F 360 35.12 -31.16 28.31
C ARG F 360 35.82 -32.07 27.32
N ILE F 361 35.85 -33.37 27.60
CA ILE F 361 36.26 -34.34 26.60
C ILE F 361 35.01 -35.03 26.07
N PRO F 362 34.62 -34.72 24.81
CA PRO F 362 33.40 -35.31 24.24
C PRO F 362 33.58 -36.80 23.98
N ILE F 363 32.47 -37.54 24.04
CA ILE F 363 32.49 -39.00 23.83
C ILE F 363 32.56 -39.28 22.34
N THR F 364 33.67 -39.85 21.90
CA THR F 364 33.93 -40.07 20.47
C THR F 364 34.29 -41.53 20.14
N GLY F 365 34.57 -42.32 21.16
CA GLY F 365 34.89 -43.73 20.98
C GLY F 365 36.36 -44.01 20.69
N SER F 366 36.60 -45.04 19.88
CA SER F 366 37.94 -45.62 19.71
C SER F 366 38.76 -45.05 18.55
N ASN F 367 38.10 -44.29 17.67
CA ASN F 367 38.74 -43.66 16.51
C ASN F 367 39.66 -42.53 16.98
N PRO F 368 40.99 -42.72 16.80
CA PRO F 368 42.00 -41.77 17.26
C PRO F 368 41.90 -40.40 16.59
N LYS F 369 41.34 -40.35 15.38
CA LYS F 369 41.20 -39.11 14.62
C LYS F 369 40.09 -38.20 15.17
N ALA F 370 39.18 -38.79 15.94
CA ALA F 370 38.07 -38.04 16.54
C ALA F 370 38.38 -37.60 17.97
N LYS F 371 39.52 -38.05 18.50
CA LYS F 371 39.90 -37.68 19.86
C LYS F 371 40.40 -36.24 19.93
N ARG F 372 39.80 -35.45 20.82
CA ARG F 372 40.21 -34.07 21.07
C ARG F 372 39.72 -33.55 22.42
N LEU F 373 40.19 -32.37 22.80
CA LEU F 373 39.71 -31.66 23.98
C LEU F 373 38.79 -30.53 23.54
N GLU F 374 37.81 -30.20 24.38
CA GLU F 374 36.99 -29.02 24.16
C GLU F 374 37.24 -27.99 25.26
N PHE F 375 37.88 -26.88 24.88
CA PHE F 375 38.07 -25.76 25.78
C PHE F 375 36.78 -24.92 25.73
N ARG F 376 36.04 -24.90 26.83
CA ARG F 376 34.70 -24.31 26.88
C ARG F 376 34.67 -22.83 27.34
N SER F 377 35.78 -22.37 27.88
CA SER F 377 35.90 -21.00 28.42
C SER F 377 35.77 -19.83 27.42
N PRO F 378 36.41 -19.93 26.24
CA PRO F 378 36.41 -18.77 25.34
C PRO F 378 35.03 -18.30 24.86
N ASP F 379 34.94 -17.05 24.45
CA ASP F 379 33.74 -16.50 23.82
C ASP F 379 34.15 -15.73 22.54
N SER F 380 33.19 -15.13 21.86
CA SER F 380 33.42 -14.54 20.54
C SER F 380 33.62 -13.02 20.55
N SER F 381 33.94 -12.47 21.72
CA SER F 381 33.95 -11.03 21.90
C SER F 381 35.28 -10.33 21.54
N GLY F 382 36.26 -11.10 21.10
CA GLY F 382 37.55 -10.51 20.70
C GLY F 382 38.12 -10.94 19.36
N ASN F 383 39.34 -11.45 19.41
CA ASN F 383 40.16 -11.70 18.21
C ASN F 383 40.57 -13.18 18.12
N PRO F 384 40.04 -13.90 17.11
CA PRO F 384 40.26 -15.35 17.03
C PRO F 384 41.69 -15.71 16.65
N TYR F 385 42.35 -14.88 15.84
CA TYR F 385 43.76 -15.04 15.51
C TYR F 385 44.61 -15.04 16.77
N LEU F 386 44.34 -14.10 17.68
CA LEU F 386 45.06 -14.00 18.95
C LEU F 386 44.62 -15.06 19.96
N ALA F 387 43.31 -15.30 20.05
CA ALA F 387 42.77 -16.31 20.95
C ALA F 387 43.27 -17.71 20.64
N PHE F 388 43.26 -18.11 19.37
CA PHE F 388 43.73 -19.44 18.98
C PHE F 388 45.22 -19.58 19.22
N SER F 389 45.98 -18.53 18.89
CA SER F 389 47.43 -18.54 19.04
C SER F 389 47.83 -18.67 20.50
N ALA F 390 47.13 -17.91 21.36
CA ALA F 390 47.33 -17.95 22.81
C ALA F 390 47.03 -19.32 23.43
N MET F 391 45.92 -19.92 23.03
CA MET F 391 45.55 -21.28 23.44
C MET F 391 46.64 -22.30 23.09
N LEU F 392 47.18 -22.17 21.88
CA LEU F 392 48.24 -23.06 21.40
C LEU F 392 49.51 -22.90 22.23
N MET F 393 49.93 -21.65 22.45
CA MET F 393 51.13 -21.36 23.23
C MET F 393 51.00 -21.87 24.66
N ALA F 394 49.80 -21.78 25.23
CA ALA F 394 49.54 -22.28 26.57
C ALA F 394 49.66 -23.81 26.60
N GLY F 395 49.06 -24.47 25.60
CA GLY F 395 49.12 -25.93 25.48
C GLY F 395 50.53 -26.45 25.21
N LEU F 396 51.29 -25.68 24.42
CA LEU F 396 52.67 -26.06 24.09
C LEU F 396 53.60 -25.95 25.30
N ASP F 397 53.39 -24.92 26.13
CA ASP F 397 54.13 -24.79 27.39
C ASP F 397 53.81 -25.95 28.33
N GLY F 398 52.56 -26.41 28.31
CA GLY F 398 52.14 -27.58 29.08
C GLY F 398 52.88 -28.85 28.70
N ILE F 399 53.04 -29.07 27.39
CA ILE F 399 53.73 -30.24 26.86
C ILE F 399 55.24 -30.16 27.14
N LYS F 400 55.81 -28.99 26.87
CA LYS F 400 57.23 -28.73 27.11
C LYS F 400 57.64 -28.94 28.55
N ASN F 401 56.75 -28.60 29.48
CA ASN F 401 57.02 -28.69 30.91
C ASN F 401 56.27 -29.82 31.63
N LYS F 402 55.66 -30.72 30.85
CA LYS F 402 54.90 -31.85 31.40
C LYS F 402 53.99 -31.42 32.57
N ILE F 403 53.22 -30.36 32.33
CA ILE F 403 52.30 -29.82 33.34
C ILE F 403 51.10 -30.75 33.49
N GLU F 404 51.01 -31.39 34.65
CA GLU F 404 49.92 -32.29 34.96
C GLU F 404 48.71 -31.52 35.47
N PRO F 405 47.55 -31.66 34.78
CA PRO F 405 46.33 -31.01 35.28
C PRO F 405 45.87 -31.72 36.55
N GLN F 406 45.11 -31.02 37.39
CA GLN F 406 44.56 -31.66 38.58
C GLN F 406 43.50 -32.68 38.14
N ALA F 407 43.27 -33.68 39.01
CA ALA F 407 42.41 -34.81 38.69
C ALA F 407 41.03 -34.37 38.18
N PRO F 408 40.53 -35.04 37.13
CA PRO F 408 39.20 -34.70 36.61
C PRO F 408 38.10 -34.88 37.67
N VAL F 409 37.14 -33.96 37.68
CA VAL F 409 35.97 -34.07 38.56
C VAL F 409 34.74 -34.34 37.71
N ASP F 410 34.26 -35.59 37.77
CA ASP F 410 33.12 -36.01 36.98
C ASP F 410 31.80 -35.78 37.73
N LYS F 411 31.50 -34.49 37.96
CA LYS F 411 30.35 -34.07 38.75
C LYS F 411 29.74 -32.80 38.18
N ASP F 412 28.49 -32.53 38.57
CA ASP F 412 27.89 -31.23 38.31
C ASP F 412 28.63 -30.19 39.15
N LEU F 413 29.48 -29.42 38.50
CA LEU F 413 30.37 -28.49 39.19
C LEU F 413 29.64 -27.27 39.79
N TYR F 414 28.43 -27.01 39.33
CA TYR F 414 27.61 -25.95 39.91
C TYR F 414 26.98 -26.34 41.25
N GLU F 415 26.95 -27.65 41.55
CA GLU F 415 26.24 -28.17 42.72
C GLU F 415 27.14 -28.86 43.75
N LEU F 416 28.43 -28.57 43.70
CA LEU F 416 29.39 -29.11 44.68
C LEU F 416 29.14 -28.53 46.07
N PRO F 417 29.38 -29.34 47.14
CA PRO F 417 29.36 -28.75 48.47
C PRO F 417 30.44 -27.67 48.58
N PRO F 418 30.09 -26.49 49.17
CA PRO F 418 30.96 -25.30 49.25
C PRO F 418 32.37 -25.61 49.76
N GLU F 419 32.50 -26.72 50.47
CA GLU F 419 33.76 -27.19 51.04
C GLU F 419 34.67 -27.76 49.92
N GLU F 420 34.09 -28.58 49.05
CA GLU F 420 34.80 -29.14 47.89
C GLU F 420 35.09 -28.07 46.82
N ALA F 421 34.12 -27.17 46.61
CA ALA F 421 34.26 -26.09 45.65
C ALA F 421 35.39 -25.11 46.01
N ALA F 422 35.71 -25.04 47.29
CA ALA F 422 36.75 -24.15 47.81
C ALA F 422 38.16 -24.62 47.46
N SER F 423 38.32 -25.93 47.25
CA SER F 423 39.63 -26.52 46.97
C SER F 423 39.99 -26.52 45.48
N ILE F 424 39.05 -26.10 44.63
CA ILE F 424 39.26 -26.03 43.19
C ILE F 424 39.48 -24.57 42.77
N PRO F 425 40.57 -24.27 42.04
CA PRO F 425 40.78 -22.91 41.51
C PRO F 425 39.59 -22.42 40.66
N GLN F 426 39.14 -21.20 40.93
CA GLN F 426 38.00 -20.60 40.25
C GLN F 426 38.41 -19.94 38.95
N THR F 427 37.45 -19.71 38.07
CA THR F 427 37.66 -18.82 36.93
C THR F 427 37.78 -17.40 37.48
N PRO F 428 38.57 -16.53 36.82
CA PRO F 428 38.67 -15.14 37.24
C PRO F 428 37.32 -14.41 37.29
N THR F 429 37.18 -13.49 38.24
CA THR F 429 35.95 -12.73 38.49
C THR F 429 35.70 -11.66 37.41
N GLN F 430 36.75 -10.96 36.99
CA GLN F 430 36.62 -9.79 36.11
C GLN F 430 37.84 -9.54 35.24
N LEU F 431 37.65 -8.75 34.17
CA LEU F 431 38.68 -8.53 33.14
C LEU F 431 39.95 -7.87 33.69
N SER F 432 39.78 -6.92 34.62
CA SER F 432 40.92 -6.23 35.22
C SER F 432 41.86 -7.21 35.90
N ASP F 433 41.30 -8.30 36.43
CA ASP F 433 42.07 -9.37 37.08
C ASP F 433 42.97 -10.16 36.10
N VAL F 434 42.43 -10.56 34.94
CA VAL F 434 43.21 -11.27 33.91
C VAL F 434 44.20 -10.34 33.18
N ILE F 435 43.83 -9.07 33.03
CA ILE F 435 44.73 -8.09 32.44
C ILE F 435 45.93 -7.85 33.38
N ASP F 436 45.66 -7.79 34.68
CA ASP F 436 46.70 -7.68 35.69
C ASP F 436 47.66 -8.87 35.67
N ARG F 437 47.11 -10.09 35.58
CA ARG F 437 47.92 -11.31 35.54
C ARG F 437 48.72 -11.47 34.24
N LEU F 438 48.15 -11.04 33.12
CA LEU F 438 48.84 -11.08 31.83
C LEU F 438 50.08 -10.20 31.85
N GLU F 439 49.95 -9.03 32.46
CA GLU F 439 51.06 -8.08 32.61
C GLU F 439 52.19 -8.68 33.45
N ALA F 440 51.81 -9.40 34.51
CA ALA F 440 52.76 -10.01 35.44
C ALA F 440 53.38 -11.32 34.95
N ASP F 441 52.65 -12.07 34.12
CA ASP F 441 53.09 -13.39 33.66
C ASP F 441 52.63 -13.69 32.23
N HIS F 442 53.53 -13.51 31.27
CA HIS F 442 53.21 -13.74 29.86
C HIS F 442 54.37 -14.32 29.05
N GLU F 443 55.32 -14.97 29.74
CA GLU F 443 56.51 -15.53 29.10
C GLU F 443 56.16 -16.62 28.07
N TYR F 444 55.20 -17.48 28.41
CA TYR F 444 54.77 -18.58 27.53
C TYR F 444 54.25 -18.11 26.18
N LEU F 445 53.74 -16.89 26.15
CA LEU F 445 53.23 -16.27 24.93
C LEU F 445 54.36 -15.72 24.06
N THR F 446 55.43 -15.24 24.71
CA THR F 446 56.55 -14.63 24.00
C THR F 446 57.65 -15.62 23.57
N GLU F 447 57.43 -16.91 23.81
CA GLU F 447 58.32 -17.96 23.29
C GLU F 447 58.37 -17.91 21.77
N GLY F 448 59.59 -17.95 21.23
CA GLY F 448 59.82 -17.96 19.78
C GLY F 448 59.32 -16.73 19.07
N GLY F 449 59.01 -15.68 19.86
CA GLY F 449 58.52 -14.41 19.33
C GLY F 449 57.16 -14.44 18.68
N VAL F 450 56.35 -15.44 19.03
CA VAL F 450 54.98 -15.57 18.52
C VAL F 450 54.15 -14.35 18.94
N PHE F 451 54.15 -14.05 20.24
CA PHE F 451 53.69 -12.76 20.76
C PHE F 451 54.94 -11.95 21.10
N THR F 452 54.87 -10.63 20.94
CA THR F 452 55.96 -9.74 21.31
C THR F 452 55.49 -8.78 22.41
N ASN F 453 56.43 -8.24 23.19
CA ASN F 453 56.10 -7.32 24.29
C ASN F 453 55.26 -6.11 23.86
N ASP F 454 55.54 -5.57 22.67
CA ASP F 454 54.79 -4.42 22.17
C ASP F 454 53.29 -4.71 21.95
N LEU F 455 52.95 -5.92 21.48
CA LEU F 455 51.55 -6.33 21.33
C LEU F 455 50.88 -6.51 22.69
N ILE F 456 51.59 -7.18 23.60
CA ILE F 456 51.09 -7.45 24.95
C ILE F 456 50.83 -6.16 25.74
N GLU F 457 51.76 -5.20 25.64
CA GLU F 457 51.60 -3.88 26.27
C GLU F 457 50.46 -3.06 25.66
N THR F 458 50.29 -3.15 24.34
CA THR F 458 49.25 -2.41 23.62
C THR F 458 47.85 -2.95 23.96
N TRP F 459 47.75 -4.27 24.08
CA TRP F 459 46.52 -4.95 24.44
C TRP F 459 46.07 -4.50 25.84
N ILE F 460 46.99 -4.57 26.80
CA ILE F 460 46.75 -4.20 28.18
C ILE F 460 46.29 -2.73 28.31
N SER F 461 47.03 -1.82 27.68
CA SER F 461 46.68 -0.39 27.65
C SER F 461 45.29 -0.14 27.06
N PHE F 462 45.03 -0.75 25.90
CA PHE F 462 43.75 -0.60 25.23
C PHE F 462 42.60 -1.04 26.13
N LYS F 463 42.72 -2.22 26.73
CA LYS F 463 41.66 -2.79 27.56
C LYS F 463 41.41 -1.96 28.82
N ARG F 464 42.46 -1.42 29.42
CA ARG F 464 42.33 -0.59 30.62
C ARG F 464 41.67 0.76 30.34
N GLU F 465 42.18 1.48 29.34
CA GLU F 465 41.75 2.82 29.01
C GLU F 465 40.40 2.88 28.26
N ASN F 466 40.15 1.90 27.40
CA ASN F 466 38.97 1.93 26.51
C ASN F 466 37.81 1.04 26.94
N GLU F 467 38.04 0.14 27.89
CA GLU F 467 36.99 -0.79 28.33
C GLU F 467 36.79 -0.82 29.84
N ILE F 468 37.84 -1.20 30.57
CA ILE F 468 37.75 -1.35 32.03
C ILE F 468 37.36 -0.04 32.73
N GLU F 469 38.10 1.04 32.42
CA GLU F 469 37.85 2.32 33.06
C GLU F 469 36.49 2.94 32.72
N PRO F 470 36.12 3.03 31.42
CA PRO F 470 34.80 3.58 31.08
C PRO F 470 33.59 2.89 31.75
N VAL F 471 33.63 1.57 31.94
CA VAL F 471 32.53 0.89 32.63
C VAL F 471 32.61 1.14 34.15
N ASN F 472 33.83 1.08 34.70
CA ASN F 472 34.08 1.36 36.12
C ASN F 472 33.51 2.67 36.65
N ILE F 473 33.54 3.70 35.82
CA ILE F 473 33.20 5.05 36.27
C ILE F 473 31.71 5.36 36.13
N ARG F 474 30.98 4.50 35.43
CA ARG F 474 29.55 4.70 35.16
C ARG F 474 28.67 3.93 36.13
N PRO F 475 27.78 4.65 36.86
CA PRO F 475 26.81 4.01 37.74
C PRO F 475 25.94 2.97 37.02
N HIS F 476 25.82 1.81 37.64
CA HIS F 476 24.98 0.71 37.16
C HIS F 476 23.52 0.95 37.58
N PRO F 477 22.55 0.67 36.67
CA PRO F 477 21.13 0.81 37.02
C PRO F 477 20.70 0.08 38.30
N TYR F 478 21.34 -1.06 38.60
CA TYR F 478 20.99 -1.82 39.79
C TYR F 478 21.47 -1.18 41.10
N GLU F 479 22.41 -0.24 40.99
CA GLU F 479 22.83 0.58 42.13
C GLU F 479 21.72 1.51 42.58
N PHE F 480 20.84 1.90 41.65
CA PHE F 480 19.70 2.74 41.99
C PHE F 480 18.59 1.93 42.67
N ALA F 481 18.44 0.68 42.26
CA ALA F 481 17.56 -0.29 42.92
C ALA F 481 18.02 -0.56 44.36
N LEU F 482 19.32 -0.71 44.52
CA LEU F 482 19.93 -1.01 45.80
C LEU F 482 20.04 0.18 46.74
N TYR F 483 20.40 1.35 46.20
CA TYR F 483 20.93 2.44 47.03
C TYR F 483 20.23 3.80 47.00
N TYR F 484 19.19 3.98 46.18
CA TYR F 484 18.58 5.31 46.09
C TYR F 484 18.09 5.84 47.46
N ASP F 485 17.53 4.95 48.26
CA ASP F 485 16.88 5.30 49.52
C ASP F 485 17.77 5.18 50.77
N VAL F 486 19.10 5.24 50.60
CA VAL F 486 20.03 5.04 51.72
C VAL F 486 20.03 6.17 52.75
O3A P3S G . 43.99 8.93 4.95
PA P3S G . 43.44 10.11 4.21
O1A P3S G . 42.51 9.77 3.08
O2A P3S G . 44.51 11.11 3.84
NE P3S G . 42.41 10.94 5.26
SD P3S G . 42.51 10.90 6.80
OE P3S G . 43.78 11.21 7.44
CE P3S G . 41.98 9.30 7.31
CG P3S G . 41.28 12.01 7.48
CB P3S G . 41.51 13.48 7.12
CA P3S G . 40.51 14.41 7.80
N P3S G . 39.16 14.03 7.41
C P3S G . 40.73 15.84 7.39
OT P3S G . 41.73 16.14 6.69
O P3S G . 39.89 16.68 7.75
PB ADP H . 46.07 9.20 1.15
O1B ADP H . 47.15 8.24 1.55
O2B ADP H . 46.44 10.65 1.31
O3B ADP H . 44.72 8.83 1.73
PA ADP H . 44.71 8.55 -1.38
O1A ADP H . 43.38 8.83 -0.75
O2A ADP H . 44.98 7.18 -1.94
O3A ADP H . 45.98 8.97 -0.46
O5' ADP H . 44.86 9.59 -2.60
C5' ADP H . 46.11 9.80 -3.27
C4' ADP H . 45.89 10.65 -4.53
O4' ADP H . 47.13 11.14 -5.07
C3' ADP H . 45.23 9.85 -5.64
O3' ADP H . 44.26 10.68 -6.29
C2' ADP H . 46.37 9.55 -6.60
O2' ADP H . 45.90 9.35 -7.93
C1' ADP H . 47.19 10.82 -6.47
N9 ADP H . 48.58 10.66 -6.96
C8 ADP H . 49.29 9.52 -7.09
N7 ADP H . 50.53 9.78 -7.57
C5 ADP H . 50.63 11.11 -7.75
C6 ADP H . 51.66 12.04 -8.25
N6 ADP H . 52.86 11.57 -8.63
N1 ADP H . 51.35 13.37 -8.28
C2 ADP H . 50.16 13.85 -7.89
N3 ADP H . 49.16 13.05 -7.45
C4 ADP H . 49.34 11.70 -7.36
MG MG I . 40.67 10.67 3.84
MG MG J . 45.09 12.03 2.18
MG MG K . 42.74 9.28 1.09
CL CL L . 36.84 -5.06 35.19
O3A P3S M . 17.74 37.04 -18.74
PA P3S M . 16.26 37.09 -18.99
O1A P3S M . 15.63 35.78 -19.41
O2A P3S M . 15.87 38.27 -19.85
NE P3S M . 15.49 37.33 -17.52
SD P3S M . 16.16 37.96 -16.27
OE P3S M . 16.82 39.25 -16.41
CE P3S M . 17.27 36.76 -15.59
CG P3S M . 14.91 38.16 -14.99
CB P3S M . 13.68 38.91 -15.48
CA P3S M . 12.65 39.12 -14.36
N P3S M . 12.08 37.84 -13.99
C P3S M . 11.56 40.06 -14.78
OT P3S M . 11.62 40.65 -15.89
O P3S M . 10.59 40.21 -13.99
PB ADP N . 17.35 37.07 -23.00
O1B ADP N . 18.78 37.42 -23.30
O2B ADP N . 16.44 38.27 -22.87
O3B ADP N . 17.22 36.04 -21.89
PA ADP N . 16.27 34.80 -24.48
O1A ADP N . 15.64 34.32 -23.21
O2A ADP N . 17.37 34.00 -25.11
O3A ADP N . 16.79 36.34 -24.34
O5' ADP N . 15.09 34.97 -25.57
C5' ADP N . 15.38 35.55 -26.85
C4' ADP N . 14.16 35.45 -27.77
O4' ADP N . 14.31 36.40 -28.84
C3' ADP N . 14.01 34.08 -28.42
O3' ADP N . 12.63 33.72 -28.40
C2' ADP N . 14.43 34.30 -29.86
O2' ADP N . 13.77 33.41 -30.77
C1' ADP N . 14.02 35.74 -30.09
N9 ADP N . 14.74 36.38 -31.21
C8 ADP N . 15.99 36.10 -31.67
N7 ADP N . 16.31 36.89 -32.72
C5 ADP N . 15.26 37.71 -32.94
C6 ADP N . 14.93 38.81 -33.87
N6 ADP N . 15.83 39.18 -34.82
N1 ADP N . 13.73 39.41 -33.76
C2 ADP N . 12.82 39.04 -32.82
N3 ADP N . 13.06 38.06 -31.93
C4 ADP N . 14.23 37.38 -31.94
MG MG O . 14.33 35.37 -17.80
MG MG P . 14.97 38.72 -21.65
MG MG Q . 15.65 34.88 -21.23
CL CL R . -2.68 -30.88 40.69
O3A P3S S . -26.08 27.70 -24.34
PA P3S S . -27.02 26.65 -23.80
O1A P3S S . -26.51 25.25 -23.96
O2A P3S S . -28.44 26.84 -24.28
NE P3S S . -27.04 26.80 -22.13
SD P3S S . -26.71 28.09 -21.38
OE P3S S . -27.38 29.34 -21.73
CE P3S S . -24.96 28.31 -21.45
CG P3S S . -27.07 27.84 -19.63
CB P3S S . -28.52 27.43 -19.40
CA P3S S . -28.83 27.31 -17.91
N P3S S . -28.01 26.26 -17.32
C P3S S . -30.30 27.01 -17.70
OT P3S S . -31.07 26.93 -18.68
O P3S S . -30.69 26.86 -16.52
PB ADP T . -27.75 25.67 -27.82
O1B ADP T . -27.37 26.71 -28.84
O2B ADP T . -29.08 25.91 -27.17
O3B ADP T . -26.63 25.36 -26.85
PA ADP T . -27.22 22.93 -28.51
O1A ADP T . -26.81 22.71 -27.06
O2A ADP T . -26.17 22.82 -29.58
O3A ADP T . -28.00 24.33 -28.69
O5' ADP T . -28.36 21.84 -28.80
C5' ADP T . -29.12 21.90 -29.99
C4' ADP T . -29.99 20.65 -30.11
O4' ADP T . -31.01 20.88 -31.08
C3' ADP T . -29.19 19.46 -30.60
O3' ADP T . -29.57 18.31 -29.83
C2' ADP T . -29.61 19.28 -32.04
O2' ADP T . -29.54 17.93 -32.50
C1' ADP T . -31.03 19.82 -32.02
N9 ADP T . -31.52 20.26 -33.36
C8 ADP T . -30.80 20.72 -34.40
N7 ADP T . -31.60 21.02 -35.45
C5 ADP T . -32.87 20.76 -35.07
C6 ADP T . -34.22 20.86 -35.67
N6 ADP T . -34.40 21.30 -36.94
N1 ADP T . -35.28 20.48 -34.91
C2 ADP T . -35.15 20.02 -33.65
N3 ADP T . -33.96 19.92 -33.04
C4 ADP T . -32.81 20.26 -33.69
MG MG U . -26.31 24.63 -21.71
MG MG V . -29.87 25.63 -25.22
MG MG W . -26.46 23.90 -25.48
CL CL X . 35.66 35.32 10.21
O3A P3S Y . -43.65 -9.57 -6.11
PA P3S Y . -43.23 -10.67 -5.16
O1A P3S Y . -41.94 -11.34 -5.54
O2A P3S Y . -44.36 -11.63 -4.84
NE P3S Y . -42.78 -9.93 -3.72
SD P3S Y . -43.41 -8.65 -3.14
OE P3S Y . -44.86 -8.53 -3.00
CE P3S Y . -42.79 -7.33 -4.12
CG P3S Y . -42.78 -8.35 -1.48
CB P3S Y . -43.20 -9.42 -0.47
CA P3S Y . -42.61 -9.15 0.93
N P3S Y . -41.16 -9.07 0.85
C P3S Y . -43.01 -10.19 1.94
OT P3S Y . -43.68 -11.19 1.61
O P3S Y . -42.65 -10.01 3.12
PB ADP Z . -44.30 -13.37 -8.16
O1B ADP Z . -45.19 -12.91 -9.28
O2B ADP Z . -45.03 -13.90 -6.94
O3B ADP Z . -43.19 -12.39 -7.86
PA ADP Z . -42.08 -14.99 -9.12
O1A ADP Z . -41.18 -14.25 -8.15
O2A ADP Z . -41.90 -14.77 -10.59
O3A ADP Z . -43.63 -14.71 -8.75
O5' ADP Z . -41.97 -16.56 -8.82
C5' ADP Z . -42.90 -17.48 -9.39
C4' ADP Z . -42.49 -18.91 -9.05
O4' ADP Z . -43.55 -19.84 -9.31
C3' ADP Z . -41.30 -19.37 -9.88
O3' ADP Z . -40.40 -20.06 -8.99
C2' ADP Z . -41.92 -20.29 -10.92
O2' ADP Z . -41.01 -21.26 -11.46
C1' ADP Z . -43.04 -20.92 -10.11
N9 ADP Z . -44.13 -21.51 -10.95
C8 ADP Z . -44.50 -21.17 -12.19
N7 ADP Z . -45.54 -21.93 -12.62
C5 ADP Z . -45.84 -22.80 -11.63
C6 ADP Z . -46.81 -23.89 -11.43
N6 ADP Z . -47.71 -24.20 -12.40
N1 ADP Z . -46.79 -24.55 -10.24
C2 ADP Z . -45.91 -24.24 -9.26
N3 ADP Z . -44.99 -23.26 -9.39
C4 ADP Z . -44.91 -22.52 -10.53
MG MG AA . -40.59 -10.68 -3.76
MG MG BA . -44.46 -13.68 -4.87
MG MG CA . -41.36 -12.71 -6.83
CL CL DA . -5.34 50.06 -9.26
O3A P3S EA . -17.56 -37.57 17.73
PA P3S EA . -16.12 -37.53 18.17
O1A P3S EA . -15.14 -37.19 17.07
O2A P3S EA . -15.71 -38.73 18.98
NE P3S EA . -15.97 -36.20 19.18
SD P3S EA . -17.13 -35.61 20.00
OE P3S EA . -17.96 -36.47 20.84
CE P3S EA . -18.11 -34.64 18.91
CG P3S EA . -16.42 -34.37 21.11
CB P3S EA . -15.30 -34.87 22.02
CA P3S EA . -14.83 -33.81 23.03
N P3S EA . -14.20 -32.69 22.33
C P3S EA . -13.85 -34.36 24.03
OT P3S EA . -13.60 -35.60 24.10
O P3S EA . -13.28 -33.55 24.80
PB ADP FA . -15.62 -41.25 16.22
O1B ADP FA . -16.86 -42.04 15.88
O2B ADP FA . -15.14 -41.53 17.62
O3B ADP FA . -15.71 -39.79 15.85
PA ADP FA . -13.60 -41.17 14.13
O1A ADP FA . -13.36 -39.70 14.40
O2A ADP FA . -14.18 -41.55 12.79
O3A ADP FA . -14.47 -41.89 15.29
O5' ADP FA . -12.20 -41.94 14.30
C5' ADP FA . -12.16 -43.37 14.36
C4' ADP FA . -10.72 -43.89 14.31
O4' ADP FA . -10.69 -45.29 14.60
C3' ADP FA . -10.07 -43.71 12.94
O3' ADP FA . -8.73 -43.25 13.16
C2' ADP FA . -10.01 -45.12 12.38
O2' ADP FA . -8.92 -45.29 11.46
C1' ADP FA . -9.86 -45.96 13.63
N9 ADP FA . -10.26 -47.39 13.47
C8 ADP FA . -11.17 -47.92 12.63
N7 ADP FA . -11.25 -49.28 12.81
C5 ADP FA . -10.38 -49.61 13.78
C6 ADP FA . -9.94 -50.85 14.46
N6 ADP FA . -10.47 -52.06 14.12
N1 ADP FA . -8.99 -50.72 15.43
C2 ADP FA . -8.45 -49.55 15.78
N3 ADP FA . -8.80 -48.38 15.20
C4 ADP FA . -9.73 -48.35 14.21
MG MG GA . -14.31 -35.35 17.89
MG MG HA . -14.25 -40.19 19.01
MG MG IA . -14.25 -38.27 15.70
CL CL JA . -44.89 24.30 -3.66
O3A P3S KA . 26.40 -28.37 23.38
PA P3S KA . 27.28 -27.23 22.94
O1A P3S KA . 27.10 -26.86 21.48
O2A P3S KA . 28.71 -27.36 23.38
NE P3S KA . 26.71 -25.85 23.69
SD P3S KA . 25.87 -25.94 24.98
OE P3S KA . 26.37 -26.79 26.06
CE P3S KA . 24.25 -26.46 24.52
CG P3S KA . 25.65 -24.29 25.66
CB P3S KA . 26.93 -23.49 25.81
CA P3S KA . 26.71 -22.12 26.49
N P3S KA . 25.87 -21.29 25.64
C P3S KA . 27.99 -21.38 26.77
OT P3S KA . 29.09 -21.98 26.71
O P3S KA . 27.92 -20.17 27.10
PB ADP LA . 29.58 -29.95 20.82
O1B ADP LA . 29.37 -31.38 21.25
O2B ADP LA . 30.59 -29.24 21.67
O3B ADP LA . 28.28 -29.21 20.58
PA ADP LA . 29.85 -29.37 17.98
O1A ADP LA . 28.96 -28.17 18.20
O2A ADP LA . 29.38 -30.47 17.08
O3A ADP LA . 30.30 -30.06 19.37
O5' ADP LA . 31.25 -28.78 17.44
C5' ADP LA . 32.39 -29.65 17.37
C4' ADP LA . 33.50 -29.05 16.51
O4' ADP LA . 34.70 -29.81 16.68
C3' ADP LA . 33.17 -29.08 15.02
O3' ADP LA . 33.51 -27.80 14.46
C2' ADP LA . 34.09 -30.16 14.46
O2' ADP LA . 34.46 -29.96 13.09
C1' ADP LA . 35.28 -30.06 15.40
N9 ADP LA . 36.13 -31.27 15.41
C8 ADP LA . 35.76 -32.54 15.15
N7 ADP LA . 36.79 -33.39 15.28
C5 ADP LA . 37.87 -32.67 15.62
C6 ADP LA . 39.30 -32.95 15.91
N6 ADP LA . 39.78 -34.22 15.85
N1 ADP LA . 40.09 -31.89 16.24
C2 ADP LA . 39.61 -30.62 16.32
N3 ADP LA . 38.33 -30.30 16.06
C4 ADP LA . 37.43 -31.26 15.72
MG MG MA . 26.43 -24.71 21.63
MG MG NA . 30.64 -27.33 22.47
MG MG OA . 27.87 -27.39 19.79
CL CL PA . -43.72 -16.25 21.33
#